data_1WYN
#
_entry.id   1WYN
#
_entity_poly.entity_id   1
_entity_poly.type   'polypeptide(L)'
_entity_poly.pdbx_seq_one_letter_code
;GSSGSSGNRLLSKYDPQKEAELRTWIEGLTGLSIGPDFQKGLKDGTILCTLMNKLQPGSVPKINRSMQNWHQLENLSNFI
KAMVSYGMNPVDLFEANDLFESGNMTQVQVSLLALAGKAKTKGLQSGVDIGVKYSEKQERSGPSSG
;
_entity_poly.pdbx_strand_id   A
#
# COMPACT_ATOMS: atom_id res chain seq x y z
N GLY A 1 -9.10 7.64 16.52
CA GLY A 1 -8.69 7.00 15.28
C GLY A 1 -7.35 6.30 15.40
N SER A 2 -6.29 6.95 14.94
CA SER A 2 -4.95 6.38 14.99
C SER A 2 -4.32 6.60 16.37
N SER A 3 -4.33 5.56 17.18
CA SER A 3 -3.77 5.64 18.53
C SER A 3 -2.32 6.13 18.48
N GLY A 4 -1.53 5.54 17.59
CA GLY A 4 -0.14 5.94 17.47
C GLY A 4 0.52 5.39 16.22
N SER A 5 1.63 5.97 15.82
CA SER A 5 2.35 5.54 14.63
C SER A 5 3.82 5.98 14.69
N SER A 6 4.72 5.01 14.57
CA SER A 6 6.14 5.29 14.61
C SER A 6 6.50 6.41 13.65
N GLY A 7 6.02 6.30 12.42
CA GLY A 7 6.31 7.31 11.42
C GLY A 7 7.47 6.94 10.53
N ASN A 8 7.17 6.56 9.28
CA ASN A 8 8.21 6.17 8.34
C ASN A 8 8.56 7.34 7.42
N ARG A 9 9.87 7.58 7.25
CA ARG A 9 10.34 8.66 6.41
C ARG A 9 11.24 8.13 5.29
N LEU A 10 10.84 7.00 4.72
CA LEU A 10 11.60 6.39 3.64
C LEU A 10 11.50 7.20 2.36
N LEU A 11 12.56 7.95 2.04
CA LEU A 11 12.59 8.78 0.85
C LEU A 11 12.34 7.93 -0.41
N SER A 12 11.58 8.50 -1.35
CA SER A 12 11.28 7.80 -2.59
C SER A 12 12.46 6.93 -3.04
N LYS A 13 12.20 5.65 -3.24
CA LYS A 13 13.23 4.72 -3.68
C LYS A 13 12.62 3.45 -4.26
N TYR A 14 13.46 2.62 -4.85
CA TYR A 14 13.00 1.36 -5.45
C TYR A 14 13.91 0.21 -5.05
N ASP A 15 13.33 -0.98 -4.93
CA ASP A 15 14.08 -2.17 -4.55
C ASP A 15 13.41 -3.43 -5.09
N PRO A 16 14.18 -4.24 -5.83
CA PRO A 16 13.69 -5.49 -6.42
C PRO A 16 13.41 -6.55 -5.36
N GLN A 17 13.80 -6.28 -4.12
CA GLN A 17 13.58 -7.21 -3.03
C GLN A 17 12.40 -6.79 -2.17
N LYS A 18 12.21 -5.48 -2.02
CA LYS A 18 11.11 -4.95 -1.23
C LYS A 18 9.77 -5.19 -1.92
N GLU A 19 9.73 -4.94 -3.23
CA GLU A 19 8.51 -5.14 -4.01
C GLU A 19 7.80 -6.42 -3.59
N ALA A 20 8.56 -7.50 -3.47
CA ALA A 20 8.00 -8.79 -3.08
C ALA A 20 7.37 -8.71 -1.70
N GLU A 21 8.02 -7.99 -0.79
CA GLU A 21 7.51 -7.84 0.56
C GLU A 21 6.11 -7.25 0.57
N LEU A 22 5.86 -6.31 -0.35
CA LEU A 22 4.56 -5.67 -0.46
C LEU A 22 3.50 -6.68 -0.89
N ARG A 23 3.61 -7.14 -2.13
CA ARG A 23 2.65 -8.10 -2.67
C ARG A 23 2.40 -9.23 -1.68
N THR A 24 3.46 -9.63 -0.96
CA THR A 24 3.35 -10.70 0.02
C THR A 24 2.56 -10.26 1.25
N TRP A 25 2.63 -8.96 1.54
CA TRP A 25 1.93 -8.41 2.69
C TRP A 25 0.51 -8.00 2.31
N ILE A 26 0.29 -7.74 1.03
CA ILE A 26 -1.03 -7.35 0.53
C ILE A 26 -1.86 -8.57 0.15
N GLU A 27 -1.26 -9.46 -0.64
CA GLU A 27 -1.96 -10.67 -1.07
C GLU A 27 -2.58 -11.40 0.11
N GLY A 28 -1.82 -11.51 1.20
CA GLY A 28 -2.30 -12.19 2.38
C GLY A 28 -3.41 -11.41 3.08
N LEU A 29 -3.33 -10.09 3.01
CA LEU A 29 -4.34 -9.23 3.64
C LEU A 29 -5.71 -9.43 3.00
N THR A 30 -5.78 -9.14 1.69
CA THR A 30 -7.04 -9.29 0.96
C THR A 30 -7.25 -10.73 0.52
N GLY A 31 -6.15 -11.44 0.28
CA GLY A 31 -6.25 -12.83 -0.14
C GLY A 31 -6.41 -12.97 -1.65
N LEU A 32 -6.17 -11.88 -2.36
CA LEU A 32 -6.29 -11.89 -3.82
C LEU A 32 -4.94 -12.12 -4.48
N SER A 33 -4.93 -12.09 -5.81
CA SER A 33 -3.71 -12.32 -6.57
C SER A 33 -3.40 -11.12 -7.47
N ILE A 34 -2.19 -10.59 -7.36
CA ILE A 34 -1.77 -9.46 -8.17
C ILE A 34 -1.41 -9.88 -9.58
N GLY A 35 -0.51 -10.87 -9.68
CA GLY A 35 -0.09 -11.35 -10.99
C GLY A 35 1.41 -11.22 -11.20
N PRO A 36 1.88 -11.65 -12.38
CA PRO A 36 3.30 -11.59 -12.73
C PRO A 36 3.78 -10.15 -12.95
N ASP A 37 2.90 -9.32 -13.48
CA ASP A 37 3.24 -7.92 -13.74
C ASP A 37 2.66 -7.01 -12.66
N PHE A 38 3.38 -6.91 -11.55
CA PHE A 38 2.94 -6.07 -10.43
C PHE A 38 2.21 -4.84 -10.94
N GLN A 39 2.91 -3.99 -11.68
CA GLN A 39 2.33 -2.77 -12.23
C GLN A 39 0.94 -3.04 -12.80
N LYS A 40 0.83 -4.13 -13.56
CA LYS A 40 -0.44 -4.50 -14.17
C LYS A 40 -1.47 -4.90 -13.11
N GLY A 41 -1.23 -6.05 -12.48
CA GLY A 41 -2.14 -6.52 -11.45
C GLY A 41 -2.74 -5.38 -10.64
N LEU A 42 -1.94 -4.37 -10.37
CA LEU A 42 -2.40 -3.21 -9.60
C LEU A 42 -2.99 -2.15 -10.51
N LYS A 43 -2.42 -2.01 -11.71
CA LYS A 43 -2.88 -1.03 -12.68
C LYS A 43 -4.40 -0.85 -12.59
N ASP A 44 -5.13 -1.88 -13.00
CA ASP A 44 -6.59 -1.84 -12.96
C ASP A 44 -7.08 -1.26 -11.64
N GLY A 45 -6.36 -1.57 -10.56
CA GLY A 45 -6.74 -1.07 -9.25
C GLY A 45 -7.81 -1.92 -8.60
N THR A 46 -7.65 -3.24 -8.68
CA THR A 46 -8.62 -4.15 -8.10
C THR A 46 -8.27 -4.48 -6.66
N ILE A 47 -7.04 -4.92 -6.43
CA ILE A 47 -6.57 -5.26 -5.09
C ILE A 47 -6.28 -4.01 -4.28
N LEU A 48 -5.45 -3.13 -4.83
CA LEU A 48 -5.08 -1.89 -4.15
C LEU A 48 -6.25 -1.35 -3.33
N CYS A 49 -7.46 -1.52 -3.86
CA CYS A 49 -8.66 -1.05 -3.17
C CYS A 49 -8.95 -1.90 -1.94
N THR A 50 -9.19 -3.19 -2.16
CA THR A 50 -9.48 -4.11 -1.07
C THR A 50 -8.44 -4.00 0.04
N LEU A 51 -7.18 -3.94 -0.36
CA LEU A 51 -6.08 -3.83 0.60
C LEU A 51 -6.41 -2.82 1.69
N MET A 52 -6.79 -1.61 1.28
CA MET A 52 -7.14 -0.56 2.23
C MET A 52 -8.34 -0.96 3.07
N ASN A 53 -9.41 -1.37 2.40
CA ASN A 53 -10.63 -1.79 3.09
C ASN A 53 -10.30 -2.66 4.30
N LYS A 54 -9.33 -3.55 4.13
CA LYS A 54 -8.92 -4.45 5.20
C LYS A 54 -8.42 -3.67 6.41
N LEU A 55 -7.58 -2.67 6.16
CA LEU A 55 -7.04 -1.84 7.24
C LEU A 55 -8.12 -0.92 7.81
N GLN A 56 -8.83 -0.23 6.93
CA GLN A 56 -9.88 0.69 7.35
C GLN A 56 -11.25 0.17 6.89
N PRO A 57 -12.18 0.03 7.85
CA PRO A 57 -13.54 -0.44 7.57
C PRO A 57 -14.37 0.58 6.80
N GLY A 58 -13.73 1.70 6.43
CA GLY A 58 -14.42 2.73 5.69
C GLY A 58 -13.48 3.55 4.82
N SER A 59 -12.75 2.86 3.95
CA SER A 59 -11.80 3.53 3.06
C SER A 59 -12.40 3.68 1.66
N VAL A 60 -12.68 2.56 1.01
CA VAL A 60 -13.24 2.57 -0.33
C VAL A 60 -14.70 2.13 -0.32
N PRO A 61 -15.57 2.90 -1.00
CA PRO A 61 -16.99 2.59 -1.08
C PRO A 61 -17.29 1.35 -1.92
N LYS A 62 -16.73 1.32 -3.13
CA LYS A 62 -16.93 0.19 -4.02
C LYS A 62 -15.80 0.11 -5.05
N ILE A 63 -15.58 -1.09 -5.58
CA ILE A 63 -14.52 -1.30 -6.57
C ILE A 63 -15.12 -1.63 -7.94
N ASN A 64 -14.57 -1.00 -8.98
CA ASN A 64 -15.05 -1.23 -10.33
C ASN A 64 -14.32 -2.41 -10.97
N ARG A 65 -15.00 -3.56 -11.02
CA ARG A 65 -14.42 -4.75 -11.62
C ARG A 65 -14.66 -4.79 -13.12
N SER A 66 -14.44 -3.66 -13.78
CA SER A 66 -14.64 -3.56 -15.22
C SER A 66 -13.31 -3.36 -15.93
N MET A 67 -13.28 -3.70 -17.21
CA MET A 67 -12.07 -3.56 -18.02
C MET A 67 -12.06 -2.23 -18.78
N GLN A 68 -12.55 -1.19 -18.12
CA GLN A 68 -12.60 0.14 -18.74
C GLN A 68 -11.59 1.08 -18.09
N ASN A 69 -11.19 2.10 -18.84
CA ASN A 69 -10.22 3.07 -18.34
C ASN A 69 -10.78 3.84 -17.14
N TRP A 70 -11.73 4.73 -17.41
CA TRP A 70 -12.35 5.53 -16.36
C TRP A 70 -12.59 4.69 -15.11
N HIS A 71 -13.09 3.47 -15.30
CA HIS A 71 -13.36 2.58 -14.19
C HIS A 71 -12.08 2.19 -13.46
N GLN A 72 -11.09 1.72 -14.23
CA GLN A 72 -9.81 1.33 -13.64
C GLN A 72 -9.17 2.50 -12.89
N LEU A 73 -9.28 3.70 -13.46
CA LEU A 73 -8.72 4.89 -12.84
C LEU A 73 -9.40 5.18 -11.51
N GLU A 74 -10.71 5.34 -11.55
CA GLU A 74 -11.49 5.63 -10.35
C GLU A 74 -10.98 4.82 -9.16
N ASN A 75 -10.63 3.55 -9.42
CA ASN A 75 -10.13 2.67 -8.37
C ASN A 75 -8.95 3.31 -7.65
N LEU A 76 -7.90 3.63 -8.39
CA LEU A 76 -6.71 4.24 -7.82
C LEU A 76 -7.07 5.55 -7.10
N SER A 77 -7.87 6.37 -7.76
CA SER A 77 -8.28 7.66 -7.19
C SER A 77 -9.01 7.44 -5.86
N ASN A 78 -9.75 6.35 -5.77
CA ASN A 78 -10.50 6.04 -4.56
C ASN A 78 -9.57 5.58 -3.45
N PHE A 79 -8.64 4.69 -3.80
CA PHE A 79 -7.69 4.17 -2.83
C PHE A 79 -6.80 5.28 -2.28
N ILE A 80 -6.18 6.03 -3.18
CA ILE A 80 -5.31 7.14 -2.78
C ILE A 80 -5.96 8.01 -1.72
N LYS A 81 -6.99 8.75 -2.13
CA LYS A 81 -7.71 9.63 -1.20
C LYS A 81 -7.96 8.92 0.13
N ALA A 82 -8.10 7.61 0.08
CA ALA A 82 -8.35 6.82 1.27
C ALA A 82 -7.11 6.77 2.16
N MET A 83 -5.94 6.68 1.55
CA MET A 83 -4.69 6.62 2.29
C MET A 83 -4.51 7.89 3.14
N VAL A 84 -4.79 9.04 2.54
CA VAL A 84 -4.66 10.31 3.23
C VAL A 84 -5.40 10.29 4.57
N SER A 85 -6.58 9.69 4.58
CA SER A 85 -7.39 9.61 5.79
C SER A 85 -6.69 8.74 6.84
N TYR A 86 -6.09 7.65 6.38
CA TYR A 86 -5.39 6.74 7.28
C TYR A 86 -4.38 7.48 8.15
N GLY A 87 -3.64 8.40 7.53
CA GLY A 87 -2.65 9.18 8.25
C GLY A 87 -1.32 9.24 7.54
N MET A 88 -1.37 9.15 6.21
CA MET A 88 -0.15 9.20 5.40
C MET A 88 0.27 10.65 5.14
N ASN A 89 1.40 10.81 4.47
CA ASN A 89 1.92 12.15 4.16
C ASN A 89 1.49 12.57 2.75
N PRO A 90 1.54 13.89 2.50
CA PRO A 90 1.16 14.46 1.20
C PRO A 90 2.17 14.12 0.11
N VAL A 91 3.26 13.47 0.50
CA VAL A 91 4.31 13.09 -0.44
C VAL A 91 4.45 11.57 -0.51
N ASP A 92 3.96 10.88 0.51
CA ASP A 92 4.04 9.43 0.57
C ASP A 92 2.91 8.80 -0.23
N LEU A 93 2.32 9.58 -1.14
CA LEU A 93 1.23 9.10 -1.97
C LEU A 93 1.67 8.94 -3.42
N PHE A 94 0.77 8.42 -4.25
CA PHE A 94 1.06 8.23 -5.67
C PHE A 94 -0.15 8.56 -6.53
N GLU A 95 0.10 9.12 -7.71
CA GLU A 95 -0.96 9.49 -8.63
C GLU A 95 -1.55 8.25 -9.30
N ALA A 96 -2.76 8.40 -9.85
CA ALA A 96 -3.43 7.30 -10.52
C ALA A 96 -2.67 6.87 -11.78
N ASN A 97 -2.24 7.86 -12.56
CA ASN A 97 -1.50 7.59 -13.79
C ASN A 97 -0.19 6.86 -13.49
N ASP A 98 0.48 7.28 -12.41
CA ASP A 98 1.74 6.67 -12.02
C ASP A 98 1.70 5.16 -12.23
N LEU A 99 0.60 4.54 -11.81
CA LEU A 99 0.44 3.09 -11.95
C LEU A 99 -0.25 2.74 -13.26
N PHE A 100 -1.38 3.40 -13.52
CA PHE A 100 -2.14 3.16 -14.73
C PHE A 100 -1.22 3.14 -15.96
N GLU A 101 -0.60 4.28 -16.25
CA GLU A 101 0.29 4.40 -17.39
C GLU A 101 1.75 4.29 -16.94
N SER A 102 2.00 3.43 -15.96
CA SER A 102 3.36 3.24 -15.44
C SER A 102 4.08 4.57 -15.34
N GLY A 103 3.33 5.65 -15.21
CA GLY A 103 3.92 6.97 -15.11
C GLY A 103 4.88 7.09 -13.95
N ASN A 104 4.83 6.12 -13.04
CA ASN A 104 5.71 6.11 -11.88
C ASN A 104 5.52 4.83 -11.06
N MET A 105 6.57 4.00 -11.05
CA MET A 105 6.52 2.74 -10.31
C MET A 105 7.31 2.85 -9.01
N THR A 106 7.97 3.98 -8.82
CA THR A 106 8.76 4.21 -7.61
C THR A 106 7.92 4.85 -6.52
N GLN A 107 7.02 5.75 -6.92
CA GLN A 107 6.16 6.44 -5.97
C GLN A 107 5.10 5.48 -5.41
N VAL A 108 4.62 4.58 -6.25
CA VAL A 108 3.62 3.60 -5.83
C VAL A 108 4.22 2.55 -4.92
N GLN A 109 5.47 2.19 -5.18
CA GLN A 109 6.16 1.18 -4.38
C GLN A 109 6.34 1.66 -2.94
N VAL A 110 6.94 2.83 -2.78
CA VAL A 110 7.17 3.40 -1.46
C VAL A 110 5.86 3.61 -0.72
N SER A 111 4.87 4.17 -1.41
CA SER A 111 3.57 4.42 -0.82
C SER A 111 3.10 3.22 0.02
N LEU A 112 3.15 2.04 -0.59
CA LEU A 112 2.75 0.82 0.09
C LEU A 112 3.70 0.48 1.23
N LEU A 113 4.99 0.64 0.98
CA LEU A 113 6.01 0.36 1.98
C LEU A 113 5.84 1.26 3.20
N ALA A 114 5.20 2.41 3.00
CA ALA A 114 4.96 3.36 4.08
C ALA A 114 3.61 3.11 4.75
N LEU A 115 2.62 2.74 3.95
CA LEU A 115 1.28 2.48 4.46
C LEU A 115 1.25 1.19 5.26
N ALA A 116 2.08 0.23 4.86
CA ALA A 116 2.16 -1.06 5.55
C ALA A 116 2.76 -0.90 6.95
N GLY A 117 3.98 -0.37 7.01
CA GLY A 117 4.63 -0.17 8.29
C GLY A 117 3.71 0.41 9.34
N LYS A 118 2.83 1.33 8.91
CA LYS A 118 1.89 1.97 9.81
C LYS A 118 0.73 1.04 10.13
N ALA A 119 0.20 0.38 9.09
CA ALA A 119 -0.91 -0.54 9.27
C ALA A 119 -0.58 -1.64 10.27
N LYS A 120 0.64 -2.17 10.18
CA LYS A 120 1.09 -3.22 11.08
C LYS A 120 0.62 -2.96 12.50
N THR A 121 0.73 -1.71 12.94
CA THR A 121 0.32 -1.34 14.29
C THR A 121 -0.91 -2.11 14.72
N LYS A 122 -1.85 -2.29 13.79
CA LYS A 122 -3.08 -3.03 14.08
C LYS A 122 -2.78 -4.33 14.80
N GLY A 123 -1.89 -5.13 14.21
CA GLY A 123 -1.54 -6.40 14.81
C GLY A 123 -0.74 -6.24 16.09
N LEU A 124 0.56 -6.00 15.94
CA LEU A 124 1.43 -5.82 17.10
C LEU A 124 0.81 -4.89 18.12
N GLN A 125 0.85 -5.28 19.39
CA GLN A 125 0.28 -4.47 20.47
C GLN A 125 1.13 -3.22 20.70
N SER A 126 0.46 -2.06 20.74
CA SER A 126 1.15 -0.80 20.95
C SER A 126 0.66 -0.13 22.24
N GLY A 127 1.41 0.87 22.69
CA GLY A 127 1.04 1.58 23.91
C GLY A 127 0.79 3.05 23.67
N VAL A 128 1.45 3.90 24.45
CA VAL A 128 1.29 5.34 24.31
C VAL A 128 2.03 5.86 23.10
N ASP A 129 1.33 6.61 22.25
CA ASP A 129 1.93 7.18 21.05
C ASP A 129 3.08 8.12 21.40
N ILE A 130 3.81 8.55 20.39
CA ILE A 130 4.94 9.46 20.58
C ILE A 130 4.47 10.81 21.13
N GLY A 131 3.51 11.42 20.44
CA GLY A 131 2.99 12.70 20.88
C GLY A 131 2.86 13.68 19.73
N VAL A 132 2.09 13.31 18.71
CA VAL A 132 1.88 14.16 17.55
C VAL A 132 0.40 14.39 17.29
N LYS A 133 0.04 15.62 16.95
CA LYS A 133 -1.35 15.96 16.68
C LYS A 133 -1.51 16.44 15.23
N TYR A 134 -2.39 15.77 14.49
CA TYR A 134 -2.65 16.13 13.10
C TYR A 134 -4.05 15.68 12.67
N SER A 135 -4.72 16.54 11.90
CA SER A 135 -6.06 16.24 11.44
C SER A 135 -6.42 17.10 10.23
N GLU A 136 -6.68 16.46 9.10
CA GLU A 136 -7.03 17.17 7.88
C GLU A 136 -8.50 16.99 7.55
N LYS A 137 -9.04 17.89 6.73
CA LYS A 137 -10.45 17.84 6.34
C LYS A 137 -10.59 17.25 4.94
N GLN A 138 -11.81 16.80 4.61
CA GLN A 138 -12.08 16.21 3.30
C GLN A 138 -13.57 15.94 3.13
N GLU A 139 -14.00 15.77 1.89
CA GLU A 139 -15.40 15.50 1.59
C GLU A 139 -15.54 14.77 0.26
N ARG A 140 -16.46 13.81 0.22
CA ARG A 140 -16.70 13.03 -0.99
C ARG A 140 -18.00 13.45 -1.67
N SER A 141 -18.02 13.37 -3.00
CA SER A 141 -19.21 13.75 -3.76
C SER A 141 -19.37 12.86 -4.99
N GLY A 142 -20.61 12.70 -5.44
CA GLY A 142 -20.87 11.89 -6.60
C GLY A 142 -20.25 12.44 -7.87
N PRO A 143 -21.05 13.17 -8.66
CA PRO A 143 -20.60 13.78 -9.91
C PRO A 143 -19.63 14.93 -9.68
N SER A 144 -18.34 14.64 -9.78
CA SER A 144 -17.30 15.65 -9.58
C SER A 144 -17.51 16.83 -10.53
N SER A 145 -17.36 18.03 -10.02
CA SER A 145 -17.52 19.25 -10.81
C SER A 145 -16.60 19.21 -12.03
N GLY A 146 -15.30 19.10 -11.78
CA GLY A 146 -14.34 19.06 -12.88
C GLY A 146 -13.06 18.36 -12.49
N GLY A 1 30.45 -3.66 -28.41
CA GLY A 1 30.81 -3.05 -27.15
C GLY A 1 31.87 -3.82 -26.40
N SER A 2 32.07 -3.48 -25.13
CA SER A 2 33.06 -4.15 -24.30
C SER A 2 32.77 -3.94 -22.81
N SER A 3 33.56 -4.57 -21.96
CA SER A 3 33.38 -4.47 -20.52
C SER A 3 34.34 -3.44 -19.93
N GLY A 4 33.79 -2.46 -19.22
CA GLY A 4 34.62 -1.43 -18.61
C GLY A 4 33.90 -0.71 -17.49
N SER A 5 32.83 -0.01 -17.82
CA SER A 5 32.06 0.74 -16.83
C SER A 5 30.96 -0.14 -16.22
N SER A 6 30.76 0.01 -14.91
CA SER A 6 29.76 -0.77 -14.21
C SER A 6 29.51 -0.20 -12.81
N GLY A 7 28.28 0.20 -12.55
CA GLY A 7 27.93 0.75 -11.24
C GLY A 7 26.67 1.59 -11.28
N ASN A 8 25.53 0.91 -11.33
CA ASN A 8 24.24 1.59 -11.37
C ASN A 8 23.94 2.28 -10.03
N ARG A 9 23.56 3.55 -10.10
CA ARG A 9 23.24 4.32 -8.90
C ARG A 9 21.74 4.51 -8.76
N LEU A 10 21.27 4.51 -7.52
CA LEU A 10 19.85 4.69 -7.24
C LEU A 10 19.58 6.06 -6.62
N LEU A 11 18.39 6.60 -6.86
CA LEU A 11 18.01 7.89 -6.32
C LEU A 11 16.65 7.83 -5.63
N SER A 12 16.11 6.61 -5.53
CA SER A 12 14.82 6.42 -4.90
C SER A 12 14.84 5.17 -4.01
N LYS A 13 13.77 4.99 -3.24
CA LYS A 13 13.66 3.84 -2.34
C LYS A 13 13.13 2.61 -3.08
N TYR A 14 13.60 2.42 -4.31
CA TYR A 14 13.17 1.29 -5.13
C TYR A 14 14.15 0.12 -5.01
N ASP A 15 13.63 -1.07 -4.76
CA ASP A 15 14.46 -2.25 -4.63
C ASP A 15 13.72 -3.50 -5.13
N PRO A 16 14.45 -4.39 -5.80
CA PRO A 16 13.87 -5.63 -6.34
C PRO A 16 13.50 -6.63 -5.25
N GLN A 17 13.89 -6.31 -4.01
CA GLN A 17 13.59 -7.17 -2.88
C GLN A 17 12.37 -6.68 -2.12
N LYS A 18 12.18 -5.37 -2.09
CA LYS A 18 11.04 -4.77 -1.40
C LYS A 18 9.75 -5.08 -2.13
N GLU A 19 9.74 -4.88 -3.45
CA GLU A 19 8.57 -5.15 -4.26
C GLU A 19 7.89 -6.45 -3.83
N ALA A 20 8.70 -7.48 -3.59
CA ALA A 20 8.19 -8.77 -3.18
C ALA A 20 7.57 -8.70 -1.78
N GLU A 21 8.20 -7.94 -0.90
CA GLU A 21 7.71 -7.79 0.46
C GLU A 21 6.28 -7.25 0.47
N LEU A 22 6.03 -6.26 -0.38
CA LEU A 22 4.70 -5.65 -0.47
C LEU A 22 3.66 -6.68 -0.92
N ARG A 23 3.76 -7.11 -2.17
CA ARG A 23 2.84 -8.10 -2.73
C ARG A 23 2.60 -9.23 -1.74
N THR A 24 3.66 -9.65 -1.05
CA THR A 24 3.56 -10.72 -0.07
C THR A 24 2.77 -10.28 1.15
N TRP A 25 2.84 -8.99 1.47
CA TRP A 25 2.14 -8.45 2.62
C TRP A 25 0.69 -8.12 2.26
N ILE A 26 0.45 -7.78 1.00
CA ILE A 26 -0.88 -7.44 0.53
C ILE A 26 -1.67 -8.70 0.18
N GLU A 27 -1.06 -9.56 -0.63
CA GLU A 27 -1.71 -10.80 -1.05
C GLU A 27 -2.37 -11.49 0.14
N GLY A 28 -1.67 -11.53 1.26
CA GLY A 28 -2.20 -12.16 2.46
C GLY A 28 -3.28 -11.34 3.13
N LEU A 29 -3.14 -10.01 3.04
CA LEU A 29 -4.12 -9.11 3.63
C LEU A 29 -5.49 -9.27 2.99
N THR A 30 -5.54 -9.08 1.67
CA THR A 30 -6.78 -9.21 0.92
C THR A 30 -7.04 -10.66 0.53
N GLY A 31 -5.97 -11.41 0.30
CA GLY A 31 -6.11 -12.80 -0.08
C GLY A 31 -6.31 -12.98 -1.56
N LEU A 32 -6.05 -11.92 -2.32
CA LEU A 32 -6.22 -11.96 -3.78
C LEU A 32 -4.87 -12.22 -4.46
N SER A 33 -4.89 -12.18 -5.79
CA SER A 33 -3.67 -12.41 -6.57
C SER A 33 -3.39 -11.24 -7.50
N ILE A 34 -2.17 -10.74 -7.46
CA ILE A 34 -1.77 -9.62 -8.31
C ILE A 34 -1.40 -10.09 -9.71
N GLY A 35 -0.75 -11.24 -9.79
CA GLY A 35 -0.35 -11.78 -11.08
C GLY A 35 1.15 -11.75 -11.28
N PRO A 36 1.60 -12.11 -12.49
CA PRO A 36 3.02 -12.13 -12.84
C PRO A 36 3.61 -10.72 -12.94
N ASP A 37 2.75 -9.71 -12.82
CA ASP A 37 3.19 -8.33 -12.89
C ASP A 37 2.52 -7.50 -11.80
N PHE A 38 3.31 -6.64 -11.15
CA PHE A 38 2.79 -5.78 -10.09
C PHE A 38 2.05 -4.59 -10.67
N GLN A 39 2.76 -3.77 -11.43
CA GLN A 39 2.18 -2.59 -12.05
C GLN A 39 0.80 -2.90 -12.63
N LYS A 40 0.74 -3.94 -13.47
CA LYS A 40 -0.52 -4.34 -14.10
C LYS A 40 -1.48 -4.89 -13.06
N GLY A 41 -1.12 -6.00 -12.44
CA GLY A 41 -1.97 -6.61 -11.44
C GLY A 41 -2.68 -5.58 -10.58
N LEU A 42 -2.06 -4.42 -10.41
CA LEU A 42 -2.63 -3.35 -9.61
C LEU A 42 -3.28 -2.29 -10.50
N LYS A 43 -2.71 -2.09 -11.68
CA LYS A 43 -3.23 -1.11 -12.62
C LYS A 43 -4.76 -1.09 -12.60
N ASP A 44 -5.36 -2.16 -13.12
CA ASP A 44 -6.82 -2.27 -13.16
C ASP A 44 -7.44 -1.63 -11.93
N GLY A 45 -6.75 -1.73 -10.80
CA GLY A 45 -7.25 -1.15 -9.56
C GLY A 45 -8.30 -2.02 -8.90
N THR A 46 -7.99 -3.31 -8.76
CA THR A 46 -8.91 -4.26 -8.14
C THR A 46 -8.47 -4.60 -6.73
N ILE A 47 -7.22 -4.99 -6.58
CA ILE A 47 -6.67 -5.35 -5.28
C ILE A 47 -6.36 -4.11 -4.45
N LEU A 48 -5.54 -3.22 -5.00
CA LEU A 48 -5.16 -1.99 -4.32
C LEU A 48 -6.30 -1.49 -3.43
N CYS A 49 -7.52 -1.53 -3.97
CA CYS A 49 -8.70 -1.08 -3.22
C CYS A 49 -8.92 -1.94 -1.98
N THR A 50 -9.12 -3.24 -2.19
CA THR A 50 -9.34 -4.16 -1.09
C THR A 50 -8.27 -4.00 0.00
N LEU A 51 -7.01 -4.01 -0.43
CA LEU A 51 -5.91 -3.87 0.51
C LEU A 51 -6.21 -2.82 1.57
N MET A 52 -6.66 -1.65 1.12
CA MET A 52 -7.00 -0.56 2.05
C MET A 52 -8.17 -0.96 2.93
N ASN A 53 -9.27 -1.37 2.33
CA ASN A 53 -10.46 -1.77 3.07
C ASN A 53 -10.08 -2.67 4.24
N LYS A 54 -9.07 -3.49 4.05
CA LYS A 54 -8.60 -4.40 5.09
C LYS A 54 -8.10 -3.64 6.30
N LEU A 55 -7.29 -2.61 6.05
CA LEU A 55 -6.73 -1.79 7.12
C LEU A 55 -7.78 -0.85 7.69
N GLN A 56 -8.51 -0.19 6.80
CA GLN A 56 -9.56 0.75 7.22
C GLN A 56 -10.94 0.24 6.79
N PRO A 57 -11.85 0.13 7.77
CA PRO A 57 -13.22 -0.33 7.51
C PRO A 57 -14.04 0.67 6.73
N GLY A 58 -13.40 1.76 6.31
CA GLY A 58 -14.09 2.79 5.55
C GLY A 58 -13.15 3.58 4.67
N SER A 59 -12.41 2.89 3.82
CA SER A 59 -11.47 3.54 2.91
C SER A 59 -12.05 3.66 1.51
N VAL A 60 -12.29 2.51 0.87
CA VAL A 60 -12.85 2.49 -0.47
C VAL A 60 -14.34 2.18 -0.45
N PRO A 61 -15.13 3.03 -1.12
CA PRO A 61 -16.59 2.87 -1.18
C PRO A 61 -17.00 1.68 -2.03
N LYS A 62 -16.46 1.59 -3.24
CA LYS A 62 -16.78 0.50 -4.15
C LYS A 62 -15.63 0.25 -5.13
N ILE A 63 -15.52 -0.98 -5.61
CA ILE A 63 -14.47 -1.34 -6.55
C ILE A 63 -15.04 -1.58 -7.95
N ASN A 64 -14.48 -0.90 -8.94
CA ASN A 64 -14.94 -1.06 -10.32
C ASN A 64 -14.27 -2.25 -10.99
N ARG A 65 -15.04 -3.30 -11.22
CA ARG A 65 -14.52 -4.51 -11.86
C ARG A 65 -14.79 -4.49 -13.36
N SER A 66 -14.60 -3.34 -13.98
CA SER A 66 -14.82 -3.19 -15.41
C SER A 66 -13.50 -3.00 -16.15
N MET A 67 -13.45 -3.50 -17.39
CA MET A 67 -12.24 -3.38 -18.20
C MET A 67 -12.21 -2.05 -18.94
N GLN A 68 -12.57 -0.98 -18.25
CA GLN A 68 -12.59 0.35 -18.85
C GLN A 68 -11.50 1.23 -18.23
N ASN A 69 -11.13 2.28 -18.97
CA ASN A 69 -10.10 3.21 -18.50
C ASN A 69 -10.60 4.02 -17.30
N TRP A 70 -11.62 4.84 -17.54
CA TRP A 70 -12.19 5.67 -16.49
C TRP A 70 -12.35 4.89 -15.19
N HIS A 71 -13.02 3.74 -15.28
CA HIS A 71 -13.24 2.90 -14.12
C HIS A 71 -11.93 2.59 -13.41
N GLN A 72 -11.02 1.90 -14.11
CA GLN A 72 -9.73 1.55 -13.55
C GLN A 72 -9.13 2.72 -12.78
N LEU A 73 -9.19 3.90 -13.38
CA LEU A 73 -8.64 5.10 -12.75
C LEU A 73 -9.33 5.38 -11.41
N GLU A 74 -10.66 5.42 -11.44
CA GLU A 74 -11.44 5.68 -10.24
C GLU A 74 -10.92 4.84 -9.07
N ASN A 75 -10.64 3.57 -9.34
CA ASN A 75 -10.14 2.66 -8.31
C ASN A 75 -8.97 3.30 -7.55
N LEU A 76 -7.94 3.68 -8.29
CA LEU A 76 -6.76 4.30 -7.68
C LEU A 76 -7.13 5.61 -7.00
N SER A 77 -7.80 6.49 -7.74
CA SER A 77 -8.19 7.79 -7.20
C SER A 77 -8.90 7.62 -5.86
N ASN A 78 -9.68 6.55 -5.74
CA ASN A 78 -10.42 6.27 -4.51
C ASN A 78 -9.48 5.78 -3.41
N PHE A 79 -8.57 4.88 -3.79
CA PHE A 79 -7.61 4.32 -2.84
C PHE A 79 -6.68 5.41 -2.31
N ILE A 80 -6.30 6.33 -3.18
CA ILE A 80 -5.41 7.42 -2.80
C ILE A 80 -6.02 8.26 -1.69
N LYS A 81 -7.14 8.90 -1.98
CA LYS A 81 -7.84 9.74 -1.01
C LYS A 81 -8.03 8.99 0.31
N ALA A 82 -8.13 7.68 0.22
CA ALA A 82 -8.32 6.84 1.41
C ALA A 82 -7.09 6.89 2.31
N MET A 83 -5.92 6.79 1.70
CA MET A 83 -4.66 6.83 2.45
C MET A 83 -4.55 8.11 3.27
N VAL A 84 -4.82 9.24 2.62
CA VAL A 84 -4.74 10.54 3.29
C VAL A 84 -5.50 10.51 4.61
N SER A 85 -6.64 9.82 4.62
CA SER A 85 -7.47 9.73 5.82
C SER A 85 -6.79 8.86 6.88
N TYR A 86 -6.20 7.75 6.44
CA TYR A 86 -5.52 6.83 7.35
C TYR A 86 -4.51 7.58 8.22
N GLY A 87 -3.82 8.53 7.61
CA GLY A 87 -2.83 9.30 8.35
C GLY A 87 -1.47 9.30 7.67
N MET A 88 -1.48 9.34 6.34
CA MET A 88 -0.23 9.34 5.57
C MET A 88 0.16 10.76 5.18
N ASN A 89 1.42 10.94 4.81
CA ASN A 89 1.93 12.25 4.41
C ASN A 89 1.61 12.53 2.95
N PRO A 90 1.60 13.82 2.59
CA PRO A 90 1.30 14.26 1.22
C PRO A 90 2.41 13.88 0.23
N VAL A 91 3.50 13.33 0.77
CA VAL A 91 4.64 12.93 -0.06
C VAL A 91 4.72 11.41 -0.17
N ASP A 92 3.89 10.72 0.59
CA ASP A 92 3.86 9.27 0.57
C ASP A 92 2.71 8.75 -0.27
N LEU A 93 2.20 9.61 -1.16
CA LEU A 93 1.09 9.25 -2.03
C LEU A 93 1.56 9.11 -3.48
N PHE A 94 0.65 8.74 -4.36
CA PHE A 94 0.96 8.58 -5.78
C PHE A 94 -0.24 8.92 -6.65
N GLU A 95 0.03 9.28 -7.90
CA GLU A 95 -1.02 9.64 -8.84
C GLU A 95 -1.59 8.39 -9.54
N ALA A 96 -2.84 8.48 -9.97
CA ALA A 96 -3.48 7.37 -10.66
C ALA A 96 -2.71 6.97 -11.91
N ASN A 97 -2.17 7.95 -12.61
CA ASN A 97 -1.41 7.70 -13.82
C ASN A 97 -0.14 6.91 -13.52
N ASP A 98 0.54 7.30 -12.46
CA ASP A 98 1.78 6.63 -12.05
C ASP A 98 1.66 5.12 -12.24
N LEU A 99 0.53 4.56 -11.85
CA LEU A 99 0.30 3.12 -11.98
C LEU A 99 -0.40 2.81 -13.29
N PHE A 100 -1.52 3.47 -13.54
CA PHE A 100 -2.28 3.26 -14.76
C PHE A 100 -1.35 3.10 -15.96
N GLU A 101 -0.62 4.17 -16.28
CA GLU A 101 0.31 4.16 -17.40
C GLU A 101 1.75 4.04 -16.91
N SER A 102 1.95 3.25 -15.87
CA SER A 102 3.29 3.06 -15.31
C SER A 102 4.06 4.37 -15.28
N GLY A 103 3.33 5.48 -15.24
CA GLY A 103 3.96 6.78 -15.21
C GLY A 103 4.92 6.93 -14.06
N ASN A 104 4.83 6.02 -13.09
CA ASN A 104 5.70 6.06 -11.91
C ASN A 104 5.46 4.85 -11.02
N MET A 105 6.46 3.98 -10.93
CA MET A 105 6.36 2.78 -10.10
C MET A 105 7.11 2.96 -8.79
N THR A 106 7.90 4.02 -8.70
CA THR A 106 8.67 4.31 -7.50
C THR A 106 7.83 5.07 -6.47
N GLN A 107 6.87 5.84 -6.97
CA GLN A 107 5.99 6.61 -6.10
C GLN A 107 4.88 5.74 -5.51
N VAL A 108 4.50 4.70 -6.25
CA VAL A 108 3.45 3.79 -5.82
C VAL A 108 4.01 2.73 -4.88
N GLN A 109 5.30 2.46 -5.00
CA GLN A 109 5.96 1.47 -4.16
C GLN A 109 6.11 1.97 -2.73
N VAL A 110 6.75 3.13 -2.57
CA VAL A 110 6.96 3.71 -1.26
C VAL A 110 5.64 3.87 -0.50
N SER A 111 4.60 4.28 -1.23
CA SER A 111 3.29 4.47 -0.63
C SER A 111 2.85 3.22 0.13
N LEU A 112 3.06 2.05 -0.49
CA LEU A 112 2.69 0.79 0.12
C LEU A 112 3.67 0.41 1.23
N LEU A 113 4.95 0.68 1.01
CA LEU A 113 5.98 0.37 1.99
C LEU A 113 5.79 1.20 3.26
N ALA A 114 5.15 2.36 3.10
CA ALA A 114 4.90 3.25 4.23
C ALA A 114 3.57 2.95 4.88
N LEU A 115 2.56 2.66 4.06
CA LEU A 115 1.23 2.36 4.55
C LEU A 115 1.22 1.03 5.32
N ALA A 116 2.03 0.09 4.86
CA ALA A 116 2.12 -1.21 5.50
C ALA A 116 2.68 -1.10 6.92
N GLY A 117 3.90 -0.58 7.01
CA GLY A 117 4.54 -0.42 8.31
C GLY A 117 3.61 0.19 9.34
N LYS A 118 2.82 1.17 8.92
CA LYS A 118 1.88 1.84 9.81
C LYS A 118 0.65 0.98 10.06
N ALA A 119 0.18 0.31 9.01
CA ALA A 119 -0.98 -0.57 9.13
C ALA A 119 -0.72 -1.71 10.11
N LYS A 120 0.53 -2.17 10.15
CA LYS A 120 0.90 -3.25 11.05
C LYS A 120 0.34 -3.03 12.45
N THR A 121 0.37 -1.79 12.91
CA THR A 121 -0.15 -1.44 14.23
C THR A 121 -1.39 -2.25 14.56
N LYS A 122 -2.21 -2.52 13.55
CA LYS A 122 -3.43 -3.29 13.74
C LYS A 122 -3.12 -4.67 14.32
N GLY A 123 -2.26 -5.42 13.64
CA GLY A 123 -1.89 -6.74 14.10
C GLY A 123 -0.41 -6.85 14.42
N LEU A 124 0.05 -6.05 15.36
CA LEU A 124 1.45 -6.06 15.77
C LEU A 124 1.93 -7.49 16.04
N GLN A 125 2.74 -8.02 15.13
CA GLN A 125 3.26 -9.36 15.27
C GLN A 125 4.63 -9.50 14.60
N SER A 126 5.49 -10.31 15.18
CA SER A 126 6.83 -10.52 14.63
C SER A 126 7.45 -11.81 15.18
N GLY A 127 8.63 -12.16 14.68
CA GLY A 127 9.30 -13.36 15.12
C GLY A 127 10.45 -13.08 16.08
N VAL A 128 10.97 -14.12 16.70
CA VAL A 128 12.08 -13.98 17.64
C VAL A 128 13.24 -13.21 17.01
N ASP A 129 13.46 -11.99 17.48
CA ASP A 129 14.54 -11.15 16.97
C ASP A 129 14.82 -9.99 17.91
N ILE A 130 15.98 -9.35 17.74
CA ILE A 130 16.36 -8.23 18.57
C ILE A 130 16.53 -6.96 17.74
N GLY A 131 17.46 -6.99 16.80
CA GLY A 131 17.70 -5.84 15.94
C GLY A 131 19.17 -5.48 15.86
N VAL A 132 19.88 -6.14 14.95
CA VAL A 132 21.31 -5.88 14.77
C VAL A 132 21.59 -5.26 13.40
N LYS A 133 22.13 -4.05 13.40
CA LYS A 133 22.44 -3.35 12.17
C LYS A 133 23.95 -3.34 11.92
N TYR A 134 24.33 -3.56 10.67
CA TYR A 134 25.74 -3.57 10.29
C TYR A 134 26.33 -2.17 10.33
N SER A 135 27.17 -1.91 11.33
CA SER A 135 27.79 -0.61 11.48
C SER A 135 28.90 -0.40 10.44
N GLU A 136 29.17 0.85 10.10
CA GLU A 136 30.19 1.18 9.12
C GLU A 136 31.23 2.11 9.71
N LYS A 137 32.44 2.08 9.14
CA LYS A 137 33.53 2.93 9.61
C LYS A 137 34.35 3.47 8.45
N GLN A 138 34.93 4.65 8.62
CA GLN A 138 35.74 5.26 7.59
C GLN A 138 36.86 6.11 8.18
N GLU A 139 38.03 6.04 7.58
CA GLU A 139 39.19 6.80 8.07
C GLU A 139 40.27 6.90 6.99
N ARG A 140 40.94 8.03 6.93
CA ARG A 140 42.00 8.25 5.95
C ARG A 140 43.21 8.93 6.59
N SER A 141 44.40 8.52 6.16
CA SER A 141 45.63 9.09 6.69
C SER A 141 46.14 10.22 5.81
N GLY A 142 46.22 11.42 6.37
CA GLY A 142 46.69 12.57 5.63
C GLY A 142 48.04 13.07 6.12
N PRO A 143 48.80 13.71 5.22
CA PRO A 143 50.13 14.25 5.54
C PRO A 143 50.05 15.44 6.47
N SER A 144 51.21 15.84 7.00
CA SER A 144 51.27 16.97 7.92
C SER A 144 52.63 17.66 7.85
N SER A 145 52.75 18.82 8.49
CA SER A 145 53.99 19.57 8.49
C SER A 145 54.75 19.37 9.80
N GLY A 146 56.07 19.23 9.69
CA GLY A 146 56.89 19.02 10.87
C GLY A 146 57.94 17.93 10.67
N GLY A 1 7.07 14.46 19.00
CA GLY A 1 7.63 13.12 19.02
C GLY A 1 9.00 13.06 18.39
N SER A 2 9.32 11.94 17.76
CA SER A 2 10.62 11.75 17.12
C SER A 2 10.84 12.79 16.03
N SER A 3 11.85 13.62 16.19
CA SER A 3 12.16 14.66 15.22
C SER A 3 13.61 14.56 14.77
N GLY A 4 13.80 14.29 13.48
CA GLY A 4 15.14 14.17 12.94
C GLY A 4 15.25 13.09 11.88
N SER A 5 14.89 13.43 10.65
CA SER A 5 14.94 12.48 9.55
C SER A 5 16.20 12.66 8.72
N SER A 6 17.30 12.09 9.20
CA SER A 6 18.59 12.19 8.51
C SER A 6 18.48 11.66 7.08
N GLY A 7 18.59 12.56 6.11
CA GLY A 7 18.51 12.17 4.71
C GLY A 7 19.85 11.75 4.15
N ASN A 8 19.89 10.56 3.56
CA ASN A 8 21.13 10.04 2.98
C ASN A 8 21.15 10.26 1.47
N ARG A 9 20.16 9.70 0.78
CA ARG A 9 20.07 9.84 -0.67
C ARG A 9 18.69 10.34 -1.08
N LEU A 10 18.66 11.48 -1.75
CA LEU A 10 17.41 12.08 -2.22
C LEU A 10 16.94 11.43 -3.51
N LEU A 11 16.66 10.14 -3.46
CA LEU A 11 16.20 9.40 -4.64
C LEU A 11 15.23 8.30 -4.24
N SER A 12 14.63 7.65 -5.25
CA SER A 12 13.68 6.57 -5.00
C SER A 12 14.34 5.43 -4.23
N LYS A 13 13.54 4.71 -3.46
CA LYS A 13 14.03 3.59 -2.67
C LYS A 13 13.66 2.26 -3.32
N TYR A 14 13.17 2.32 -4.56
CA TYR A 14 12.77 1.12 -5.28
C TYR A 14 13.78 0.00 -5.08
N ASP A 15 13.35 -1.06 -4.40
CA ASP A 15 14.22 -2.20 -4.14
C ASP A 15 13.67 -3.46 -4.79
N PRO A 16 14.58 -4.28 -5.35
CA PRO A 16 14.19 -5.53 -6.02
C PRO A 16 13.71 -6.59 -5.04
N GLN A 17 13.95 -6.36 -3.75
CA GLN A 17 13.53 -7.29 -2.72
C GLN A 17 12.24 -6.81 -2.04
N LYS A 18 12.15 -5.51 -1.82
CA LYS A 18 10.97 -4.93 -1.18
C LYS A 18 9.71 -5.28 -1.95
N GLU A 19 9.74 -5.04 -3.27
CA GLU A 19 8.59 -5.34 -4.11
C GLU A 19 7.90 -6.63 -3.67
N ALA A 20 8.70 -7.66 -3.43
CA ALA A 20 8.16 -8.95 -3.00
C ALA A 20 7.55 -8.86 -1.60
N GLU A 21 8.17 -8.05 -0.74
CA GLU A 21 7.69 -7.88 0.62
C GLU A 21 6.27 -7.32 0.61
N LEU A 22 6.01 -6.38 -0.27
CA LEU A 22 4.69 -5.76 -0.38
C LEU A 22 3.64 -6.78 -0.81
N ARG A 23 3.79 -7.28 -2.03
CA ARG A 23 2.86 -8.26 -2.57
C ARG A 23 2.61 -9.38 -1.57
N THR A 24 3.67 -9.77 -0.85
CA THR A 24 3.57 -10.83 0.14
C THR A 24 2.74 -10.40 1.34
N TRP A 25 2.75 -9.10 1.62
CA TRP A 25 2.00 -8.56 2.75
C TRP A 25 0.56 -8.26 2.34
N ILE A 26 0.38 -7.85 1.09
CA ILE A 26 -0.95 -7.53 0.57
C ILE A 26 -1.70 -8.80 0.19
N GLU A 27 -1.09 -9.61 -0.67
CA GLU A 27 -1.70 -10.85 -1.11
C GLU A 27 -2.42 -11.56 0.05
N GLY A 28 -1.76 -11.59 1.19
CA GLY A 28 -2.35 -12.23 2.36
C GLY A 28 -3.42 -11.38 3.01
N LEU A 29 -3.25 -10.07 2.95
CA LEU A 29 -4.21 -9.14 3.54
C LEU A 29 -5.55 -9.22 2.82
N THR A 30 -5.55 -8.94 1.52
CA THR A 30 -6.77 -8.98 0.72
C THR A 30 -7.10 -10.41 0.30
N GLY A 31 -6.07 -11.24 0.19
CA GLY A 31 -6.28 -12.62 -0.20
C GLY A 31 -6.53 -12.77 -1.69
N LEU A 32 -6.03 -11.82 -2.46
CA LEU A 32 -6.21 -11.84 -3.91
C LEU A 32 -4.89 -12.12 -4.62
N SER A 33 -4.93 -12.14 -5.95
CA SER A 33 -3.74 -12.40 -6.75
C SER A 33 -3.39 -11.19 -7.62
N ILE A 34 -2.17 -10.69 -7.47
CA ILE A 34 -1.72 -9.53 -8.22
C ILE A 34 -1.36 -9.93 -9.66
N GLY A 35 -0.53 -10.95 -9.79
CA GLY A 35 -0.12 -11.41 -11.11
C GLY A 35 1.36 -11.23 -11.35
N PRO A 36 1.81 -11.60 -12.56
CA PRO A 36 3.23 -11.48 -12.95
C PRO A 36 3.67 -10.04 -13.12
N ASP A 37 2.80 -9.23 -13.72
CA ASP A 37 3.11 -7.82 -13.94
C ASP A 37 2.50 -6.96 -12.84
N PHE A 38 3.23 -6.82 -11.74
CA PHE A 38 2.77 -6.01 -10.61
C PHE A 38 2.03 -4.78 -11.10
N GLN A 39 2.74 -3.90 -11.79
CA GLN A 39 2.16 -2.67 -12.31
C GLN A 39 0.77 -2.93 -12.88
N LYS A 40 0.64 -4.01 -13.66
CA LYS A 40 -0.63 -4.37 -14.26
C LYS A 40 -1.64 -4.81 -13.21
N GLY A 41 -1.37 -5.95 -12.58
CA GLY A 41 -2.26 -6.47 -11.56
C GLY A 41 -2.87 -5.36 -10.72
N LEU A 42 -2.08 -4.34 -10.41
CA LEU A 42 -2.55 -3.21 -9.62
C LEU A 42 -3.16 -2.13 -10.50
N LYS A 43 -2.59 -1.96 -11.69
CA LYS A 43 -3.08 -0.96 -12.63
C LYS A 43 -4.60 -0.81 -12.53
N ASP A 44 -5.31 -1.86 -12.94
CA ASP A 44 -6.77 -1.84 -12.90
C ASP A 44 -7.26 -1.26 -11.58
N GLY A 45 -6.57 -1.57 -10.49
CA GLY A 45 -6.97 -1.06 -9.18
C GLY A 45 -8.01 -1.93 -8.52
N THR A 46 -7.86 -3.25 -8.66
CA THR A 46 -8.81 -4.18 -8.07
C THR A 46 -8.41 -4.54 -6.65
N ILE A 47 -7.15 -4.94 -6.47
CA ILE A 47 -6.64 -5.31 -5.15
C ILE A 47 -6.36 -4.07 -4.31
N LEU A 48 -5.52 -3.17 -4.83
CA LEU A 48 -5.18 -1.95 -4.13
C LEU A 48 -6.34 -1.46 -3.28
N CYS A 49 -7.55 -1.57 -3.82
CA CYS A 49 -8.75 -1.14 -3.11
C CYS A 49 -8.97 -1.97 -1.85
N THR A 50 -9.16 -3.27 -2.04
CA THR A 50 -9.38 -4.18 -0.92
C THR A 50 -8.31 -4.00 0.16
N LEU A 51 -7.06 -3.98 -0.26
CA LEU A 51 -5.95 -3.81 0.67
C LEU A 51 -6.26 -2.73 1.69
N MET A 52 -6.72 -1.57 1.21
CA MET A 52 -7.06 -0.46 2.09
C MET A 52 -8.26 -0.81 2.98
N ASN A 53 -9.27 -1.43 2.37
CA ASN A 53 -10.48 -1.81 3.11
C ASN A 53 -10.12 -2.67 4.31
N LYS A 54 -9.15 -3.57 4.13
CA LYS A 54 -8.72 -4.45 5.19
C LYS A 54 -8.18 -3.66 6.38
N LEU A 55 -7.39 -2.64 6.09
CA LEU A 55 -6.81 -1.80 7.14
C LEU A 55 -7.87 -0.89 7.75
N GLN A 56 -8.58 -0.16 6.88
CA GLN A 56 -9.62 0.75 7.33
C GLN A 56 -11.00 0.26 6.92
N PRO A 57 -11.90 0.13 7.90
CA PRO A 57 -13.27 -0.34 7.66
C PRO A 57 -14.11 0.68 6.89
N GLY A 58 -13.47 1.77 6.49
CA GLY A 58 -14.18 2.80 5.74
C GLY A 58 -13.25 3.58 4.82
N SER A 59 -12.55 2.86 3.95
CA SER A 59 -11.63 3.48 3.01
C SER A 59 -12.22 3.51 1.60
N VAL A 60 -12.36 2.33 1.01
CA VAL A 60 -12.91 2.21 -0.33
C VAL A 60 -14.39 1.81 -0.29
N PRO A 61 -15.23 2.63 -0.93
CA PRO A 61 -16.68 2.38 -0.98
C PRO A 61 -17.03 1.17 -1.85
N LYS A 62 -16.49 1.14 -3.06
CA LYS A 62 -16.74 0.04 -3.99
C LYS A 62 -15.60 -0.11 -4.99
N ILE A 63 -15.55 -1.25 -5.66
CA ILE A 63 -14.51 -1.51 -6.65
C ILE A 63 -15.11 -1.82 -8.01
N ASN A 64 -14.64 -1.11 -9.04
CA ASN A 64 -15.12 -1.31 -10.40
C ASN A 64 -14.54 -2.58 -11.01
N ARG A 65 -15.40 -3.56 -11.25
CA ARG A 65 -14.98 -4.83 -11.84
C ARG A 65 -15.13 -4.81 -13.35
N SER A 66 -14.80 -3.68 -13.96
CA SER A 66 -14.90 -3.54 -15.41
C SER A 66 -13.52 -3.29 -16.03
N MET A 67 -13.48 -3.25 -17.35
CA MET A 67 -12.23 -3.02 -18.07
C MET A 67 -12.28 -1.70 -18.82
N GLN A 68 -12.82 -0.67 -18.18
CA GLN A 68 -12.91 0.65 -18.79
C GLN A 68 -11.87 1.60 -18.20
N ASN A 69 -11.17 2.32 -19.07
CA ASN A 69 -10.15 3.26 -18.64
C ASN A 69 -10.62 4.04 -17.40
N TRP A 70 -11.66 4.83 -17.57
CA TRP A 70 -12.20 5.62 -16.47
C TRP A 70 -12.39 4.77 -15.22
N HIS A 71 -13.04 3.62 -15.40
CA HIS A 71 -13.29 2.71 -14.28
C HIS A 71 -11.99 2.38 -13.55
N GLN A 72 -11.02 1.82 -14.28
CA GLN A 72 -9.74 1.46 -13.70
C GLN A 72 -9.16 2.62 -12.89
N LEU A 73 -9.27 3.83 -13.43
CA LEU A 73 -8.76 5.02 -12.75
C LEU A 73 -9.49 5.24 -11.43
N GLU A 74 -10.81 5.29 -11.49
CA GLU A 74 -11.62 5.50 -10.29
C GLU A 74 -11.09 4.67 -9.12
N ASN A 75 -10.73 3.43 -9.40
CA ASN A 75 -10.20 2.54 -8.37
C ASN A 75 -9.04 3.19 -7.62
N LEU A 76 -8.01 3.58 -8.38
CA LEU A 76 -6.84 4.23 -7.78
C LEU A 76 -7.23 5.52 -7.06
N SER A 77 -7.97 6.38 -7.76
CA SER A 77 -8.41 7.65 -7.18
C SER A 77 -8.99 7.44 -5.79
N ASN A 78 -9.80 6.39 -5.64
CA ASN A 78 -10.43 6.09 -4.37
C ASN A 78 -9.40 5.63 -3.35
N PHE A 79 -8.59 4.65 -3.74
CA PHE A 79 -7.56 4.11 -2.85
C PHE A 79 -6.66 5.23 -2.34
N ILE A 80 -6.11 6.01 -3.26
CA ILE A 80 -5.23 7.12 -2.89
C ILE A 80 -5.88 8.01 -1.84
N LYS A 81 -7.05 8.55 -2.15
CA LYS A 81 -7.77 9.41 -1.24
C LYS A 81 -7.93 8.75 0.13
N ALA A 82 -8.13 7.43 0.13
CA ALA A 82 -8.30 6.69 1.37
C ALA A 82 -7.03 6.77 2.22
N MET A 83 -5.87 6.67 1.58
CA MET A 83 -4.60 6.74 2.28
C MET A 83 -4.49 8.03 3.08
N VAL A 84 -4.84 9.15 2.44
CA VAL A 84 -4.77 10.45 3.08
C VAL A 84 -5.53 10.45 4.41
N SER A 85 -6.72 9.84 4.40
CA SER A 85 -7.54 9.77 5.60
C SER A 85 -6.87 8.90 6.67
N TYR A 86 -6.29 7.78 6.23
CA TYR A 86 -5.62 6.87 7.15
C TYR A 86 -4.65 7.61 8.05
N GLY A 87 -3.80 8.42 7.45
CA GLY A 87 -2.82 9.19 8.22
C GLY A 87 -1.45 9.19 7.56
N MET A 88 -1.43 9.28 6.24
CA MET A 88 -0.17 9.30 5.50
C MET A 88 0.28 10.73 5.24
N ASN A 89 1.45 10.87 4.61
CA ASN A 89 2.00 12.19 4.31
C ASN A 89 1.61 12.63 2.90
N PRO A 90 1.71 13.94 2.64
CA PRO A 90 1.36 14.52 1.34
C PRO A 90 2.36 14.12 0.26
N VAL A 91 3.42 13.43 0.65
CA VAL A 91 4.45 12.99 -0.29
C VAL A 91 4.54 11.47 -0.33
N ASP A 92 4.03 10.83 0.71
CA ASP A 92 4.05 9.36 0.79
C ASP A 92 2.89 8.75 0.00
N LEU A 93 2.34 9.53 -0.93
CA LEU A 93 1.23 9.07 -1.76
C LEU A 93 1.65 8.96 -3.22
N PHE A 94 0.70 8.60 -4.08
CA PHE A 94 0.96 8.46 -5.50
C PHE A 94 -0.29 8.74 -6.32
N GLU A 95 -0.10 9.29 -7.51
CA GLU A 95 -1.22 9.61 -8.39
C GLU A 95 -1.87 8.35 -8.94
N ALA A 96 -2.83 8.52 -9.83
CA ALA A 96 -3.53 7.39 -10.44
C ALA A 96 -2.92 7.02 -11.80
N ASN A 97 -2.12 7.94 -12.34
CA ASN A 97 -1.48 7.71 -13.63
C ASN A 97 -0.18 6.93 -13.47
N ASP A 98 0.59 7.26 -12.44
CA ASP A 98 1.85 6.58 -12.18
C ASP A 98 1.72 5.08 -12.42
N LEU A 99 0.62 4.51 -11.94
CA LEU A 99 0.37 3.08 -12.10
C LEU A 99 -0.35 2.79 -13.41
N PHE A 100 -1.48 3.46 -13.61
CA PHE A 100 -2.26 3.28 -14.83
C PHE A 100 -1.36 3.16 -16.05
N GLU A 101 -0.62 4.24 -16.33
CA GLU A 101 0.29 4.25 -17.47
C GLU A 101 1.74 4.09 -17.02
N SER A 102 1.94 3.27 -15.99
CA SER A 102 3.28 3.04 -15.46
C SER A 102 4.08 4.33 -15.41
N GLY A 103 3.38 5.45 -15.27
CA GLY A 103 4.05 6.74 -15.21
C GLY A 103 5.06 6.81 -14.09
N ASN A 104 4.97 5.89 -13.14
CA ASN A 104 5.88 5.85 -12.01
C ASN A 104 5.62 4.64 -11.13
N MET A 105 6.59 3.72 -11.10
CA MET A 105 6.46 2.51 -10.29
C MET A 105 7.23 2.64 -8.99
N THR A 106 7.87 3.79 -8.79
CA THR A 106 8.66 4.04 -7.59
C THR A 106 7.83 4.79 -6.55
N GLN A 107 6.93 5.66 -7.02
CA GLN A 107 6.09 6.44 -6.12
C GLN A 107 4.99 5.57 -5.52
N VAL A 108 4.49 4.62 -6.31
CA VAL A 108 3.43 3.72 -5.85
C VAL A 108 4.00 2.62 -4.98
N GLN A 109 5.29 2.32 -5.15
CA GLN A 109 5.95 1.28 -4.37
C GLN A 109 6.19 1.75 -2.94
N VAL A 110 6.82 2.90 -2.78
CA VAL A 110 7.11 3.46 -1.47
C VAL A 110 5.82 3.67 -0.68
N SER A 111 4.79 4.15 -1.36
CA SER A 111 3.51 4.41 -0.70
C SER A 111 3.07 3.21 0.12
N LEU A 112 3.16 2.02 -0.48
CA LEU A 112 2.78 0.79 0.20
C LEU A 112 3.73 0.47 1.35
N LEU A 113 5.03 0.60 1.09
CA LEU A 113 6.05 0.33 2.10
C LEU A 113 5.87 1.24 3.30
N ALA A 114 5.31 2.43 3.07
CA ALA A 114 5.07 3.38 4.15
C ALA A 114 3.71 3.17 4.79
N LEU A 115 2.74 2.77 3.98
CA LEU A 115 1.38 2.53 4.47
C LEU A 115 1.32 1.25 5.31
N ALA A 116 2.12 0.26 4.92
CA ALA A 116 2.17 -1.01 5.64
C ALA A 116 2.74 -0.83 7.04
N GLY A 117 3.97 -0.34 7.12
CA GLY A 117 4.60 -0.14 8.41
C GLY A 117 3.66 0.47 9.42
N LYS A 118 2.80 1.37 8.97
CA LYS A 118 1.84 2.04 9.84
C LYS A 118 0.66 1.12 10.16
N ALA A 119 0.16 0.43 9.13
CA ALA A 119 -0.97 -0.48 9.30
C ALA A 119 -0.63 -1.59 10.29
N LYS A 120 0.65 -1.93 10.37
CA LYS A 120 1.11 -2.97 11.28
C LYS A 120 0.52 -2.77 12.67
N THR A 121 0.30 -1.51 13.04
CA THR A 121 -0.26 -1.19 14.35
C THR A 121 -1.38 -2.15 14.73
N LYS A 122 -2.04 -2.72 13.72
CA LYS A 122 -3.12 -3.65 13.95
C LYS A 122 -2.67 -4.79 14.86
N GLY A 123 -1.54 -5.41 14.53
CA GLY A 123 -1.02 -6.51 15.33
C GLY A 123 0.38 -6.24 15.84
N LEU A 124 0.52 -5.25 16.71
CA LEU A 124 1.82 -4.89 17.27
C LEU A 124 2.04 -5.58 18.61
N GLN A 125 3.29 -5.60 19.07
CA GLN A 125 3.62 -6.22 20.34
C GLN A 125 3.98 -5.16 21.39
N SER A 126 2.96 -4.51 21.93
CA SER A 126 3.16 -3.47 22.93
C SER A 126 2.90 -4.01 24.33
N GLY A 127 3.61 -3.47 25.32
CA GLY A 127 3.44 -3.92 26.69
C GLY A 127 2.83 -2.85 27.57
N VAL A 128 3.27 -1.61 27.39
CA VAL A 128 2.77 -0.49 28.18
C VAL A 128 2.30 0.65 27.27
N ASP A 129 1.10 1.14 27.52
CA ASP A 129 0.54 2.23 26.74
C ASP A 129 0.58 3.54 27.52
N ILE A 130 0.86 4.64 26.82
CA ILE A 130 0.93 5.95 27.45
C ILE A 130 -0.37 6.29 28.17
N GLY A 131 -1.50 6.07 27.50
CA GLY A 131 -2.79 6.34 28.08
C GLY A 131 -3.70 7.13 27.15
N VAL A 132 -4.61 6.42 26.50
CA VAL A 132 -5.55 7.06 25.58
C VAL A 132 -6.95 6.46 25.71
N LYS A 133 -7.95 7.32 25.82
CA LYS A 133 -9.33 6.89 25.95
C LYS A 133 -9.94 6.59 24.58
N TYR A 134 -10.64 5.46 24.48
CA TYR A 134 -11.26 5.06 23.24
C TYR A 134 -12.76 5.36 23.26
N SER A 135 -13.15 6.51 22.73
CA SER A 135 -14.54 6.91 22.69
C SER A 135 -15.06 6.96 21.25
N GLU A 136 -15.81 5.93 20.86
CA GLU A 136 -16.36 5.86 19.52
C GLU A 136 -17.48 6.87 19.33
N LYS A 137 -17.37 7.68 18.28
CA LYS A 137 -18.36 8.69 17.98
C LYS A 137 -19.46 8.13 17.08
N GLN A 138 -20.54 7.65 17.70
CA GLN A 138 -21.67 7.09 16.95
C GLN A 138 -22.83 8.07 16.92
N GLU A 139 -23.21 8.49 15.72
CA GLU A 139 -24.32 9.43 15.56
C GLU A 139 -24.68 9.59 14.09
N ARG A 140 -25.96 9.89 13.82
CA ARG A 140 -26.43 10.07 12.46
C ARG A 140 -26.40 11.54 12.06
N SER A 141 -26.71 11.81 10.79
CA SER A 141 -26.71 13.18 10.28
C SER A 141 -28.07 13.53 9.68
N GLY A 142 -28.56 12.67 8.80
CA GLY A 142 -29.85 12.90 8.16
C GLY A 142 -30.74 11.67 8.19
N PRO A 143 -32.06 11.90 8.31
CA PRO A 143 -33.04 10.81 8.34
C PRO A 143 -33.18 10.11 6.99
N SER A 144 -32.46 10.60 6.00
CA SER A 144 -32.49 10.01 4.66
C SER A 144 -31.16 9.36 4.31
N SER A 145 -31.21 8.07 3.96
CA SER A 145 -30.02 7.32 3.61
C SER A 145 -29.80 7.34 2.10
N GLY A 146 -30.79 6.86 1.36
CA GLY A 146 -30.69 6.82 -0.09
C GLY A 146 -31.42 5.65 -0.69
N GLY A 1 -0.61 -11.68 24.93
CA GLY A 1 -0.65 -10.91 23.71
C GLY A 1 -0.27 -9.45 23.92
N SER A 2 0.60 -8.94 23.06
CA SER A 2 1.06 -7.56 23.16
C SER A 2 1.23 -6.93 21.79
N SER A 3 0.50 -5.86 21.54
CA SER A 3 0.56 -5.16 20.25
C SER A 3 0.94 -3.70 20.44
N GLY A 4 2.02 -3.29 19.80
CA GLY A 4 2.48 -1.92 19.90
C GLY A 4 3.07 -1.39 18.61
N SER A 5 3.02 -0.08 18.43
CA SER A 5 3.56 0.54 17.22
C SER A 5 5.07 0.65 17.28
N SER A 6 5.75 -0.04 16.35
CA SER A 6 7.21 -0.02 16.31
C SER A 6 7.70 0.39 14.93
N GLY A 7 9.00 0.67 14.83
CA GLY A 7 9.57 1.08 13.56
C GLY A 7 9.41 2.56 13.30
N ASN A 8 10.47 3.32 13.57
CA ASN A 8 10.44 4.76 13.36
C ASN A 8 11.65 5.22 12.54
N ARG A 9 11.51 5.18 11.22
CA ARG A 9 12.59 5.58 10.33
C ARG A 9 12.05 6.43 9.18
N LEU A 10 12.95 6.95 8.35
CA LEU A 10 12.56 7.78 7.21
C LEU A 10 13.11 7.20 5.91
N LEU A 11 13.19 5.87 5.84
CA LEU A 11 13.70 5.19 4.66
C LEU A 11 12.58 4.99 3.64
N SER A 12 12.76 5.56 2.44
CA SER A 12 11.77 5.45 1.38
C SER A 12 12.44 5.47 0.01
N LYS A 13 12.29 4.38 -0.74
CA LYS A 13 12.88 4.29 -2.07
C LYS A 13 12.47 2.98 -2.74
N TYR A 14 13.02 2.73 -3.93
CA TYR A 14 12.71 1.53 -4.67
C TYR A 14 13.72 0.42 -4.37
N ASP A 15 13.28 -0.83 -4.50
CA ASP A 15 14.14 -1.97 -4.25
C ASP A 15 13.54 -3.25 -4.81
N PRO A 16 14.38 -4.08 -5.43
CA PRO A 16 13.96 -5.35 -6.04
C PRO A 16 13.57 -6.39 -4.99
N GLN A 17 13.89 -6.09 -3.73
CA GLN A 17 13.56 -6.99 -2.63
C GLN A 17 12.23 -6.62 -1.98
N LYS A 18 12.00 -5.32 -1.85
CA LYS A 18 10.76 -4.83 -1.24
C LYS A 18 9.55 -5.21 -2.08
N GLU A 19 9.68 -5.05 -3.40
CA GLU A 19 8.60 -5.38 -4.32
C GLU A 19 7.91 -6.68 -3.91
N ALA A 20 8.70 -7.61 -3.37
CA ALA A 20 8.17 -8.90 -2.94
C ALA A 20 7.50 -8.79 -1.57
N GLU A 21 8.13 -8.04 -0.67
CA GLU A 21 7.60 -7.86 0.68
C GLU A 21 6.19 -7.28 0.63
N LEU A 22 5.99 -6.28 -0.23
CA LEU A 22 4.69 -5.64 -0.36
C LEU A 22 3.64 -6.64 -0.83
N ARG A 23 3.78 -7.11 -2.06
CA ARG A 23 2.85 -8.08 -2.62
C ARG A 23 2.57 -9.22 -1.64
N THR A 24 3.61 -9.64 -0.92
CA THR A 24 3.49 -10.71 0.06
C THR A 24 2.68 -10.25 1.27
N TRP A 25 2.74 -8.96 1.56
CA TRP A 25 2.01 -8.41 2.70
C TRP A 25 0.57 -8.09 2.32
N ILE A 26 0.37 -7.70 1.07
CA ILE A 26 -0.96 -7.36 0.57
C ILE A 26 -1.74 -8.62 0.21
N GLU A 27 -1.15 -9.47 -0.62
CA GLU A 27 -1.78 -10.71 -1.05
C GLU A 27 -2.41 -11.43 0.14
N GLY A 28 -1.69 -11.47 1.25
CA GLY A 28 -2.19 -12.12 2.45
C GLY A 28 -3.27 -11.32 3.15
N LEU A 29 -3.19 -10.00 3.03
CA LEU A 29 -4.17 -9.11 3.65
C LEU A 29 -5.55 -9.30 3.03
N THR A 30 -5.64 -9.02 1.73
CA THR A 30 -6.90 -9.14 1.01
C THR A 30 -7.15 -10.60 0.60
N GLY A 31 -6.07 -11.34 0.39
CA GLY A 31 -6.19 -12.73 0.00
C GLY A 31 -6.43 -12.88 -1.50
N LEU A 32 -6.01 -11.90 -2.28
CA LEU A 32 -6.18 -11.93 -3.72
C LEU A 32 -4.85 -12.15 -4.43
N SER A 33 -4.90 -12.33 -5.74
CA SER A 33 -3.70 -12.55 -6.53
C SER A 33 -3.40 -11.35 -7.43
N ILE A 34 -2.18 -10.85 -7.34
CA ILE A 34 -1.77 -9.70 -8.15
C ILE A 34 -1.47 -10.11 -9.58
N GLY A 35 -0.88 -11.30 -9.75
CA GLY A 35 -0.54 -11.79 -11.06
C GLY A 35 0.94 -11.82 -11.32
N PRO A 36 1.33 -12.21 -12.54
CA PRO A 36 2.74 -12.28 -12.94
C PRO A 36 3.39 -10.91 -13.05
N ASP A 37 2.60 -9.87 -12.80
CA ASP A 37 3.11 -8.50 -12.87
C ASP A 37 2.48 -7.63 -11.79
N PHE A 38 3.31 -6.79 -11.16
CA PHE A 38 2.85 -5.92 -10.10
C PHE A 38 2.11 -4.71 -10.68
N GLN A 39 2.84 -3.87 -11.41
CA GLN A 39 2.26 -2.68 -12.02
C GLN A 39 0.89 -2.99 -12.60
N LYS A 40 0.80 -4.07 -13.36
CA LYS A 40 -0.45 -4.47 -13.99
C LYS A 40 -1.45 -4.97 -12.94
N GLY A 41 -1.05 -5.99 -12.19
CA GLY A 41 -1.92 -6.53 -11.16
C GLY A 41 -2.64 -5.45 -10.37
N LEU A 42 -1.98 -4.30 -10.22
CA LEU A 42 -2.55 -3.18 -9.48
C LEU A 42 -3.12 -2.13 -10.43
N LYS A 43 -2.54 -2.04 -11.62
CA LYS A 43 -2.98 -1.09 -12.63
C LYS A 43 -4.50 -0.92 -12.58
N ASP A 44 -5.21 -1.94 -13.06
CA ASP A 44 -6.67 -1.91 -13.08
C ASP A 44 -7.21 -1.28 -11.79
N GLY A 45 -6.48 -1.47 -10.69
CA GLY A 45 -6.91 -0.91 -9.42
C GLY A 45 -8.01 -1.74 -8.78
N THR A 46 -7.87 -3.05 -8.82
CA THR A 46 -8.86 -3.95 -8.24
C THR A 46 -8.47 -4.35 -6.83
N ILE A 47 -7.22 -4.76 -6.65
CA ILE A 47 -6.72 -5.17 -5.34
C ILE A 47 -6.41 -3.95 -4.47
N LEU A 48 -5.59 -3.05 -4.99
CA LEU A 48 -5.21 -1.84 -4.25
C LEU A 48 -6.37 -1.36 -3.37
N CYS A 49 -7.58 -1.46 -3.89
CA CYS A 49 -8.77 -1.03 -3.16
C CYS A 49 -9.00 -1.92 -1.95
N THR A 50 -9.21 -3.21 -2.20
CA THR A 50 -9.45 -4.17 -1.13
C THR A 50 -8.41 -4.03 -0.02
N LEU A 51 -7.15 -3.90 -0.42
CA LEU A 51 -6.06 -3.75 0.54
C LEU A 51 -6.41 -2.74 1.62
N MET A 52 -6.87 -1.56 1.20
CA MET A 52 -7.25 -0.50 2.12
C MET A 52 -8.45 -0.93 2.98
N ASN A 53 -9.51 -1.37 2.32
CA ASN A 53 -10.71 -1.82 3.02
C ASN A 53 -10.35 -2.68 4.22
N LYS A 54 -9.22 -3.37 4.13
CA LYS A 54 -8.76 -4.24 5.20
C LYS A 54 -8.12 -3.43 6.32
N LEU A 55 -7.35 -2.42 5.94
CA LEU A 55 -6.67 -1.58 6.92
C LEU A 55 -7.65 -0.57 7.52
N GLN A 56 -8.29 0.22 6.66
CA GLN A 56 -9.24 1.22 7.12
C GLN A 56 -10.67 0.73 6.93
N PRO A 57 -11.39 0.53 8.05
CA PRO A 57 -12.77 0.07 8.03
C PRO A 57 -13.74 1.12 7.49
N GLY A 58 -13.80 1.23 6.17
CA GLY A 58 -14.67 2.19 5.54
C GLY A 58 -13.95 3.11 4.57
N SER A 59 -12.95 2.55 3.87
CA SER A 59 -12.18 3.32 2.92
C SER A 59 -12.86 3.34 1.55
N VAL A 60 -12.78 2.21 0.84
CA VAL A 60 -13.38 2.09 -0.48
C VAL A 60 -14.72 1.36 -0.40
N PRO A 61 -15.78 2.04 -0.87
CA PRO A 61 -17.14 1.47 -0.87
C PRO A 61 -17.28 0.33 -1.87
N LYS A 62 -16.86 0.58 -3.11
CA LYS A 62 -16.94 -0.42 -4.16
C LYS A 62 -15.77 -0.30 -5.13
N ILE A 63 -15.57 -1.34 -5.94
CA ILE A 63 -14.48 -1.35 -6.90
C ILE A 63 -15.00 -1.57 -8.31
N ASN A 64 -14.47 -0.81 -9.26
CA ASN A 64 -14.88 -0.92 -10.65
C ASN A 64 -14.69 -2.35 -11.17
N ARG A 65 -13.44 -2.80 -11.19
CA ARG A 65 -13.11 -4.13 -11.66
C ARG A 65 -13.67 -4.37 -13.06
N SER A 66 -13.87 -3.28 -13.81
CA SER A 66 -14.40 -3.38 -15.16
C SER A 66 -13.31 -3.09 -16.19
N MET A 67 -13.58 -3.44 -17.44
CA MET A 67 -12.63 -3.22 -18.52
C MET A 67 -12.48 -1.73 -18.83
N GLN A 68 -13.56 -0.98 -18.62
CA GLN A 68 -13.56 0.46 -18.87
C GLN A 68 -12.31 1.11 -18.29
N ASN A 69 -11.52 1.75 -19.14
CA ASN A 69 -10.31 2.42 -18.70
C ASN A 69 -10.60 3.43 -17.60
N TRP A 70 -11.48 4.37 -17.90
CA TRP A 70 -11.85 5.41 -16.93
C TRP A 70 -12.23 4.78 -15.60
N HIS A 71 -12.86 3.62 -15.65
CA HIS A 71 -13.29 2.91 -14.44
C HIS A 71 -12.07 2.48 -13.62
N GLN A 72 -11.08 1.93 -14.29
CA GLN A 72 -9.86 1.46 -13.62
C GLN A 72 -9.17 2.62 -12.89
N LEU A 73 -9.24 3.81 -13.49
CA LEU A 73 -8.61 4.98 -12.90
C LEU A 73 -9.29 5.35 -11.59
N GLU A 74 -10.60 5.56 -11.63
CA GLU A 74 -11.36 5.91 -10.43
C GLU A 74 -10.89 5.09 -9.23
N ASN A 75 -10.65 3.81 -9.45
CA ASN A 75 -10.19 2.92 -8.39
C ASN A 75 -9.02 3.53 -7.63
N LEU A 76 -7.93 3.79 -8.34
CA LEU A 76 -6.74 4.38 -7.74
C LEU A 76 -7.08 5.68 -7.01
N SER A 77 -7.76 6.57 -7.70
CA SER A 77 -8.15 7.86 -7.12
C SER A 77 -8.85 7.65 -5.77
N ASN A 78 -9.57 6.55 -5.65
CA ASN A 78 -10.29 6.24 -4.42
C ASN A 78 -9.32 5.77 -3.34
N PHE A 79 -8.50 4.77 -3.66
CA PHE A 79 -7.53 4.24 -2.72
C PHE A 79 -6.64 5.34 -2.16
N ILE A 80 -6.27 6.29 -3.03
CA ILE A 80 -5.42 7.39 -2.62
C ILE A 80 -6.10 8.24 -1.55
N LYS A 81 -7.18 8.92 -1.93
CA LYS A 81 -7.93 9.76 -1.01
C LYS A 81 -8.19 9.03 0.30
N ALA A 82 -8.25 7.70 0.24
CA ALA A 82 -8.49 6.88 1.42
C ALA A 82 -7.27 6.86 2.32
N MET A 83 -6.09 6.88 1.72
CA MET A 83 -4.84 6.86 2.47
C MET A 83 -4.69 8.12 3.32
N VAL A 84 -4.99 9.26 2.72
CA VAL A 84 -4.88 10.54 3.42
C VAL A 84 -5.59 10.48 4.78
N SER A 85 -6.78 9.88 4.80
CA SER A 85 -7.55 9.77 6.02
C SER A 85 -6.85 8.86 7.02
N TYR A 86 -6.18 7.83 6.51
CA TYR A 86 -5.46 6.88 7.36
C TYR A 86 -4.46 7.60 8.25
N GLY A 87 -3.74 8.56 7.67
CA GLY A 87 -2.75 9.30 8.42
C GLY A 87 -1.37 9.25 7.79
N MET A 88 -1.33 9.25 6.45
CA MET A 88 -0.07 9.20 5.73
C MET A 88 0.36 10.61 5.31
N ASN A 89 1.60 10.71 4.84
CA ASN A 89 2.14 12.00 4.40
C ASN A 89 1.57 12.40 3.04
N PRO A 90 1.59 13.70 2.75
CA PRO A 90 1.08 14.25 1.49
C PRO A 90 1.95 13.87 0.29
N VAL A 91 3.17 13.38 0.58
CA VAL A 91 4.10 12.98 -0.46
C VAL A 91 4.03 11.48 -0.71
N ASP A 92 3.99 10.71 0.37
CA ASP A 92 3.93 9.25 0.27
C ASP A 92 2.84 8.83 -0.72
N LEU A 93 1.91 9.74 -0.99
CA LEU A 93 0.82 9.45 -1.91
C LEU A 93 1.32 9.40 -3.35
N PHE A 94 0.56 8.74 -4.21
CA PHE A 94 0.92 8.62 -5.62
C PHE A 94 -0.25 8.99 -6.52
N GLU A 95 0.01 9.06 -7.83
CA GLU A 95 -1.02 9.41 -8.80
C GLU A 95 -1.56 8.15 -9.48
N ALA A 96 -2.84 8.18 -9.84
CA ALA A 96 -3.47 7.05 -10.50
C ALA A 96 -2.77 6.72 -11.80
N ASN A 97 -2.26 7.75 -12.48
CA ASN A 97 -1.57 7.56 -13.75
C ASN A 97 -0.24 6.85 -13.55
N ASP A 98 0.51 7.30 -12.55
CA ASP A 98 1.81 6.70 -12.24
C ASP A 98 1.75 5.18 -12.36
N LEU A 99 0.65 4.60 -11.91
CA LEU A 99 0.46 3.15 -11.97
C LEU A 99 -0.23 2.74 -13.27
N PHE A 100 -1.32 3.41 -13.59
CA PHE A 100 -2.07 3.13 -14.80
C PHE A 100 -1.14 3.05 -16.02
N GLU A 101 -0.48 4.16 -16.31
CA GLU A 101 0.44 4.22 -17.44
C GLU A 101 1.89 4.12 -16.97
N SER A 102 2.12 3.29 -15.95
CA SER A 102 3.46 3.11 -15.40
C SER A 102 4.21 4.44 -15.34
N GLY A 103 3.45 5.52 -15.26
CA GLY A 103 4.06 6.85 -15.18
C GLY A 103 5.05 6.96 -14.04
N ASN A 104 4.95 6.06 -13.09
CA ASN A 104 5.85 6.07 -11.93
C ASN A 104 5.60 4.85 -11.04
N MET A 105 6.60 3.98 -10.96
CA MET A 105 6.50 2.78 -10.14
C MET A 105 7.22 2.95 -8.81
N THR A 106 7.98 4.04 -8.70
CA THR A 106 8.73 4.33 -7.48
C THR A 106 7.85 5.06 -6.47
N GLN A 107 7.00 5.94 -6.95
CA GLN A 107 6.11 6.71 -6.09
C GLN A 107 5.04 5.80 -5.46
N VAL A 108 4.50 4.90 -6.26
CA VAL A 108 3.48 3.97 -5.79
C VAL A 108 4.07 2.94 -4.83
N GLN A 109 5.31 2.55 -5.09
CA GLN A 109 6.00 1.58 -4.25
C GLN A 109 6.18 2.11 -2.84
N VAL A 110 6.81 3.28 -2.72
CA VAL A 110 7.04 3.90 -1.42
C VAL A 110 5.74 4.14 -0.67
N SER A 111 4.64 4.24 -1.43
CA SER A 111 3.33 4.48 -0.85
C SER A 111 2.85 3.25 -0.08
N LEU A 112 3.20 2.08 -0.58
CA LEU A 112 2.80 0.83 0.06
C LEU A 112 3.76 0.47 1.20
N LEU A 113 5.06 0.65 0.96
CA LEU A 113 6.07 0.36 1.96
C LEU A 113 5.87 1.23 3.20
N ALA A 114 5.26 2.40 3.02
CA ALA A 114 5.01 3.32 4.12
C ALA A 114 3.68 3.02 4.79
N LEU A 115 2.67 2.70 3.99
CA LEU A 115 1.34 2.39 4.50
C LEU A 115 1.36 1.09 5.30
N ALA A 116 2.21 0.16 4.90
CA ALA A 116 2.32 -1.12 5.58
C ALA A 116 2.95 -0.95 6.95
N GLY A 117 4.03 -0.20 7.01
CA GLY A 117 4.71 0.02 8.28
C GLY A 117 3.78 0.56 9.36
N LYS A 118 2.62 1.07 8.93
CA LYS A 118 1.64 1.61 9.86
C LYS A 118 0.49 0.63 10.08
N ALA A 119 0.13 -0.08 9.01
CA ALA A 119 -0.96 -1.04 9.08
C ALA A 119 -0.51 -2.31 9.81
N LYS A 120 0.79 -2.52 9.90
CA LYS A 120 1.34 -3.68 10.58
C LYS A 120 0.85 -3.75 12.02
N THR A 121 0.45 -2.61 12.57
CA THR A 121 -0.03 -2.54 13.94
C THR A 121 -1.15 -3.54 14.17
N LYS A 122 -1.83 -3.93 13.09
CA LYS A 122 -2.93 -4.88 13.19
C LYS A 122 -2.45 -6.21 13.78
N GLY A 123 -1.33 -6.70 13.27
CA GLY A 123 -0.78 -7.96 13.77
C GLY A 123 0.72 -8.06 13.55
N LEU A 124 1.48 -7.31 14.34
CA LEU A 124 2.93 -7.33 14.24
C LEU A 124 3.56 -8.10 15.39
N GLN A 125 4.88 -8.28 15.33
CA GLN A 125 5.59 -9.00 16.38
C GLN A 125 5.23 -8.46 17.76
N SER A 126 5.00 -9.38 18.69
CA SER A 126 4.64 -8.99 20.06
C SER A 126 5.42 -7.76 20.50
N GLY A 127 4.79 -6.92 21.30
CA GLY A 127 5.42 -5.71 21.79
C GLY A 127 4.88 -5.26 23.13
N VAL A 128 3.96 -4.31 23.09
CA VAL A 128 3.35 -3.77 24.31
C VAL A 128 2.05 -4.50 24.64
N ASP A 129 1.79 -4.69 25.92
CA ASP A 129 0.56 -5.36 26.36
C ASP A 129 -0.61 -4.40 26.41
N ILE A 130 -1.58 -4.61 25.52
CA ILE A 130 -2.75 -3.75 25.46
C ILE A 130 -4.01 -4.51 25.88
N GLY A 131 -4.29 -5.60 25.18
CA GLY A 131 -5.46 -6.40 25.50
C GLY A 131 -6.01 -7.12 24.27
N VAL A 132 -5.50 -8.32 24.01
CA VAL A 132 -5.94 -9.10 22.87
C VAL A 132 -6.24 -10.55 23.27
N LYS A 133 -7.34 -11.09 22.76
CA LYS A 133 -7.73 -12.46 23.07
C LYS A 133 -6.74 -13.46 22.46
N TYR A 134 -6.64 -13.44 21.14
CA TYR A 134 -5.72 -14.34 20.43
C TYR A 134 -5.31 -13.75 19.08
N SER A 135 -4.04 -13.93 18.73
CA SER A 135 -3.52 -13.42 17.47
C SER A 135 -2.41 -14.31 16.94
N GLU A 136 -1.94 -14.01 15.73
CA GLU A 136 -0.87 -14.78 15.12
C GLU A 136 0.50 -14.21 15.46
N LYS A 137 1.56 -14.90 15.04
CA LYS A 137 2.92 -14.46 15.29
C LYS A 137 3.85 -14.88 14.16
N GLN A 138 4.53 -13.91 13.58
CA GLN A 138 5.46 -14.17 12.48
C GLN A 138 6.31 -12.94 12.18
N GLU A 139 7.57 -13.18 11.82
CA GLU A 139 8.49 -12.09 11.51
C GLU A 139 8.90 -11.34 12.77
N ARG A 140 9.26 -12.09 13.81
CA ARG A 140 9.67 -11.50 15.08
C ARG A 140 10.96 -10.71 14.91
N SER A 141 10.85 -9.39 15.01
CA SER A 141 12.01 -8.51 14.86
C SER A 141 12.18 -7.64 16.10
N GLY A 142 13.33 -6.95 16.18
CA GLY A 142 13.59 -6.08 17.30
C GLY A 142 14.24 -4.78 16.89
N PRO A 143 13.41 -3.78 16.55
CA PRO A 143 13.89 -2.46 16.13
C PRO A 143 14.52 -1.68 17.27
N SER A 144 14.58 -2.30 18.45
CA SER A 144 15.17 -1.66 19.62
C SER A 144 16.55 -1.10 19.31
N SER A 145 16.72 0.20 19.55
CA SER A 145 17.99 0.86 19.29
C SER A 145 18.26 1.96 20.31
N GLY A 146 19.49 2.03 20.80
CA GLY A 146 19.84 3.04 21.78
C GLY A 146 20.87 4.02 21.25
N GLY A 1 3.51 3.34 31.37
CA GLY A 1 3.94 4.32 30.40
C GLY A 1 3.47 4.01 29.00
N SER A 2 2.20 4.29 28.72
CA SER A 2 1.63 4.03 27.41
C SER A 2 2.12 5.06 26.38
N SER A 3 1.97 4.73 25.10
CA SER A 3 2.40 5.61 24.03
C SER A 3 1.79 5.18 22.70
N GLY A 4 2.03 5.98 21.66
CA GLY A 4 1.50 5.67 20.35
C GLY A 4 2.47 4.86 19.52
N SER A 5 2.26 4.86 18.21
CA SER A 5 3.11 4.11 17.29
C SER A 5 3.22 4.81 15.94
N SER A 6 4.44 4.93 15.43
CA SER A 6 4.67 5.58 14.15
C SER A 6 5.36 4.62 13.17
N GLY A 7 5.49 5.07 11.93
CA GLY A 7 6.13 4.25 10.91
C GLY A 7 7.62 4.50 10.81
N ASN A 8 8.10 4.71 9.59
CA ASN A 8 9.53 4.96 9.36
C ASN A 8 9.75 6.40 8.89
N ARG A 9 11.01 6.75 8.67
CA ARG A 9 11.37 8.08 8.22
C ARG A 9 10.74 8.38 6.86
N LEU A 10 10.54 9.66 6.57
CA LEU A 10 9.94 10.09 5.31
C LEU A 10 10.96 10.02 4.18
N LEU A 11 11.00 8.88 3.48
CA LEU A 11 11.92 8.68 2.38
C LEU A 11 11.35 7.72 1.35
N SER A 12 11.46 8.10 0.07
CA SER A 12 10.94 7.27 -1.01
C SER A 12 12.09 6.61 -1.78
N LYS A 13 12.06 5.27 -1.82
CA LYS A 13 13.09 4.52 -2.52
C LYS A 13 12.48 3.36 -3.30
N TYR A 14 13.32 2.64 -4.05
CA TYR A 14 12.86 1.52 -4.84
C TYR A 14 13.82 0.34 -4.71
N ASP A 15 13.39 -0.68 -3.97
CA ASP A 15 14.21 -1.87 -3.77
C ASP A 15 13.62 -3.08 -4.50
N PRO A 16 14.49 -3.87 -5.13
CA PRO A 16 14.08 -5.07 -5.89
C PRO A 16 13.57 -6.17 -4.98
N GLN A 17 13.89 -6.09 -3.69
CA GLN A 17 13.46 -7.08 -2.72
C GLN A 17 12.19 -6.63 -2.00
N LYS A 18 12.17 -5.36 -1.58
CA LYS A 18 11.01 -4.81 -0.89
C LYS A 18 9.74 -5.04 -1.68
N GLU A 19 9.81 -4.82 -2.99
CA GLU A 19 8.65 -5.02 -3.86
C GLU A 19 7.92 -6.32 -3.53
N ALA A 20 8.69 -7.38 -3.35
CA ALA A 20 8.13 -8.69 -3.02
C ALA A 20 7.45 -8.66 -1.65
N GLU A 21 8.03 -7.91 -0.73
CA GLU A 21 7.48 -7.81 0.62
C GLU A 21 6.07 -7.22 0.59
N LEU A 22 5.85 -6.26 -0.31
CA LEU A 22 4.54 -5.63 -0.43
C LEU A 22 3.50 -6.62 -0.93
N ARG A 23 3.67 -7.08 -2.17
CA ARG A 23 2.74 -8.03 -2.77
C ARG A 23 2.47 -9.18 -1.82
N THR A 24 3.51 -9.62 -1.11
CA THR A 24 3.38 -10.72 -0.16
C THR A 24 2.58 -10.30 1.08
N TRP A 25 2.65 -9.03 1.41
CA TRP A 25 1.94 -8.49 2.57
C TRP A 25 0.52 -8.10 2.19
N ILE A 26 0.31 -7.79 0.92
CA ILE A 26 -1.01 -7.39 0.43
C ILE A 26 -1.83 -8.61 0.02
N GLU A 27 -1.18 -9.55 -0.67
CA GLU A 27 -1.86 -10.76 -1.13
C GLU A 27 -2.46 -11.52 0.06
N GLY A 28 -1.76 -11.51 1.18
CA GLY A 28 -2.23 -12.20 2.37
C GLY A 28 -3.36 -11.45 3.05
N LEU A 29 -3.32 -10.12 2.97
CA LEU A 29 -4.35 -9.29 3.60
C LEU A 29 -5.70 -9.50 2.93
N THR A 30 -5.78 -9.14 1.65
CA THR A 30 -7.02 -9.28 0.90
C THR A 30 -7.25 -10.73 0.48
N GLY A 31 -6.15 -11.46 0.26
CA GLY A 31 -6.24 -12.84 -0.14
C GLY A 31 -6.44 -13.00 -1.63
N LEU A 32 -6.14 -11.94 -2.38
CA LEU A 32 -6.30 -11.96 -3.84
C LEU A 32 -4.95 -12.21 -4.52
N SER A 33 -4.96 -12.18 -5.85
CA SER A 33 -3.74 -12.41 -6.62
C SER A 33 -3.47 -11.23 -7.55
N ILE A 34 -2.24 -10.73 -7.52
CA ILE A 34 -1.84 -9.61 -8.36
C ILE A 34 -1.60 -10.05 -9.81
N GLY A 35 -0.95 -11.21 -9.96
CA GLY A 35 -0.67 -11.73 -11.28
C GLY A 35 0.80 -11.79 -11.58
N PRO A 36 1.16 -12.18 -12.82
CA PRO A 36 2.55 -12.28 -13.25
C PRO A 36 3.21 -10.91 -13.39
N ASP A 37 2.45 -9.86 -13.12
CA ASP A 37 2.98 -8.50 -13.21
C ASP A 37 2.42 -7.63 -12.09
N PHE A 38 3.29 -6.82 -11.49
CA PHE A 38 2.88 -5.93 -10.40
C PHE A 38 2.17 -4.70 -10.94
N GLN A 39 2.88 -3.90 -11.72
CA GLN A 39 2.31 -2.68 -12.29
C GLN A 39 0.90 -2.95 -12.83
N LYS A 40 0.75 -4.03 -13.57
CA LYS A 40 -0.55 -4.40 -14.14
C LYS A 40 -1.50 -4.91 -13.05
N GLY A 41 -1.17 -6.06 -12.48
CA GLY A 41 -2.00 -6.63 -11.43
C GLY A 41 -2.64 -5.56 -10.57
N LEU A 42 -1.93 -4.47 -10.34
CA LEU A 42 -2.45 -3.37 -9.53
C LEU A 42 -3.08 -2.30 -10.39
N LYS A 43 -2.48 -2.04 -11.55
CA LYS A 43 -2.99 -1.05 -12.47
C LYS A 43 -4.51 -1.01 -12.45
N ASP A 44 -5.14 -2.07 -12.95
CA ASP A 44 -6.59 -2.16 -12.98
C ASP A 44 -7.20 -1.50 -11.76
N GLY A 45 -6.58 -1.71 -10.60
CA GLY A 45 -7.08 -1.12 -9.37
C GLY A 45 -8.11 -2.00 -8.69
N THR A 46 -7.89 -3.31 -8.73
CA THR A 46 -8.80 -4.26 -8.11
C THR A 46 -8.39 -4.57 -6.68
N ILE A 47 -7.16 -5.03 -6.50
CA ILE A 47 -6.65 -5.35 -5.18
C ILE A 47 -6.33 -4.09 -4.38
N LEU A 48 -5.47 -3.25 -4.95
CA LEU A 48 -5.08 -2.01 -4.28
C LEU A 48 -6.25 -1.43 -3.49
N CYS A 49 -7.46 -1.60 -4.00
CA CYS A 49 -8.65 -1.10 -3.32
C CYS A 49 -8.97 -1.95 -2.09
N THR A 50 -9.20 -3.23 -2.30
CA THR A 50 -9.52 -4.15 -1.21
C THR A 50 -8.50 -4.04 -0.09
N LEU A 51 -7.21 -4.00 -0.46
CA LEU A 51 -6.14 -3.89 0.53
C LEU A 51 -6.51 -2.89 1.63
N MET A 52 -6.91 -1.69 1.22
CA MET A 52 -7.29 -0.66 2.16
C MET A 52 -8.48 -1.10 3.02
N ASN A 53 -9.57 -1.48 2.36
CA ASN A 53 -10.76 -1.92 3.07
C ASN A 53 -10.40 -2.79 4.26
N LYS A 54 -9.40 -3.64 4.09
CA LYS A 54 -8.94 -4.53 5.15
C LYS A 54 -8.42 -3.73 6.34
N LEU A 55 -7.62 -2.72 6.06
CA LEU A 55 -7.05 -1.88 7.11
C LEU A 55 -8.11 -0.94 7.69
N GLN A 56 -8.81 -0.23 6.81
CA GLN A 56 -9.86 0.69 7.23
C GLN A 56 -11.22 0.22 6.77
N PRO A 57 -12.16 0.07 7.72
CA PRO A 57 -13.53 -0.38 7.44
C PRO A 57 -14.33 0.67 6.68
N GLY A 58 -13.68 1.77 6.32
CA GLY A 58 -14.35 2.83 5.60
C GLY A 58 -13.41 3.62 4.72
N SER A 59 -12.74 2.93 3.79
CA SER A 59 -11.81 3.58 2.88
C SER A 59 -12.36 3.62 1.46
N VAL A 60 -12.52 2.45 0.86
CA VAL A 60 -13.04 2.35 -0.49
C VAL A 60 -14.52 1.98 -0.49
N PRO A 61 -15.33 2.81 -1.15
CA PRO A 61 -16.79 2.59 -1.24
C PRO A 61 -17.14 1.40 -2.11
N LYS A 62 -16.59 1.37 -3.33
CA LYS A 62 -16.85 0.28 -4.26
C LYS A 62 -15.70 0.14 -5.26
N ILE A 63 -15.49 -1.08 -5.73
CA ILE A 63 -14.43 -1.35 -6.69
C ILE A 63 -15.00 -1.62 -8.08
N ASN A 64 -14.43 -0.96 -9.09
CA ASN A 64 -14.88 -1.13 -10.46
C ASN A 64 -14.19 -2.33 -11.12
N ARG A 65 -14.92 -3.43 -11.22
CA ARG A 65 -14.39 -4.65 -11.82
C ARG A 65 -14.60 -4.64 -13.34
N SER A 66 -14.26 -3.53 -13.97
CA SER A 66 -14.42 -3.39 -15.41
C SER A 66 -13.05 -3.25 -16.09
N MET A 67 -13.01 -3.59 -17.38
CA MET A 67 -11.77 -3.50 -18.14
C MET A 67 -11.70 -2.19 -18.90
N GLN A 68 -12.20 -1.12 -18.28
CA GLN A 68 -12.19 0.20 -18.90
C GLN A 68 -11.17 1.11 -18.24
N ASN A 69 -10.73 2.13 -18.96
CA ASN A 69 -9.75 3.07 -18.44
C ASN A 69 -10.31 3.84 -17.26
N TRP A 70 -11.22 4.78 -17.54
CA TRP A 70 -11.84 5.59 -16.50
C TRP A 70 -12.13 4.74 -15.26
N HIS A 71 -12.77 3.60 -15.47
CA HIS A 71 -13.10 2.70 -14.36
C HIS A 71 -11.86 2.33 -13.57
N GLN A 72 -10.86 1.79 -14.26
CA GLN A 72 -9.62 1.39 -13.62
C GLN A 72 -9.01 2.54 -12.82
N LEU A 73 -9.09 3.74 -13.37
CA LEU A 73 -8.56 4.92 -12.71
C LEU A 73 -9.27 5.18 -11.38
N GLU A 74 -10.59 5.25 -11.43
CA GLU A 74 -11.38 5.48 -10.22
C GLU A 74 -10.84 4.68 -9.05
N ASN A 75 -10.55 3.40 -9.29
CA ASN A 75 -10.02 2.52 -8.27
C ASN A 75 -8.89 3.20 -7.50
N LEU A 76 -7.84 3.57 -8.22
CA LEU A 76 -6.68 4.23 -7.61
C LEU A 76 -7.09 5.56 -6.98
N SER A 77 -7.76 6.40 -7.76
CA SER A 77 -8.21 7.70 -7.28
C SER A 77 -8.89 7.58 -5.92
N ASN A 78 -9.66 6.52 -5.75
CA ASN A 78 -10.38 6.28 -4.50
C ASN A 78 -9.41 5.84 -3.40
N PHE A 79 -8.62 4.81 -3.70
CA PHE A 79 -7.65 4.30 -2.75
C PHE A 79 -6.76 5.41 -2.21
N ILE A 80 -6.22 6.21 -3.11
CA ILE A 80 -5.35 7.32 -2.73
C ILE A 80 -5.99 8.17 -1.63
N LYS A 81 -7.10 8.80 -1.96
CA LYS A 81 -7.82 9.64 -1.00
C LYS A 81 -7.95 8.94 0.35
N ALA A 82 -8.12 7.62 0.31
CA ALA A 82 -8.25 6.83 1.53
C ALA A 82 -6.95 6.84 2.33
N MET A 83 -5.83 6.85 1.62
CA MET A 83 -4.52 6.86 2.28
C MET A 83 -4.34 8.13 3.11
N VAL A 84 -4.72 9.26 2.54
CA VAL A 84 -4.60 10.54 3.23
C VAL A 84 -5.29 10.51 4.59
N SER A 85 -6.48 9.91 4.63
CA SER A 85 -7.24 9.81 5.86
C SER A 85 -6.56 8.86 6.85
N TYR A 86 -6.01 7.77 6.32
CA TYR A 86 -5.32 6.78 7.14
C TYR A 86 -4.31 7.44 8.06
N GLY A 87 -3.46 8.28 7.47
CA GLY A 87 -2.44 8.97 8.25
C GLY A 87 -1.09 9.00 7.55
N MET A 88 -1.12 9.14 6.23
CA MET A 88 0.11 9.18 5.44
C MET A 88 0.54 10.62 5.17
N ASN A 89 1.63 10.78 4.43
CA ASN A 89 2.14 12.10 4.10
C ASN A 89 1.68 12.54 2.72
N PRO A 90 1.73 13.85 2.47
CA PRO A 90 1.32 14.43 1.18
C PRO A 90 2.29 14.08 0.05
N VAL A 91 3.41 13.46 0.41
CA VAL A 91 4.42 13.07 -0.56
C VAL A 91 4.51 11.55 -0.68
N ASP A 92 4.04 10.86 0.34
CA ASP A 92 4.07 9.40 0.36
C ASP A 92 2.90 8.82 -0.41
N LEU A 93 2.27 9.66 -1.25
CA LEU A 93 1.14 9.23 -2.06
C LEU A 93 1.56 9.01 -3.51
N PHE A 94 0.61 8.56 -4.32
CA PHE A 94 0.87 8.31 -5.74
C PHE A 94 -0.36 8.61 -6.58
N GLU A 95 -0.13 9.17 -7.77
CA GLU A 95 -1.22 9.51 -8.67
C GLU A 95 -1.76 8.27 -9.38
N ALA A 96 -2.97 8.37 -9.91
CA ALA A 96 -3.60 7.26 -10.61
C ALA A 96 -2.82 6.90 -11.88
N ASN A 97 -2.37 7.92 -12.59
CA ASN A 97 -1.62 7.70 -13.82
C ASN A 97 -0.29 7.00 -13.54
N ASP A 98 0.36 7.41 -12.47
CA ASP A 98 1.64 6.82 -12.08
C ASP A 98 1.63 5.31 -12.31
N LEU A 99 0.54 4.66 -11.91
CA LEU A 99 0.40 3.21 -12.08
C LEU A 99 -0.26 2.88 -13.41
N PHE A 100 -1.36 3.56 -13.70
CA PHE A 100 -2.09 3.33 -14.95
C PHE A 100 -1.15 3.40 -16.15
N GLU A 101 -0.56 4.56 -16.36
CA GLU A 101 0.36 4.76 -17.49
C GLU A 101 1.81 4.60 -17.02
N SER A 102 2.03 3.72 -16.06
CA SER A 102 3.36 3.48 -15.52
C SER A 102 4.13 4.79 -15.40
N GLY A 103 3.40 5.89 -15.25
CA GLY A 103 4.03 7.19 -15.12
C GLY A 103 4.97 7.26 -13.92
N ASN A 104 4.83 6.30 -13.02
CA ASN A 104 5.67 6.25 -11.82
C ASN A 104 5.43 4.96 -11.04
N MET A 105 6.45 4.10 -11.00
CA MET A 105 6.36 2.84 -10.29
C MET A 105 7.06 2.93 -8.94
N THR A 106 7.80 4.01 -8.73
CA THR A 106 8.52 4.21 -7.48
C THR A 106 7.62 4.85 -6.42
N GLN A 107 6.83 5.83 -6.84
CA GLN A 107 5.94 6.52 -5.93
C GLN A 107 4.85 5.58 -5.40
N VAL A 108 4.43 4.64 -6.24
CA VAL A 108 3.41 3.67 -5.87
C VAL A 108 3.98 2.59 -4.96
N GLN A 109 5.25 2.26 -5.17
CA GLN A 109 5.90 1.24 -4.37
C GLN A 109 6.12 1.73 -2.94
N VAL A 110 6.79 2.87 -2.80
CA VAL A 110 7.05 3.44 -1.49
C VAL A 110 5.76 3.69 -0.72
N SER A 111 4.72 4.11 -1.43
CA SER A 111 3.43 4.38 -0.81
C SER A 111 2.97 3.19 0.01
N LEU A 112 3.04 2.00 -0.58
CA LEU A 112 2.62 0.78 0.09
C LEU A 112 3.57 0.44 1.24
N LEU A 113 4.87 0.61 1.00
CA LEU A 113 5.88 0.32 2.00
C LEU A 113 5.72 1.24 3.21
N ALA A 114 5.16 2.42 2.97
CA ALA A 114 4.96 3.39 4.04
C ALA A 114 3.63 3.14 4.76
N LEU A 115 2.61 2.76 3.99
CA LEU A 115 1.29 2.49 4.56
C LEU A 115 1.31 1.23 5.41
N ALA A 116 2.07 0.24 4.97
CA ALA A 116 2.18 -1.02 5.70
C ALA A 116 2.80 -0.81 7.08
N GLY A 117 3.81 0.05 7.13
CA GLY A 117 4.47 0.33 8.40
C GLY A 117 3.50 0.76 9.48
N LYS A 118 2.52 1.59 9.10
CA LYS A 118 1.53 2.07 10.05
C LYS A 118 0.54 0.97 10.42
N ALA A 119 0.10 0.21 9.42
CA ALA A 119 -0.84 -0.88 9.65
C ALA A 119 -0.29 -1.87 10.67
N LYS A 120 1.01 -2.11 10.61
CA LYS A 120 1.65 -3.04 11.54
C LYS A 120 1.17 -2.81 12.97
N THR A 121 0.99 -1.55 13.33
CA THR A 121 0.53 -1.19 14.66
C THR A 121 -0.50 -2.19 15.17
N LYS A 122 -1.37 -2.66 14.28
CA LYS A 122 -2.40 -3.62 14.64
C LYS A 122 -1.83 -4.70 15.56
N GLY A 123 -0.71 -5.29 15.15
CA GLY A 123 -0.10 -6.33 15.95
C GLY A 123 1.36 -6.53 15.62
N LEU A 124 2.21 -5.62 16.09
CA LEU A 124 3.64 -5.70 15.83
C LEU A 124 4.41 -6.04 17.10
N GLN A 125 5.73 -6.13 16.99
CA GLN A 125 6.57 -6.44 18.13
C GLN A 125 7.50 -5.26 18.47
N SER A 126 7.16 -4.55 19.53
CA SER A 126 7.94 -3.39 19.95
C SER A 126 9.44 -3.68 19.81
N GLY A 127 10.15 -2.74 19.19
CA GLY A 127 11.58 -2.91 18.99
C GLY A 127 12.35 -1.62 19.19
N VAL A 128 13.11 -1.21 18.18
CA VAL A 128 13.89 0.01 18.25
C VAL A 128 13.07 1.16 18.82
N ASP A 129 13.74 2.10 19.47
CA ASP A 129 13.07 3.25 20.06
C ASP A 129 12.38 4.10 18.99
N ILE A 130 11.65 5.11 19.43
CA ILE A 130 10.93 5.98 18.51
C ILE A 130 11.85 7.08 17.97
N GLY A 131 12.52 7.78 18.87
CA GLY A 131 13.41 8.85 18.47
C GLY A 131 12.73 9.91 17.64
N VAL A 132 12.31 10.99 18.29
CA VAL A 132 11.63 12.07 17.59
C VAL A 132 11.89 13.41 18.28
N LYS A 133 11.95 14.48 17.49
CA LYS A 133 12.20 15.81 18.01
C LYS A 133 10.96 16.69 17.89
N TYR A 134 10.21 16.50 16.80
CA TYR A 134 9.00 17.27 16.56
C TYR A 134 8.16 16.63 15.46
N SER A 135 6.88 16.97 15.44
CA SER A 135 5.96 16.43 14.44
C SER A 135 4.75 17.34 14.27
N GLU A 136 4.71 18.07 13.16
CA GLU A 136 3.61 18.98 12.88
C GLU A 136 2.49 18.25 12.13
N LYS A 137 1.26 18.75 12.30
CA LYS A 137 0.11 18.15 11.65
C LYS A 137 -0.80 19.23 11.06
N GLN A 138 -0.95 19.22 9.74
CA GLN A 138 -1.79 20.19 9.06
C GLN A 138 -2.38 19.60 7.77
N GLU A 139 -3.69 19.45 7.76
CA GLU A 139 -4.38 18.90 6.59
C GLU A 139 -5.89 19.06 6.72
N ARG A 140 -6.55 19.38 5.61
CA ARG A 140 -7.99 19.56 5.60
C ARG A 140 -8.63 18.85 4.41
N SER A 141 -9.71 18.12 4.67
CA SER A 141 -10.40 17.39 3.62
C SER A 141 -11.71 16.81 4.14
N GLY A 142 -12.82 17.29 3.60
CA GLY A 142 -14.12 16.80 4.03
C GLY A 142 -15.00 16.40 2.85
N PRO A 143 -14.57 15.37 2.11
CA PRO A 143 -15.31 14.87 0.95
C PRO A 143 -16.61 14.17 1.34
N SER A 144 -17.57 14.16 0.43
CA SER A 144 -18.86 13.53 0.68
C SER A 144 -18.67 12.11 1.24
N SER A 145 -19.47 11.78 2.25
CA SER A 145 -19.40 10.47 2.88
C SER A 145 -19.97 9.40 1.96
N GLY A 146 -19.32 8.23 1.94
CA GLY A 146 -19.78 7.14 1.10
C GLY A 146 -18.84 5.95 1.13
N GLY A 1 -6.75 3.05 20.48
CA GLY A 1 -7.14 4.45 20.52
C GLY A 1 -5.98 5.38 20.21
N SER A 2 -4.84 5.11 20.82
CA SER A 2 -3.65 5.94 20.61
C SER A 2 -3.39 6.14 19.12
N SER A 3 -2.58 7.15 18.80
CA SER A 3 -2.24 7.44 17.40
C SER A 3 -0.86 6.89 17.05
N GLY A 4 0.13 7.22 17.87
CA GLY A 4 1.48 6.76 17.62
C GLY A 4 2.35 7.81 16.98
N SER A 5 3.56 7.42 16.57
CA SER A 5 4.49 8.34 15.95
C SER A 5 5.16 7.71 14.73
N SER A 6 5.57 8.55 13.79
CA SER A 6 6.21 8.07 12.57
C SER A 6 7.32 7.07 12.90
N GLY A 7 7.62 6.21 11.94
CA GLY A 7 8.67 5.21 12.14
C GLY A 7 9.86 5.42 11.21
N ASN A 8 11.04 5.06 11.70
CA ASN A 8 12.26 5.21 10.91
C ASN A 8 12.09 4.61 9.52
N ARG A 9 12.06 5.47 8.51
CA ARG A 9 11.91 5.02 7.13
C ARG A 9 13.26 4.77 6.48
N LEU A 10 13.24 4.23 5.27
CA LEU A 10 14.47 3.94 4.53
C LEU A 10 14.60 4.82 3.30
N LEU A 11 15.71 5.55 3.22
CA LEU A 11 15.96 6.44 2.09
C LEU A 11 16.05 5.65 0.79
N SER A 12 14.90 5.30 0.23
CA SER A 12 14.85 4.55 -1.02
C SER A 12 13.52 4.77 -1.75
N LYS A 13 13.58 4.84 -3.07
CA LYS A 13 12.39 5.05 -3.87
C LYS A 13 11.99 3.77 -4.60
N TYR A 14 12.80 2.73 -4.45
CA TYR A 14 12.54 1.44 -5.08
C TYR A 14 13.46 0.37 -4.53
N ASP A 15 13.08 -0.90 -4.75
CA ASP A 15 13.89 -2.02 -4.28
C ASP A 15 13.32 -3.34 -4.80
N PRO A 16 14.19 -4.15 -5.43
CA PRO A 16 13.80 -5.45 -5.99
C PRO A 16 13.47 -6.47 -4.90
N GLN A 17 14.01 -6.25 -3.71
CA GLN A 17 13.77 -7.15 -2.59
C GLN A 17 12.52 -6.75 -1.82
N LYS A 18 12.34 -5.45 -1.64
CA LYS A 18 11.17 -4.92 -0.92
C LYS A 18 9.89 -5.22 -1.69
N GLU A 19 9.90 -4.93 -2.98
CA GLU A 19 8.73 -5.17 -3.83
C GLU A 19 8.02 -6.46 -3.43
N ALA A 20 8.80 -7.52 -3.23
CA ALA A 20 8.25 -8.81 -2.86
C ALA A 20 7.55 -8.73 -1.50
N GLU A 21 8.16 -8.00 -0.57
CA GLU A 21 7.60 -7.85 0.76
C GLU A 21 6.18 -7.29 0.70
N LEU A 22 5.97 -6.32 -0.18
CA LEU A 22 4.66 -5.70 -0.34
C LEU A 22 3.63 -6.72 -0.82
N ARG A 23 3.80 -7.17 -2.06
CA ARG A 23 2.88 -8.15 -2.62
C ARG A 23 2.58 -9.27 -1.63
N THR A 24 3.61 -9.68 -0.90
CA THR A 24 3.46 -10.75 0.09
C THR A 24 2.65 -10.27 1.29
N TRP A 25 2.77 -8.98 1.60
CA TRP A 25 2.05 -8.41 2.74
C TRP A 25 0.63 -8.05 2.35
N ILE A 26 0.40 -7.82 1.06
CA ILE A 26 -0.92 -7.47 0.56
C ILE A 26 -1.71 -8.71 0.17
N GLU A 27 -1.12 -9.54 -0.69
CA GLU A 27 -1.76 -10.77 -1.14
C GLU A 27 -2.45 -11.48 0.02
N GLY A 28 -1.76 -11.53 1.17
CA GLY A 28 -2.33 -12.18 2.34
C GLY A 28 -3.43 -11.38 2.97
N LEU A 29 -3.27 -10.06 3.01
CA LEU A 29 -4.27 -9.17 3.59
C LEU A 29 -5.62 -9.35 2.91
N THR A 30 -5.65 -9.13 1.60
CA THR A 30 -6.88 -9.27 0.83
C THR A 30 -7.12 -10.72 0.43
N GLY A 31 -6.03 -11.47 0.23
CA GLY A 31 -6.14 -12.86 -0.15
C GLY A 31 -6.32 -13.03 -1.65
N LEU A 32 -6.07 -11.96 -2.40
CA LEU A 32 -6.21 -12.00 -3.85
C LEU A 32 -4.86 -12.23 -4.53
N SER A 33 -4.85 -12.20 -5.86
CA SER A 33 -3.62 -12.40 -6.61
C SER A 33 -3.35 -11.22 -7.53
N ILE A 34 -2.10 -10.77 -7.54
CA ILE A 34 -1.69 -9.64 -8.37
C ILE A 34 -1.44 -10.07 -9.81
N GLY A 35 -0.87 -11.25 -9.97
CA GLY A 35 -0.59 -11.77 -11.31
C GLY A 35 0.89 -11.80 -11.63
N PRO A 36 1.23 -12.12 -12.89
CA PRO A 36 2.62 -12.19 -13.34
C PRO A 36 3.28 -10.82 -13.41
N ASP A 37 2.51 -9.78 -13.08
CA ASP A 37 3.01 -8.41 -13.10
C ASP A 37 2.39 -7.58 -11.98
N PHE A 38 3.17 -6.66 -11.44
CA PHE A 38 2.71 -5.79 -10.36
C PHE A 38 2.00 -4.56 -10.92
N GLN A 39 2.73 -3.75 -11.67
CA GLN A 39 2.18 -2.54 -12.26
C GLN A 39 0.81 -2.81 -12.86
N LYS A 40 0.69 -3.93 -13.58
CA LYS A 40 -0.58 -4.30 -14.20
C LYS A 40 -1.58 -4.80 -13.17
N GLY A 41 -1.27 -5.95 -12.57
CA GLY A 41 -2.15 -6.52 -11.57
C GLY A 41 -2.82 -5.46 -10.72
N LEU A 42 -2.11 -4.38 -10.45
CA LEU A 42 -2.64 -3.28 -9.64
C LEU A 42 -3.21 -2.19 -10.53
N LYS A 43 -2.62 -1.99 -11.70
CA LYS A 43 -3.07 -0.98 -12.64
C LYS A 43 -4.59 -0.84 -12.58
N ASP A 44 -5.30 -1.83 -13.12
CA ASP A 44 -6.75 -1.81 -13.12
C ASP A 44 -7.30 -1.24 -11.82
N GLY A 45 -6.61 -1.53 -10.72
CA GLY A 45 -7.04 -1.04 -9.42
C GLY A 45 -8.12 -1.91 -8.80
N THR A 46 -7.89 -3.22 -8.82
CA THR A 46 -8.85 -4.16 -8.26
C THR A 46 -8.46 -4.56 -6.84
N ILE A 47 -7.19 -4.93 -6.65
CA ILE A 47 -6.69 -5.33 -5.35
C ILE A 47 -6.40 -4.11 -4.47
N LEU A 48 -5.57 -3.21 -4.99
CA LEU A 48 -5.21 -2.00 -4.25
C LEU A 48 -6.38 -1.51 -3.39
N CYS A 49 -7.58 -1.62 -3.93
CA CYS A 49 -8.79 -1.21 -3.20
C CYS A 49 -9.01 -2.07 -1.97
N THR A 50 -9.22 -3.37 -2.20
CA THR A 50 -9.45 -4.31 -1.11
C THR A 50 -8.39 -4.15 -0.01
N LEU A 51 -7.14 -4.11 -0.42
CA LEU A 51 -6.03 -3.97 0.53
C LEU A 51 -6.36 -2.92 1.59
N MET A 52 -6.82 -1.76 1.13
CA MET A 52 -7.17 -0.68 2.05
C MET A 52 -8.37 -1.06 2.91
N ASN A 53 -9.45 -1.48 2.27
CA ASN A 53 -10.66 -1.88 2.99
C ASN A 53 -10.32 -2.78 4.17
N LYS A 54 -9.22 -3.51 4.06
CA LYS A 54 -8.77 -4.41 5.12
C LYS A 54 -8.12 -3.64 6.25
N LEU A 55 -7.27 -2.67 5.89
CA LEU A 55 -6.59 -1.86 6.89
C LEU A 55 -7.56 -0.92 7.60
N GLN A 56 -8.25 -0.10 6.82
CA GLN A 56 -9.22 0.84 7.38
C GLN A 56 -10.65 0.35 7.14
N PRO A 57 -11.44 0.28 8.23
CA PRO A 57 -12.83 -0.16 8.17
C PRO A 57 -13.74 0.85 7.46
N GLY A 58 -13.80 0.74 6.14
CA GLY A 58 -14.63 1.65 5.37
C GLY A 58 -13.82 2.69 4.63
N SER A 59 -12.85 2.24 3.85
CA SER A 59 -11.99 3.14 3.09
C SER A 59 -12.51 3.31 1.66
N VAL A 60 -12.50 2.22 0.91
CA VAL A 60 -12.96 2.25 -0.47
C VAL A 60 -14.46 2.00 -0.56
N PRO A 61 -15.18 2.86 -1.29
CA PRO A 61 -16.63 2.75 -1.46
C PRO A 61 -17.02 1.56 -2.31
N LYS A 62 -16.38 1.42 -3.47
CA LYS A 62 -16.66 0.32 -4.38
C LYS A 62 -15.48 0.09 -5.32
N ILE A 63 -15.48 -1.08 -5.97
CA ILE A 63 -14.41 -1.42 -6.90
C ILE A 63 -14.96 -1.75 -8.29
N ASN A 64 -14.39 -1.13 -9.31
CA ASN A 64 -14.84 -1.36 -10.68
C ASN A 64 -14.11 -2.55 -11.30
N ARG A 65 -14.81 -3.67 -11.40
CA ARG A 65 -14.23 -4.88 -11.98
C ARG A 65 -14.45 -4.93 -13.48
N SER A 66 -14.25 -3.80 -14.14
CA SER A 66 -14.43 -3.71 -15.59
C SER A 66 -13.12 -3.37 -16.28
N MET A 67 -13.16 -3.29 -17.61
CA MET A 67 -11.99 -2.97 -18.40
C MET A 67 -11.90 -1.46 -18.67
N GLN A 68 -13.06 -0.82 -18.74
CA GLN A 68 -13.11 0.61 -18.99
C GLN A 68 -12.00 1.35 -18.25
N ASN A 69 -11.32 2.26 -18.94
CA ASN A 69 -10.24 3.03 -18.34
C ASN A 69 -10.73 3.82 -17.13
N TRP A 70 -11.68 4.71 -17.37
CA TRP A 70 -12.24 5.54 -16.31
C TRP A 70 -12.57 4.69 -15.08
N HIS A 71 -12.98 3.45 -15.32
CA HIS A 71 -13.33 2.53 -14.23
C HIS A 71 -12.08 2.12 -13.45
N GLN A 72 -11.02 1.78 -14.18
CA GLN A 72 -9.77 1.35 -13.56
C GLN A 72 -9.12 2.50 -12.81
N LEU A 73 -9.13 3.68 -13.42
CA LEU A 73 -8.54 4.87 -12.81
C LEU A 73 -9.23 5.19 -11.49
N GLU A 74 -10.55 5.32 -11.53
CA GLU A 74 -11.32 5.63 -10.33
C GLU A 74 -10.81 4.83 -9.13
N ASN A 75 -10.59 3.54 -9.33
CA ASN A 75 -10.10 2.67 -8.27
C ASN A 75 -8.96 3.33 -7.52
N LEU A 76 -7.88 3.64 -8.24
CA LEU A 76 -6.70 4.26 -7.65
C LEU A 76 -7.08 5.58 -6.98
N SER A 77 -7.80 6.42 -7.72
CA SER A 77 -8.22 7.73 -7.20
C SER A 77 -8.90 7.58 -5.84
N ASN A 78 -9.68 6.52 -5.69
CA ASN A 78 -10.39 6.26 -4.44
C ASN A 78 -9.42 5.80 -3.36
N PHE A 79 -8.60 4.80 -3.68
CA PHE A 79 -7.63 4.27 -2.74
C PHE A 79 -6.73 5.37 -2.20
N ILE A 80 -6.13 6.14 -3.11
CA ILE A 80 -5.24 7.23 -2.73
C ILE A 80 -5.87 8.09 -1.63
N LYS A 81 -7.01 8.70 -1.95
CA LYS A 81 -7.72 9.55 -0.99
C LYS A 81 -7.87 8.84 0.35
N ALA A 82 -8.13 7.54 0.30
CA ALA A 82 -8.29 6.75 1.52
C ALA A 82 -7.01 6.78 2.36
N MET A 83 -5.86 6.68 1.71
CA MET A 83 -4.59 6.69 2.40
C MET A 83 -4.44 7.96 3.23
N VAL A 84 -4.73 9.10 2.63
CA VAL A 84 -4.63 10.38 3.31
C VAL A 84 -5.41 10.37 4.62
N SER A 85 -6.56 9.69 4.61
CA SER A 85 -7.40 9.61 5.79
C SER A 85 -6.75 8.73 6.86
N TYR A 86 -6.14 7.64 6.43
CA TYR A 86 -5.48 6.71 7.34
C TYR A 86 -4.47 7.44 8.23
N GLY A 87 -3.64 8.26 7.60
CA GLY A 87 -2.64 9.01 8.35
C GLY A 87 -1.31 9.08 7.63
N MET A 88 -1.37 9.09 6.30
CA MET A 88 -0.15 9.16 5.50
C MET A 88 0.19 10.61 5.12
N ASN A 89 1.43 10.84 4.76
CA ASN A 89 1.88 12.18 4.38
C ASN A 89 1.54 12.48 2.93
N PRO A 90 1.54 13.78 2.57
CA PRO A 90 1.24 14.22 1.21
C PRO A 90 2.34 13.85 0.22
N VAL A 91 3.48 13.39 0.74
CA VAL A 91 4.60 13.01 -0.08
C VAL A 91 4.70 11.49 -0.20
N ASP A 92 3.93 10.79 0.61
CA ASP A 92 3.93 9.33 0.61
C ASP A 92 2.79 8.79 -0.25
N LEU A 93 2.29 9.62 -1.16
CA LEU A 93 1.20 9.22 -2.03
C LEU A 93 1.67 9.09 -3.47
N PHE A 94 0.76 8.71 -4.36
CA PHE A 94 1.08 8.53 -5.77
C PHE A 94 -0.10 8.91 -6.65
N GLU A 95 0.20 9.25 -7.91
CA GLU A 95 -0.85 9.64 -8.85
C GLU A 95 -1.44 8.41 -9.55
N ALA A 96 -2.73 8.46 -9.82
CA ALA A 96 -3.41 7.36 -10.49
C ALA A 96 -2.71 6.98 -11.79
N ASN A 97 -2.16 7.98 -12.47
CA ASN A 97 -1.46 7.75 -13.72
C ASN A 97 -0.16 6.99 -13.49
N ASP A 98 0.59 7.40 -12.48
CA ASP A 98 1.86 6.75 -12.15
C ASP A 98 1.76 5.24 -12.35
N LEU A 99 0.63 4.67 -11.97
CA LEU A 99 0.41 3.24 -12.10
C LEU A 99 -0.25 2.91 -13.44
N PHE A 100 -1.38 3.55 -13.70
CA PHE A 100 -2.11 3.33 -14.95
C PHE A 100 -1.16 3.26 -16.13
N GLU A 101 -0.52 4.39 -16.43
CA GLU A 101 0.42 4.45 -17.55
C GLU A 101 1.86 4.32 -17.05
N SER A 102 2.06 3.47 -16.05
CA SER A 102 3.39 3.25 -15.48
C SER A 102 4.18 4.54 -15.42
N GLY A 103 3.45 5.67 -15.33
CA GLY A 103 4.11 6.96 -15.26
C GLY A 103 5.07 7.06 -14.10
N ASN A 104 4.97 6.13 -13.16
CA ASN A 104 5.84 6.13 -11.99
C ASN A 104 5.58 4.90 -11.12
N MET A 105 6.57 4.01 -11.05
CA MET A 105 6.45 2.80 -10.26
C MET A 105 7.17 2.94 -8.92
N THR A 106 7.91 4.03 -8.78
CA THR A 106 8.67 4.29 -7.55
C THR A 106 7.79 4.97 -6.50
N GLN A 107 6.98 5.92 -6.95
CA GLN A 107 6.09 6.65 -6.05
C GLN A 107 4.96 5.75 -5.55
N VAL A 108 4.59 4.76 -6.37
CA VAL A 108 3.54 3.83 -6.01
C VAL A 108 4.05 2.74 -5.08
N GLN A 109 5.34 2.40 -5.23
CA GLN A 109 5.96 1.38 -4.40
C GLN A 109 6.13 1.85 -2.97
N VAL A 110 6.87 2.95 -2.80
CA VAL A 110 7.12 3.51 -1.48
C VAL A 110 5.81 3.71 -0.72
N SER A 111 4.78 4.14 -1.43
CA SER A 111 3.48 4.38 -0.84
C SER A 111 3.01 3.17 -0.04
N LEU A 112 3.11 1.99 -0.66
CA LEU A 112 2.71 0.75 0.00
C LEU A 112 3.63 0.42 1.16
N LEU A 113 4.92 0.59 0.94
CA LEU A 113 5.92 0.31 1.98
C LEU A 113 5.71 1.20 3.20
N ALA A 114 5.14 2.38 2.97
CA ALA A 114 4.87 3.33 4.04
C ALA A 114 3.54 3.04 4.71
N LEU A 115 2.53 2.73 3.90
CA LEU A 115 1.20 2.43 4.41
C LEU A 115 1.21 1.20 5.31
N ALA A 116 2.07 0.24 4.97
CA ALA A 116 2.19 -0.98 5.76
C ALA A 116 2.74 -0.69 7.15
N GLY A 117 3.85 0.03 7.21
CA GLY A 117 4.45 0.37 8.48
C GLY A 117 3.48 1.04 9.43
N LYS A 118 2.38 1.53 8.88
CA LYS A 118 1.36 2.21 9.68
C LYS A 118 0.21 1.26 10.00
N ALA A 119 -0.07 0.33 9.08
CA ALA A 119 -1.14 -0.63 9.27
C ALA A 119 -0.73 -1.74 10.24
N LYS A 120 0.56 -2.08 10.21
CA LYS A 120 1.08 -3.12 11.08
C LYS A 120 0.54 -2.97 12.50
N THR A 121 0.26 -1.73 12.89
CA THR A 121 -0.27 -1.46 14.23
C THR A 121 -1.40 -2.41 14.58
N LYS A 122 -2.32 -2.61 13.64
CA LYS A 122 -3.45 -3.50 13.85
C LYS A 122 -3.01 -4.79 14.56
N GLY A 123 -1.90 -5.35 14.10
CA GLY A 123 -1.39 -6.57 14.69
C GLY A 123 0.08 -6.48 15.05
N LEU A 124 0.40 -5.67 16.04
CA LEU A 124 1.78 -5.48 16.48
C LEU A 124 2.43 -6.82 16.81
N GLN A 125 3.61 -7.05 16.24
CA GLN A 125 4.34 -8.30 16.48
C GLN A 125 4.91 -8.33 17.89
N SER A 126 5.29 -9.53 18.34
CA SER A 126 5.86 -9.69 19.68
C SER A 126 7.32 -9.26 19.70
N GLY A 127 7.69 -8.50 20.73
CA GLY A 127 9.06 -8.04 20.85
C GLY A 127 9.35 -7.44 22.22
N VAL A 128 10.49 -6.77 22.34
CA VAL A 128 10.89 -6.16 23.59
C VAL A 128 11.38 -4.73 23.37
N ASP A 129 11.29 -3.92 24.42
CA ASP A 129 11.72 -2.53 24.34
C ASP A 129 12.18 -2.01 25.71
N ILE A 130 12.65 -0.78 25.74
CA ILE A 130 13.12 -0.18 26.99
C ILE A 130 12.41 1.14 27.27
N GLY A 131 11.13 1.05 27.62
CA GLY A 131 10.36 2.25 27.91
C GLY A 131 9.18 2.42 26.96
N VAL A 132 8.01 2.00 27.38
CA VAL A 132 6.81 2.11 26.57
C VAL A 132 6.02 3.38 26.90
N LYS A 133 6.56 4.52 26.49
CA LYS A 133 5.91 5.80 26.75
C LYS A 133 5.07 6.23 25.55
N TYR A 134 3.82 5.80 25.54
CA TYR A 134 2.90 6.15 24.45
C TYR A 134 1.59 6.70 25.00
N SER A 135 0.94 5.93 25.86
CA SER A 135 -0.32 6.33 26.46
C SER A 135 -0.28 7.79 26.89
N GLU A 136 -1.33 8.53 26.55
CA GLU A 136 -1.41 9.95 26.89
C GLU A 136 -2.13 10.15 28.23
N LYS A 137 -1.74 11.17 28.96
CA LYS A 137 -2.35 11.47 30.25
C LYS A 137 -3.86 11.66 30.11
N GLN A 138 -4.25 12.52 29.18
CA GLN A 138 -5.67 12.79 28.94
C GLN A 138 -5.87 13.55 27.64
N GLU A 139 -6.95 13.23 26.94
CA GLU A 139 -7.26 13.89 25.67
C GLU A 139 -8.62 13.43 25.14
N ARG A 140 -9.30 14.33 24.44
CA ARG A 140 -10.61 14.03 23.87
C ARG A 140 -10.48 13.10 22.68
N SER A 141 -10.62 11.79 22.93
CA SER A 141 -10.51 10.80 21.88
C SER A 141 -11.76 10.81 21.00
N GLY A 142 -12.93 10.69 21.62
CA GLY A 142 -14.18 10.69 20.89
C GLY A 142 -15.24 9.86 21.56
N PRO A 143 -16.03 10.49 22.43
CA PRO A 143 -17.11 9.83 23.17
C PRO A 143 -18.28 9.43 22.26
N SER A 144 -19.20 8.66 22.79
CA SER A 144 -20.37 8.22 22.04
C SER A 144 -20.90 9.34 21.15
N SER A 145 -21.56 8.97 20.05
CA SER A 145 -22.11 9.94 19.12
C SER A 145 -23.26 9.33 18.32
N GLY A 146 -24.46 9.84 18.58
CA GLY A 146 -25.63 9.34 17.87
C GLY A 146 -26.43 8.36 18.71
N GLY A 1 17.26 -6.52 7.32
CA GLY A 1 18.14 -7.46 7.99
C GLY A 1 19.61 -7.13 7.79
N SER A 2 20.44 -8.15 7.70
CA SER A 2 21.87 -7.97 7.52
C SER A 2 22.21 -7.81 6.03
N SER A 3 21.39 -7.04 5.33
CA SER A 3 21.59 -6.81 3.91
C SER A 3 22.64 -5.72 3.68
N GLY A 4 23.43 -5.88 2.62
CA GLY A 4 24.46 -4.91 2.31
C GLY A 4 24.60 -4.66 0.83
N SER A 5 23.50 -4.29 0.18
CA SER A 5 23.50 -4.03 -1.26
C SER A 5 23.28 -2.54 -1.54
N SER A 6 24.35 -1.87 -1.96
CA SER A 6 24.29 -0.45 -2.25
C SER A 6 23.99 -0.21 -3.73
N GLY A 7 23.48 0.97 -4.04
CA GLY A 7 23.16 1.30 -5.42
C GLY A 7 24.08 2.36 -6.00
N ASN A 8 24.46 2.18 -7.25
CA ASN A 8 25.34 3.13 -7.93
C ASN A 8 24.67 4.47 -8.10
N ARG A 9 23.51 4.47 -8.76
CA ARG A 9 22.76 5.70 -9.00
C ARG A 9 21.28 5.50 -8.69
N LEU A 10 20.96 5.30 -7.41
CA LEU A 10 19.58 5.09 -6.99
C LEU A 10 19.21 6.04 -5.87
N LEU A 11 18.51 7.12 -6.22
CA LEU A 11 18.10 8.12 -5.24
C LEU A 11 16.64 7.93 -4.86
N SER A 12 16.21 6.66 -4.75
CA SER A 12 14.84 6.33 -4.40
C SER A 12 14.79 5.10 -3.51
N LYS A 13 13.65 4.89 -2.87
CA LYS A 13 13.46 3.74 -1.98
C LYS A 13 12.97 2.53 -2.76
N TYR A 14 13.46 2.38 -3.98
CA TYR A 14 13.08 1.26 -4.84
C TYR A 14 14.07 0.11 -4.71
N ASP A 15 13.58 -1.05 -4.29
CA ASP A 15 14.42 -2.22 -4.13
C ASP A 15 13.78 -3.44 -4.79
N PRO A 16 14.63 -4.30 -5.41
CA PRO A 16 14.17 -5.51 -6.09
C PRO A 16 13.65 -6.56 -5.11
N GLN A 17 14.04 -6.43 -3.85
CA GLN A 17 13.61 -7.37 -2.82
C GLN A 17 12.36 -6.88 -2.11
N LYS A 18 12.27 -5.56 -1.94
CA LYS A 18 11.12 -4.94 -1.27
C LYS A 18 9.83 -5.25 -2.03
N GLU A 19 9.88 -5.12 -3.35
CA GLU A 19 8.71 -5.38 -4.18
C GLU A 19 7.97 -6.62 -3.71
N ALA A 20 8.72 -7.69 -3.42
CA ALA A 20 8.13 -8.93 -2.96
C ALA A 20 7.45 -8.75 -1.61
N GLU A 21 8.04 -7.92 -0.76
CA GLU A 21 7.49 -7.66 0.56
C GLU A 21 6.09 -7.06 0.47
N LEU A 22 5.93 -6.05 -0.38
CA LEU A 22 4.64 -5.40 -0.57
C LEU A 22 3.60 -6.40 -1.07
N ARG A 23 3.81 -6.91 -2.27
CA ARG A 23 2.89 -7.87 -2.86
C ARG A 23 2.58 -9.01 -1.89
N THR A 24 3.61 -9.44 -1.16
CA THR A 24 3.46 -10.52 -0.19
C THR A 24 2.67 -10.06 1.02
N TRP A 25 2.77 -8.78 1.34
CA TRP A 25 2.06 -8.21 2.48
C TRP A 25 0.61 -7.88 2.11
N ILE A 26 0.40 -7.53 0.85
CA ILE A 26 -0.94 -7.20 0.37
C ILE A 26 -1.72 -8.46 -0.02
N GLU A 27 -1.06 -9.36 -0.74
CA GLU A 27 -1.68 -10.60 -1.17
C GLU A 27 -2.28 -11.34 0.02
N GLY A 28 -1.59 -11.30 1.16
CA GLY A 28 -2.07 -11.98 2.35
C GLY A 28 -3.18 -11.21 3.04
N LEU A 29 -3.11 -9.88 2.98
CA LEU A 29 -4.11 -9.04 3.62
C LEU A 29 -5.48 -9.25 2.97
N THR A 30 -5.58 -8.90 1.69
CA THR A 30 -6.84 -9.06 0.96
C THR A 30 -7.07 -10.50 0.56
N GLY A 31 -5.97 -11.24 0.37
CA GLY A 31 -6.08 -12.63 -0.02
C GLY A 31 -6.33 -12.81 -1.50
N LEU A 32 -5.93 -11.81 -2.29
CA LEU A 32 -6.12 -11.85 -3.74
C LEU A 32 -4.80 -12.13 -4.45
N SER A 33 -4.85 -12.21 -5.78
CA SER A 33 -3.66 -12.47 -6.57
C SER A 33 -3.32 -11.27 -7.46
N ILE A 34 -2.14 -10.69 -7.24
CA ILE A 34 -1.71 -9.53 -8.00
C ILE A 34 -1.43 -9.92 -9.46
N GLY A 35 -0.83 -11.09 -9.65
CA GLY A 35 -0.53 -11.55 -11.00
C GLY A 35 0.96 -11.57 -11.28
N PRO A 36 1.34 -11.95 -12.51
CA PRO A 36 2.73 -12.01 -12.93
C PRO A 36 3.37 -10.63 -13.06
N ASP A 37 2.54 -9.59 -12.97
CA ASP A 37 3.02 -8.22 -13.07
C ASP A 37 2.43 -7.36 -11.96
N PHE A 38 3.30 -6.77 -11.15
CA PHE A 38 2.87 -5.91 -10.05
C PHE A 38 2.16 -4.67 -10.57
N GLN A 39 2.88 -3.86 -11.33
CA GLN A 39 2.32 -2.63 -11.90
C GLN A 39 0.92 -2.88 -12.46
N LYS A 40 0.80 -3.91 -13.29
CA LYS A 40 -0.48 -4.27 -13.89
C LYS A 40 -1.48 -4.72 -12.83
N GLY A 41 -1.14 -5.81 -12.13
CA GLY A 41 -2.01 -6.33 -11.10
C GLY A 41 -2.72 -5.23 -10.32
N LEU A 42 -2.00 -4.13 -10.09
CA LEU A 42 -2.55 -3.00 -9.35
C LEU A 42 -3.10 -1.94 -10.30
N LYS A 43 -2.48 -1.84 -11.48
CA LYS A 43 -2.91 -0.87 -12.48
C LYS A 43 -4.42 -0.70 -12.47
N ASP A 44 -5.14 -1.72 -12.94
CA ASP A 44 -6.59 -1.68 -12.98
C ASP A 44 -7.16 -1.13 -11.67
N GLY A 45 -6.47 -1.40 -10.57
CA GLY A 45 -6.91 -0.92 -9.28
C GLY A 45 -7.96 -1.84 -8.66
N THR A 46 -7.70 -3.14 -8.71
CA THR A 46 -8.62 -4.12 -8.14
C THR A 46 -8.27 -4.45 -6.69
N ILE A 47 -7.02 -4.86 -6.47
CA ILE A 47 -6.56 -5.19 -5.13
C ILE A 47 -6.31 -3.94 -4.30
N LEU A 48 -5.54 -3.01 -4.84
CA LEU A 48 -5.23 -1.77 -4.15
C LEU A 48 -6.42 -1.30 -3.32
N CYS A 49 -7.62 -1.46 -3.87
CA CYS A 49 -8.84 -1.07 -3.17
C CYS A 49 -9.07 -1.93 -1.93
N THR A 50 -9.23 -3.23 -2.14
CA THR A 50 -9.46 -4.17 -1.05
C THR A 50 -8.40 -4.02 0.03
N LEU A 51 -7.14 -3.86 -0.39
CA LEU A 51 -6.03 -3.71 0.54
C LEU A 51 -6.36 -2.66 1.60
N MET A 52 -6.83 -1.50 1.15
CA MET A 52 -7.17 -0.40 2.05
C MET A 52 -8.36 -0.79 2.93
N ASN A 53 -9.41 -1.32 2.30
CA ASN A 53 -10.61 -1.73 3.03
C ASN A 53 -10.24 -2.57 4.25
N LYS A 54 -9.22 -3.40 4.11
CA LYS A 54 -8.77 -4.26 5.20
C LYS A 54 -8.27 -3.43 6.37
N LEU A 55 -7.41 -2.46 6.08
CA LEU A 55 -6.85 -1.59 7.12
C LEU A 55 -7.93 -0.68 7.69
N GLN A 56 -8.63 0.04 6.80
CA GLN A 56 -9.69 0.94 7.22
C GLN A 56 -11.06 0.40 6.84
N PRO A 57 -11.95 0.29 7.84
CA PRO A 57 -13.31 -0.22 7.63
C PRO A 57 -14.18 0.75 6.82
N GLY A 58 -13.57 1.85 6.38
CA GLY A 58 -14.30 2.83 5.61
C GLY A 58 -13.41 3.61 4.66
N SER A 59 -12.76 2.90 3.74
CA SER A 59 -11.87 3.53 2.79
C SER A 59 -12.48 3.53 1.38
N VAL A 60 -12.77 2.34 0.87
CA VAL A 60 -13.36 2.21 -0.44
C VAL A 60 -14.74 1.56 -0.37
N PRO A 61 -15.76 2.27 -0.87
CA PRO A 61 -17.14 1.78 -0.87
C PRO A 61 -17.35 0.63 -1.85
N LYS A 62 -16.91 0.81 -3.08
CA LYS A 62 -17.04 -0.22 -4.11
C LYS A 62 -15.87 -0.19 -5.07
N ILE A 63 -15.65 -1.29 -5.78
CA ILE A 63 -14.56 -1.39 -6.73
C ILE A 63 -15.09 -1.60 -8.15
N ASN A 64 -14.49 -0.89 -9.11
CA ASN A 64 -14.90 -1.00 -10.50
C ASN A 64 -14.68 -2.41 -11.02
N ARG A 65 -13.42 -2.84 -11.07
CA ARG A 65 -13.08 -4.18 -11.55
C ARG A 65 -13.68 -4.42 -12.93
N SER A 66 -13.94 -3.35 -13.66
CA SER A 66 -14.52 -3.46 -15.01
C SER A 66 -13.46 -3.23 -16.07
N MET A 67 -13.87 -3.28 -17.33
CA MET A 67 -12.96 -3.09 -18.46
C MET A 67 -12.77 -1.60 -18.75
N GLN A 68 -13.84 -0.82 -18.54
CA GLN A 68 -13.79 0.62 -18.79
C GLN A 68 -12.51 1.22 -18.20
N ASN A 69 -11.75 1.91 -19.06
CA ASN A 69 -10.50 2.54 -18.62
C ASN A 69 -10.76 3.50 -17.46
N TRP A 70 -11.62 4.48 -17.68
CA TRP A 70 -11.95 5.46 -16.66
C TRP A 70 -12.28 4.78 -15.34
N HIS A 71 -12.96 3.64 -15.42
CA HIS A 71 -13.34 2.90 -14.22
C HIS A 71 -12.11 2.44 -13.46
N GLN A 72 -11.14 1.88 -14.17
CA GLN A 72 -9.91 1.41 -13.57
C GLN A 72 -9.19 2.53 -12.82
N LEU A 73 -9.26 3.74 -13.37
CA LEU A 73 -8.62 4.89 -12.76
C LEU A 73 -9.25 5.22 -11.41
N GLU A 74 -10.58 5.39 -11.41
CA GLU A 74 -11.30 5.69 -10.18
C GLU A 74 -10.76 4.88 -9.01
N ASN A 75 -10.55 3.58 -9.26
CA ASN A 75 -10.04 2.70 -8.22
C ASN A 75 -8.86 3.33 -7.48
N LEU A 76 -7.86 3.77 -8.24
CA LEU A 76 -6.68 4.40 -7.66
C LEU A 76 -7.05 5.70 -6.96
N SER A 77 -7.83 6.53 -7.64
CA SER A 77 -8.24 7.82 -7.08
C SER A 77 -8.88 7.63 -5.71
N ASN A 78 -9.67 6.56 -5.57
CA ASN A 78 -10.34 6.28 -4.31
C ASN A 78 -9.35 5.74 -3.29
N PHE A 79 -8.53 4.77 -3.70
CA PHE A 79 -7.54 4.18 -2.82
C PHE A 79 -6.58 5.23 -2.28
N ILE A 80 -6.27 6.22 -3.11
CA ILE A 80 -5.37 7.29 -2.71
C ILE A 80 -5.98 8.16 -1.62
N LYS A 81 -7.05 8.86 -1.95
CA LYS A 81 -7.74 9.72 -1.00
C LYS A 81 -8.00 8.98 0.31
N ALA A 82 -8.20 7.68 0.21
CA ALA A 82 -8.46 6.86 1.40
C ALA A 82 -7.25 6.87 2.33
N MET A 83 -6.06 6.83 1.75
CA MET A 83 -4.83 6.82 2.54
C MET A 83 -4.69 8.11 3.33
N VAL A 84 -4.91 9.24 2.66
CA VAL A 84 -4.81 10.54 3.30
C VAL A 84 -5.50 10.55 4.66
N SER A 85 -6.66 9.92 4.73
CA SER A 85 -7.42 9.84 5.98
C SER A 85 -6.71 8.96 7.00
N TYR A 86 -6.22 7.81 6.55
CA TYR A 86 -5.52 6.89 7.42
C TYR A 86 -4.51 7.62 8.31
N GLY A 87 -3.77 8.54 7.70
CA GLY A 87 -2.79 9.30 8.46
C GLY A 87 -1.42 9.27 7.81
N MET A 88 -1.39 9.28 6.49
CA MET A 88 -0.12 9.24 5.76
C MET A 88 0.29 10.65 5.31
N ASN A 89 1.49 10.76 4.75
CA ASN A 89 2.00 12.04 4.28
C ASN A 89 1.43 12.38 2.91
N PRO A 90 1.44 13.68 2.57
CA PRO A 90 0.93 14.16 1.28
C PRO A 90 1.83 13.75 0.12
N VAL A 91 3.03 13.31 0.44
CA VAL A 91 3.99 12.89 -0.59
C VAL A 91 3.99 11.37 -0.74
N ASP A 92 3.76 10.66 0.37
CA ASP A 92 3.74 9.21 0.35
C ASP A 92 2.71 8.69 -0.65
N LEU A 93 1.79 9.57 -1.05
CA LEU A 93 0.76 9.20 -2.02
C LEU A 93 1.34 9.06 -3.41
N PHE A 94 0.49 8.66 -4.36
CA PHE A 94 0.92 8.49 -5.74
C PHE A 94 -0.21 8.79 -6.71
N GLU A 95 0.13 9.29 -7.90
CA GLU A 95 -0.87 9.63 -8.90
C GLU A 95 -1.45 8.36 -9.53
N ALA A 96 -2.73 8.40 -9.85
CA ALA A 96 -3.41 7.26 -10.46
C ALA A 96 -2.75 6.86 -11.76
N ASN A 97 -2.10 7.82 -12.42
CA ASN A 97 -1.41 7.56 -13.68
C ASN A 97 -0.12 6.77 -13.45
N ASP A 98 0.69 7.25 -12.51
CA ASP A 98 1.95 6.59 -12.18
C ASP A 98 1.82 5.07 -12.30
N LEU A 99 0.69 4.54 -11.80
CA LEU A 99 0.45 3.11 -11.85
C LEU A 99 -0.31 2.73 -13.12
N PHE A 100 -1.46 3.35 -13.33
CA PHE A 100 -2.28 3.08 -14.50
C PHE A 100 -1.42 2.98 -15.76
N GLU A 101 -0.64 4.02 -16.02
CA GLU A 101 0.24 4.05 -17.19
C GLU A 101 1.68 3.79 -16.79
N SER A 102 1.87 3.02 -15.72
CA SER A 102 3.20 2.70 -15.23
C SER A 102 4.10 3.94 -15.25
N GLY A 103 3.48 5.12 -15.14
CA GLY A 103 4.24 6.35 -15.14
C GLY A 103 5.41 6.32 -14.18
N ASN A 104 5.26 5.59 -13.07
CA ASN A 104 6.31 5.49 -12.07
C ASN A 104 5.92 4.50 -10.97
N MET A 105 6.52 3.32 -11.01
CA MET A 105 6.24 2.30 -10.01
C MET A 105 6.76 2.71 -8.64
N THR A 106 7.93 3.35 -8.61
CA THR A 106 8.54 3.79 -7.37
C THR A 106 7.57 4.66 -6.57
N GLN A 107 6.98 5.64 -7.23
CA GLN A 107 6.03 6.54 -6.57
C GLN A 107 4.98 5.75 -5.80
N VAL A 108 4.44 4.72 -6.44
CA VAL A 108 3.42 3.88 -5.81
C VAL A 108 4.04 2.89 -4.84
N GLN A 109 5.35 2.67 -4.98
CA GLN A 109 6.06 1.74 -4.11
C GLN A 109 6.17 2.30 -2.69
N VAL A 110 6.65 3.53 -2.58
CA VAL A 110 6.80 4.19 -1.28
C VAL A 110 5.47 4.27 -0.55
N SER A 111 4.43 4.65 -1.29
CA SER A 111 3.10 4.77 -0.71
C SER A 111 2.70 3.50 0.04
N LEU A 112 3.07 2.36 -0.52
CA LEU A 112 2.76 1.07 0.09
C LEU A 112 3.72 0.77 1.23
N LEU A 113 5.02 0.82 0.94
CA LEU A 113 6.04 0.55 1.94
C LEU A 113 5.81 1.40 3.19
N ALA A 114 5.19 2.55 3.00
CA ALA A 114 4.91 3.46 4.12
C ALA A 114 3.58 3.12 4.78
N LEU A 115 2.59 2.74 3.96
CA LEU A 115 1.27 2.39 4.46
C LEU A 115 1.32 1.09 5.26
N ALA A 116 2.20 0.18 4.85
CA ALA A 116 2.36 -1.10 5.53
C ALA A 116 3.02 -0.94 6.89
N GLY A 117 4.10 -0.16 6.92
CA GLY A 117 4.81 0.07 8.17
C GLY A 117 3.90 0.55 9.28
N LYS A 118 2.73 1.07 8.90
CA LYS A 118 1.76 1.57 9.87
C LYS A 118 0.63 0.57 10.08
N ALA A 119 0.20 -0.05 8.98
CA ALA A 119 -0.88 -1.03 9.04
C ALA A 119 -0.46 -2.27 9.80
N LYS A 120 0.86 -2.52 9.85
CA LYS A 120 1.39 -3.67 10.56
C LYS A 120 0.80 -3.78 11.96
N THR A 121 0.26 -2.67 12.46
CA THR A 121 -0.34 -2.64 13.79
C THR A 121 -1.40 -3.73 13.93
N LYS A 122 -1.91 -4.22 12.80
CA LYS A 122 -2.93 -5.25 12.81
C LYS A 122 -2.34 -6.59 13.28
N GLY A 123 -1.27 -7.02 12.62
CA GLY A 123 -0.64 -8.27 12.99
C GLY A 123 0.67 -8.06 13.72
N LEU A 124 0.61 -7.43 14.89
CA LEU A 124 1.81 -7.16 15.68
C LEU A 124 2.39 -8.46 16.23
N GLN A 125 3.70 -8.60 16.13
CA GLN A 125 4.38 -9.80 16.62
C GLN A 125 4.31 -9.88 18.15
N SER A 126 4.70 -8.80 18.81
CA SER A 126 4.68 -8.75 20.27
C SER A 126 3.49 -9.52 20.82
N GLY A 127 2.29 -9.07 20.47
CA GLY A 127 1.08 -9.73 20.95
C GLY A 127 0.01 -8.75 21.38
N VAL A 128 -0.60 -8.08 20.41
CA VAL A 128 -1.64 -7.11 20.68
C VAL A 128 -2.65 -7.03 19.54
N ASP A 129 -3.93 -7.06 19.89
CA ASP A 129 -5.00 -6.99 18.89
C ASP A 129 -6.34 -6.67 19.54
N ILE A 130 -7.32 -6.31 18.73
CA ILE A 130 -8.65 -5.98 19.23
C ILE A 130 -9.63 -7.12 18.98
N GLY A 131 -9.76 -7.52 17.72
CA GLY A 131 -10.66 -8.60 17.37
C GLY A 131 -10.89 -8.71 15.88
N VAL A 132 -10.42 -9.80 15.28
CA VAL A 132 -10.58 -10.01 13.85
C VAL A 132 -10.50 -11.49 13.50
N LYS A 133 -11.44 -11.96 12.68
CA LYS A 133 -11.48 -13.35 12.27
C LYS A 133 -11.15 -13.49 10.79
N TYR A 134 -11.11 -14.73 10.31
CA TYR A 134 -10.82 -15.00 8.90
C TYR A 134 -11.76 -16.06 8.34
N SER A 135 -12.19 -15.86 7.10
CA SER A 135 -13.09 -16.80 6.45
C SER A 135 -12.34 -18.04 5.96
N GLU A 136 -13.02 -19.18 5.98
CA GLU A 136 -12.41 -20.43 5.55
C GLU A 136 -12.53 -20.60 4.04
N LYS A 137 -11.89 -21.64 3.52
CA LYS A 137 -11.91 -21.91 2.09
C LYS A 137 -11.49 -23.34 1.80
N GLN A 138 -11.88 -23.85 0.63
CA GLN A 138 -11.53 -25.21 0.23
C GLN A 138 -10.80 -25.22 -1.11
N GLU A 139 -11.04 -24.19 -1.91
CA GLU A 139 -10.41 -24.08 -3.22
C GLU A 139 -10.23 -25.45 -3.86
N ARG A 140 -11.30 -26.25 -3.83
CA ARG A 140 -11.26 -27.59 -4.41
C ARG A 140 -10.80 -27.54 -5.86
N SER A 141 -9.56 -27.93 -6.10
CA SER A 141 -8.99 -27.94 -7.44
C SER A 141 -9.78 -28.86 -8.37
N GLY A 142 -9.65 -28.65 -9.67
CA GLY A 142 -10.36 -29.46 -10.63
C GLY A 142 -9.43 -30.13 -11.62
N PRO A 143 -8.93 -31.32 -11.26
CA PRO A 143 -8.02 -32.10 -12.11
C PRO A 143 -8.72 -32.66 -13.34
N SER A 144 -7.95 -33.35 -14.17
CA SER A 144 -8.49 -33.95 -15.40
C SER A 144 -8.26 -35.45 -15.42
N SER A 145 -8.98 -36.14 -16.31
CA SER A 145 -8.86 -37.58 -16.43
C SER A 145 -7.62 -37.95 -17.26
N GLY A 146 -7.59 -37.49 -18.51
CA GLY A 146 -6.48 -37.77 -19.38
C GLY A 146 -6.20 -36.66 -20.36
N GLY A 1 26.52 -5.83 -13.43
CA GLY A 1 27.75 -5.16 -13.80
C GLY A 1 27.85 -3.77 -13.21
N SER A 2 27.34 -2.79 -13.95
CA SER A 2 27.38 -1.39 -13.50
C SER A 2 27.08 -1.30 -12.01
N SER A 3 25.89 -1.74 -11.62
CA SER A 3 25.48 -1.70 -10.22
C SER A 3 25.12 -3.10 -9.71
N GLY A 4 25.49 -3.39 -8.47
CA GLY A 4 25.21 -4.69 -7.89
C GLY A 4 26.39 -5.26 -7.14
N SER A 5 26.60 -4.78 -5.93
CA SER A 5 27.72 -5.25 -5.10
C SER A 5 27.43 -5.04 -3.62
N SER A 6 28.27 -5.62 -2.78
CA SER A 6 28.11 -5.49 -1.33
C SER A 6 29.05 -4.42 -0.77
N GLY A 7 28.50 -3.25 -0.48
CA GLY A 7 29.29 -2.17 0.06
C GLY A 7 28.78 -0.80 -0.35
N ASN A 8 27.46 -0.63 -0.34
CA ASN A 8 26.84 0.63 -0.71
C ASN A 8 25.86 1.10 0.36
N ARG A 9 25.52 2.38 0.32
CA ARG A 9 24.60 2.96 1.28
C ARG A 9 23.15 2.62 0.93
N LEU A 10 22.30 2.53 1.95
CA LEU A 10 20.89 2.21 1.75
C LEU A 10 20.03 3.47 1.87
N LEU A 11 18.86 3.43 1.24
CA LEU A 11 17.94 4.57 1.28
C LEU A 11 16.51 4.10 1.06
N SER A 12 15.55 4.97 1.38
CA SER A 12 14.14 4.65 1.23
C SER A 12 13.69 4.90 -0.22
N LYS A 13 13.85 3.89 -1.06
CA LYS A 13 13.47 3.99 -2.46
C LYS A 13 13.22 2.61 -3.06
N TYR A 14 12.84 2.59 -4.34
CA TYR A 14 12.57 1.33 -5.02
C TYR A 14 13.57 0.25 -4.61
N ASP A 15 13.11 -1.00 -4.59
CA ASP A 15 13.95 -2.11 -4.21
C ASP A 15 13.39 -3.43 -4.74
N PRO A 16 14.28 -4.31 -5.21
CA PRO A 16 13.89 -5.61 -5.76
C PRO A 16 13.39 -6.56 -4.68
N GLN A 17 13.91 -6.40 -3.46
CA GLN A 17 13.52 -7.24 -2.34
C GLN A 17 12.21 -6.76 -1.73
N LYS A 18 12.06 -5.45 -1.61
CA LYS A 18 10.87 -4.85 -1.04
C LYS A 18 9.63 -5.24 -1.84
N GLU A 19 9.72 -5.10 -3.16
CA GLU A 19 8.61 -5.44 -4.04
C GLU A 19 7.91 -6.71 -3.57
N ALA A 20 8.69 -7.64 -3.04
CA ALA A 20 8.14 -8.90 -2.55
C ALA A 20 7.44 -8.71 -1.21
N GLU A 21 8.07 -7.94 -0.33
CA GLU A 21 7.50 -7.68 1.00
C GLU A 21 6.12 -7.05 0.88
N LEU A 22 5.92 -6.26 -0.17
CA LEU A 22 4.64 -5.60 -0.40
C LEU A 22 3.59 -6.60 -0.86
N ARG A 23 3.80 -7.18 -2.03
CA ARG A 23 2.87 -8.16 -2.58
C ARG A 23 2.60 -9.28 -1.59
N THR A 24 3.62 -9.64 -0.83
CA THR A 24 3.49 -10.70 0.17
C THR A 24 2.70 -10.23 1.38
N TRP A 25 2.65 -8.91 1.57
CA TRP A 25 1.92 -8.34 2.69
C TRP A 25 0.49 -7.98 2.29
N ILE A 26 0.30 -7.70 1.01
CA ILE A 26 -1.02 -7.34 0.50
C ILE A 26 -1.81 -8.59 0.11
N GLU A 27 -1.15 -9.51 -0.59
CA GLU A 27 -1.79 -10.74 -1.02
C GLU A 27 -2.38 -11.50 0.17
N GLY A 28 -1.67 -11.47 1.29
CA GLY A 28 -2.14 -12.16 2.48
C GLY A 28 -3.27 -11.41 3.18
N LEU A 29 -3.26 -10.08 3.06
CA LEU A 29 -4.28 -9.25 3.68
C LEU A 29 -5.64 -9.48 3.02
N THR A 30 -5.75 -9.09 1.75
CA THR A 30 -6.99 -9.24 1.00
C THR A 30 -7.19 -10.70 0.59
N GLY A 31 -6.09 -11.42 0.40
CA GLY A 31 -6.17 -12.81 0.00
C GLY A 31 -6.34 -12.98 -1.50
N LEU A 32 -6.01 -11.93 -2.25
CA LEU A 32 -6.12 -11.96 -3.70
C LEU A 32 -4.76 -12.18 -4.35
N SER A 33 -4.75 -12.19 -5.68
CA SER A 33 -3.51 -12.39 -6.43
C SER A 33 -3.23 -11.20 -7.34
N ILE A 34 -2.02 -10.67 -7.25
CA ILE A 34 -1.61 -9.53 -8.06
C ILE A 34 -1.27 -9.97 -9.49
N GLY A 35 -0.61 -11.12 -9.61
CA GLY A 35 -0.24 -11.63 -10.91
C GLY A 35 1.25 -11.53 -11.17
N PRO A 36 1.67 -11.92 -12.38
CA PRO A 36 3.07 -11.88 -12.78
C PRO A 36 3.60 -10.46 -12.95
N ASP A 37 2.75 -9.58 -13.46
CA ASP A 37 3.12 -8.19 -13.68
C ASP A 37 2.54 -7.30 -12.59
N PHE A 38 3.39 -6.90 -11.65
CA PHE A 38 2.96 -6.05 -10.54
C PHE A 38 2.22 -4.82 -11.06
N GLN A 39 2.95 -3.92 -11.72
CA GLN A 39 2.36 -2.71 -12.27
C GLN A 39 0.98 -2.99 -12.86
N LYS A 40 0.86 -4.13 -13.53
CA LYS A 40 -0.41 -4.52 -14.15
C LYS A 40 -1.44 -4.88 -13.09
N GLY A 41 -1.23 -6.02 -12.42
CA GLY A 41 -2.16 -6.45 -11.40
C GLY A 41 -2.75 -5.30 -10.63
N LEU A 42 -1.92 -4.31 -10.29
CA LEU A 42 -2.37 -3.14 -9.55
C LEU A 42 -2.98 -2.10 -10.48
N LYS A 43 -2.43 -2.01 -11.69
CA LYS A 43 -2.90 -1.05 -12.68
C LYS A 43 -4.41 -0.86 -12.56
N ASP A 44 -5.17 -1.86 -12.99
CA ASP A 44 -6.63 -1.80 -12.92
C ASP A 44 -7.10 -1.23 -11.58
N GLY A 45 -6.40 -1.60 -10.52
CA GLY A 45 -6.74 -1.11 -9.20
C GLY A 45 -7.81 -1.97 -8.53
N THR A 46 -7.66 -3.28 -8.62
CA THR A 46 -8.61 -4.20 -8.04
C THR A 46 -8.24 -4.53 -6.59
N ILE A 47 -7.03 -5.05 -6.40
CA ILE A 47 -6.55 -5.41 -5.07
C ILE A 47 -6.32 -4.16 -4.22
N LEU A 48 -5.50 -3.24 -4.74
CA LEU A 48 -5.19 -2.01 -4.04
C LEU A 48 -6.37 -1.52 -3.23
N CYS A 49 -7.56 -1.58 -3.83
CA CYS A 49 -8.78 -1.15 -3.16
C CYS A 49 -9.08 -2.03 -1.96
N THR A 50 -9.19 -3.34 -2.19
CA THR A 50 -9.48 -4.28 -1.12
C THR A 50 -8.45 -4.18 0.00
N LEU A 51 -7.19 -3.97 -0.38
CA LEU A 51 -6.11 -3.85 0.60
C LEU A 51 -6.47 -2.84 1.68
N MET A 52 -6.83 -1.64 1.26
CA MET A 52 -7.20 -0.58 2.21
C MET A 52 -8.39 -1.00 3.04
N ASN A 53 -9.47 -1.39 2.37
CA ASN A 53 -10.69 -1.82 3.05
C ASN A 53 -10.36 -2.70 4.26
N LYS A 54 -9.26 -3.43 4.17
CA LYS A 54 -8.83 -4.31 5.25
C LYS A 54 -8.14 -3.52 6.35
N LEU A 55 -7.31 -2.56 5.96
CA LEU A 55 -6.60 -1.73 6.94
C LEU A 55 -7.55 -0.73 7.60
N GLN A 56 -8.23 0.06 6.79
CA GLN A 56 -9.17 1.05 7.29
C GLN A 56 -10.61 0.58 7.13
N PRO A 57 -11.35 0.52 8.24
CA PRO A 57 -12.75 0.08 8.24
C PRO A 57 -13.67 1.09 7.57
N GLY A 58 -13.74 1.02 6.24
CA GLY A 58 -14.59 1.93 5.49
C GLY A 58 -13.80 2.94 4.69
N SER A 59 -12.82 2.44 3.92
CA SER A 59 -11.98 3.31 3.11
C SER A 59 -12.54 3.42 1.68
N VAL A 60 -12.66 2.29 1.01
CA VAL A 60 -13.18 2.25 -0.36
C VAL A 60 -14.65 1.85 -0.37
N PRO A 61 -15.49 2.67 -1.02
CA PRO A 61 -16.92 2.42 -1.14
C PRO A 61 -17.23 1.23 -2.04
N LYS A 62 -16.60 1.21 -3.21
CA LYS A 62 -16.81 0.13 -4.17
C LYS A 62 -15.63 0.02 -5.13
N ILE A 63 -15.55 -1.10 -5.85
CA ILE A 63 -14.48 -1.31 -6.80
C ILE A 63 -15.02 -1.57 -8.21
N ASN A 64 -14.39 -0.94 -9.20
CA ASN A 64 -14.82 -1.10 -10.59
C ASN A 64 -14.07 -2.24 -11.25
N ARG A 65 -14.67 -3.42 -11.25
CA ARG A 65 -14.06 -4.60 -11.86
C ARG A 65 -14.36 -4.65 -13.35
N SER A 66 -14.28 -3.50 -14.01
CA SER A 66 -14.54 -3.42 -15.44
C SER A 66 -13.25 -3.24 -16.23
N MET A 67 -13.23 -3.75 -17.45
CA MET A 67 -12.06 -3.64 -18.30
C MET A 67 -12.04 -2.30 -19.04
N GLN A 68 -12.45 -1.25 -18.33
CA GLN A 68 -12.47 0.09 -18.92
C GLN A 68 -11.38 0.96 -18.32
N ASN A 69 -11.13 2.11 -18.95
CA ASN A 69 -10.11 3.04 -18.49
C ASN A 69 -10.59 3.81 -17.26
N TRP A 70 -11.52 4.73 -17.48
CA TRP A 70 -12.06 5.53 -16.39
C TRP A 70 -12.30 4.67 -15.15
N HIS A 71 -12.97 3.54 -15.33
CA HIS A 71 -13.26 2.63 -14.22
C HIS A 71 -11.98 2.26 -13.48
N GLN A 72 -11.00 1.74 -14.21
CA GLN A 72 -9.73 1.34 -13.63
C GLN A 72 -9.10 2.49 -12.86
N LEU A 73 -9.19 3.70 -13.44
CA LEU A 73 -8.61 4.88 -12.80
C LEU A 73 -9.32 5.18 -11.49
N GLU A 74 -10.64 5.35 -11.55
CA GLU A 74 -11.42 5.65 -10.36
C GLU A 74 -10.96 4.80 -9.17
N ASN A 75 -10.62 3.55 -9.44
CA ASN A 75 -10.16 2.64 -8.39
C ASN A 75 -9.00 3.25 -7.61
N LEU A 76 -7.96 3.65 -8.34
CA LEU A 76 -6.79 4.25 -7.72
C LEU A 76 -7.15 5.57 -7.04
N SER A 77 -7.87 6.42 -7.76
CA SER A 77 -8.28 7.72 -7.24
C SER A 77 -8.95 7.57 -5.87
N ASN A 78 -9.74 6.51 -5.72
CA ASN A 78 -10.44 6.26 -4.47
C ASN A 78 -9.46 5.85 -3.38
N PHE A 79 -8.62 4.85 -3.68
CA PHE A 79 -7.64 4.35 -2.72
C PHE A 79 -6.73 5.48 -2.26
N ILE A 80 -6.13 6.19 -3.22
CA ILE A 80 -5.23 7.30 -2.91
C ILE A 80 -5.82 8.19 -1.83
N LYS A 81 -7.01 8.73 -2.10
CA LYS A 81 -7.68 9.62 -1.16
C LYS A 81 -7.84 8.94 0.20
N ALA A 82 -8.17 7.65 0.18
CA ALA A 82 -8.34 6.88 1.41
C ALA A 82 -7.08 6.91 2.26
N MET A 83 -5.93 6.81 1.61
CA MET A 83 -4.65 6.82 2.31
C MET A 83 -4.48 8.12 3.11
N VAL A 84 -4.74 9.24 2.44
CA VAL A 84 -4.62 10.55 3.09
C VAL A 84 -5.36 10.58 4.42
N SER A 85 -6.56 10.00 4.43
CA SER A 85 -7.38 9.96 5.64
C SER A 85 -6.75 9.06 6.69
N TYR A 86 -6.27 7.90 6.26
CA TYR A 86 -5.64 6.93 7.15
C TYR A 86 -4.64 7.62 8.07
N GLY A 87 -3.80 8.48 7.48
CA GLY A 87 -2.80 9.18 8.27
C GLY A 87 -1.44 9.17 7.60
N MET A 88 -1.42 9.15 6.27
CA MET A 88 -0.18 9.13 5.52
C MET A 88 0.25 10.55 5.14
N ASN A 89 1.53 10.72 4.85
CA ASN A 89 2.06 12.02 4.48
C ASN A 89 1.76 12.34 3.01
N PRO A 90 1.80 13.63 2.66
CA PRO A 90 1.54 14.09 1.30
C PRO A 90 2.65 13.68 0.33
N VAL A 91 3.71 13.11 0.87
CA VAL A 91 4.84 12.68 0.04
C VAL A 91 4.91 11.16 -0.05
N ASP A 92 4.03 10.49 0.70
CA ASP A 92 3.98 9.03 0.69
C ASP A 92 2.81 8.53 -0.13
N LEU A 93 2.29 9.38 -1.01
CA LEU A 93 1.17 9.02 -1.87
C LEU A 93 1.59 8.93 -3.32
N PHE A 94 0.67 8.52 -4.18
CA PHE A 94 0.95 8.39 -5.61
C PHE A 94 -0.28 8.72 -6.44
N GLU A 95 -0.05 9.24 -7.65
CA GLU A 95 -1.15 9.61 -8.54
C GLU A 95 -1.89 8.37 -9.01
N ALA A 96 -2.85 8.58 -9.91
CA ALA A 96 -3.64 7.47 -10.46
C ALA A 96 -3.13 7.05 -11.83
N ASN A 97 -2.38 7.95 -12.48
CA ASN A 97 -1.83 7.67 -13.79
C ASN A 97 -0.49 6.96 -13.69
N ASP A 98 0.30 7.35 -12.68
CA ASP A 98 1.61 6.75 -12.47
C ASP A 98 1.56 5.25 -12.66
N LEU A 99 0.57 4.60 -12.04
CA LEU A 99 0.41 3.16 -12.14
C LEU A 99 -0.30 2.78 -13.43
N PHE A 100 -1.39 3.48 -13.73
CA PHE A 100 -2.16 3.21 -14.95
C PHE A 100 -1.25 3.18 -16.17
N GLU A 101 -0.61 4.31 -16.45
CA GLU A 101 0.29 4.43 -17.59
C GLU A 101 1.74 4.33 -17.16
N SER A 102 2.00 3.47 -16.18
CA SER A 102 3.35 3.28 -15.66
C SER A 102 4.10 4.61 -15.59
N GLY A 103 3.34 5.68 -15.42
CA GLY A 103 3.95 7.00 -15.33
C GLY A 103 4.90 7.13 -14.17
N ASN A 104 4.81 6.19 -13.22
CA ASN A 104 5.67 6.20 -12.06
C ASN A 104 5.44 4.96 -11.20
N MET A 105 6.45 4.10 -11.12
CA MET A 105 6.36 2.88 -10.34
C MET A 105 7.08 3.03 -9.01
N THR A 106 7.94 4.05 -8.91
CA THR A 106 8.68 4.30 -7.69
C THR A 106 7.81 4.98 -6.64
N GLN A 107 7.01 5.95 -7.08
CA GLN A 107 6.13 6.67 -6.19
C GLN A 107 5.04 5.76 -5.64
N VAL A 108 4.59 4.82 -6.46
CA VAL A 108 3.55 3.88 -6.06
C VAL A 108 4.10 2.81 -5.11
N GLN A 109 5.41 2.60 -5.18
CA GLN A 109 6.07 1.61 -4.34
C GLN A 109 6.24 2.14 -2.91
N VAL A 110 6.82 3.32 -2.79
CA VAL A 110 7.04 3.94 -1.49
C VAL A 110 5.74 4.09 -0.72
N SER A 111 4.64 4.25 -1.45
CA SER A 111 3.33 4.42 -0.85
C SER A 111 2.93 3.15 -0.08
N LEU A 112 3.10 2.00 -0.72
CA LEU A 112 2.75 0.72 -0.11
C LEU A 112 3.72 0.39 1.02
N LEU A 113 5.00 0.65 0.80
CA LEU A 113 6.03 0.37 1.79
C LEU A 113 5.82 1.23 3.04
N ALA A 114 5.24 2.41 2.85
CA ALA A 114 4.98 3.31 3.96
C ALA A 114 3.63 3.01 4.62
N LEU A 115 2.65 2.68 3.79
CA LEU A 115 1.31 2.35 4.29
C LEU A 115 1.33 1.09 5.14
N ALA A 116 2.20 0.15 4.77
CA ALA A 116 2.31 -1.10 5.49
C ALA A 116 2.84 -0.87 6.91
N GLY A 117 3.91 -0.10 7.01
CA GLY A 117 4.50 0.19 8.31
C GLY A 117 3.45 0.51 9.36
N LYS A 118 2.52 1.39 9.02
CA LYS A 118 1.46 1.78 9.93
C LYS A 118 0.39 0.70 10.02
N ALA A 119 0.01 0.16 8.86
CA ALA A 119 -1.01 -0.88 8.81
C ALA A 119 -0.62 -2.07 9.67
N LYS A 120 0.69 -2.24 9.90
CA LYS A 120 1.19 -3.33 10.71
C LYS A 120 0.46 -3.41 12.05
N THR A 121 0.10 -2.25 12.60
CA THR A 121 -0.60 -2.19 13.87
C THR A 121 -1.69 -3.25 13.94
N LYS A 122 -2.27 -3.57 12.79
CA LYS A 122 -3.34 -4.56 12.71
C LYS A 122 -2.77 -5.97 12.76
N GLY A 123 -1.92 -6.29 11.78
CA GLY A 123 -1.32 -7.62 11.72
C GLY A 123 0.03 -7.66 12.41
N LEU A 124 0.09 -7.17 13.65
CA LEU A 124 1.33 -7.16 14.41
C LEU A 124 1.89 -8.57 14.55
N GLN A 125 3.04 -8.67 15.21
CA GLN A 125 3.69 -9.97 15.42
C GLN A 125 2.70 -10.98 15.99
N SER A 126 2.95 -12.25 15.71
CA SER A 126 2.08 -13.32 16.20
C SER A 126 0.65 -13.13 15.68
N GLY A 127 0.53 -12.83 14.40
CA GLY A 127 -0.77 -12.64 13.80
C GLY A 127 -0.72 -12.60 12.29
N VAL A 128 -0.18 -13.66 11.69
CA VAL A 128 -0.08 -13.75 10.24
C VAL A 128 -0.44 -15.13 9.74
N ASP A 129 -1.46 -15.21 8.88
CA ASP A 129 -1.90 -16.48 8.33
C ASP A 129 -0.72 -17.39 8.02
N ILE A 130 -0.94 -18.69 8.13
CA ILE A 130 0.11 -19.67 7.86
C ILE A 130 -0.03 -20.25 6.46
N GLY A 131 -1.24 -20.70 6.13
CA GLY A 131 -1.48 -21.27 4.83
C GLY A 131 -0.99 -22.71 4.72
N VAL A 132 -1.91 -23.63 4.43
CA VAL A 132 -1.56 -25.04 4.31
C VAL A 132 -1.85 -25.54 2.90
N LYS A 133 -1.37 -24.80 1.90
CA LYS A 133 -1.56 -25.18 0.51
C LYS A 133 -1.01 -26.58 0.23
N TYR A 134 -1.89 -27.47 -0.21
CA TYR A 134 -1.49 -28.84 -0.50
C TYR A 134 -0.64 -28.91 -1.77
N SER A 135 0.44 -29.68 -1.72
CA SER A 135 1.34 -29.82 -2.86
C SER A 135 1.65 -31.29 -3.12
N GLU A 136 2.11 -31.59 -4.34
CA GLU A 136 2.45 -32.95 -4.71
C GLU A 136 3.95 -33.18 -4.64
N LYS A 137 4.37 -34.05 -3.73
CA LYS A 137 5.78 -34.37 -3.56
C LYS A 137 6.29 -35.24 -4.70
N GLN A 138 7.54 -35.00 -5.10
CA GLN A 138 8.14 -35.76 -6.19
C GLN A 138 9.63 -35.44 -6.31
N GLU A 139 10.47 -36.43 -6.00
CA GLU A 139 11.91 -36.27 -6.07
C GLU A 139 12.63 -37.60 -5.90
N ARG A 140 13.74 -37.76 -6.61
CA ARG A 140 14.52 -38.99 -6.54
C ARG A 140 15.94 -38.77 -7.04
N SER A 141 16.79 -39.77 -6.86
CA SER A 141 18.18 -39.67 -7.29
C SER A 141 18.30 -39.84 -8.80
N GLY A 142 19.27 -39.14 -9.39
CA GLY A 142 19.47 -39.22 -10.83
C GLY A 142 20.93 -39.06 -11.22
N PRO A 143 21.73 -40.11 -10.97
CA PRO A 143 23.16 -40.10 -11.29
C PRO A 143 23.42 -40.15 -12.78
N SER A 144 22.56 -40.86 -13.51
CA SER A 144 22.70 -40.99 -14.96
C SER A 144 24.12 -41.38 -15.34
N SER A 145 24.69 -42.32 -14.58
CA SER A 145 26.04 -42.78 -14.83
C SER A 145 26.19 -43.30 -16.26
N GLY A 146 27.30 -42.96 -16.91
CA GLY A 146 27.52 -43.40 -18.27
C GLY A 146 26.97 -42.44 -19.30
N GLY A 1 4.21 13.68 29.89
CA GLY A 1 4.07 12.24 30.05
C GLY A 1 5.30 11.59 30.64
N SER A 2 5.45 10.30 30.40
CA SER A 2 6.60 9.56 30.93
C SER A 2 7.34 8.84 29.81
N SER A 3 6.64 7.94 29.12
CA SER A 3 7.22 7.17 28.03
C SER A 3 6.15 6.42 27.25
N GLY A 4 6.42 6.16 25.97
CA GLY A 4 5.47 5.45 25.14
C GLY A 4 6.14 4.41 24.26
N SER A 5 5.56 4.16 23.10
CA SER A 5 6.10 3.17 22.16
C SER A 5 7.53 3.50 21.80
N SER A 6 8.19 2.59 21.10
CA SER A 6 9.57 2.77 20.69
C SER A 6 9.66 3.55 19.37
N GLY A 7 8.83 3.15 18.42
CA GLY A 7 8.82 3.82 17.12
C GLY A 7 8.46 2.88 15.99
N ASN A 8 7.77 3.42 14.98
CA ASN A 8 7.35 2.62 13.83
C ASN A 8 7.66 3.35 12.53
N ARG A 9 8.91 3.27 12.09
CA ARG A 9 9.33 3.92 10.87
C ARG A 9 10.36 3.07 10.12
N LEU A 10 10.44 3.26 8.81
CA LEU A 10 11.38 2.51 7.99
C LEU A 10 11.69 3.25 6.69
N LEU A 11 12.88 3.02 6.14
CA LEU A 11 13.29 3.67 4.90
C LEU A 11 12.25 3.43 3.80
N SER A 12 12.23 4.32 2.81
CA SER A 12 11.29 4.22 1.70
C SER A 12 12.00 4.45 0.38
N LYS A 13 11.98 3.44 -0.48
CA LYS A 13 12.62 3.54 -1.79
C LYS A 13 12.36 2.28 -2.62
N TYR A 14 12.75 2.31 -3.89
CA TYR A 14 12.56 1.18 -4.78
C TYR A 14 13.63 0.12 -4.56
N ASP A 15 13.21 -1.14 -4.62
CA ASP A 15 14.14 -2.25 -4.42
C ASP A 15 13.56 -3.55 -5.01
N PRO A 16 14.44 -4.34 -5.64
CA PRO A 16 14.04 -5.62 -6.26
C PRO A 16 13.67 -6.68 -5.22
N GLN A 17 13.92 -6.36 -3.95
CA GLN A 17 13.61 -7.28 -2.87
C GLN A 17 12.37 -6.83 -2.11
N LYS A 18 12.29 -5.54 -1.82
CA LYS A 18 11.16 -4.97 -1.10
C LYS A 18 9.84 -5.27 -1.83
N GLU A 19 9.84 -5.04 -3.14
CA GLU A 19 8.66 -5.28 -3.96
C GLU A 19 7.95 -6.56 -3.53
N ALA A 20 8.72 -7.62 -3.34
CA ALA A 20 8.17 -8.91 -2.93
C ALA A 20 7.50 -8.80 -1.56
N GLU A 21 8.13 -8.03 -0.66
CA GLU A 21 7.60 -7.86 0.69
C GLU A 21 6.16 -7.33 0.64
N LEU A 22 5.93 -6.34 -0.21
CA LEU A 22 4.60 -5.75 -0.35
C LEU A 22 3.59 -6.79 -0.82
N ARG A 23 3.74 -7.23 -2.06
CA ARG A 23 2.83 -8.23 -2.63
C ARG A 23 2.57 -9.36 -1.64
N THR A 24 3.62 -9.75 -0.92
CA THR A 24 3.51 -10.82 0.07
C THR A 24 2.69 -10.38 1.28
N TRP A 25 2.78 -9.08 1.60
CA TRP A 25 2.04 -8.54 2.73
C TRP A 25 0.59 -8.23 2.35
N ILE A 26 0.38 -7.91 1.07
CA ILE A 26 -0.96 -7.60 0.59
C ILE A 26 -1.72 -8.87 0.23
N GLU A 27 -1.10 -9.72 -0.58
CA GLU A 27 -1.71 -10.98 -1.00
C GLU A 27 -2.34 -11.69 0.20
N GLY A 28 -1.66 -11.66 1.33
CA GLY A 28 -2.17 -12.31 2.53
C GLY A 28 -3.25 -11.51 3.21
N LEU A 29 -3.16 -10.19 3.11
CA LEU A 29 -4.14 -9.30 3.72
C LEU A 29 -5.52 -9.47 3.07
N THR A 30 -5.60 -9.19 1.78
CA THR A 30 -6.84 -9.31 1.04
C THR A 30 -7.10 -10.76 0.63
N GLY A 31 -6.02 -11.51 0.44
CA GLY A 31 -6.15 -12.92 0.06
C GLY A 31 -6.35 -13.08 -1.44
N LEU A 32 -6.02 -12.05 -2.20
CA LEU A 32 -6.16 -12.09 -3.65
C LEU A 32 -4.82 -12.31 -4.33
N SER A 33 -4.80 -12.27 -5.66
CA SER A 33 -3.58 -12.47 -6.42
C SER A 33 -3.31 -11.28 -7.33
N ILE A 34 -2.07 -10.80 -7.31
CA ILE A 34 -1.67 -9.66 -8.14
C ILE A 34 -1.49 -10.08 -9.60
N GLY A 35 -0.88 -11.25 -9.79
CA GLY A 35 -0.64 -11.74 -11.14
C GLY A 35 0.83 -11.83 -11.48
N PRO A 36 1.14 -12.14 -12.74
CA PRO A 36 2.52 -12.27 -13.21
C PRO A 36 3.24 -10.92 -13.27
N ASP A 37 2.51 -9.86 -12.97
CA ASP A 37 3.08 -8.52 -12.98
C ASP A 37 2.49 -7.67 -11.86
N PHE A 38 3.31 -6.77 -11.31
CA PHE A 38 2.86 -5.89 -10.23
C PHE A 38 2.15 -4.66 -10.79
N GLN A 39 2.89 -3.85 -11.54
CA GLN A 39 2.33 -2.64 -12.12
C GLN A 39 0.93 -2.90 -12.68
N LYS A 40 0.77 -4.01 -13.38
CA LYS A 40 -0.50 -4.38 -13.96
C LYS A 40 -1.47 -4.87 -12.89
N GLY A 41 -1.13 -5.98 -12.25
CA GLY A 41 -1.98 -6.53 -11.21
C GLY A 41 -2.65 -5.46 -10.39
N LEU A 42 -1.96 -4.34 -10.17
CA LEU A 42 -2.50 -3.24 -9.39
C LEU A 42 -3.10 -2.18 -10.31
N LYS A 43 -2.51 -2.02 -11.49
CA LYS A 43 -2.99 -1.04 -12.46
C LYS A 43 -4.51 -0.97 -12.46
N ASP A 44 -5.15 -2.01 -12.97
CA ASP A 44 -6.61 -2.06 -13.03
C ASP A 44 -7.22 -1.42 -11.79
N GLY A 45 -6.60 -1.66 -10.63
CA GLY A 45 -7.11 -1.10 -9.39
C GLY A 45 -8.19 -1.94 -8.76
N THR A 46 -8.02 -3.26 -8.82
CA THR A 46 -9.00 -4.19 -8.25
C THR A 46 -8.57 -4.65 -6.86
N ILE A 47 -7.27 -4.78 -6.66
CA ILE A 47 -6.73 -5.22 -5.37
C ILE A 47 -6.39 -4.03 -4.49
N LEU A 48 -5.56 -3.12 -5.01
CA LEU A 48 -5.15 -1.94 -4.27
C LEU A 48 -6.29 -1.43 -3.38
N CYS A 49 -7.52 -1.53 -3.90
CA CYS A 49 -8.69 -1.07 -3.16
C CYS A 49 -8.94 -1.97 -1.94
N THR A 50 -9.12 -3.25 -2.17
CA THR A 50 -9.37 -4.21 -1.10
C THR A 50 -8.33 -4.06 0.00
N LEU A 51 -7.05 -4.05 -0.39
CA LEU A 51 -5.97 -3.93 0.57
C LEU A 51 -6.29 -2.89 1.63
N MET A 52 -6.69 -1.70 1.18
CA MET A 52 -7.03 -0.61 2.09
C MET A 52 -8.21 -1.00 2.99
N ASN A 53 -9.31 -1.39 2.36
CA ASN A 53 -10.50 -1.80 3.10
C ASN A 53 -10.13 -2.65 4.31
N LYS A 54 -9.15 -3.53 4.14
CA LYS A 54 -8.70 -4.40 5.20
C LYS A 54 -8.18 -3.59 6.39
N LEU A 55 -7.44 -2.52 6.10
CA LEU A 55 -6.90 -1.66 7.14
C LEU A 55 -7.98 -0.73 7.70
N GLN A 56 -8.66 -0.03 6.81
CA GLN A 56 -9.71 0.89 7.21
C GLN A 56 -11.04 0.52 6.56
N PRO A 57 -12.01 0.09 7.37
CA PRO A 57 -13.34 -0.30 6.89
C PRO A 57 -14.16 0.90 6.40
N GLY A 58 -13.89 1.32 5.17
CA GLY A 58 -14.61 2.46 4.61
C GLY A 58 -13.79 3.20 3.58
N SER A 59 -12.48 3.02 3.62
CA SER A 59 -11.58 3.69 2.68
C SER A 59 -12.20 3.74 1.28
N VAL A 60 -12.53 2.57 0.75
CA VAL A 60 -13.12 2.49 -0.59
C VAL A 60 -14.57 2.01 -0.50
N PRO A 61 -15.47 2.73 -1.18
CA PRO A 61 -16.89 2.40 -1.21
C PRO A 61 -17.18 1.12 -1.99
N LYS A 62 -16.65 1.05 -3.21
CA LYS A 62 -16.85 -0.12 -4.06
C LYS A 62 -15.73 -0.23 -5.10
N ILE A 63 -15.49 -1.44 -5.59
CA ILE A 63 -14.46 -1.68 -6.58
C ILE A 63 -15.07 -2.02 -7.94
N ASN A 64 -14.72 -1.23 -8.96
CA ASN A 64 -15.24 -1.44 -10.30
C ASN A 64 -14.52 -2.60 -10.97
N ARG A 65 -15.20 -3.74 -11.09
CA ARG A 65 -14.63 -4.92 -11.72
C ARG A 65 -14.74 -4.84 -13.24
N SER A 66 -14.41 -3.66 -13.78
CA SER A 66 -14.46 -3.45 -15.23
C SER A 66 -13.06 -3.23 -15.79
N MET A 67 -12.80 -3.82 -16.95
CA MET A 67 -11.50 -3.69 -17.61
C MET A 67 -11.45 -2.41 -18.44
N GLN A 68 -12.06 -1.35 -17.94
CA GLN A 68 -12.07 -0.07 -18.64
C GLN A 68 -11.03 0.88 -18.05
N ASN A 69 -10.70 1.92 -18.82
CA ASN A 69 -9.71 2.90 -18.37
C ASN A 69 -10.29 3.81 -17.30
N TRP A 70 -11.44 4.41 -17.59
CA TRP A 70 -12.10 5.30 -16.64
C TRP A 70 -12.37 4.60 -15.33
N HIS A 71 -12.93 3.39 -15.41
CA HIS A 71 -13.25 2.61 -14.22
C HIS A 71 -11.97 2.27 -13.44
N GLN A 72 -10.98 1.73 -14.14
CA GLN A 72 -9.73 1.35 -13.52
C GLN A 72 -9.10 2.56 -12.81
N LEU A 73 -9.20 3.72 -13.44
CA LEU A 73 -8.63 4.95 -12.88
C LEU A 73 -9.33 5.31 -11.57
N GLU A 74 -10.65 5.26 -11.57
CA GLU A 74 -11.44 5.59 -10.39
C GLU A 74 -10.96 4.77 -9.18
N ASN A 75 -10.63 3.51 -9.42
CA ASN A 75 -10.16 2.63 -8.36
C ASN A 75 -9.00 3.26 -7.60
N LEU A 76 -7.97 3.65 -8.33
CA LEU A 76 -6.79 4.27 -7.72
C LEU A 76 -7.16 5.56 -7.02
N SER A 77 -7.90 6.42 -7.71
CA SER A 77 -8.33 7.69 -7.15
C SER A 77 -8.97 7.50 -5.78
N ASN A 78 -9.75 6.43 -5.64
CA ASN A 78 -10.41 6.13 -4.37
C ASN A 78 -9.40 5.69 -3.32
N PHE A 79 -8.57 4.72 -3.68
CA PHE A 79 -7.56 4.21 -2.76
C PHE A 79 -6.66 5.34 -2.26
N ILE A 80 -6.19 6.17 -3.18
CA ILE A 80 -5.32 7.28 -2.83
C ILE A 80 -5.94 8.15 -1.74
N LYS A 81 -7.12 8.69 -2.02
CA LYS A 81 -7.82 9.53 -1.06
C LYS A 81 -7.92 8.84 0.30
N ALA A 82 -7.99 7.51 0.28
CA ALA A 82 -8.08 6.74 1.51
C ALA A 82 -6.83 6.93 2.37
N MET A 83 -5.67 6.77 1.77
CA MET A 83 -4.41 6.93 2.47
C MET A 83 -4.38 8.23 3.27
N VAL A 84 -4.68 9.33 2.59
CA VAL A 84 -4.69 10.65 3.22
C VAL A 84 -5.42 10.60 4.56
N SER A 85 -6.57 9.93 4.57
CA SER A 85 -7.37 9.80 5.78
C SER A 85 -6.66 8.96 6.83
N TYR A 86 -6.01 7.88 6.37
CA TYR A 86 -5.29 7.00 7.27
C TYR A 86 -4.25 7.76 8.08
N GLY A 87 -3.70 8.82 7.49
CA GLY A 87 -2.71 9.62 8.16
C GLY A 87 -1.35 9.55 7.49
N MET A 88 -1.35 9.36 6.18
CA MET A 88 -0.12 9.27 5.41
C MET A 88 0.42 10.66 5.08
N ASN A 89 1.61 10.72 4.50
CA ASN A 89 2.23 11.98 4.14
C ASN A 89 1.73 12.46 2.78
N PRO A 90 1.88 13.77 2.53
CA PRO A 90 1.46 14.39 1.26
C PRO A 90 2.33 13.97 0.10
N VAL A 91 3.38 13.19 0.38
CA VAL A 91 4.28 12.72 -0.66
C VAL A 91 4.28 11.19 -0.72
N ASP A 92 4.11 10.56 0.43
CA ASP A 92 4.09 9.10 0.50
C ASP A 92 2.98 8.52 -0.38
N LEU A 93 2.11 9.40 -0.87
CA LEU A 93 1.00 8.98 -1.73
C LEU A 93 1.45 8.87 -3.18
N PHE A 94 0.52 8.50 -4.05
CA PHE A 94 0.82 8.35 -5.48
C PHE A 94 -0.41 8.66 -6.32
N GLU A 95 -0.18 9.30 -7.47
CA GLU A 95 -1.27 9.65 -8.37
C GLU A 95 -1.96 8.40 -8.91
N ALA A 96 -2.91 8.61 -9.81
CA ALA A 96 -3.64 7.50 -10.41
C ALA A 96 -3.06 7.14 -11.78
N ASN A 97 -2.33 8.08 -12.38
CA ASN A 97 -1.72 7.86 -13.69
C ASN A 97 -0.37 7.17 -13.55
N ASP A 98 0.38 7.53 -12.51
CA ASP A 98 1.69 6.95 -12.27
C ASP A 98 1.66 5.44 -12.51
N LEU A 99 0.65 4.78 -11.96
CA LEU A 99 0.51 3.33 -12.11
C LEU A 99 -0.11 2.98 -13.46
N PHE A 100 -1.19 3.66 -13.80
CA PHE A 100 -1.89 3.42 -15.07
C PHE A 100 -0.92 3.57 -16.24
N GLU A 101 -0.42 4.79 -16.44
CA GLU A 101 0.51 5.06 -17.53
C GLU A 101 1.96 4.90 -17.07
N SER A 102 2.17 4.04 -16.08
CA SER A 102 3.50 3.80 -15.54
C SER A 102 4.25 5.12 -15.36
N GLY A 103 3.50 6.21 -15.21
CA GLY A 103 4.13 7.51 -15.03
C GLY A 103 5.06 7.55 -13.84
N ASN A 104 4.94 6.56 -12.96
CA ASN A 104 5.79 6.49 -11.77
C ASN A 104 5.53 5.19 -11.01
N MET A 105 6.54 4.34 -10.96
CA MET A 105 6.45 3.06 -10.26
C MET A 105 7.10 3.13 -8.89
N THR A 106 7.85 4.21 -8.66
CA THR A 106 8.53 4.40 -7.39
C THR A 106 7.63 5.08 -6.37
N GLN A 107 6.77 5.97 -6.85
CA GLN A 107 5.85 6.69 -5.98
C GLN A 107 4.73 5.76 -5.49
N VAL A 108 4.43 4.75 -6.28
CA VAL A 108 3.39 3.79 -5.93
C VAL A 108 3.93 2.70 -5.03
N GLN A 109 5.22 2.42 -5.15
CA GLN A 109 5.86 1.39 -4.34
C GLN A 109 6.01 1.85 -2.89
N VAL A 110 6.58 3.03 -2.71
CA VAL A 110 6.79 3.59 -1.38
C VAL A 110 5.46 3.73 -0.63
N SER A 111 4.44 4.16 -1.35
CA SER A 111 3.11 4.34 -0.76
C SER A 111 2.71 3.11 0.05
N LEU A 112 2.86 1.94 -0.56
CA LEU A 112 2.51 0.68 0.09
C LEU A 112 3.49 0.36 1.21
N LEU A 113 4.77 0.56 0.95
CA LEU A 113 5.81 0.29 1.94
C LEU A 113 5.60 1.16 3.19
N ALA A 114 4.98 2.32 3.00
CA ALA A 114 4.72 3.23 4.11
C ALA A 114 3.40 2.90 4.78
N LEU A 115 2.38 2.62 3.98
CA LEU A 115 1.05 2.29 4.50
C LEU A 115 1.08 0.99 5.30
N ALA A 116 1.96 0.07 4.89
CA ALA A 116 2.09 -1.21 5.57
C ALA A 116 2.81 -1.05 6.91
N GLY A 117 3.97 -0.41 6.87
CA GLY A 117 4.74 -0.20 8.09
C GLY A 117 3.92 0.47 9.18
N LYS A 118 2.82 1.10 8.78
CA LYS A 118 1.96 1.78 9.73
C LYS A 118 0.71 0.97 10.03
N ALA A 119 0.20 0.28 9.00
CA ALA A 119 -0.99 -0.54 9.14
C ALA A 119 -0.73 -1.74 10.04
N LYS A 120 0.53 -2.19 10.07
CA LYS A 120 0.91 -3.33 10.89
C LYS A 120 0.49 -3.12 12.34
N THR A 121 0.44 -1.87 12.76
CA THR A 121 0.05 -1.53 14.12
C THR A 121 -1.18 -2.33 14.56
N LYS A 122 -2.00 -2.71 13.59
CA LYS A 122 -3.20 -3.49 13.86
C LYS A 122 -2.86 -4.84 14.49
N GLY A 123 -1.91 -5.55 13.87
CA GLY A 123 -1.51 -6.84 14.38
C GLY A 123 0.00 -7.02 14.38
N LEU A 124 0.69 -6.11 15.07
CA LEU A 124 2.15 -6.17 15.13
C LEU A 124 2.64 -7.61 15.18
N GLN A 125 3.59 -7.94 14.32
CA GLN A 125 4.15 -9.29 14.27
C GLN A 125 5.63 -9.29 14.62
N SER A 126 6.38 -8.39 14.00
CA SER A 126 7.82 -8.28 14.23
C SER A 126 8.24 -6.83 14.36
N GLY A 127 9.34 -6.59 15.07
CA GLY A 127 9.83 -5.24 15.25
C GLY A 127 10.23 -4.59 13.94
N VAL A 128 10.41 -3.27 13.96
CA VAL A 128 10.79 -2.53 12.77
C VAL A 128 11.96 -1.60 13.04
N ASP A 129 12.84 -1.45 12.06
CA ASP A 129 14.01 -0.59 12.21
C ASP A 129 13.62 0.75 12.82
N ILE A 130 14.63 1.55 13.16
CA ILE A 130 14.39 2.86 13.75
C ILE A 130 13.50 3.72 12.86
N GLY A 131 14.02 4.06 11.67
CA GLY A 131 13.26 4.86 10.74
C GLY A 131 13.19 6.32 11.17
N VAL A 132 14.06 7.14 10.58
CA VAL A 132 14.09 8.56 10.90
C VAL A 132 13.24 9.36 9.92
N LYS A 133 11.93 9.31 10.13
CA LYS A 133 11.00 10.04 9.26
C LYS A 133 9.64 10.20 9.94
N TYR A 134 8.96 11.30 9.64
CA TYR A 134 7.65 11.57 10.21
C TYR A 134 6.53 11.13 9.28
N SER A 135 6.71 9.97 8.66
CA SER A 135 5.72 9.44 7.72
C SER A 135 4.30 9.66 8.25
N GLU A 136 4.13 9.48 9.55
CA GLU A 136 2.83 9.65 10.19
C GLU A 136 2.80 10.92 11.04
N LYS A 137 1.90 11.83 10.71
CA LYS A 137 1.76 13.09 11.45
C LYS A 137 0.91 12.90 12.70
N GLN A 138 -0.31 12.43 12.50
CA GLN A 138 -1.24 12.20 13.61
C GLN A 138 -2.49 11.47 13.14
N GLU A 139 -2.84 10.39 13.83
CA GLU A 139 -4.00 9.60 13.48
C GLU A 139 -4.94 9.47 14.68
N ARG A 140 -6.21 9.18 14.40
CA ARG A 140 -7.22 9.03 15.45
C ARG A 140 -8.12 7.84 15.17
N SER A 141 -8.71 7.28 16.23
CA SER A 141 -9.60 6.13 16.09
C SER A 141 -10.80 6.48 15.21
N GLY A 142 -11.58 7.47 15.64
CA GLY A 142 -12.75 7.88 14.88
C GLY A 142 -13.79 6.77 14.79
N PRO A 143 -14.99 7.13 14.29
CA PRO A 143 -16.09 6.18 14.14
C PRO A 143 -15.83 5.15 13.06
N SER A 144 -15.86 3.88 13.44
CA SER A 144 -15.62 2.79 12.49
C SER A 144 -16.93 2.14 12.06
N SER A 145 -16.91 1.46 10.92
CA SER A 145 -18.09 0.80 10.39
C SER A 145 -18.29 -0.56 11.05
N GLY A 146 -19.48 -0.78 11.59
CA GLY A 146 -19.78 -2.04 12.24
C GLY A 146 -21.26 -2.37 12.22
N GLY A 1 33.15 -5.86 -17.95
CA GLY A 1 32.01 -6.65 -17.56
C GLY A 1 30.77 -6.34 -18.38
N SER A 2 30.02 -7.37 -18.74
CA SER A 2 28.80 -7.20 -19.54
C SER A 2 27.88 -6.16 -18.90
N SER A 3 26.97 -5.63 -19.70
CA SER A 3 26.03 -4.62 -19.21
C SER A 3 25.42 -5.05 -17.89
N GLY A 4 25.17 -4.07 -17.02
CA GLY A 4 24.59 -4.35 -15.72
C GLY A 4 24.12 -3.11 -15.00
N SER A 5 25.05 -2.19 -14.76
CA SER A 5 24.74 -0.94 -14.07
C SER A 5 23.90 -0.03 -14.95
N SER A 6 22.60 -0.28 -14.98
CA SER A 6 21.68 0.52 -15.80
C SER A 6 22.04 2.00 -15.71
N GLY A 7 21.91 2.70 -16.84
CA GLY A 7 22.22 4.12 -16.86
C GLY A 7 21.33 4.92 -15.93
N ASN A 8 20.03 4.94 -16.24
CA ASN A 8 19.07 5.68 -15.42
C ASN A 8 19.17 5.28 -13.96
N ARG A 9 19.06 6.26 -13.07
CA ARG A 9 19.15 6.01 -11.63
C ARG A 9 17.90 6.51 -10.92
N LEU A 10 17.41 5.74 -9.96
CA LEU A 10 16.23 6.10 -9.20
C LEU A 10 16.59 6.53 -7.78
N LEU A 11 15.84 7.50 -7.25
CA LEU A 11 16.09 8.00 -5.90
C LEU A 11 14.87 7.78 -5.01
N SER A 12 13.84 7.17 -5.56
CA SER A 12 12.61 6.89 -4.83
C SER A 12 12.73 5.59 -4.04
N LYS A 13 13.84 5.43 -3.33
CA LYS A 13 14.07 4.23 -2.54
C LYS A 13 13.41 3.01 -3.18
N TYR A 14 13.71 2.78 -4.45
CA TYR A 14 13.14 1.65 -5.18
C TYR A 14 14.06 0.44 -5.10
N ASP A 15 13.45 -0.72 -4.85
CA ASP A 15 14.21 -1.97 -4.75
C ASP A 15 13.41 -3.14 -5.29
N PRO A 16 14.07 -4.00 -6.09
CA PRO A 16 13.43 -5.17 -6.69
C PRO A 16 13.10 -6.24 -5.66
N GLN A 17 13.64 -6.08 -4.45
CA GLN A 17 13.39 -7.04 -3.37
C GLN A 17 12.20 -6.61 -2.52
N LYS A 18 12.17 -5.33 -2.17
CA LYS A 18 11.08 -4.79 -1.36
C LYS A 18 9.73 -5.01 -2.03
N GLU A 19 9.69 -4.79 -3.34
CA GLU A 19 8.47 -4.97 -4.11
C GLU A 19 7.78 -6.29 -3.75
N ALA A 20 8.58 -7.32 -3.54
CA ALA A 20 8.06 -8.63 -3.18
C ALA A 20 7.45 -8.62 -1.79
N GLU A 21 8.12 -7.97 -0.85
CA GLU A 21 7.63 -7.89 0.52
C GLU A 21 6.21 -7.34 0.56
N LEU A 22 5.94 -6.35 -0.28
CA LEU A 22 4.61 -5.73 -0.34
C LEU A 22 3.56 -6.75 -0.81
N ARG A 23 3.69 -7.18 -2.07
CA ARG A 23 2.76 -8.14 -2.63
C ARG A 23 2.53 -9.31 -1.67
N THR A 24 3.58 -9.73 -0.99
CA THR A 24 3.49 -10.83 -0.04
C THR A 24 2.68 -10.43 1.19
N TRP A 25 2.69 -9.14 1.51
CA TRP A 25 1.95 -8.62 2.66
C TRP A 25 0.51 -8.30 2.28
N ILE A 26 0.31 -7.88 1.04
CA ILE A 26 -1.03 -7.53 0.55
C ILE A 26 -1.80 -8.78 0.15
N GLU A 27 -1.15 -9.67 -0.60
CA GLU A 27 -1.77 -10.90 -1.04
C GLU A 27 -2.45 -11.62 0.12
N GLY A 28 -1.85 -11.54 1.29
CA GLY A 28 -2.41 -12.18 2.47
C GLY A 28 -3.48 -11.36 3.13
N LEU A 29 -3.34 -10.03 3.05
CA LEU A 29 -4.31 -9.12 3.65
C LEU A 29 -5.67 -9.23 2.94
N THR A 30 -5.68 -8.95 1.65
CA THR A 30 -6.92 -9.02 0.87
C THR A 30 -7.21 -10.45 0.44
N GLY A 31 -6.16 -11.26 0.27
CA GLY A 31 -6.33 -12.64 -0.13
C GLY A 31 -6.51 -12.79 -1.63
N LEU A 32 -6.21 -11.73 -2.37
CA LEU A 32 -6.33 -11.75 -3.82
C LEU A 32 -4.99 -12.04 -4.48
N SER A 33 -4.98 -12.05 -5.82
CA SER A 33 -3.76 -12.31 -6.57
C SER A 33 -3.42 -11.14 -7.47
N ILE A 34 -2.13 -10.79 -7.51
CA ILE A 34 -1.66 -9.68 -8.33
C ILE A 34 -1.24 -10.17 -9.71
N GLY A 35 -0.62 -11.34 -9.76
CA GLY A 35 -0.17 -11.90 -11.02
C GLY A 35 1.32 -11.82 -11.19
N PRO A 36 1.81 -12.21 -12.39
CA PRO A 36 3.24 -12.19 -12.71
C PRO A 36 3.79 -10.76 -12.83
N ASP A 37 2.88 -9.79 -12.85
CA ASP A 37 3.28 -8.39 -12.96
C ASP A 37 2.65 -7.56 -11.84
N PHE A 38 3.37 -6.52 -11.42
CA PHE A 38 2.88 -5.65 -10.36
C PHE A 38 2.11 -4.47 -10.92
N GLN A 39 2.80 -3.62 -11.68
CA GLN A 39 2.17 -2.45 -12.29
C GLN A 39 0.81 -2.80 -12.87
N LYS A 40 0.75 -3.92 -13.60
CA LYS A 40 -0.49 -4.37 -14.20
C LYS A 40 -1.46 -4.88 -13.15
N GLY A 41 -1.14 -6.04 -12.57
CA GLY A 41 -1.99 -6.61 -11.54
C GLY A 41 -2.66 -5.56 -10.68
N LEU A 42 -1.95 -4.47 -10.43
CA LEU A 42 -2.47 -3.38 -9.61
C LEU A 42 -3.10 -2.30 -10.48
N LYS A 43 -2.54 -2.12 -11.67
CA LYS A 43 -3.05 -1.11 -12.61
C LYS A 43 -4.57 -1.00 -12.51
N ASP A 44 -5.26 -2.07 -12.88
CA ASP A 44 -6.72 -2.09 -12.84
C ASP A 44 -7.23 -1.41 -11.57
N GLY A 45 -6.53 -1.61 -10.46
CA GLY A 45 -6.93 -1.02 -9.20
C GLY A 45 -7.97 -1.84 -8.47
N THR A 46 -7.83 -3.17 -8.55
CA THR A 46 -8.78 -4.07 -7.90
C THR A 46 -8.34 -4.38 -6.48
N ILE A 47 -7.09 -4.83 -6.34
CA ILE A 47 -6.55 -5.17 -5.02
C ILE A 47 -6.20 -3.91 -4.23
N LEU A 48 -5.44 -3.03 -4.85
CA LEU A 48 -5.03 -1.77 -4.21
C LEU A 48 -6.18 -1.19 -3.39
N CYS A 49 -7.41 -1.44 -3.84
CA CYS A 49 -8.58 -0.94 -3.14
C CYS A 49 -8.88 -1.77 -1.90
N THR A 50 -9.05 -3.08 -2.10
CA THR A 50 -9.34 -3.98 -1.00
C THR A 50 -8.29 -3.89 0.09
N LEU A 51 -7.02 -3.82 -0.32
CA LEU A 51 -5.91 -3.73 0.62
C LEU A 51 -6.19 -2.66 1.68
N MET A 52 -6.75 -1.54 1.26
CA MET A 52 -7.07 -0.46 2.17
C MET A 52 -8.25 -0.82 3.06
N ASN A 53 -9.32 -1.32 2.44
CA ASN A 53 -10.52 -1.71 3.18
C ASN A 53 -10.16 -2.58 4.37
N LYS A 54 -9.18 -3.46 4.19
CA LYS A 54 -8.74 -4.35 5.26
C LYS A 54 -8.25 -3.56 6.46
N LEU A 55 -7.41 -2.56 6.21
CA LEU A 55 -6.87 -1.73 7.28
C LEU A 55 -7.95 -0.81 7.85
N GLN A 56 -8.68 -0.14 6.96
CA GLN A 56 -9.74 0.77 7.38
C GLN A 56 -11.10 0.26 6.92
N PRO A 57 -12.03 0.12 7.86
CA PRO A 57 -13.39 -0.36 7.58
C PRO A 57 -14.22 0.65 6.81
N GLY A 58 -13.59 1.77 6.45
CA GLY A 58 -14.27 2.81 5.70
C GLY A 58 -13.34 3.59 4.81
N SER A 59 -12.68 2.89 3.89
CA SER A 59 -11.74 3.54 2.96
C SER A 59 -12.34 3.62 1.56
N VAL A 60 -12.67 2.46 0.99
CA VAL A 60 -13.24 2.41 -0.35
C VAL A 60 -14.69 1.93 -0.30
N PRO A 61 -15.59 2.72 -0.91
CA PRO A 61 -17.02 2.40 -0.96
C PRO A 61 -17.32 1.19 -1.84
N LYS A 62 -16.81 1.22 -3.07
CA LYS A 62 -17.02 0.13 -4.01
C LYS A 62 -15.85 0.03 -5.00
N ILE A 63 -15.61 -1.18 -5.49
CA ILE A 63 -14.53 -1.41 -6.44
C ILE A 63 -15.07 -1.82 -7.81
N ASN A 64 -14.45 -1.31 -8.86
CA ASN A 64 -14.87 -1.63 -10.22
C ASN A 64 -14.06 -2.79 -10.78
N ARG A 65 -14.73 -3.91 -11.04
CA ARG A 65 -14.08 -5.10 -11.58
C ARG A 65 -14.23 -5.15 -13.09
N SER A 66 -14.18 -4.00 -13.74
CA SER A 66 -14.32 -3.91 -15.19
C SER A 66 -12.99 -3.59 -15.85
N MET A 67 -12.86 -3.94 -17.12
CA MET A 67 -11.63 -3.68 -17.87
C MET A 67 -11.71 -2.33 -18.58
N GLN A 68 -12.47 -1.40 -18.02
CA GLN A 68 -12.62 -0.08 -18.61
C GLN A 68 -11.60 0.90 -18.03
N ASN A 69 -11.17 1.84 -18.86
CA ASN A 69 -10.20 2.84 -18.42
C ASN A 69 -10.73 3.64 -17.24
N TRP A 70 -11.74 4.47 -17.50
CA TRP A 70 -12.34 5.29 -16.45
C TRP A 70 -12.47 4.51 -15.15
N HIS A 71 -13.07 3.33 -15.23
CA HIS A 71 -13.26 2.48 -14.06
C HIS A 71 -11.92 2.20 -13.37
N GLN A 72 -11.00 1.58 -14.10
CA GLN A 72 -9.69 1.25 -13.55
C GLN A 72 -9.08 2.46 -12.86
N LEU A 73 -9.31 3.65 -13.41
CA LEU A 73 -8.79 4.88 -12.83
C LEU A 73 -9.50 5.22 -11.53
N GLU A 74 -10.83 5.23 -11.57
CA GLU A 74 -11.63 5.54 -10.39
C GLU A 74 -11.16 4.73 -9.19
N ASN A 75 -10.64 3.54 -9.46
CA ASN A 75 -10.15 2.67 -8.39
C ASN A 75 -8.99 3.32 -7.64
N LEU A 76 -7.95 3.68 -8.39
CA LEU A 76 -6.78 4.31 -7.79
C LEU A 76 -7.15 5.61 -7.08
N SER A 77 -7.88 6.48 -7.79
CA SER A 77 -8.30 7.75 -7.24
C SER A 77 -8.98 7.56 -5.88
N ASN A 78 -9.84 6.55 -5.80
CA ASN A 78 -10.55 6.25 -4.57
C ASN A 78 -9.60 5.79 -3.48
N PHE A 79 -8.75 4.82 -3.82
CA PHE A 79 -7.79 4.28 -2.87
C PHE A 79 -6.90 5.39 -2.31
N ILE A 80 -6.28 6.15 -3.21
CA ILE A 80 -5.40 7.24 -2.80
C ILE A 80 -6.05 8.10 -1.74
N LYS A 81 -7.12 8.79 -2.11
CA LYS A 81 -7.85 9.65 -1.18
C LYS A 81 -8.03 8.96 0.18
N ALA A 82 -8.17 7.64 0.14
CA ALA A 82 -8.36 6.86 1.36
C ALA A 82 -7.09 6.87 2.21
N MET A 83 -5.94 6.74 1.56
CA MET A 83 -4.66 6.73 2.26
C MET A 83 -4.50 7.99 3.11
N VAL A 84 -4.79 9.13 2.51
CA VAL A 84 -4.68 10.41 3.22
C VAL A 84 -5.46 10.39 4.53
N SER A 85 -6.62 9.73 4.51
CA SER A 85 -7.47 9.63 5.70
C SER A 85 -6.80 8.77 6.76
N TYR A 86 -6.16 7.70 6.34
CA TYR A 86 -5.49 6.79 7.26
C TYR A 86 -4.50 7.55 8.14
N GLY A 87 -3.70 8.41 7.52
CA GLY A 87 -2.73 9.18 8.27
C GLY A 87 -1.37 9.22 7.60
N MET A 88 -1.36 9.12 6.27
CA MET A 88 -0.12 9.14 5.51
C MET A 88 0.25 10.57 5.10
N ASN A 89 1.51 10.75 4.73
CA ASN A 89 1.98 12.07 4.32
C ASN A 89 1.66 12.33 2.86
N PRO A 90 1.63 13.62 2.48
CA PRO A 90 1.33 14.05 1.11
C PRO A 90 2.45 13.68 0.14
N VAL A 91 3.59 13.26 0.68
CA VAL A 91 4.73 12.88 -0.13
C VAL A 91 4.84 11.37 -0.29
N ASP A 92 3.99 10.65 0.43
CA ASP A 92 3.97 9.20 0.37
C ASP A 92 2.80 8.70 -0.48
N LEU A 93 2.20 9.61 -1.23
CA LEU A 93 1.07 9.26 -2.09
C LEU A 93 1.51 9.13 -3.54
N PHE A 94 0.63 8.60 -4.38
CA PHE A 94 0.93 8.42 -5.80
C PHE A 94 -0.31 8.70 -6.65
N GLU A 95 -0.08 9.23 -7.85
CA GLU A 95 -1.18 9.54 -8.76
C GLU A 95 -1.68 8.29 -9.46
N ALA A 96 -2.89 8.36 -10.00
CA ALA A 96 -3.48 7.23 -10.70
C ALA A 96 -2.70 6.89 -11.96
N ASN A 97 -2.19 7.91 -12.62
CA ASN A 97 -1.41 7.73 -13.85
C ASN A 97 -0.12 6.98 -13.57
N ASP A 98 0.56 7.36 -12.48
CA ASP A 98 1.81 6.71 -12.10
C ASP A 98 1.75 5.21 -12.33
N LEU A 99 0.64 4.59 -11.90
CA LEU A 99 0.46 3.16 -12.05
C LEU A 99 -0.15 2.84 -13.42
N PHE A 100 -1.29 3.45 -13.71
CA PHE A 100 -1.98 3.24 -14.98
C PHE A 100 -1.03 3.43 -16.15
N GLU A 101 -0.51 4.64 -16.30
CA GLU A 101 0.41 4.95 -17.39
C GLU A 101 1.86 4.68 -16.97
N SER A 102 2.01 3.82 -15.97
CA SER A 102 3.35 3.47 -15.48
C SER A 102 4.22 4.71 -15.35
N GLY A 103 3.58 5.87 -15.19
CA GLY A 103 4.31 7.11 -15.06
C GLY A 103 5.43 7.02 -14.04
N ASN A 104 5.27 6.14 -13.06
CA ASN A 104 6.28 5.96 -12.03
C ASN A 104 5.90 4.82 -11.09
N MET A 105 6.72 3.77 -11.06
CA MET A 105 6.48 2.62 -10.21
C MET A 105 7.20 2.75 -8.87
N THR A 106 7.75 3.94 -8.62
CA THR A 106 8.47 4.21 -7.39
C THR A 106 7.57 4.88 -6.36
N GLN A 107 6.77 5.84 -6.81
CA GLN A 107 5.86 6.56 -5.93
C GLN A 107 4.78 5.64 -5.39
N VAL A 108 4.38 4.66 -6.21
CA VAL A 108 3.35 3.72 -5.80
C VAL A 108 3.92 2.64 -4.89
N GLN A 109 5.20 2.31 -5.09
CA GLN A 109 5.86 1.31 -4.27
C GLN A 109 6.08 1.80 -2.85
N VAL A 110 6.82 2.90 -2.72
CA VAL A 110 7.10 3.49 -1.41
C VAL A 110 5.81 3.69 -0.61
N SER A 111 4.77 4.15 -1.29
CA SER A 111 3.48 4.39 -0.65
C SER A 111 3.03 3.17 0.15
N LEU A 112 3.12 2.00 -0.47
CA LEU A 112 2.73 0.75 0.18
C LEU A 112 3.68 0.40 1.31
N LEU A 113 4.98 0.56 1.04
CA LEU A 113 6.00 0.26 2.04
C LEU A 113 5.86 1.16 3.25
N ALA A 114 5.20 2.30 3.06
CA ALA A 114 5.00 3.26 4.15
C ALA A 114 3.66 3.02 4.85
N LEU A 115 2.65 2.65 4.06
CA LEU A 115 1.31 2.39 4.59
C LEU A 115 1.30 1.09 5.40
N ALA A 116 2.08 0.13 4.97
CA ALA A 116 2.16 -1.16 5.65
C ALA A 116 2.70 -1.00 7.06
N GLY A 117 3.87 -0.36 7.17
CA GLY A 117 4.47 -0.16 8.48
C GLY A 117 3.49 0.38 9.50
N LYS A 118 2.67 1.34 9.08
CA LYS A 118 1.69 1.94 9.97
C LYS A 118 0.54 0.97 10.25
N ALA A 119 0.11 0.25 9.22
CA ALA A 119 -0.96 -0.72 9.37
C ALA A 119 -0.57 -1.84 10.32
N LYS A 120 0.69 -2.25 10.25
CA LYS A 120 1.18 -3.32 11.12
C LYS A 120 0.67 -3.15 12.55
N THR A 121 0.42 -1.91 12.94
CA THR A 121 -0.08 -1.61 14.27
C THR A 121 -1.25 -2.52 14.64
N LYS A 122 -2.21 -2.62 13.73
CA LYS A 122 -3.39 -3.46 13.96
C LYS A 122 -3.01 -4.72 14.73
N GLY A 123 -2.02 -5.44 14.22
CA GLY A 123 -1.58 -6.66 14.88
C GLY A 123 -0.10 -6.92 14.70
N LEU A 124 0.73 -6.16 15.42
CA LEU A 124 2.17 -6.31 15.34
C LEU A 124 2.59 -7.75 15.65
N GLN A 125 3.66 -8.20 15.00
CA GLN A 125 4.16 -9.55 15.21
C GLN A 125 3.06 -10.59 15.01
N SER A 126 2.40 -10.51 13.86
CA SER A 126 1.32 -11.44 13.54
C SER A 126 1.76 -12.48 12.51
N GLY A 127 2.50 -13.48 12.97
CA GLY A 127 2.98 -14.52 12.08
C GLY A 127 2.04 -15.71 12.01
N VAL A 128 2.43 -16.73 11.26
CA VAL A 128 1.62 -17.93 11.11
C VAL A 128 2.47 -19.18 11.21
N ASP A 129 1.85 -20.28 11.62
CA ASP A 129 2.56 -21.55 11.76
C ASP A 129 2.30 -22.45 10.56
N ILE A 130 3.36 -22.79 9.84
CA ILE A 130 3.25 -23.64 8.66
C ILE A 130 4.02 -24.94 8.84
N GLY A 131 3.60 -25.74 9.82
CA GLY A 131 4.26 -27.00 10.09
C GLY A 131 3.78 -28.11 9.18
N VAL A 132 4.09 -28.00 7.89
CA VAL A 132 3.69 -29.00 6.92
C VAL A 132 4.72 -29.15 5.81
N LYS A 133 4.89 -30.37 5.33
CA LYS A 133 5.86 -30.65 4.27
C LYS A 133 5.20 -30.57 2.90
N TYR A 134 6.00 -30.30 1.87
CA TYR A 134 5.49 -30.20 0.51
C TYR A 134 6.10 -31.27 -0.37
N SER A 135 5.33 -31.72 -1.37
CA SER A 135 5.79 -32.75 -2.28
C SER A 135 7.03 -32.29 -3.05
N GLU A 136 6.99 -31.04 -3.52
CA GLU A 136 8.11 -30.48 -4.27
C GLU A 136 8.99 -29.64 -3.37
N LYS A 137 10.29 -29.92 -3.38
CA LYS A 137 11.24 -29.19 -2.56
C LYS A 137 11.25 -27.71 -2.94
N GLN A 138 10.72 -26.87 -2.05
CA GLN A 138 10.67 -25.43 -2.29
C GLN A 138 11.59 -24.70 -1.33
N GLU A 139 12.72 -24.23 -1.83
CA GLU A 139 13.68 -23.50 -1.02
C GLU A 139 14.53 -22.56 -1.88
N ARG A 140 14.61 -21.30 -1.47
CA ARG A 140 15.38 -20.31 -2.20
C ARG A 140 16.85 -20.36 -1.79
N SER A 141 17.72 -20.46 -2.79
CA SER A 141 19.16 -20.52 -2.54
C SER A 141 19.74 -19.13 -2.34
N GLY A 142 19.74 -18.67 -1.09
CA GLY A 142 20.26 -17.35 -0.78
C GLY A 142 21.35 -17.39 0.28
N PRO A 143 21.95 -16.23 0.55
CA PRO A 143 23.03 -16.11 1.54
C PRO A 143 22.52 -16.29 2.96
N SER A 144 21.25 -15.95 3.17
CA SER A 144 20.64 -16.06 4.49
C SER A 144 21.09 -17.34 5.20
N SER A 145 21.98 -17.19 6.18
CA SER A 145 22.49 -18.33 6.93
C SER A 145 22.12 -18.23 8.40
N GLY A 146 21.84 -19.37 9.02
CA GLY A 146 21.48 -19.38 10.43
C GLY A 146 21.32 -20.79 10.97
N GLY A 1 6.93 0.64 18.81
CA GLY A 1 7.43 1.80 18.09
C GLY A 1 8.91 2.04 18.34
N SER A 2 9.73 1.74 17.34
CA SER A 2 11.17 1.92 17.44
C SER A 2 11.75 1.03 18.55
N SER A 3 11.28 -0.22 18.60
CA SER A 3 11.73 -1.18 19.59
C SER A 3 13.06 -1.80 19.18
N GLY A 4 13.14 -2.23 17.92
CA GLY A 4 14.36 -2.84 17.43
C GLY A 4 14.15 -3.53 16.08
N SER A 5 13.69 -2.76 15.10
CA SER A 5 13.45 -3.29 13.77
C SER A 5 14.47 -2.76 12.77
N SER A 6 14.55 -3.41 11.61
CA SER A 6 15.50 -3.01 10.57
C SER A 6 14.94 -3.29 9.18
N GLY A 7 14.83 -2.23 8.38
CA GLY A 7 14.30 -2.38 7.04
C GLY A 7 13.88 -1.05 6.44
N ASN A 8 14.74 -0.04 6.57
CA ASN A 8 14.44 1.28 6.04
C ASN A 8 15.71 2.14 6.00
N ARG A 9 15.91 2.84 4.89
CA ARG A 9 17.07 3.70 4.72
C ARG A 9 16.68 5.02 4.06
N LEU A 10 17.65 5.93 3.95
CA LEU A 10 17.41 7.23 3.33
C LEU A 10 17.43 7.12 1.82
N LEU A 11 17.11 8.23 1.15
CA LEU A 11 17.08 8.26 -0.31
C LEU A 11 16.59 6.93 -0.88
N SER A 12 15.42 6.50 -0.42
CA SER A 12 14.83 5.25 -0.87
C SER A 12 13.58 5.51 -1.72
N LYS A 13 13.61 5.05 -2.97
CA LYS A 13 12.48 5.23 -3.87
C LYS A 13 12.11 3.92 -4.56
N TYR A 14 12.89 2.88 -4.27
CA TYR A 14 12.64 1.57 -4.85
C TYR A 14 13.52 0.50 -4.20
N ASP A 15 13.21 -0.76 -4.47
CA ASP A 15 13.97 -1.87 -3.90
C ASP A 15 13.49 -3.20 -4.48
N PRO A 16 14.41 -3.91 -5.15
CA PRO A 16 14.10 -5.22 -5.76
C PRO A 16 13.86 -6.30 -4.72
N GLN A 17 14.11 -5.98 -3.46
CA GLN A 17 13.92 -6.93 -2.36
C GLN A 17 12.66 -6.60 -1.57
N LYS A 18 12.29 -5.32 -1.56
CA LYS A 18 11.10 -4.88 -0.83
C LYS A 18 9.83 -5.19 -1.63
N GLU A 19 9.89 -4.98 -2.94
CA GLU A 19 8.76 -5.25 -3.80
C GLU A 19 8.07 -6.56 -3.42
N ALA A 20 8.86 -7.55 -3.02
CA ALA A 20 8.33 -8.84 -2.63
C ALA A 20 7.64 -8.76 -1.28
N GLU A 21 8.19 -7.96 -0.37
CA GLU A 21 7.62 -7.79 0.96
C GLU A 21 6.19 -7.25 0.87
N LEU A 22 5.96 -6.38 -0.11
CA LEU A 22 4.64 -5.79 -0.29
C LEU A 22 3.64 -6.82 -0.80
N ARG A 23 3.85 -7.28 -2.03
CA ARG A 23 2.95 -8.28 -2.62
C ARG A 23 2.69 -9.42 -1.64
N THR A 24 3.70 -9.77 -0.85
CA THR A 24 3.57 -10.85 0.12
C THR A 24 2.72 -10.41 1.31
N TRP A 25 2.72 -9.11 1.59
CA TRP A 25 1.94 -8.57 2.69
C TRP A 25 0.52 -8.22 2.25
N ILE A 26 0.37 -7.94 0.96
CA ILE A 26 -0.94 -7.58 0.41
C ILE A 26 -1.72 -8.84 0.01
N GLU A 27 -1.11 -9.66 -0.84
CA GLU A 27 -1.75 -10.89 -1.29
C GLU A 27 -2.36 -11.65 -0.12
N GLY A 28 -1.76 -11.50 1.06
CA GLY A 28 -2.26 -12.18 2.23
C GLY A 28 -3.39 -11.42 2.90
N LEU A 29 -3.31 -10.10 2.90
CA LEU A 29 -4.33 -9.26 3.51
C LEU A 29 -5.67 -9.44 2.82
N THR A 30 -5.73 -9.07 1.54
CA THR A 30 -6.95 -9.19 0.76
C THR A 30 -7.19 -10.63 0.34
N GLY A 31 -6.11 -11.39 0.22
CA GLY A 31 -6.23 -12.79 -0.18
C GLY A 31 -6.40 -12.96 -1.67
N LEU A 32 -6.10 -11.90 -2.42
CA LEU A 32 -6.24 -11.92 -3.88
C LEU A 32 -4.88 -12.17 -4.54
N SER A 33 -4.87 -12.18 -5.86
CA SER A 33 -3.64 -12.40 -6.62
C SER A 33 -3.31 -11.20 -7.50
N ILE A 34 -2.03 -10.88 -7.58
CA ILE A 34 -1.57 -9.76 -8.39
C ILE A 34 -1.35 -10.17 -9.84
N GLY A 35 -0.81 -11.36 -10.03
CA GLY A 35 -0.56 -11.85 -11.38
C GLY A 35 0.92 -11.90 -11.71
N PRO A 36 1.23 -12.17 -12.98
CA PRO A 36 2.62 -12.26 -13.46
C PRO A 36 3.30 -10.90 -13.49
N ASP A 37 2.54 -9.85 -13.17
CA ASP A 37 3.08 -8.50 -13.15
C ASP A 37 2.47 -7.68 -12.01
N PHE A 38 3.24 -6.74 -11.49
CA PHE A 38 2.78 -5.90 -10.39
C PHE A 38 2.05 -4.66 -10.92
N GLN A 39 2.78 -3.83 -11.65
CA GLN A 39 2.20 -2.61 -12.22
C GLN A 39 0.82 -2.89 -12.82
N LYS A 40 0.71 -4.01 -13.52
CA LYS A 40 -0.54 -4.40 -14.15
C LYS A 40 -1.56 -4.85 -13.11
N GLY A 41 -1.30 -6.00 -12.50
CA GLY A 41 -2.20 -6.53 -11.49
C GLY A 41 -2.84 -5.44 -10.66
N LEU A 42 -2.06 -4.41 -10.34
CA LEU A 42 -2.56 -3.29 -9.55
C LEU A 42 -3.15 -2.20 -10.44
N LYS A 43 -2.56 -2.03 -11.62
CA LYS A 43 -3.02 -1.02 -12.56
C LYS A 43 -4.55 -0.97 -12.59
N ASP A 44 -5.17 -2.06 -13.04
CA ASP A 44 -6.61 -2.14 -13.11
C ASP A 44 -7.26 -1.51 -11.88
N GLY A 45 -6.58 -1.62 -10.74
CA GLY A 45 -7.10 -1.07 -9.51
C GLY A 45 -8.20 -1.92 -8.91
N THR A 46 -8.00 -3.22 -8.90
CA THR A 46 -8.98 -4.15 -8.35
C THR A 46 -8.59 -4.63 -6.96
N ILE A 47 -7.28 -4.71 -6.71
CA ILE A 47 -6.77 -5.14 -5.42
C ILE A 47 -6.44 -3.96 -4.53
N LEU A 48 -5.60 -3.05 -5.04
CA LEU A 48 -5.20 -1.87 -4.29
C LEU A 48 -6.36 -1.35 -3.43
N CYS A 49 -7.57 -1.50 -3.94
CA CYS A 49 -8.76 -1.05 -3.22
C CYS A 49 -9.00 -1.91 -1.98
N THR A 50 -9.18 -3.21 -2.18
CA THR A 50 -9.42 -4.14 -1.09
C THR A 50 -8.34 -4.00 -0.02
N LEU A 51 -7.09 -4.03 -0.43
CA LEU A 51 -5.96 -3.91 0.49
C LEU A 51 -6.24 -2.85 1.55
N MET A 52 -6.68 -1.68 1.11
CA MET A 52 -6.98 -0.58 2.02
C MET A 52 -8.16 -0.94 2.92
N ASN A 53 -9.27 -1.35 2.31
CA ASN A 53 -10.46 -1.72 3.07
C ASN A 53 -10.10 -2.58 4.27
N LYS A 54 -9.18 -3.52 4.06
CA LYS A 54 -8.73 -4.40 5.13
C LYS A 54 -8.09 -3.62 6.27
N LEU A 55 -7.42 -2.53 5.92
CA LEU A 55 -6.76 -1.69 6.91
C LEU A 55 -7.75 -0.74 7.56
N GLN A 56 -8.53 -0.04 6.74
CA GLN A 56 -9.51 0.90 7.24
C GLN A 56 -10.89 0.60 6.67
N PRO A 57 -11.85 0.27 7.55
CA PRO A 57 -13.22 -0.04 7.16
C PRO A 57 -13.98 1.18 6.64
N GLY A 58 -13.75 1.52 5.38
CA GLY A 58 -14.41 2.67 4.80
C GLY A 58 -13.60 3.31 3.70
N SER A 59 -12.28 3.10 3.73
CA SER A 59 -11.39 3.67 2.74
C SER A 59 -12.05 3.69 1.36
N VAL A 60 -12.49 2.52 0.91
CA VAL A 60 -13.14 2.39 -0.39
C VAL A 60 -14.53 1.79 -0.25
N PRO A 61 -15.55 2.52 -0.70
CA PRO A 61 -16.95 2.08 -0.65
C PRO A 61 -17.23 0.93 -1.61
N LYS A 62 -16.85 1.12 -2.86
CA LYS A 62 -17.06 0.09 -3.88
C LYS A 62 -15.87 0.03 -4.85
N ILE A 63 -15.74 -1.09 -5.54
CA ILE A 63 -14.66 -1.27 -6.51
C ILE A 63 -15.21 -1.56 -7.91
N ASN A 64 -14.57 -0.98 -8.91
CA ASN A 64 -14.99 -1.18 -10.29
C ASN A 64 -14.25 -2.36 -10.93
N ARG A 65 -14.85 -3.54 -10.85
CA ARG A 65 -14.26 -4.74 -11.42
C ARG A 65 -14.59 -4.87 -12.90
N SER A 66 -14.41 -3.78 -13.64
CA SER A 66 -14.69 -3.77 -15.07
C SER A 66 -13.42 -3.47 -15.88
N MET A 67 -13.37 -3.96 -17.10
CA MET A 67 -12.22 -3.74 -17.98
C MET A 67 -12.32 -2.39 -18.67
N GLN A 68 -12.72 -1.37 -17.91
CA GLN A 68 -12.85 -0.02 -18.45
C GLN A 68 -11.82 0.92 -17.84
N ASN A 69 -11.25 1.79 -18.67
CA ASN A 69 -10.25 2.75 -18.21
C ASN A 69 -10.79 3.59 -17.06
N TRP A 70 -11.75 4.45 -17.37
CA TRP A 70 -12.36 5.31 -16.36
C TRP A 70 -12.54 4.57 -15.04
N HIS A 71 -13.10 3.36 -15.12
CA HIS A 71 -13.33 2.55 -13.94
C HIS A 71 -12.01 2.22 -13.24
N GLN A 72 -11.07 1.67 -13.99
CA GLN A 72 -9.77 1.31 -13.44
C GLN A 72 -9.13 2.50 -12.75
N LEU A 73 -9.30 3.68 -13.32
CA LEU A 73 -8.74 4.91 -12.75
C LEU A 73 -9.40 5.24 -11.43
N GLU A 74 -10.72 5.33 -11.43
CA GLU A 74 -11.48 5.65 -10.23
C GLU A 74 -10.97 4.84 -9.04
N ASN A 75 -10.62 3.59 -9.29
CA ASN A 75 -10.13 2.70 -8.25
C ASN A 75 -8.94 3.34 -7.52
N LEU A 76 -7.94 3.74 -8.29
CA LEU A 76 -6.74 4.37 -7.72
C LEU A 76 -7.09 5.68 -7.03
N SER A 77 -7.85 6.52 -7.72
CA SER A 77 -8.26 7.82 -7.17
C SER A 77 -8.84 7.65 -5.77
N ASN A 78 -9.67 6.63 -5.60
CA ASN A 78 -10.30 6.36 -4.30
C ASN A 78 -9.28 5.83 -3.30
N PHE A 79 -8.56 4.79 -3.70
CA PHE A 79 -7.55 4.18 -2.83
C PHE A 79 -6.59 5.23 -2.30
N ILE A 80 -6.22 6.18 -3.17
CA ILE A 80 -5.30 7.25 -2.79
C ILE A 80 -5.90 8.12 -1.69
N LYS A 81 -7.03 8.76 -1.99
CA LYS A 81 -7.70 9.62 -1.03
C LYS A 81 -7.83 8.92 0.33
N ALA A 82 -7.93 7.60 0.30
CA ALA A 82 -8.05 6.81 1.53
C ALA A 82 -6.81 6.98 2.40
N MET A 83 -5.64 6.83 1.80
CA MET A 83 -4.37 6.95 2.52
C MET A 83 -4.33 8.26 3.31
N VAL A 84 -4.62 9.37 2.64
CA VAL A 84 -4.61 10.68 3.28
C VAL A 84 -5.41 10.65 4.57
N SER A 85 -6.56 9.99 4.54
CA SER A 85 -7.43 9.90 5.71
C SER A 85 -6.82 8.98 6.76
N TYR A 86 -6.27 7.86 6.31
CA TYR A 86 -5.65 6.90 7.21
C TYR A 86 -4.60 7.56 8.09
N GLY A 87 -3.84 8.48 7.51
CA GLY A 87 -2.80 9.17 8.25
C GLY A 87 -1.46 9.10 7.58
N MET A 88 -1.46 9.13 6.25
CA MET A 88 -0.21 9.06 5.49
C MET A 88 0.32 10.46 5.19
N ASN A 89 1.51 10.53 4.59
CA ASN A 89 2.12 11.81 4.25
C ASN A 89 1.81 12.20 2.82
N PRO A 90 1.92 13.49 2.51
CA PRO A 90 1.65 14.03 1.18
C PRO A 90 2.72 13.60 0.16
N VAL A 91 3.77 12.97 0.65
CA VAL A 91 4.85 12.50 -0.20
C VAL A 91 4.84 10.98 -0.36
N ASP A 92 3.95 10.34 0.40
CA ASP A 92 3.83 8.89 0.34
C ASP A 92 2.64 8.46 -0.49
N LEU A 93 2.10 9.40 -1.26
CA LEU A 93 0.95 9.13 -2.11
C LEU A 93 1.37 9.02 -3.58
N PHE A 94 0.46 8.54 -4.42
CA PHE A 94 0.74 8.39 -5.84
C PHE A 94 -0.51 8.68 -6.67
N GLU A 95 -0.30 9.21 -7.87
CA GLU A 95 -1.41 9.53 -8.76
C GLU A 95 -1.91 8.28 -9.49
N ALA A 96 -3.12 8.36 -10.02
CA ALA A 96 -3.71 7.24 -10.74
C ALA A 96 -2.91 6.91 -12.00
N ASN A 97 -2.35 7.93 -12.62
CA ASN A 97 -1.56 7.75 -13.83
C ASN A 97 -0.25 7.02 -13.52
N ASP A 98 0.43 7.45 -12.46
CA ASP A 98 1.69 6.84 -12.06
C ASP A 98 1.65 5.33 -12.27
N LEU A 99 0.53 4.71 -11.92
CA LEU A 99 0.36 3.27 -12.07
C LEU A 99 -0.28 2.93 -13.41
N PHE A 100 -1.39 3.59 -13.72
CA PHE A 100 -2.09 3.35 -14.98
C PHE A 100 -1.13 3.40 -16.15
N GLU A 101 -0.55 4.57 -16.40
CA GLU A 101 0.39 4.75 -17.50
C GLU A 101 1.82 4.62 -17.01
N SER A 102 2.04 3.76 -16.03
CA SER A 102 3.36 3.55 -15.47
C SER A 102 4.12 4.86 -15.34
N GLY A 103 3.37 5.96 -15.24
CA GLY A 103 3.98 7.27 -15.11
C GLY A 103 4.92 7.36 -13.93
N ASN A 104 4.84 6.37 -13.04
CA ASN A 104 5.69 6.35 -11.85
C ASN A 104 5.47 5.07 -11.05
N MET A 105 6.50 4.23 -11.02
CA MET A 105 6.43 2.96 -10.29
C MET A 105 7.16 3.06 -8.96
N THR A 106 7.86 4.17 -8.74
CA THR A 106 8.61 4.38 -7.51
C THR A 106 7.73 5.01 -6.44
N GLN A 107 6.84 5.90 -6.85
CA GLN A 107 5.94 6.57 -5.91
C GLN A 107 4.89 5.60 -5.39
N VAL A 108 4.40 4.73 -6.28
CA VAL A 108 3.38 3.76 -5.91
C VAL A 108 3.95 2.70 -4.97
N GLN A 109 5.23 2.40 -5.14
CA GLN A 109 5.90 1.41 -4.30
C GLN A 109 6.01 1.89 -2.86
N VAL A 110 6.60 3.07 -2.67
CA VAL A 110 6.75 3.64 -1.34
C VAL A 110 5.40 3.77 -0.63
N SER A 111 4.38 4.18 -1.38
CA SER A 111 3.05 4.36 -0.84
C SER A 111 2.63 3.14 -0.03
N LEU A 112 2.91 1.95 -0.57
CA LEU A 112 2.57 0.70 0.10
C LEU A 112 3.52 0.41 1.25
N LEU A 113 4.82 0.58 1.00
CA LEU A 113 5.83 0.35 2.01
C LEU A 113 5.60 1.23 3.23
N ALA A 114 4.93 2.36 3.01
CA ALA A 114 4.63 3.30 4.09
C ALA A 114 3.30 2.98 4.75
N LEU A 115 2.30 2.66 3.93
CA LEU A 115 0.97 2.34 4.43
C LEU A 115 0.99 1.04 5.23
N ALA A 116 1.86 0.12 4.84
CA ALA A 116 1.99 -1.16 5.53
C ALA A 116 2.63 -0.99 6.89
N GLY A 117 3.73 -0.24 6.93
CA GLY A 117 4.43 -0.01 8.19
C GLY A 117 3.51 0.49 9.28
N LYS A 118 2.66 1.46 8.94
CA LYS A 118 1.72 2.03 9.91
C LYS A 118 0.62 1.04 10.23
N ALA A 119 0.12 0.34 9.21
CA ALA A 119 -0.93 -0.63 9.39
C ALA A 119 -0.52 -1.73 10.35
N LYS A 120 0.75 -2.14 10.27
CA LYS A 120 1.28 -3.18 11.14
C LYS A 120 0.84 -2.96 12.58
N THR A 121 0.85 -1.71 13.02
CA THR A 121 0.45 -1.37 14.37
C THR A 121 -0.67 -2.27 14.87
N LYS A 122 -1.54 -2.67 13.94
CA LYS A 122 -2.67 -3.54 14.28
C LYS A 122 -2.18 -4.90 14.76
N GLY A 123 -1.33 -5.53 13.96
CA GLY A 123 -0.80 -6.83 14.32
C GLY A 123 0.68 -6.96 14.02
N LEU A 124 1.50 -6.23 14.78
CA LEU A 124 2.94 -6.26 14.59
C LEU A 124 3.58 -7.32 15.48
N GLN A 125 4.65 -7.94 14.98
CA GLN A 125 5.37 -8.97 15.74
C GLN A 125 5.37 -8.64 17.22
N SER A 126 4.99 -9.63 18.03
CA SER A 126 4.95 -9.45 19.48
C SER A 126 6.16 -8.65 19.96
N GLY A 127 5.90 -7.59 20.74
CA GLY A 127 6.99 -6.76 21.24
C GLY A 127 7.46 -7.22 22.60
N VAL A 128 8.69 -6.84 22.96
CA VAL A 128 9.27 -7.21 24.25
C VAL A 128 9.20 -6.05 25.24
N ASP A 129 8.16 -5.23 25.11
CA ASP A 129 7.97 -4.09 26.00
C ASP A 129 6.61 -4.15 26.68
N ILE A 130 6.43 -3.34 27.72
CA ILE A 130 5.19 -3.29 28.46
C ILE A 130 4.10 -2.57 27.67
N GLY A 131 4.45 -1.38 27.17
CA GLY A 131 3.50 -0.60 26.40
C GLY A 131 2.51 0.14 27.27
N VAL A 132 2.80 1.40 27.56
CA VAL A 132 1.93 2.22 28.40
C VAL A 132 0.94 3.02 27.55
N LYS A 133 0.14 2.30 26.79
CA LYS A 133 -0.86 2.93 25.93
C LYS A 133 -2.12 2.07 25.83
N TYR A 134 -3.27 2.73 25.75
CA TYR A 134 -4.55 2.03 25.65
C TYR A 134 -4.61 1.18 24.39
N SER A 135 -5.13 -0.03 24.52
CA SER A 135 -5.23 -0.95 23.38
C SER A 135 -6.57 -0.75 22.67
N GLU A 136 -6.61 0.20 21.74
CA GLU A 136 -7.81 0.48 20.98
C GLU A 136 -8.32 -0.78 20.27
N LYS A 137 -9.64 -0.87 20.12
CA LYS A 137 -10.25 -2.02 19.47
C LYS A 137 -11.21 -1.57 18.36
N GLN A 138 -11.09 -2.18 17.20
CA GLN A 138 -11.95 -1.85 16.07
C GLN A 138 -11.97 -2.98 15.04
N GLU A 139 -13.09 -3.08 14.31
CA GLU A 139 -13.24 -4.12 13.31
C GLU A 139 -13.37 -5.49 13.96
N ARG A 140 -14.16 -5.56 15.03
CA ARG A 140 -14.37 -6.81 15.74
C ARG A 140 -14.77 -7.93 14.78
N SER A 141 -14.26 -9.13 15.04
CA SER A 141 -14.56 -10.28 14.20
C SER A 141 -15.75 -11.06 14.74
N GLY A 142 -16.47 -11.72 13.84
CA GLY A 142 -17.62 -12.50 14.25
C GLY A 142 -18.08 -13.48 13.19
N PRO A 143 -18.48 -14.69 13.61
CA PRO A 143 -18.94 -15.74 12.69
C PRO A 143 -20.29 -15.40 12.07
N SER A 144 -20.26 -14.73 10.92
CA SER A 144 -21.49 -14.35 10.23
C SER A 144 -21.26 -14.29 8.72
N SER A 145 -21.86 -15.21 8.00
CA SER A 145 -21.72 -15.26 6.55
C SER A 145 -22.97 -14.70 5.86
N GLY A 146 -22.94 -14.67 4.53
CA GLY A 146 -24.07 -14.16 3.78
C GLY A 146 -23.99 -12.67 3.55
N GLY A 1 13.96 33.13 18.95
CA GLY A 1 14.86 32.19 18.31
C GLY A 1 14.31 31.66 17.00
N SER A 2 13.50 30.59 17.09
CA SER A 2 12.91 29.99 15.90
C SER A 2 11.55 29.39 16.21
N SER A 3 10.51 30.00 15.65
CA SER A 3 9.15 29.52 15.86
C SER A 3 8.89 28.21 15.13
N GLY A 4 9.12 28.22 13.83
CA GLY A 4 8.92 27.02 13.03
C GLY A 4 10.22 26.45 12.49
N SER A 5 10.16 25.22 11.98
CA SER A 5 11.34 24.57 11.44
C SER A 5 10.97 23.23 10.78
N SER A 6 11.81 22.78 9.86
CA SER A 6 11.57 21.53 9.15
C SER A 6 12.88 20.89 8.73
N GLY A 7 12.79 19.69 8.16
CA GLY A 7 13.98 18.99 7.71
C GLY A 7 13.68 17.56 7.27
N ASN A 8 13.00 16.82 8.14
CA ASN A 8 12.67 15.43 7.85
C ASN A 8 12.06 15.31 6.45
N ARG A 9 12.70 14.52 5.60
CA ARG A 9 12.23 14.32 4.24
C ARG A 9 13.00 13.20 3.54
N LEU A 10 12.29 12.37 2.79
CA LEU A 10 12.91 11.27 2.07
C LEU A 10 12.51 11.27 0.60
N LEU A 11 13.41 10.79 -0.25
CA LEU A 11 13.15 10.75 -1.69
C LEU A 11 12.61 9.37 -2.09
N SER A 12 11.93 9.33 -3.23
CA SER A 12 11.35 8.09 -3.72
C SER A 12 12.44 7.17 -4.28
N LYS A 13 12.51 5.96 -3.75
CA LYS A 13 13.51 4.99 -4.18
C LYS A 13 12.85 3.65 -4.54
N TYR A 14 13.61 2.78 -5.20
CA TYR A 14 13.10 1.48 -5.60
C TYR A 14 13.91 0.36 -4.95
N ASP A 15 13.34 -0.85 -4.97
CA ASP A 15 14.01 -2.01 -4.38
C ASP A 15 13.33 -3.31 -4.82
N PRO A 16 14.09 -4.14 -5.56
CA PRO A 16 13.59 -5.42 -6.06
C PRO A 16 13.38 -6.44 -4.94
N GLN A 17 13.81 -6.09 -3.74
CA GLN A 17 13.67 -6.97 -2.59
C GLN A 17 12.46 -6.58 -1.75
N LYS A 18 12.24 -5.28 -1.61
CA LYS A 18 11.11 -4.77 -0.84
C LYS A 18 9.79 -5.07 -1.54
N GLU A 19 9.74 -4.80 -2.84
CA GLU A 19 8.54 -5.04 -3.62
C GLU A 19 7.86 -6.34 -3.20
N ALA A 20 8.65 -7.41 -3.13
CA ALA A 20 8.13 -8.71 -2.74
C ALA A 20 7.44 -8.65 -1.38
N GLU A 21 8.04 -7.90 -0.46
CA GLU A 21 7.48 -7.75 0.88
C GLU A 21 6.05 -7.22 0.82
N LEU A 22 5.81 -6.31 -0.11
CA LEU A 22 4.48 -5.71 -0.28
C LEU A 22 3.47 -6.76 -0.74
N ARG A 23 3.65 -7.24 -1.96
CA ARG A 23 2.75 -8.24 -2.52
C ARG A 23 2.50 -9.37 -1.53
N THR A 24 3.54 -9.75 -0.79
CA THR A 24 3.45 -10.81 0.20
C THR A 24 2.59 -10.38 1.38
N TRP A 25 2.63 -9.09 1.69
CA TRP A 25 1.86 -8.55 2.80
C TRP A 25 0.41 -8.26 2.39
N ILE A 26 0.23 -7.93 1.11
CA ILE A 26 -1.10 -7.63 0.59
C ILE A 26 -1.83 -8.91 0.21
N GLU A 27 -1.20 -9.73 -0.62
CA GLU A 27 -1.79 -10.98 -1.06
C GLU A 27 -2.47 -11.70 0.10
N GLY A 28 -1.88 -11.59 1.29
CA GLY A 28 -2.45 -12.23 2.46
C GLY A 28 -3.55 -11.40 3.10
N LEU A 29 -3.40 -10.08 3.07
CA LEU A 29 -4.39 -9.18 3.64
C LEU A 29 -5.73 -9.33 2.94
N THR A 30 -5.74 -9.06 1.65
CA THR A 30 -6.96 -9.16 0.85
C THR A 30 -7.24 -10.60 0.46
N GLY A 31 -6.17 -11.39 0.32
CA GLY A 31 -6.33 -12.78 -0.06
C GLY A 31 -6.49 -12.96 -1.56
N LEU A 32 -6.18 -11.91 -2.32
CA LEU A 32 -6.30 -11.96 -3.77
C LEU A 32 -4.95 -12.24 -4.42
N SER A 33 -4.94 -12.24 -5.75
CA SER A 33 -3.71 -12.49 -6.50
C SER A 33 -3.37 -11.31 -7.40
N ILE A 34 -2.11 -10.91 -7.41
CA ILE A 34 -1.66 -9.80 -8.24
C ILE A 34 -1.48 -10.21 -9.69
N GLY A 35 -0.93 -11.42 -9.89
CA GLY A 35 -0.72 -11.91 -11.23
C GLY A 35 0.76 -12.03 -11.58
N PRO A 36 1.04 -12.33 -12.86
CA PRO A 36 2.41 -12.47 -13.34
C PRO A 36 3.15 -11.12 -13.40
N ASP A 37 2.45 -10.06 -13.03
CA ASP A 37 3.03 -8.72 -13.03
C ASP A 37 2.48 -7.89 -11.88
N PHE A 38 3.26 -6.90 -11.44
CA PHE A 38 2.84 -6.03 -10.35
C PHE A 38 2.13 -4.79 -10.88
N GLN A 39 2.83 -4.02 -11.71
CA GLN A 39 2.27 -2.81 -12.29
C GLN A 39 0.90 -3.08 -12.89
N LYS A 40 0.77 -4.19 -13.60
CA LYS A 40 -0.49 -4.57 -14.22
C LYS A 40 -1.53 -4.97 -13.16
N GLY A 41 -1.29 -6.09 -12.50
CA GLY A 41 -2.20 -6.56 -11.47
C GLY A 41 -2.76 -5.44 -10.65
N LEU A 42 -1.95 -4.40 -10.42
CA LEU A 42 -2.38 -3.25 -9.63
C LEU A 42 -2.90 -2.13 -10.53
N LYS A 43 -2.38 -2.08 -11.75
CA LYS A 43 -2.80 -1.07 -12.71
C LYS A 43 -4.30 -0.80 -12.60
N ASP A 44 -5.11 -1.78 -12.97
CA ASP A 44 -6.55 -1.65 -12.92
C ASP A 44 -6.99 -1.12 -11.56
N GLY A 45 -6.29 -1.54 -10.51
CA GLY A 45 -6.63 -1.10 -9.17
C GLY A 45 -7.70 -1.96 -8.53
N THR A 46 -7.59 -3.27 -8.72
CA THR A 46 -8.56 -4.21 -8.16
C THR A 46 -8.22 -4.55 -6.71
N ILE A 47 -7.03 -5.09 -6.50
CA ILE A 47 -6.57 -5.45 -5.16
C ILE A 47 -6.33 -4.21 -4.31
N LEU A 48 -5.47 -3.32 -4.80
CA LEU A 48 -5.15 -2.09 -4.08
C LEU A 48 -6.35 -1.58 -3.31
N CYS A 49 -7.51 -1.59 -3.95
CA CYS A 49 -8.74 -1.13 -3.31
C CYS A 49 -9.06 -1.96 -2.08
N THR A 50 -9.15 -3.28 -2.27
CA THR A 50 -9.46 -4.19 -1.18
C THR A 50 -8.45 -4.04 -0.04
N LEU A 51 -7.17 -3.98 -0.41
CA LEU A 51 -6.10 -3.84 0.58
C LEU A 51 -6.45 -2.77 1.62
N MET A 52 -6.94 -1.63 1.13
CA MET A 52 -7.32 -0.53 2.02
C MET A 52 -8.53 -0.90 2.86
N ASN A 53 -9.55 -1.47 2.21
CA ASN A 53 -10.77 -1.87 2.90
C ASN A 53 -10.44 -2.73 4.12
N LYS A 54 -9.34 -3.47 4.05
CA LYS A 54 -8.92 -4.33 5.14
C LYS A 54 -8.45 -3.51 6.34
N LEU A 55 -7.62 -2.52 6.06
CA LEU A 55 -7.09 -1.65 7.11
C LEU A 55 -8.17 -0.70 7.63
N GLN A 56 -8.77 0.05 6.72
CA GLN A 56 -9.83 1.00 7.09
C GLN A 56 -11.20 0.47 6.68
N PRO A 57 -12.11 0.38 7.66
CA PRO A 57 -13.47 -0.11 7.42
C PRO A 57 -14.31 0.87 6.60
N GLY A 58 -13.68 1.96 6.17
CA GLY A 58 -14.38 2.96 5.39
C GLY A 58 -13.45 3.68 4.41
N SER A 59 -12.77 2.91 3.57
CA SER A 59 -11.85 3.48 2.59
C SER A 59 -12.47 3.48 1.20
N VAL A 60 -12.73 2.28 0.69
CA VAL A 60 -13.32 2.13 -0.64
C VAL A 60 -14.74 1.58 -0.55
N PRO A 61 -15.70 2.35 -1.08
CA PRO A 61 -17.12 1.96 -1.07
C PRO A 61 -17.40 0.79 -2.01
N LYS A 62 -16.90 0.87 -3.24
CA LYS A 62 -17.10 -0.18 -4.23
C LYS A 62 -16.01 -0.13 -5.30
N ILE A 63 -15.55 -1.30 -5.73
CA ILE A 63 -14.53 -1.39 -6.75
C ILE A 63 -15.14 -1.54 -8.14
N ASN A 64 -14.54 -0.87 -9.13
CA ASN A 64 -15.02 -0.93 -10.50
C ASN A 64 -14.92 -2.35 -11.05
N ARG A 65 -13.72 -2.92 -11.01
CA ARG A 65 -13.50 -4.27 -11.51
C ARG A 65 -14.08 -4.44 -12.91
N SER A 66 -14.21 -3.32 -13.62
CA SER A 66 -14.75 -3.35 -14.98
C SER A 66 -13.64 -3.30 -16.02
N MET A 67 -14.03 -3.30 -17.29
CA MET A 67 -13.06 -3.25 -18.38
C MET A 67 -12.75 -1.82 -18.77
N GLN A 68 -13.75 -0.94 -18.63
CA GLN A 68 -13.57 0.47 -18.97
C GLN A 68 -12.26 1.01 -18.39
N ASN A 69 -11.61 1.89 -19.14
CA ASN A 69 -10.35 2.48 -18.70
C ASN A 69 -10.59 3.46 -17.55
N TRP A 70 -11.50 4.40 -17.76
CA TRP A 70 -11.81 5.40 -16.74
C TRP A 70 -12.17 4.73 -15.42
N HIS A 71 -12.85 3.59 -15.50
CA HIS A 71 -13.25 2.85 -14.30
C HIS A 71 -12.03 2.39 -13.51
N GLN A 72 -11.08 1.77 -14.21
CA GLN A 72 -9.87 1.28 -13.57
C GLN A 72 -9.16 2.40 -12.83
N LEU A 73 -9.19 3.60 -13.40
CA LEU A 73 -8.54 4.75 -12.79
C LEU A 73 -9.21 5.11 -11.46
N GLU A 74 -10.53 5.26 -11.48
CA GLU A 74 -11.29 5.59 -10.29
C GLU A 74 -10.81 4.77 -9.10
N ASN A 75 -10.54 3.50 -9.35
CA ASN A 75 -10.08 2.59 -8.29
C ASN A 75 -8.91 3.20 -7.52
N LEU A 76 -7.87 3.59 -8.26
CA LEU A 76 -6.68 4.19 -7.65
C LEU A 76 -7.03 5.50 -6.97
N SER A 77 -7.74 6.37 -7.69
CA SER A 77 -8.14 7.67 -7.16
C SER A 77 -8.78 7.52 -5.78
N ASN A 78 -9.59 6.48 -5.62
CA ASN A 78 -10.27 6.22 -4.35
C ASN A 78 -9.27 5.79 -3.28
N PHE A 79 -8.52 4.74 -3.59
CA PHE A 79 -7.52 4.21 -2.66
C PHE A 79 -6.60 5.33 -2.16
N ILE A 80 -6.11 6.14 -3.09
CA ILE A 80 -5.22 7.25 -2.75
C ILE A 80 -5.84 8.12 -1.66
N LYS A 81 -7.05 8.60 -1.90
CA LYS A 81 -7.75 9.45 -0.95
C LYS A 81 -7.87 8.74 0.41
N ALA A 82 -8.13 7.44 0.37
CA ALA A 82 -8.28 6.66 1.60
C ALA A 82 -7.02 6.73 2.44
N MET A 83 -5.86 6.72 1.78
CA MET A 83 -4.58 6.79 2.48
C MET A 83 -4.45 8.09 3.26
N VAL A 84 -4.81 9.20 2.62
CA VAL A 84 -4.74 10.51 3.25
C VAL A 84 -5.44 10.51 4.61
N SER A 85 -6.62 9.89 4.65
CA SER A 85 -7.40 9.82 5.88
C SER A 85 -6.73 8.91 6.89
N TYR A 86 -6.19 7.79 6.42
CA TYR A 86 -5.51 6.83 7.29
C TYR A 86 -4.50 7.53 8.19
N GLY A 87 -3.84 8.56 7.65
CA GLY A 87 -2.86 9.29 8.42
C GLY A 87 -1.49 9.29 7.76
N MET A 88 -1.48 9.24 6.43
CA MET A 88 -0.23 9.23 5.69
C MET A 88 0.16 10.64 5.26
N ASN A 89 1.41 10.81 4.83
CA ASN A 89 1.90 12.10 4.40
C ASN A 89 1.62 12.33 2.91
N PRO A 90 1.62 13.61 2.50
CA PRO A 90 1.38 13.98 1.11
C PRO A 90 2.51 13.57 0.18
N VAL A 91 3.64 13.19 0.76
CA VAL A 91 4.80 12.77 -0.01
C VAL A 91 4.88 11.25 -0.11
N ASP A 92 4.06 10.57 0.69
CA ASP A 92 4.04 9.11 0.69
C ASP A 92 2.86 8.59 -0.14
N LEU A 93 2.24 9.49 -0.89
CA LEU A 93 1.10 9.12 -1.72
C LEU A 93 1.51 8.99 -3.19
N PHE A 94 0.55 8.64 -4.04
CA PHE A 94 0.82 8.48 -5.47
C PHE A 94 -0.43 8.78 -6.29
N GLU A 95 -0.22 9.33 -7.48
CA GLU A 95 -1.34 9.67 -8.36
C GLU A 95 -2.04 8.42 -8.87
N ALA A 96 -2.99 8.60 -9.77
CA ALA A 96 -3.74 7.48 -10.34
C ALA A 96 -3.20 7.10 -11.70
N ASN A 97 -2.55 8.04 -12.36
CA ASN A 97 -1.99 7.80 -13.68
C ASN A 97 -0.60 7.16 -13.58
N ASP A 98 0.13 7.52 -12.53
CA ASP A 98 1.46 6.98 -12.32
C ASP A 98 1.49 5.48 -12.57
N LEU A 99 0.52 4.77 -12.01
CA LEU A 99 0.43 3.32 -12.17
C LEU A 99 -0.22 2.96 -13.50
N PHE A 100 -1.34 3.60 -13.80
CA PHE A 100 -2.05 3.36 -15.06
C PHE A 100 -1.10 3.47 -16.25
N GLU A 101 -0.56 4.66 -16.46
CA GLU A 101 0.36 4.90 -17.56
C GLU A 101 1.81 4.77 -17.10
N SER A 102 2.06 3.86 -16.18
CA SER A 102 3.40 3.65 -15.64
C SER A 102 4.14 4.97 -15.48
N GLY A 103 3.38 6.04 -15.23
CA GLY A 103 3.97 7.35 -15.06
C GLY A 103 4.93 7.40 -13.88
N ASN A 104 4.77 6.47 -12.95
CA ASN A 104 5.63 6.42 -11.77
C ASN A 104 5.48 5.07 -11.06
N MET A 105 6.54 4.25 -11.13
CA MET A 105 6.53 2.94 -10.50
C MET A 105 7.29 2.98 -9.17
N THR A 106 8.05 4.05 -8.96
CA THR A 106 8.83 4.21 -7.74
C THR A 106 8.02 4.92 -6.66
N GLN A 107 7.12 5.81 -7.09
CA GLN A 107 6.29 6.56 -6.15
C GLN A 107 5.15 5.70 -5.63
N VAL A 108 4.65 4.80 -6.48
CA VAL A 108 3.55 3.92 -6.09
C VAL A 108 4.05 2.78 -5.19
N GLN A 109 5.34 2.49 -5.29
CA GLN A 109 5.95 1.43 -4.48
C GLN A 109 6.16 1.90 -3.05
N VAL A 110 6.81 3.05 -2.90
CA VAL A 110 7.08 3.60 -1.57
C VAL A 110 5.79 3.87 -0.81
N SER A 111 4.74 4.21 -1.55
CA SER A 111 3.44 4.49 -0.95
C SER A 111 2.94 3.29 -0.14
N LEU A 112 3.02 2.11 -0.74
CA LEU A 112 2.58 0.89 -0.08
C LEU A 112 3.51 0.53 1.08
N LEU A 113 4.81 0.69 0.86
CA LEU A 113 5.80 0.38 1.88
C LEU A 113 5.65 1.31 3.08
N ALA A 114 5.06 2.48 2.85
CA ALA A 114 4.86 3.46 3.90
C ALA A 114 3.53 3.23 4.62
N LEU A 115 2.52 2.82 3.86
CA LEU A 115 1.20 2.56 4.41
C LEU A 115 1.19 1.29 5.25
N ALA A 116 1.97 0.30 4.82
CA ALA A 116 2.06 -0.97 5.53
C ALA A 116 2.75 -0.79 6.88
N GLY A 117 3.97 -0.26 6.85
CA GLY A 117 4.73 -0.05 8.07
C GLY A 117 3.87 0.48 9.20
N LYS A 118 2.86 1.29 8.84
CA LYS A 118 1.96 1.87 9.82
C LYS A 118 0.86 0.88 10.20
N ALA A 119 0.33 0.18 9.20
CA ALA A 119 -0.73 -0.80 9.43
C ALA A 119 -0.19 -2.02 10.16
N LYS A 120 1.11 -2.22 10.08
CA LYS A 120 1.74 -3.36 10.75
C LYS A 120 1.58 -3.27 12.27
N THR A 121 1.53 -2.05 12.78
CA THR A 121 1.37 -1.84 14.21
C THR A 121 -0.10 -1.61 14.57
N LYS A 122 -0.86 -1.06 13.63
CA LYS A 122 -2.28 -0.80 13.86
C LYS A 122 -2.98 -2.04 14.40
N GLY A 123 -2.78 -3.17 13.73
CA GLY A 123 -3.40 -4.40 14.17
C GLY A 123 -3.25 -4.64 15.66
N LEU A 124 -2.00 -4.71 16.12
CA LEU A 124 -1.71 -4.92 17.54
C LEU A 124 -1.99 -3.66 18.35
N GLN A 125 -3.17 -3.61 18.96
CA GLN A 125 -3.55 -2.46 19.78
C GLN A 125 -3.22 -2.70 21.24
N SER A 126 -2.27 -1.93 21.76
CA SER A 126 -1.87 -2.06 23.16
C SER A 126 -2.87 -1.38 24.08
N GLY A 127 -4.15 -1.63 23.84
CA GLY A 127 -5.18 -1.04 24.67
C GLY A 127 -6.18 -2.06 25.19
N VAL A 128 -7.40 -1.62 25.45
CA VAL A 128 -8.44 -2.51 25.96
C VAL A 128 -9.38 -2.94 24.84
N ASP A 129 -9.73 -4.23 24.84
CA ASP A 129 -10.63 -4.77 23.82
C ASP A 129 -12.05 -4.26 24.04
N ILE A 130 -12.70 -3.85 22.95
CA ILE A 130 -14.06 -3.35 23.02
C ILE A 130 -14.99 -4.38 23.67
N GLY A 131 -14.99 -5.60 23.15
CA GLY A 131 -15.82 -6.65 23.69
C GLY A 131 -16.61 -7.38 22.62
N VAL A 132 -17.14 -6.63 21.66
CA VAL A 132 -17.91 -7.22 20.57
C VAL A 132 -17.01 -7.92 19.57
N LYS A 133 -16.28 -8.92 20.03
CA LYS A 133 -15.37 -9.67 19.18
C LYS A 133 -15.80 -11.13 19.08
N TYR A 134 -16.00 -11.76 20.25
CA TYR A 134 -16.42 -13.17 20.29
C TYR A 134 -17.43 -13.47 19.19
N SER A 135 -18.41 -12.58 19.03
CA SER A 135 -19.44 -12.76 18.03
C SER A 135 -19.89 -11.43 17.45
N GLU A 136 -20.03 -11.36 16.14
CA GLU A 136 -20.46 -10.13 15.48
C GLU A 136 -21.97 -10.02 15.45
N LYS A 137 -22.49 -8.85 15.83
CA LYS A 137 -23.93 -8.61 15.85
C LYS A 137 -24.59 -9.15 14.59
N GLN A 138 -24.09 -8.73 13.44
CA GLN A 138 -24.63 -9.18 12.16
C GLN A 138 -23.81 -10.34 11.59
N GLU A 139 -22.54 -10.40 11.98
CA GLU A 139 -21.66 -11.45 11.50
C GLU A 139 -21.83 -11.69 10.00
N ARG A 140 -21.81 -10.61 9.23
CA ARG A 140 -21.97 -10.70 7.79
C ARG A 140 -22.97 -11.79 7.42
N SER A 141 -24.10 -11.82 8.12
CA SER A 141 -25.13 -12.81 7.87
C SER A 141 -26.05 -12.38 6.73
N GLY A 142 -26.44 -11.11 6.76
CA GLY A 142 -27.32 -10.58 5.73
C GLY A 142 -26.55 -9.97 4.56
N PRO A 143 -27.08 -8.88 4.01
CA PRO A 143 -26.44 -8.18 2.88
C PRO A 143 -25.16 -7.47 3.29
N SER A 144 -24.06 -7.84 2.63
CA SER A 144 -22.76 -7.23 2.93
C SER A 144 -22.01 -6.91 1.63
N SER A 145 -20.84 -6.30 1.78
CA SER A 145 -20.02 -5.92 0.63
C SER A 145 -20.82 -5.06 -0.34
N GLY A 146 -21.58 -4.11 0.20
CA GLY A 146 -22.39 -3.23 -0.64
C GLY A 146 -22.38 -1.80 -0.13
N GLY A 1 1.64 1.60 25.92
CA GLY A 1 0.52 2.49 25.68
C GLY A 1 0.30 2.76 24.20
N SER A 2 0.13 4.04 23.85
CA SER A 2 -0.09 4.42 22.46
C SER A 2 0.06 5.93 22.29
N SER A 3 0.74 6.33 21.23
CA SER A 3 0.96 7.74 20.95
C SER A 3 -0.04 8.26 19.93
N GLY A 4 -0.17 7.56 18.81
CA GLY A 4 -1.10 7.96 17.77
C GLY A 4 -0.54 7.77 16.38
N SER A 5 0.05 8.82 15.82
CA SER A 5 0.62 8.76 14.49
C SER A 5 1.32 7.43 14.26
N SER A 6 2.14 7.02 15.22
CA SER A 6 2.87 5.76 15.13
C SER A 6 3.46 5.59 13.73
N GLY A 7 4.02 6.66 13.19
CA GLY A 7 4.61 6.61 11.86
C GLY A 7 5.55 7.77 11.60
N ASN A 8 6.85 7.50 11.70
CA ASN A 8 7.86 8.52 11.47
C ASN A 8 8.88 8.06 10.44
N ARG A 9 9.41 6.85 10.63
CA ARG A 9 10.40 6.30 9.73
C ARG A 9 9.79 6.00 8.37
N LEU A 10 9.97 6.91 7.42
CA LEU A 10 9.42 6.75 6.08
C LEU A 10 10.54 6.82 5.03
N LEU A 11 11.67 6.19 5.34
CA LEU A 11 12.81 6.18 4.44
C LEU A 11 12.93 4.83 3.73
N SER A 12 12.36 4.75 2.53
CA SER A 12 12.40 3.52 1.75
C SER A 12 12.10 3.79 0.28
N LYS A 13 13.14 3.66 -0.56
CA LYS A 13 12.99 3.89 -1.99
C LYS A 13 12.84 2.57 -2.75
N TYR A 14 12.32 2.65 -3.96
CA TYR A 14 12.12 1.47 -4.78
C TYR A 14 13.21 0.45 -4.54
N ASP A 15 12.83 -0.74 -4.07
CA ASP A 15 13.79 -1.80 -3.80
C ASP A 15 13.38 -3.09 -4.52
N PRO A 16 14.37 -3.80 -5.08
CA PRO A 16 14.13 -5.06 -5.79
C PRO A 16 13.73 -6.19 -4.85
N GLN A 17 13.97 -6.00 -3.57
CA GLN A 17 13.62 -7.00 -2.56
C GLN A 17 12.31 -6.66 -1.87
N LYS A 18 12.05 -5.36 -1.72
CA LYS A 18 10.83 -4.90 -1.08
C LYS A 18 9.61 -5.23 -1.92
N GLU A 19 9.69 -4.96 -3.21
CA GLU A 19 8.59 -5.23 -4.14
C GLU A 19 7.90 -6.54 -3.77
N ALA A 20 8.68 -7.55 -3.41
CA ALA A 20 8.14 -8.85 -3.03
C ALA A 20 7.46 -8.79 -1.68
N GLU A 21 8.06 -8.05 -0.75
CA GLU A 21 7.50 -7.90 0.59
C GLU A 21 6.08 -7.34 0.54
N LEU A 22 5.89 -6.31 -0.27
CA LEU A 22 4.58 -5.69 -0.42
C LEU A 22 3.55 -6.69 -0.92
N ARG A 23 3.73 -7.14 -2.16
CA ARG A 23 2.82 -8.10 -2.77
C ARG A 23 2.54 -9.26 -1.81
N THR A 24 3.56 -9.70 -1.10
CA THR A 24 3.43 -10.79 -0.15
C THR A 24 2.64 -10.36 1.09
N TRP A 25 2.71 -9.08 1.40
CA TRP A 25 2.01 -8.53 2.55
C TRP A 25 0.57 -8.16 2.19
N ILE A 26 0.35 -7.85 0.91
CA ILE A 26 -0.97 -7.47 0.44
C ILE A 26 -1.78 -8.70 0.02
N GLU A 27 -1.12 -9.62 -0.68
CA GLU A 27 -1.77 -10.85 -1.14
C GLU A 27 -2.43 -11.58 0.03
N GLY A 28 -1.80 -11.53 1.20
CA GLY A 28 -2.34 -12.19 2.36
C GLY A 28 -3.45 -11.40 3.02
N LEU A 29 -3.32 -10.07 2.99
CA LEU A 29 -4.33 -9.20 3.58
C LEU A 29 -5.68 -9.38 2.90
N THR A 30 -5.74 -9.08 1.61
CA THR A 30 -6.97 -9.21 0.85
C THR A 30 -7.22 -10.66 0.44
N GLY A 31 -6.14 -11.40 0.25
CA GLY A 31 -6.25 -12.80 -0.13
C GLY A 31 -6.47 -12.97 -1.62
N LEU A 32 -6.17 -11.93 -2.38
CA LEU A 32 -6.32 -11.98 -3.84
C LEU A 32 -4.99 -12.25 -4.53
N SER A 33 -5.00 -12.23 -5.86
CA SER A 33 -3.79 -12.47 -6.64
C SER A 33 -3.49 -11.28 -7.55
N ILE A 34 -2.26 -10.78 -7.46
CA ILE A 34 -1.84 -9.65 -8.29
C ILE A 34 -1.53 -10.10 -9.71
N GLY A 35 -0.82 -11.22 -9.84
CA GLY A 35 -0.48 -11.72 -11.15
C GLY A 35 1.02 -11.71 -11.41
N PRO A 36 1.42 -12.13 -12.62
CA PRO A 36 2.84 -12.17 -13.00
C PRO A 36 3.44 -10.78 -13.17
N ASP A 37 2.64 -9.75 -12.89
CA ASP A 37 3.10 -8.37 -13.00
C ASP A 37 2.47 -7.51 -11.91
N PHE A 38 3.31 -6.75 -11.21
CA PHE A 38 2.84 -5.87 -10.15
C PHE A 38 2.13 -4.65 -10.72
N GLN A 39 2.87 -3.84 -11.48
CA GLN A 39 2.30 -2.65 -12.09
C GLN A 39 0.92 -2.92 -12.67
N LYS A 40 0.81 -4.00 -13.43
CA LYS A 40 -0.45 -4.39 -14.04
C LYS A 40 -1.45 -4.87 -12.99
N GLY A 41 -1.10 -5.97 -12.33
CA GLY A 41 -1.99 -6.52 -11.30
C GLY A 41 -2.64 -5.43 -10.47
N LEU A 42 -1.95 -4.32 -10.28
CA LEU A 42 -2.48 -3.21 -9.50
C LEU A 42 -3.12 -2.16 -10.41
N LYS A 43 -2.53 -1.97 -11.58
CA LYS A 43 -3.04 -0.99 -12.55
C LYS A 43 -4.57 -0.95 -12.51
N ASP A 44 -5.19 -2.05 -12.91
CA ASP A 44 -6.64 -2.14 -12.93
C ASP A 44 -7.25 -1.49 -11.68
N GLY A 45 -6.57 -1.66 -10.55
CA GLY A 45 -7.05 -1.08 -9.30
C GLY A 45 -8.09 -1.95 -8.62
N THR A 46 -7.90 -3.27 -8.71
CA THR A 46 -8.83 -4.21 -8.11
C THR A 46 -8.42 -4.55 -6.68
N ILE A 47 -7.16 -4.94 -6.50
CA ILE A 47 -6.64 -5.29 -5.19
C ILE A 47 -6.31 -4.04 -4.39
N LEU A 48 -5.55 -3.12 -5.00
CA LEU A 48 -5.16 -1.89 -4.33
C LEU A 48 -6.32 -1.33 -3.51
N CYS A 49 -7.54 -1.57 -3.96
CA CYS A 49 -8.73 -1.09 -3.27
C CYS A 49 -9.04 -1.96 -2.06
N THR A 50 -9.20 -3.27 -2.30
CA THR A 50 -9.51 -4.20 -1.23
C THR A 50 -8.48 -4.11 -0.11
N LEU A 51 -7.22 -3.96 -0.47
CA LEU A 51 -6.14 -3.87 0.50
C LEU A 51 -6.46 -2.81 1.55
N MET A 52 -6.90 -1.63 1.10
CA MET A 52 -7.24 -0.54 2.00
C MET A 52 -8.44 -0.91 2.86
N ASN A 53 -9.50 -1.38 2.23
CA ASN A 53 -10.72 -1.77 2.94
C ASN A 53 -10.39 -2.69 4.12
N LYS A 54 -9.25 -3.37 4.01
CA LYS A 54 -8.82 -4.29 5.07
C LYS A 54 -8.16 -3.52 6.22
N LEU A 55 -7.33 -2.55 5.88
CA LEU A 55 -6.64 -1.75 6.88
C LEU A 55 -7.61 -0.79 7.56
N GLN A 56 -8.28 0.02 6.76
CA GLN A 56 -9.24 0.99 7.29
C GLN A 56 -10.67 0.52 7.06
N PRO A 57 -11.44 0.38 8.16
CA PRO A 57 -12.84 -0.06 8.10
C PRO A 57 -13.75 0.98 7.49
N GLY A 58 -13.77 1.02 6.15
CA GLY A 58 -14.61 1.99 5.46
C GLY A 58 -13.81 2.99 4.67
N SER A 59 -12.94 2.50 3.78
CA SER A 59 -12.11 3.37 2.96
C SER A 59 -12.68 3.50 1.55
N VAL A 60 -12.57 2.41 0.77
CA VAL A 60 -13.08 2.40 -0.59
C VAL A 60 -14.57 2.08 -0.63
N PRO A 61 -15.34 2.96 -1.29
CA PRO A 61 -16.80 2.80 -1.41
C PRO A 61 -17.17 1.64 -2.32
N LYS A 62 -16.59 1.61 -3.51
CA LYS A 62 -16.86 0.55 -4.47
C LYS A 62 -15.67 0.34 -5.39
N ILE A 63 -15.55 -0.88 -5.93
CA ILE A 63 -14.45 -1.22 -6.83
C ILE A 63 -14.97 -1.65 -8.19
N ASN A 64 -14.50 -0.97 -9.23
CA ASN A 64 -14.92 -1.28 -10.60
C ASN A 64 -14.05 -2.38 -11.20
N ARG A 65 -14.48 -3.63 -11.01
CA ARG A 65 -13.75 -4.78 -11.54
C ARG A 65 -13.54 -4.65 -13.04
N SER A 66 -14.49 -4.00 -13.71
CA SER A 66 -14.42 -3.81 -15.16
C SER A 66 -13.01 -3.40 -15.59
N MET A 67 -12.61 -3.82 -16.78
CA MET A 67 -11.30 -3.50 -17.31
C MET A 67 -11.35 -2.26 -18.19
N GLN A 68 -12.14 -1.28 -17.77
CA GLN A 68 -12.27 -0.04 -18.52
C GLN A 68 -11.35 1.04 -17.97
N ASN A 69 -10.98 2.00 -18.82
CA ASN A 69 -10.10 3.08 -18.42
C ASN A 69 -10.63 3.77 -17.17
N TRP A 70 -11.70 4.54 -17.32
CA TRP A 70 -12.30 5.25 -16.21
C TRP A 70 -12.42 4.35 -14.98
N HIS A 71 -13.14 3.24 -15.14
CA HIS A 71 -13.33 2.30 -14.05
C HIS A 71 -12.01 2.00 -13.35
N GLN A 72 -11.00 1.64 -14.12
CA GLN A 72 -9.68 1.33 -13.57
C GLN A 72 -9.13 2.52 -12.78
N LEU A 73 -9.31 3.72 -13.34
CA LEU A 73 -8.83 4.93 -12.68
C LEU A 73 -9.55 5.16 -11.36
N GLU A 74 -10.87 5.26 -11.43
CA GLU A 74 -11.68 5.48 -10.23
C GLU A 74 -11.13 4.70 -9.05
N ASN A 75 -10.68 3.47 -9.31
CA ASN A 75 -10.13 2.61 -8.27
C ASN A 75 -8.96 3.30 -7.57
N LEU A 76 -7.89 3.54 -8.31
CA LEU A 76 -6.70 4.19 -7.77
C LEU A 76 -7.07 5.49 -7.05
N SER A 77 -7.68 6.40 -7.80
CA SER A 77 -8.08 7.69 -7.23
C SER A 77 -8.67 7.52 -5.83
N ASN A 78 -9.66 6.64 -5.73
CA ASN A 78 -10.31 6.38 -4.44
C ASN A 78 -9.31 5.82 -3.43
N PHE A 79 -8.62 4.75 -3.82
CA PHE A 79 -7.64 4.13 -2.94
C PHE A 79 -6.69 5.18 -2.35
N ILE A 80 -6.20 6.08 -3.21
CA ILE A 80 -5.30 7.13 -2.77
C ILE A 80 -5.93 7.99 -1.67
N LYS A 81 -7.02 8.66 -2.03
CA LYS A 81 -7.73 9.52 -1.10
C LYS A 81 -7.89 8.83 0.26
N ALA A 82 -8.16 7.53 0.22
CA ALA A 82 -8.34 6.76 1.44
C ALA A 82 -7.09 6.81 2.31
N MET A 83 -5.94 6.64 1.68
CA MET A 83 -4.66 6.66 2.39
C MET A 83 -4.52 7.95 3.19
N VAL A 84 -4.79 9.09 2.55
CA VAL A 84 -4.69 10.39 3.21
C VAL A 84 -5.37 10.36 4.57
N SER A 85 -6.57 9.77 4.62
CA SER A 85 -7.32 9.69 5.86
C SER A 85 -6.63 8.76 6.86
N TYR A 86 -6.05 7.69 6.36
CA TYR A 86 -5.35 6.72 7.21
C TYR A 86 -4.40 7.44 8.17
N GLY A 87 -3.57 8.31 7.62
CA GLY A 87 -2.61 9.04 8.43
C GLY A 87 -1.25 9.15 7.77
N MET A 88 -1.24 9.22 6.45
CA MET A 88 0.00 9.33 5.70
C MET A 88 0.30 10.78 5.33
N ASN A 89 1.50 11.02 4.79
CA ASN A 89 1.89 12.37 4.39
C ASN A 89 1.55 12.62 2.94
N PRO A 90 1.48 13.91 2.57
CA PRO A 90 1.16 14.33 1.20
C PRO A 90 2.28 14.01 0.21
N VAL A 91 3.41 13.55 0.74
CA VAL A 91 4.55 13.21 -0.09
C VAL A 91 4.71 11.69 -0.21
N ASP A 92 3.93 10.96 0.58
CA ASP A 92 3.99 9.51 0.56
C ASP A 92 2.84 8.94 -0.27
N LEU A 93 2.29 9.76 -1.15
CA LEU A 93 1.18 9.34 -2.00
C LEU A 93 1.64 9.19 -3.45
N PHE A 94 0.72 8.79 -4.32
CA PHE A 94 1.03 8.61 -5.74
C PHE A 94 -0.17 8.98 -6.61
N GLU A 95 0.09 9.22 -7.89
CA GLU A 95 -0.98 9.58 -8.82
C GLU A 95 -1.52 8.35 -9.53
N ALA A 96 -2.79 8.41 -9.92
CA ALA A 96 -3.44 7.31 -10.60
C ALA A 96 -2.72 6.97 -11.91
N ASN A 97 -2.21 8.00 -12.57
CA ASN A 97 -1.49 7.81 -13.83
C ASN A 97 -0.19 7.05 -13.62
N ASP A 98 0.54 7.43 -12.58
CA ASP A 98 1.81 6.77 -12.26
C ASP A 98 1.71 5.26 -12.47
N LEU A 99 0.62 4.67 -11.99
CA LEU A 99 0.39 3.25 -12.11
C LEU A 99 -0.29 2.91 -13.43
N PHE A 100 -1.37 3.62 -13.73
CA PHE A 100 -2.12 3.40 -14.96
C PHE A 100 -1.18 3.32 -16.16
N GLU A 101 -0.49 4.43 -16.43
CA GLU A 101 0.45 4.48 -17.56
C GLU A 101 1.88 4.31 -17.07
N SER A 102 2.07 3.45 -16.07
CA SER A 102 3.40 3.20 -15.52
C SER A 102 4.21 4.49 -15.46
N GLY A 103 3.52 5.62 -15.32
CA GLY A 103 4.19 6.90 -15.25
C GLY A 103 5.16 6.99 -14.08
N ASN A 104 5.00 6.08 -13.13
CA ASN A 104 5.86 6.06 -11.95
C ASN A 104 5.55 4.87 -11.07
N MET A 105 6.50 3.93 -10.96
CA MET A 105 6.33 2.74 -10.15
C MET A 105 6.98 2.92 -8.78
N THR A 106 7.81 3.96 -8.66
CA THR A 106 8.50 4.23 -7.41
C THR A 106 7.60 4.99 -6.44
N GLN A 107 6.80 5.90 -6.97
CA GLN A 107 5.89 6.70 -6.14
C GLN A 107 4.77 5.83 -5.59
N VAL A 108 4.45 4.76 -6.30
CA VAL A 108 3.39 3.84 -5.87
C VAL A 108 3.94 2.73 -4.99
N GLN A 109 5.18 2.33 -5.26
CA GLN A 109 5.82 1.27 -4.49
C GLN A 109 6.09 1.73 -3.06
N VAL A 110 6.73 2.90 -2.92
CA VAL A 110 7.04 3.45 -1.61
C VAL A 110 5.77 3.69 -0.80
N SER A 111 4.73 4.14 -1.47
CA SER A 111 3.45 4.42 -0.82
C SER A 111 3.00 3.23 0.03
N LEU A 112 3.16 2.03 -0.52
CA LEU A 112 2.77 0.81 0.18
C LEU A 112 3.74 0.50 1.31
N LEU A 113 5.03 0.60 1.03
CA LEU A 113 6.06 0.34 2.02
C LEU A 113 5.90 1.26 3.24
N ALA A 114 5.35 2.44 3.00
CA ALA A 114 5.12 3.41 4.07
C ALA A 114 3.78 3.18 4.76
N LEU A 115 2.76 2.86 3.96
CA LEU A 115 1.42 2.61 4.49
C LEU A 115 1.41 1.38 5.38
N ALA A 116 2.20 0.38 5.01
CA ALA A 116 2.29 -0.86 5.77
C ALA A 116 2.87 -0.61 7.17
N GLY A 117 4.01 0.07 7.21
CA GLY A 117 4.64 0.37 8.48
C GLY A 117 3.66 0.85 9.52
N LYS A 118 2.51 1.34 9.07
CA LYS A 118 1.49 1.84 9.98
C LYS A 118 0.37 0.81 10.14
N ALA A 119 0.02 0.14 9.06
CA ALA A 119 -1.02 -0.87 9.09
C ALA A 119 -0.64 -2.04 9.99
N LYS A 120 0.67 -2.25 10.15
CA LYS A 120 1.18 -3.33 10.99
C LYS A 120 0.60 -3.24 12.40
N THR A 121 0.19 -2.03 12.79
CA THR A 121 -0.37 -1.80 14.12
C THR A 121 -1.49 -2.79 14.42
N LYS A 122 -2.15 -3.27 13.37
CA LYS A 122 -3.24 -4.23 13.51
C LYS A 122 -2.71 -5.60 13.92
N GLY A 123 -1.75 -6.11 13.15
CA GLY A 123 -1.18 -7.41 13.46
C GLY A 123 0.34 -7.39 13.43
N LEU A 124 0.92 -6.51 14.25
CA LEU A 124 2.38 -6.38 14.32
C LEU A 124 2.97 -7.53 15.12
N GLN A 125 4.30 -7.57 15.20
CA GLN A 125 5.00 -8.61 15.94
C GLN A 125 5.47 -8.09 17.29
N SER A 126 5.85 -6.82 17.33
CA SER A 126 6.33 -6.21 18.57
C SER A 126 6.35 -4.69 18.45
N GLY A 127 6.57 -4.01 19.58
CA GLY A 127 6.61 -2.56 19.58
C GLY A 127 6.67 -1.99 20.98
N VAL A 128 5.69 -2.34 21.80
CA VAL A 128 5.63 -1.85 23.18
C VAL A 128 7.00 -1.93 23.84
N ASP A 129 7.62 -0.78 24.05
CA ASP A 129 8.94 -0.72 24.68
C ASP A 129 8.88 0.07 25.98
N ILE A 130 9.45 -0.50 27.03
CA ILE A 130 9.46 0.16 28.34
C ILE A 130 10.46 1.30 28.37
N GLY A 131 11.66 1.06 27.82
CA GLY A 131 12.68 2.08 27.79
C GLY A 131 12.11 3.47 27.62
N VAL A 132 11.18 3.62 26.67
CA VAL A 132 10.55 4.90 26.40
C VAL A 132 9.15 4.97 27.00
N LYS A 133 9.08 5.29 28.29
CA LYS A 133 7.80 5.39 28.98
C LYS A 133 7.98 5.96 30.37
N TYR A 134 7.25 7.03 30.68
CA TYR A 134 7.34 7.68 31.98
C TYR A 134 5.96 8.14 32.44
N SER A 135 5.79 8.26 33.76
CA SER A 135 4.51 8.70 34.32
C SER A 135 4.15 10.09 33.83
N GLU A 136 2.89 10.26 33.45
CA GLU A 136 2.41 11.55 32.96
C GLU A 136 0.89 11.67 33.12
N LYS A 137 0.41 12.90 33.16
CA LYS A 137 -1.03 13.15 33.33
C LYS A 137 -1.45 14.38 32.54
N GLN A 138 -2.76 14.56 32.38
CA GLN A 138 -3.29 15.70 31.65
C GLN A 138 -4.82 15.73 31.71
N GLU A 139 -5.38 16.91 31.93
CA GLU A 139 -6.83 17.07 32.02
C GLU A 139 -7.29 18.26 31.18
N ARG A 140 -6.60 18.50 30.08
CA ARG A 140 -6.95 19.61 29.20
C ARG A 140 -8.11 19.25 28.30
N SER A 141 -8.06 18.06 27.70
CA SER A 141 -9.11 17.59 26.81
C SER A 141 -10.37 17.25 27.61
N GLY A 142 -11.33 18.17 27.62
CA GLY A 142 -12.56 17.95 28.33
C GLY A 142 -13.78 17.93 27.42
N PRO A 143 -14.59 19.00 27.48
CA PRO A 143 -15.80 19.12 26.66
C PRO A 143 -15.48 19.33 25.18
N SER A 144 -15.45 18.25 24.42
CA SER A 144 -15.14 18.31 23.00
C SER A 144 -15.86 17.21 22.23
N SER A 145 -16.18 17.47 20.97
CA SER A 145 -16.87 16.49 20.13
C SER A 145 -16.05 16.18 18.88
N GLY A 146 -16.01 14.90 18.52
CA GLY A 146 -15.26 14.48 17.35
C GLY A 146 -15.95 13.37 16.58
N GLY A 1 23.45 -13.01 16.92
CA GLY A 1 22.13 -12.56 16.54
C GLY A 1 22.18 -11.33 15.65
N SER A 2 21.64 -10.21 16.15
CA SER A 2 21.62 -8.97 15.40
C SER A 2 22.90 -8.18 15.64
N SER A 3 23.19 -7.90 16.91
CA SER A 3 24.39 -7.13 17.27
C SER A 3 24.43 -5.81 16.52
N GLY A 4 23.28 -5.15 16.42
CA GLY A 4 23.22 -3.87 15.74
C GLY A 4 22.39 -2.84 16.49
N SER A 5 22.52 -1.58 16.10
CA SER A 5 21.78 -0.51 16.75
C SER A 5 20.32 -0.54 16.36
N SER A 6 19.45 -0.14 17.30
CA SER A 6 18.02 -0.14 17.07
C SER A 6 17.56 1.20 16.46
N GLY A 7 16.39 1.19 15.83
CA GLY A 7 15.87 2.39 15.23
C GLY A 7 15.12 2.13 13.94
N ASN A 8 13.81 2.29 13.97
CA ASN A 8 12.98 2.05 12.80
C ASN A 8 12.99 3.27 11.87
N ARG A 9 13.78 3.19 10.81
CA ARG A 9 13.88 4.28 9.85
C ARG A 9 14.37 3.77 8.49
N LEU A 10 13.76 4.26 7.42
CA LEU A 10 14.13 3.85 6.08
C LEU A 10 13.95 4.99 5.09
N LEU A 11 14.89 5.13 4.16
CA LEU A 11 14.82 6.19 3.16
C LEU A 11 15.19 5.65 1.78
N SER A 12 14.20 5.58 0.89
CA SER A 12 14.43 5.09 -0.46
C SER A 12 13.21 5.33 -1.34
N LYS A 13 13.35 5.12 -2.64
CA LYS A 13 12.26 5.31 -3.59
C LYS A 13 11.96 4.03 -4.34
N TYR A 14 12.76 2.99 -4.09
CA TYR A 14 12.57 1.71 -4.76
C TYR A 14 13.40 0.62 -4.07
N ASP A 15 13.08 -0.63 -4.37
CA ASP A 15 13.80 -1.76 -3.80
C ASP A 15 13.35 -3.07 -4.43
N PRO A 16 14.32 -3.81 -4.99
CA PRO A 16 14.05 -5.10 -5.65
C PRO A 16 13.66 -6.19 -4.65
N GLN A 17 13.93 -5.94 -3.37
CA GLN A 17 13.60 -6.91 -2.33
C GLN A 17 12.25 -6.58 -1.69
N LYS A 18 11.91 -5.30 -1.67
CA LYS A 18 10.64 -4.86 -1.11
C LYS A 18 9.47 -5.26 -1.99
N GLU A 19 9.61 -5.04 -3.30
CA GLU A 19 8.57 -5.39 -4.25
C GLU A 19 7.88 -6.69 -3.85
N ALA A 20 8.65 -7.62 -3.31
CA ALA A 20 8.11 -8.91 -2.88
C ALA A 20 7.44 -8.79 -1.51
N GLU A 21 8.07 -8.04 -0.62
CA GLU A 21 7.54 -7.85 0.73
C GLU A 21 6.12 -7.30 0.68
N LEU A 22 5.92 -6.29 -0.17
CA LEU A 22 4.61 -5.67 -0.31
C LEU A 22 3.57 -6.68 -0.79
N ARG A 23 3.75 -7.18 -2.01
CA ARG A 23 2.83 -8.15 -2.58
C ARG A 23 2.54 -9.28 -1.60
N THR A 24 3.56 -9.66 -0.84
CA THR A 24 3.42 -10.72 0.15
C THR A 24 2.61 -10.25 1.35
N TRP A 25 2.64 -8.95 1.61
CA TRP A 25 1.90 -8.39 2.74
C TRP A 25 0.48 -8.02 2.32
N ILE A 26 0.29 -7.77 1.04
CA ILE A 26 -1.02 -7.40 0.51
C ILE A 26 -1.80 -8.64 0.07
N GLU A 27 -1.10 -9.57 -0.56
CA GLU A 27 -1.73 -10.81 -1.04
C GLU A 27 -2.43 -11.53 0.10
N GLY A 28 -1.87 -11.43 1.30
CA GLY A 28 -2.47 -12.08 2.46
C GLY A 28 -3.58 -11.25 3.07
N LEU A 29 -3.44 -9.93 3.03
CA LEU A 29 -4.45 -9.03 3.59
C LEU A 29 -5.79 -9.22 2.88
N THR A 30 -5.80 -9.01 1.56
CA THR A 30 -7.01 -9.15 0.78
C THR A 30 -7.24 -10.60 0.38
N GLY A 31 -6.15 -11.34 0.20
CA GLY A 31 -6.25 -12.73 -0.18
C GLY A 31 -6.41 -12.91 -1.68
N LEU A 32 -6.15 -11.86 -2.43
CA LEU A 32 -6.27 -11.90 -3.89
C LEU A 32 -4.90 -12.11 -4.53
N SER A 33 -4.90 -12.31 -5.85
CA SER A 33 -3.67 -12.53 -6.59
C SER A 33 -3.37 -11.34 -7.50
N ILE A 34 -2.12 -10.86 -7.44
CA ILE A 34 -1.70 -9.73 -8.26
C ILE A 34 -1.40 -10.16 -9.68
N GLY A 35 -0.72 -11.31 -9.83
CA GLY A 35 -0.39 -11.81 -11.14
C GLY A 35 1.10 -11.74 -11.43
N PRO A 36 1.47 -12.00 -12.69
CA PRO A 36 2.87 -11.97 -13.12
C PRO A 36 3.44 -10.56 -13.15
N ASP A 37 2.60 -9.59 -13.51
CA ASP A 37 3.03 -8.19 -13.57
C ASP A 37 2.40 -7.39 -12.44
N PHE A 38 3.25 -6.84 -11.57
CA PHE A 38 2.78 -6.05 -10.44
C PHE A 38 2.03 -4.81 -10.92
N GLN A 39 2.74 -3.93 -11.62
CA GLN A 39 2.15 -2.70 -12.13
C GLN A 39 0.80 -2.98 -12.77
N LYS A 40 0.69 -4.10 -13.48
CA LYS A 40 -0.55 -4.48 -14.14
C LYS A 40 -1.60 -4.92 -13.12
N GLY A 41 -1.36 -6.08 -12.49
CA GLY A 41 -2.28 -6.58 -11.50
C GLY A 41 -2.91 -5.47 -10.67
N LEU A 42 -2.15 -4.42 -10.42
CA LEU A 42 -2.64 -3.29 -9.63
C LEU A 42 -3.22 -2.20 -10.54
N LYS A 43 -2.63 -2.06 -11.73
CA LYS A 43 -3.08 -1.06 -12.68
C LYS A 43 -4.60 -0.90 -12.62
N ASP A 44 -5.32 -1.88 -13.17
CA ASP A 44 -6.77 -1.84 -13.17
C ASP A 44 -7.31 -1.22 -11.87
N GLY A 45 -6.63 -1.51 -10.77
CA GLY A 45 -7.05 -0.98 -9.49
C GLY A 45 -8.10 -1.85 -8.81
N THR A 46 -7.88 -3.17 -8.85
CA THR A 46 -8.81 -4.11 -8.25
C THR A 46 -8.39 -4.46 -6.83
N ILE A 47 -7.13 -4.89 -6.66
CA ILE A 47 -6.62 -5.25 -5.36
C ILE A 47 -6.29 -4.01 -4.52
N LEU A 48 -5.45 -3.14 -5.07
CA LEU A 48 -5.06 -1.92 -4.38
C LEU A 48 -6.22 -1.36 -3.56
N CYS A 49 -7.43 -1.55 -4.08
CA CYS A 49 -8.64 -1.07 -3.40
C CYS A 49 -8.96 -1.93 -2.18
N THR A 50 -9.08 -3.24 -2.40
CA THR A 50 -9.39 -4.16 -1.32
C THR A 50 -8.37 -4.03 -0.17
N LEU A 51 -7.10 -3.97 -0.53
CA LEU A 51 -6.03 -3.85 0.47
C LEU A 51 -6.40 -2.80 1.53
N MET A 52 -6.79 -1.62 1.08
CA MET A 52 -7.17 -0.54 1.98
C MET A 52 -8.39 -0.94 2.80
N ASN A 53 -9.42 -1.45 2.14
CA ASN A 53 -10.64 -1.86 2.82
C ASN A 53 -10.32 -2.76 4.01
N LYS A 54 -9.17 -3.42 3.95
CA LYS A 54 -8.74 -4.31 5.03
C LYS A 54 -8.13 -3.53 6.18
N LEU A 55 -7.31 -2.54 5.84
CA LEU A 55 -6.66 -1.70 6.84
C LEU A 55 -7.65 -0.76 7.49
N GLN A 56 -8.33 0.05 6.67
CA GLN A 56 -9.32 1.00 7.18
C GLN A 56 -10.73 0.48 6.96
N PRO A 57 -11.51 0.36 8.05
CA PRO A 57 -12.88 -0.12 8.00
C PRO A 57 -13.82 0.88 7.34
N GLY A 58 -13.94 0.79 6.01
CA GLY A 58 -14.80 1.69 5.28
C GLY A 58 -14.03 2.72 4.49
N SER A 59 -13.01 2.28 3.76
CA SER A 59 -12.19 3.17 2.96
C SER A 59 -12.76 3.34 1.56
N VAL A 60 -12.70 2.28 0.77
CA VAL A 60 -13.22 2.30 -0.60
C VAL A 60 -14.68 1.90 -0.64
N PRO A 61 -15.51 2.72 -1.30
CA PRO A 61 -16.94 2.46 -1.42
C PRO A 61 -17.25 1.28 -2.34
N LYS A 62 -16.66 1.30 -3.53
CA LYS A 62 -16.87 0.23 -4.51
C LYS A 62 -15.65 0.10 -5.41
N ILE A 63 -15.48 -1.10 -5.98
CA ILE A 63 -14.36 -1.36 -6.88
C ILE A 63 -14.85 -1.67 -8.29
N ASN A 64 -14.27 -0.97 -9.27
CA ASN A 64 -14.64 -1.17 -10.67
C ASN A 64 -13.74 -2.21 -11.33
N ARG A 65 -14.18 -3.46 -11.34
CA ARG A 65 -13.41 -4.54 -11.94
C ARG A 65 -13.75 -4.68 -13.42
N SER A 66 -13.87 -3.56 -14.12
CA SER A 66 -14.19 -3.56 -15.53
C SER A 66 -12.97 -3.20 -16.38
N MET A 67 -13.12 -3.25 -17.70
CA MET A 67 -12.03 -2.93 -18.60
C MET A 67 -11.98 -1.43 -18.90
N GLN A 68 -13.13 -0.78 -18.78
CA GLN A 68 -13.22 0.66 -19.03
C GLN A 68 -12.09 1.41 -18.34
N ASN A 69 -11.45 2.31 -19.07
CA ASN A 69 -10.34 3.09 -18.52
C ASN A 69 -10.81 3.94 -17.34
N TRP A 70 -11.77 4.82 -17.58
CA TRP A 70 -12.30 5.69 -16.54
C TRP A 70 -12.62 4.89 -15.28
N HIS A 71 -13.04 3.65 -15.46
CA HIS A 71 -13.38 2.78 -14.33
C HIS A 71 -12.12 2.32 -13.62
N GLN A 72 -11.13 1.88 -14.39
CA GLN A 72 -9.87 1.42 -13.82
C GLN A 72 -9.18 2.52 -13.02
N LEU A 73 -9.27 3.75 -13.53
CA LEU A 73 -8.65 4.89 -12.87
C LEU A 73 -9.35 5.21 -11.55
N GLU A 74 -10.67 5.31 -11.60
CA GLU A 74 -11.47 5.60 -10.41
C GLU A 74 -10.98 4.77 -9.23
N ASN A 75 -10.63 3.52 -9.49
CA ASN A 75 -10.15 2.62 -8.45
C ASN A 75 -9.00 3.25 -7.67
N LEU A 76 -7.94 3.59 -8.38
CA LEU A 76 -6.77 4.21 -7.75
C LEU A 76 -7.14 5.51 -7.04
N SER A 77 -7.79 6.40 -7.77
CA SER A 77 -8.21 7.69 -7.22
C SER A 77 -8.87 7.49 -5.85
N ASN A 78 -9.69 6.47 -5.73
CA ASN A 78 -10.38 6.17 -4.48
C ASN A 78 -9.39 5.70 -3.42
N PHE A 79 -8.62 4.68 -3.75
CA PHE A 79 -7.64 4.13 -2.83
C PHE A 79 -6.73 5.22 -2.29
N ILE A 80 -6.15 6.01 -3.19
CA ILE A 80 -5.26 7.10 -2.81
C ILE A 80 -5.89 7.97 -1.73
N LYS A 81 -7.00 8.61 -2.07
CA LYS A 81 -7.70 9.48 -1.13
C LYS A 81 -7.87 8.78 0.22
N ALA A 82 -8.21 7.50 0.18
CA ALA A 82 -8.40 6.72 1.40
C ALA A 82 -7.13 6.75 2.27
N MET A 83 -5.98 6.62 1.64
CA MET A 83 -4.71 6.62 2.35
C MET A 83 -4.56 7.91 3.17
N VAL A 84 -4.81 9.05 2.53
CA VAL A 84 -4.70 10.34 3.20
C VAL A 84 -5.41 10.32 4.55
N SER A 85 -6.57 9.67 4.59
CA SER A 85 -7.35 9.58 5.81
C SER A 85 -6.66 8.68 6.84
N TYR A 86 -6.15 7.55 6.37
CA TYR A 86 -5.47 6.60 7.24
C TYR A 86 -4.48 7.32 8.14
N GLY A 87 -3.71 8.24 7.57
CA GLY A 87 -2.74 8.98 8.34
C GLY A 87 -1.38 9.05 7.64
N MET A 88 -1.40 9.00 6.31
CA MET A 88 -0.17 9.05 5.53
C MET A 88 0.25 10.49 5.28
N ASN A 89 1.40 10.68 4.66
CA ASN A 89 1.92 12.01 4.37
C ASN A 89 1.56 12.42 2.94
N PRO A 90 1.59 13.74 2.69
CA PRO A 90 1.27 14.29 1.36
C PRO A 90 2.34 13.97 0.33
N VAL A 91 3.43 13.37 0.77
CA VAL A 91 4.52 13.01 -0.11
C VAL A 91 4.64 11.49 -0.24
N ASP A 92 3.88 10.77 0.56
CA ASP A 92 3.90 9.32 0.55
C ASP A 92 2.76 8.77 -0.31
N LEU A 93 2.17 9.63 -1.13
CA LEU A 93 1.07 9.23 -2.00
C LEU A 93 1.53 9.12 -3.45
N PHE A 94 0.65 8.62 -4.31
CA PHE A 94 0.97 8.47 -5.72
C PHE A 94 -0.23 8.82 -6.59
N GLU A 95 0.03 9.23 -7.83
CA GLU A 95 -1.03 9.59 -8.76
C GLU A 95 -1.60 8.36 -9.44
N ALA A 96 -2.87 8.45 -9.86
CA ALA A 96 -3.53 7.34 -10.53
C ALA A 96 -2.79 6.93 -11.79
N ASN A 97 -2.23 7.92 -12.49
CA ASN A 97 -1.51 7.67 -13.73
C ASN A 97 -0.21 6.90 -13.44
N ASP A 98 0.51 7.32 -12.41
CA ASP A 98 1.76 6.68 -12.04
C ASP A 98 1.67 5.17 -12.25
N LEU A 99 0.59 4.56 -11.78
CA LEU A 99 0.38 3.13 -11.92
C LEU A 99 -0.31 2.80 -13.25
N PHE A 100 -1.44 3.44 -13.49
CA PHE A 100 -2.19 3.21 -14.72
C PHE A 100 -1.25 3.09 -15.92
N GLU A 101 -0.57 4.18 -16.25
CA GLU A 101 0.36 4.20 -17.37
C GLU A 101 1.80 4.10 -16.89
N SER A 102 2.01 3.28 -15.86
CA SER A 102 3.34 3.10 -15.29
C SER A 102 4.09 4.44 -15.23
N GLY A 103 3.34 5.53 -15.17
CA GLY A 103 3.94 6.84 -15.11
C GLY A 103 4.91 6.98 -13.95
N ASN A 104 4.84 6.05 -13.01
CA ASN A 104 5.72 6.07 -11.85
C ASN A 104 5.51 4.82 -10.99
N MET A 105 6.54 3.98 -10.92
CA MET A 105 6.48 2.75 -10.14
C MET A 105 7.23 2.91 -8.83
N THR A 106 7.91 4.04 -8.67
CA THR A 106 8.67 4.31 -7.45
C THR A 106 7.80 4.98 -6.40
N GLN A 107 6.97 5.92 -6.83
CA GLN A 107 6.08 6.64 -5.92
C GLN A 107 5.00 5.71 -5.37
N VAL A 108 4.57 4.77 -6.20
CA VAL A 108 3.54 3.81 -5.79
C VAL A 108 4.11 2.75 -4.86
N GLN A 109 5.37 2.38 -5.09
CA GLN A 109 6.03 1.36 -4.29
C GLN A 109 6.20 1.85 -2.84
N VAL A 110 6.88 2.99 -2.68
CA VAL A 110 7.11 3.55 -1.36
C VAL A 110 5.80 3.79 -0.62
N SER A 111 4.76 4.18 -1.37
CA SER A 111 3.45 4.45 -0.80
C SER A 111 2.97 3.25 0.02
N LEU A 112 3.19 2.05 -0.50
CA LEU A 112 2.78 0.83 0.17
C LEU A 112 3.72 0.51 1.34
N LEU A 113 5.02 0.67 1.10
CA LEU A 113 6.02 0.40 2.12
C LEU A 113 5.82 1.30 3.34
N ALA A 114 5.22 2.47 3.11
CA ALA A 114 4.96 3.41 4.18
C ALA A 114 3.63 3.15 4.85
N LEU A 115 2.61 2.88 4.04
CA LEU A 115 1.27 2.61 4.56
C LEU A 115 1.27 1.33 5.38
N ALA A 116 2.06 0.35 4.95
CA ALA A 116 2.15 -0.93 5.65
C ALA A 116 2.81 -0.77 7.01
N GLY A 117 3.97 -0.09 7.03
CA GLY A 117 4.70 0.12 8.26
C GLY A 117 3.80 0.63 9.37
N LYS A 118 2.90 1.54 9.03
CA LYS A 118 1.99 2.12 10.00
C LYS A 118 0.86 1.14 10.34
N ALA A 119 0.36 0.44 9.32
CA ALA A 119 -0.71 -0.52 9.51
C ALA A 119 -0.24 -1.71 10.33
N LYS A 120 1.06 -1.99 10.28
CA LYS A 120 1.64 -3.10 11.02
C LYS A 120 1.26 -3.03 12.49
N THR A 121 0.85 -1.85 12.94
CA THR A 121 0.46 -1.65 14.33
C THR A 121 -0.58 -2.69 14.76
N LYS A 122 -1.28 -3.25 13.78
CA LYS A 122 -2.29 -4.26 14.06
C LYS A 122 -1.67 -5.52 14.63
N GLY A 123 -0.60 -6.00 14.00
CA GLY A 123 0.08 -7.20 14.46
C GLY A 123 1.54 -6.96 14.73
N LEU A 124 1.83 -6.09 15.70
CA LEU A 124 3.20 -5.78 16.06
C LEU A 124 4.01 -7.05 16.30
N GLN A 125 5.28 -6.88 16.66
CA GLN A 125 6.16 -8.02 16.91
C GLN A 125 6.35 -8.86 15.64
N SER A 126 6.64 -8.18 14.53
CA SER A 126 6.84 -8.85 13.26
C SER A 126 7.52 -7.93 12.25
N GLY A 127 7.83 -8.47 11.08
CA GLY A 127 8.49 -7.68 10.05
C GLY A 127 9.91 -7.31 10.42
N VAL A 128 10.74 -7.10 9.42
CA VAL A 128 12.14 -6.74 9.64
C VAL A 128 12.57 -5.61 8.73
N ASP A 129 13.45 -4.75 9.22
CA ASP A 129 13.94 -3.62 8.45
C ASP A 129 15.35 -3.21 8.90
N ILE A 130 16.24 -3.01 7.95
CA ILE A 130 17.61 -2.61 8.25
C ILE A 130 17.98 -1.33 7.53
N GLY A 131 17.43 -0.21 7.98
CA GLY A 131 17.72 1.07 7.37
C GLY A 131 18.97 1.71 7.93
N VAL A 132 18.85 2.30 9.12
CA VAL A 132 19.98 2.96 9.76
C VAL A 132 20.44 4.18 8.97
N LYS A 133 19.48 4.98 8.52
CA LYS A 133 19.78 6.18 7.75
C LYS A 133 19.02 7.38 8.31
N TYR A 134 19.48 8.57 7.95
CA TYR A 134 18.84 9.80 8.41
C TYR A 134 18.82 10.86 7.31
N SER A 135 17.77 11.68 7.30
CA SER A 135 17.64 12.73 6.29
C SER A 135 16.76 13.87 6.81
N GLU A 136 16.57 14.87 5.98
CA GLU A 136 15.76 16.03 6.36
C GLU A 136 14.29 15.81 6.01
N LYS A 137 13.41 16.26 6.88
CA LYS A 137 11.97 16.11 6.67
C LYS A 137 11.22 17.34 7.14
N GLN A 138 9.90 17.33 6.97
CA GLN A 138 9.06 18.46 7.37
C GLN A 138 7.58 18.10 7.28
N GLU A 139 6.77 18.74 8.11
CA GLU A 139 5.33 18.48 8.12
C GLU A 139 4.60 19.55 8.92
N ARG A 140 3.47 20.02 8.36
CA ARG A 140 2.68 21.05 9.02
C ARG A 140 1.19 20.81 8.79
N SER A 141 0.39 21.10 9.80
CA SER A 141 -1.06 20.92 9.72
C SER A 141 -1.80 22.14 10.23
N GLY A 142 -2.93 22.44 9.61
CA GLY A 142 -3.72 23.59 10.03
C GLY A 142 -4.38 23.39 11.37
N PRO A 143 -5.68 23.73 11.46
CA PRO A 143 -6.45 23.60 12.70
C PRO A 143 -6.71 22.13 13.06
N SER A 144 -6.23 21.23 12.22
CA SER A 144 -6.41 19.80 12.46
C SER A 144 -6.36 19.49 13.95
N SER A 145 -7.47 18.96 14.47
CA SER A 145 -7.56 18.62 15.88
C SER A 145 -6.98 17.22 16.15
N GLY A 146 -6.91 16.85 17.42
CA GLY A 146 -6.37 15.55 17.78
C GLY A 146 -6.47 15.27 19.26
N GLY A 1 25.22 10.12 24.01
CA GLY A 1 24.89 9.86 22.62
C GLY A 1 24.35 11.08 21.92
N SER A 2 23.97 10.92 20.65
CA SER A 2 23.44 12.02 19.86
C SER A 2 21.92 11.92 19.74
N SER A 3 21.28 13.07 19.53
CA SER A 3 19.82 13.11 19.39
C SER A 3 19.42 13.59 18.00
N GLY A 4 20.12 13.10 16.98
CA GLY A 4 19.82 13.49 15.62
C GLY A 4 20.46 12.57 14.60
N SER A 5 21.78 12.48 14.64
CA SER A 5 22.51 11.63 13.70
C SER A 5 22.05 10.18 13.81
N SER A 6 22.07 9.66 15.04
CA SER A 6 21.66 8.28 15.28
C SER A 6 20.18 8.21 15.66
N GLY A 7 19.55 7.07 15.40
CA GLY A 7 18.15 6.89 15.72
C GLY A 7 17.24 7.34 14.60
N ASN A 8 16.89 8.62 14.60
CA ASN A 8 16.02 9.17 13.57
C ASN A 8 16.65 9.03 12.19
N ARG A 9 16.21 8.01 11.46
CA ARG A 9 16.73 7.76 10.11
C ARG A 9 15.60 7.41 9.15
N LEU A 10 15.51 8.15 8.04
CA LEU A 10 14.48 7.92 7.04
C LEU A 10 15.10 7.63 5.68
N LEU A 11 15.12 6.34 5.31
CA LEU A 11 15.69 5.93 4.03
C LEU A 11 14.89 4.76 3.45
N SER A 12 14.48 4.90 2.20
CA SER A 12 13.72 3.86 1.53
C SER A 12 13.46 4.22 0.07
N LYS A 13 13.59 3.24 -0.81
CA LYS A 13 13.38 3.45 -2.24
C LYS A 13 13.17 2.13 -2.97
N TYR A 14 12.92 2.20 -4.27
CA TYR A 14 12.70 1.01 -5.08
C TYR A 14 13.73 -0.07 -4.76
N ASP A 15 13.31 -1.32 -4.78
CA ASP A 15 14.19 -2.44 -4.50
C ASP A 15 13.57 -3.75 -4.96
N PRO A 16 14.41 -4.64 -5.51
CA PRO A 16 13.96 -5.95 -6.01
C PRO A 16 13.55 -6.89 -4.88
N GLN A 17 13.82 -6.48 -3.64
CA GLN A 17 13.48 -7.28 -2.47
C GLN A 17 12.17 -6.82 -1.86
N LYS A 18 11.95 -5.51 -1.86
CA LYS A 18 10.74 -4.93 -1.30
C LYS A 18 9.52 -5.34 -2.11
N GLU A 19 9.61 -5.18 -3.43
CA GLU A 19 8.50 -5.54 -4.32
C GLU A 19 7.85 -6.84 -3.88
N ALA A 20 8.65 -7.74 -3.32
CA ALA A 20 8.15 -9.02 -2.85
C ALA A 20 7.53 -8.90 -1.46
N GLU A 21 8.13 -8.06 -0.63
CA GLU A 21 7.64 -7.85 0.74
C GLU A 21 6.22 -7.30 0.72
N LEU A 22 5.98 -6.34 -0.17
CA LEU A 22 4.67 -5.71 -0.29
C LEU A 22 3.62 -6.72 -0.73
N ARG A 23 3.77 -7.25 -1.94
CA ARG A 23 2.84 -8.22 -2.48
C ARG A 23 2.60 -9.35 -1.48
N THR A 24 3.67 -9.76 -0.79
CA THR A 24 3.57 -10.83 0.20
C THR A 24 2.77 -10.39 1.41
N TRP A 25 2.72 -9.09 1.65
CA TRP A 25 1.98 -8.54 2.78
C TRP A 25 0.54 -8.21 2.37
N ILE A 26 0.36 -7.83 1.12
CA ILE A 26 -0.97 -7.49 0.61
C ILE A 26 -1.74 -8.74 0.21
N GLU A 27 -1.11 -9.59 -0.59
CA GLU A 27 -1.74 -10.82 -1.06
C GLU A 27 -2.41 -11.56 0.11
N GLY A 28 -1.73 -11.56 1.26
CA GLY A 28 -2.28 -12.23 2.43
C GLY A 28 -3.38 -11.43 3.09
N LEU A 29 -3.28 -10.11 3.03
CA LEU A 29 -4.27 -9.23 3.64
C LEU A 29 -5.62 -9.36 2.93
N THR A 30 -5.65 -9.07 1.64
CA THR A 30 -6.87 -9.16 0.85
C THR A 30 -7.14 -10.59 0.43
N GLY A 31 -6.07 -11.36 0.23
CA GLY A 31 -6.21 -12.75 -0.17
C GLY A 31 -6.41 -12.91 -1.66
N LEU A 32 -6.10 -11.84 -2.41
CA LEU A 32 -6.24 -11.86 -3.86
C LEU A 32 -4.90 -12.16 -4.53
N SER A 33 -4.89 -12.12 -5.86
CA SER A 33 -3.67 -12.40 -6.62
C SER A 33 -3.34 -11.22 -7.54
N ILE A 34 -2.09 -10.78 -7.48
CA ILE A 34 -1.64 -9.65 -8.30
C ILE A 34 -1.37 -10.10 -9.73
N GLY A 35 -0.80 -11.30 -9.89
CA GLY A 35 -0.51 -11.82 -11.21
C GLY A 35 0.97 -11.81 -11.52
N PRO A 36 1.32 -12.18 -12.76
CA PRO A 36 2.71 -12.22 -13.21
C PRO A 36 3.32 -10.83 -13.36
N ASP A 37 2.51 -9.81 -13.11
CA ASP A 37 2.97 -8.43 -13.20
C ASP A 37 2.39 -7.58 -12.07
N PHE A 38 3.21 -6.71 -11.51
CA PHE A 38 2.79 -5.84 -10.41
C PHE A 38 2.05 -4.62 -10.95
N GLN A 39 2.76 -3.79 -11.70
CA GLN A 39 2.18 -2.58 -12.27
C GLN A 39 0.80 -2.88 -12.85
N LYS A 40 0.70 -3.96 -13.61
CA LYS A 40 -0.56 -4.36 -14.23
C LYS A 40 -1.58 -4.79 -13.18
N GLY A 41 -1.34 -5.96 -12.58
CA GLY A 41 -2.23 -6.48 -11.57
C GLY A 41 -2.83 -5.38 -10.71
N LEU A 42 -2.03 -4.38 -10.38
CA LEU A 42 -2.49 -3.25 -9.57
C LEU A 42 -3.09 -2.16 -10.44
N LYS A 43 -2.51 -1.96 -11.62
CA LYS A 43 -3.01 -0.95 -12.55
C LYS A 43 -4.52 -0.82 -12.46
N ASP A 44 -5.22 -1.86 -12.91
CA ASP A 44 -6.68 -1.86 -12.89
C ASP A 44 -7.21 -1.25 -11.59
N GLY A 45 -6.57 -1.62 -10.47
CA GLY A 45 -6.98 -1.09 -9.19
C GLY A 45 -8.01 -1.97 -8.51
N THR A 46 -7.85 -3.29 -8.65
CA THR A 46 -8.78 -4.24 -8.06
C THR A 46 -8.34 -4.60 -6.64
N ILE A 47 -7.06 -4.90 -6.47
CA ILE A 47 -6.52 -5.27 -5.17
C ILE A 47 -6.24 -4.03 -4.33
N LEU A 48 -5.41 -3.13 -4.87
CA LEU A 48 -5.06 -1.91 -4.17
C LEU A 48 -6.23 -1.39 -3.34
N CYS A 49 -7.44 -1.55 -3.86
CA CYS A 49 -8.65 -1.11 -3.17
C CYS A 49 -8.96 -2.01 -1.98
N THR A 50 -9.06 -3.32 -2.25
CA THR A 50 -9.36 -4.29 -1.20
C THR A 50 -8.36 -4.18 -0.06
N LEU A 51 -7.10 -3.91 -0.39
CA LEU A 51 -6.05 -3.78 0.61
C LEU A 51 -6.39 -2.69 1.62
N MET A 52 -6.80 -1.53 1.12
CA MET A 52 -7.16 -0.41 1.99
C MET A 52 -8.37 -0.76 2.85
N ASN A 53 -9.35 -1.44 2.25
CA ASN A 53 -10.55 -1.84 2.96
C ASN A 53 -10.22 -2.66 4.20
N LYS A 54 -9.24 -3.55 4.06
CA LYS A 54 -8.81 -4.40 5.17
C LYS A 54 -8.27 -3.55 6.32
N LEU A 55 -7.40 -2.61 5.99
CA LEU A 55 -6.80 -1.73 6.99
C LEU A 55 -7.85 -0.79 7.59
N GLN A 56 -8.74 -0.30 6.75
CA GLN A 56 -9.80 0.60 7.20
C GLN A 56 -11.17 0.09 6.78
N PRO A 57 -12.08 -0.05 7.75
CA PRO A 57 -13.44 -0.53 7.51
C PRO A 57 -14.28 0.48 6.73
N GLY A 58 -13.65 1.60 6.34
CA GLY A 58 -14.36 2.62 5.59
C GLY A 58 -13.43 3.43 4.71
N SER A 59 -12.74 2.75 3.79
CA SER A 59 -11.82 3.41 2.89
C SER A 59 -12.38 3.43 1.46
N VAL A 60 -12.50 2.25 0.87
CA VAL A 60 -13.02 2.12 -0.48
C VAL A 60 -14.47 1.64 -0.48
N PRO A 61 -15.37 2.47 -1.04
CA PRO A 61 -16.79 2.13 -1.11
C PRO A 61 -17.08 1.00 -2.09
N LYS A 62 -16.57 1.14 -3.31
CA LYS A 62 -16.77 0.13 -4.34
C LYS A 62 -15.56 0.05 -5.26
N ILE A 63 -15.41 -1.08 -5.94
CA ILE A 63 -14.30 -1.29 -6.86
C ILE A 63 -14.79 -1.58 -8.27
N ASN A 64 -14.26 -0.86 -9.25
CA ASN A 64 -14.64 -1.05 -10.64
C ASN A 64 -13.74 -2.07 -11.33
N ARG A 65 -14.18 -3.31 -11.33
CA ARG A 65 -13.40 -4.39 -11.95
C ARG A 65 -13.83 -4.59 -13.40
N SER A 66 -14.03 -3.49 -14.12
CA SER A 66 -14.44 -3.54 -15.52
C SER A 66 -13.27 -3.20 -16.44
N MET A 67 -13.51 -3.30 -17.74
CA MET A 67 -12.49 -3.00 -18.73
C MET A 67 -12.39 -1.50 -18.98
N GLN A 68 -13.49 -0.79 -18.75
CA GLN A 68 -13.53 0.65 -18.95
C GLN A 68 -12.30 1.32 -18.34
N ASN A 69 -11.55 2.04 -19.17
CA ASN A 69 -10.36 2.73 -18.71
C ASN A 69 -10.66 3.66 -17.54
N TRP A 70 -11.64 4.53 -17.74
CA TRP A 70 -12.04 5.47 -16.71
C TRP A 70 -12.32 4.75 -15.38
N HIS A 71 -13.00 3.62 -15.47
CA HIS A 71 -13.33 2.84 -14.28
C HIS A 71 -12.07 2.47 -13.52
N GLN A 72 -11.17 1.75 -14.17
CA GLN A 72 -9.92 1.32 -13.55
C GLN A 72 -9.28 2.47 -12.78
N LEU A 73 -9.16 3.62 -13.44
CA LEU A 73 -8.56 4.80 -12.81
C LEU A 73 -9.24 5.10 -11.48
N GLU A 74 -10.55 5.24 -11.50
CA GLU A 74 -11.31 5.53 -10.29
C GLU A 74 -10.75 4.77 -9.10
N ASN A 75 -10.54 3.46 -9.28
CA ASN A 75 -10.00 2.62 -8.21
C ASN A 75 -8.86 3.32 -7.49
N LEU A 76 -7.81 3.64 -8.24
CA LEU A 76 -6.64 4.31 -7.69
C LEU A 76 -7.03 5.62 -7.01
N SER A 77 -7.77 6.45 -7.73
CA SER A 77 -8.22 7.74 -7.20
C SER A 77 -8.83 7.57 -5.81
N ASN A 78 -9.60 6.49 -5.64
CA ASN A 78 -10.24 6.22 -4.36
C ASN A 78 -9.24 5.70 -3.34
N PHE A 79 -8.50 4.66 -3.71
CA PHE A 79 -7.50 4.07 -2.83
C PHE A 79 -6.57 5.14 -2.28
N ILE A 80 -6.18 6.08 -3.14
CA ILE A 80 -5.29 7.16 -2.73
C ILE A 80 -5.92 8.01 -1.63
N LYS A 81 -7.06 8.61 -1.94
CA LYS A 81 -7.76 9.45 -0.98
C LYS A 81 -7.93 8.73 0.36
N ALA A 82 -8.17 7.43 0.30
CA ALA A 82 -8.35 6.63 1.50
C ALA A 82 -7.10 6.66 2.37
N MET A 83 -5.93 6.58 1.72
CA MET A 83 -4.66 6.61 2.44
C MET A 83 -4.52 7.88 3.25
N VAL A 84 -4.78 9.02 2.61
CA VAL A 84 -4.68 10.32 3.27
C VAL A 84 -5.43 10.31 4.60
N SER A 85 -6.59 9.69 4.62
CA SER A 85 -7.41 9.61 5.83
C SER A 85 -6.71 8.77 6.90
N TYR A 86 -6.09 7.68 6.47
CA TYR A 86 -5.39 6.78 7.39
C TYR A 86 -4.43 7.57 8.28
N GLY A 87 -3.72 8.52 7.68
CA GLY A 87 -2.77 9.33 8.44
C GLY A 87 -1.41 9.39 7.79
N MET A 88 -1.39 9.29 6.45
CA MET A 88 -0.14 9.34 5.71
C MET A 88 0.17 10.76 5.26
N ASN A 89 1.40 10.97 4.80
CA ASN A 89 1.82 12.29 4.34
C ASN A 89 1.48 12.50 2.88
N PRO A 90 1.39 13.77 2.46
CA PRO A 90 1.07 14.13 1.07
C PRO A 90 2.20 13.79 0.11
N VAL A 91 3.33 13.35 0.66
CA VAL A 91 4.49 13.01 -0.15
C VAL A 91 4.63 11.49 -0.27
N ASP A 92 3.86 10.77 0.53
CA ASP A 92 3.89 9.31 0.51
C ASP A 92 2.74 8.74 -0.32
N LEU A 93 2.15 9.60 -1.15
CA LEU A 93 1.03 9.18 -1.99
C LEU A 93 1.47 9.08 -3.46
N PHE A 94 0.56 8.62 -4.31
CA PHE A 94 0.86 8.47 -5.73
C PHE A 94 -0.38 8.78 -6.57
N GLU A 95 -0.16 9.30 -7.78
CA GLU A 95 -1.24 9.65 -8.68
C GLU A 95 -1.78 8.40 -9.38
N ALA A 96 -2.98 8.51 -9.93
CA ALA A 96 -3.61 7.40 -10.64
C ALA A 96 -2.85 7.05 -11.91
N ASN A 97 -2.32 8.07 -12.57
CA ASN A 97 -1.58 7.87 -13.81
C ASN A 97 -0.26 7.14 -13.53
N ASP A 98 0.38 7.50 -12.42
CA ASP A 98 1.64 6.87 -12.04
C ASP A 98 1.60 5.36 -12.26
N LEU A 99 0.49 4.74 -11.86
CA LEU A 99 0.32 3.31 -12.02
C LEU A 99 -0.34 2.98 -13.36
N PHE A 100 -1.44 3.66 -13.64
CA PHE A 100 -2.18 3.44 -14.88
C PHE A 100 -1.24 3.47 -16.08
N GLU A 101 -0.62 4.63 -16.32
CA GLU A 101 0.30 4.79 -17.44
C GLU A 101 1.75 4.65 -16.98
N SER A 102 1.96 3.78 -16.00
CA SER A 102 3.30 3.56 -15.46
C SER A 102 4.06 4.87 -15.33
N GLY A 103 3.31 5.97 -15.20
CA GLY A 103 3.93 7.27 -15.07
C GLY A 103 4.87 7.36 -13.88
N ASN A 104 4.80 6.36 -13.00
CA ASN A 104 5.64 6.33 -11.82
C ASN A 104 5.43 5.04 -11.03
N MET A 105 6.45 4.20 -11.00
CA MET A 105 6.38 2.93 -10.29
C MET A 105 7.12 3.01 -8.95
N THR A 106 7.89 4.09 -8.78
CA THR A 106 8.65 4.28 -7.55
C THR A 106 7.80 4.93 -6.47
N GLN A 107 6.94 5.86 -6.88
CA GLN A 107 6.06 6.55 -5.95
C GLN A 107 4.99 5.61 -5.40
N VAL A 108 4.46 4.77 -6.27
CA VAL A 108 3.42 3.82 -5.87
C VAL A 108 4.00 2.73 -4.97
N GLN A 109 5.28 2.42 -5.16
CA GLN A 109 5.94 1.39 -4.36
C GLN A 109 6.15 1.87 -2.93
N VAL A 110 6.72 3.06 -2.79
CA VAL A 110 6.97 3.63 -1.47
C VAL A 110 5.68 3.83 -0.70
N SER A 111 4.61 4.14 -1.42
CA SER A 111 3.31 4.36 -0.79
C SER A 111 2.87 3.12 -0.01
N LEU A 112 3.13 1.95 -0.58
CA LEU A 112 2.76 0.70 0.08
C LEU A 112 3.72 0.37 1.22
N LEU A 113 5.01 0.57 0.97
CA LEU A 113 6.03 0.30 1.98
C LEU A 113 5.83 1.18 3.20
N ALA A 114 5.18 2.31 3.02
CA ALA A 114 4.91 3.24 4.11
C ALA A 114 3.57 2.95 4.77
N LEU A 115 2.56 2.68 3.95
CA LEU A 115 1.23 2.39 4.46
C LEU A 115 1.23 1.08 5.26
N ALA A 116 2.08 0.15 4.86
CA ALA A 116 2.18 -1.14 5.54
C ALA A 116 2.84 -0.97 6.91
N GLY A 117 4.03 -0.38 6.93
CA GLY A 117 4.73 -0.19 8.18
C GLY A 117 3.85 0.36 9.28
N LYS A 118 3.02 1.34 8.92
CA LYS A 118 2.10 1.94 9.89
C LYS A 118 0.90 1.05 10.14
N ALA A 119 0.30 0.55 9.06
CA ALA A 119 -0.86 -0.32 9.17
C ALA A 119 -0.58 -1.50 10.10
N LYS A 120 0.69 -1.73 10.39
CA LYS A 120 1.10 -2.82 11.27
C LYS A 120 1.01 -2.39 12.73
N THR A 121 0.19 -1.38 13.00
CA THR A 121 0.02 -0.88 14.36
C THR A 121 -1.41 -1.08 14.84
N LYS A 122 -2.34 -1.15 13.89
CA LYS A 122 -3.75 -1.34 14.22
C LYS A 122 -4.13 -2.82 14.13
N GLY A 123 -3.55 -3.53 13.17
CA GLY A 123 -3.83 -4.94 13.00
C GLY A 123 -2.60 -5.80 13.18
N LEU A 124 -1.77 -5.44 14.16
CA LEU A 124 -0.55 -6.19 14.44
C LEU A 124 -0.88 -7.55 15.05
N GLN A 125 -0.13 -8.58 14.64
CA GLN A 125 -0.35 -9.92 15.16
C GLN A 125 0.25 -10.08 16.55
N SER A 126 0.18 -11.29 17.10
CA SER A 126 0.70 -11.56 18.42
C SER A 126 2.13 -11.03 18.57
N GLY A 127 2.98 -11.35 17.60
CA GLY A 127 4.35 -10.88 17.64
C GLY A 127 5.30 -11.82 16.93
N VAL A 128 6.60 -11.62 17.14
CA VAL A 128 7.62 -12.46 16.51
C VAL A 128 8.27 -13.39 17.53
N ASP A 129 8.50 -14.63 17.13
CA ASP A 129 9.13 -15.61 18.00
C ASP A 129 10.56 -15.22 18.33
N ILE A 130 11.12 -15.85 19.36
CA ILE A 130 12.48 -15.57 19.77
C ILE A 130 13.47 -16.54 19.12
N GLY A 131 13.06 -17.79 18.99
CA GLY A 131 13.91 -18.80 18.38
C GLY A 131 14.35 -18.42 16.98
N VAL A 132 13.43 -17.84 16.22
CA VAL A 132 13.72 -17.43 14.84
C VAL A 132 14.90 -16.47 14.80
N LYS A 133 15.29 -15.97 15.96
CA LYS A 133 16.42 -15.04 16.06
C LYS A 133 17.56 -15.66 16.85
N TYR A 134 18.76 -15.65 16.26
CA TYR A 134 19.93 -16.20 16.92
C TYR A 134 20.79 -15.10 17.55
N SER A 135 21.33 -14.23 16.70
CA SER A 135 22.17 -13.14 17.17
C SER A 135 22.28 -12.05 16.11
N GLU A 136 22.19 -10.79 16.54
CA GLU A 136 22.28 -9.65 15.63
C GLU A 136 23.31 -8.65 16.12
N LYS A 137 24.17 -8.21 15.21
CA LYS A 137 25.22 -7.25 15.53
C LYS A 137 25.52 -6.34 14.35
N GLN A 138 26.16 -5.21 14.61
CA GLN A 138 26.51 -4.26 13.57
C GLN A 138 27.78 -3.50 13.92
N GLU A 139 28.70 -3.43 12.97
CA GLU A 139 29.96 -2.74 13.17
C GLU A 139 30.67 -2.47 11.84
N ARG A 140 31.09 -1.21 11.65
CA ARG A 140 31.77 -0.83 10.42
C ARG A 140 32.77 0.29 10.69
N SER A 141 33.87 0.28 9.93
CA SER A 141 34.91 1.29 10.08
C SER A 141 35.91 1.22 8.94
N GLY A 142 36.82 2.18 8.90
CA GLY A 142 37.83 2.21 7.85
C GLY A 142 39.14 2.83 8.31
N PRO A 143 40.26 2.34 7.77
CA PRO A 143 41.59 2.83 8.11
C PRO A 143 41.84 4.25 7.59
N SER A 144 43.01 4.78 7.89
CA SER A 144 43.38 6.13 7.45
C SER A 144 44.87 6.21 7.12
N SER A 145 45.25 7.28 6.43
CA SER A 145 46.65 7.48 6.05
C SER A 145 47.25 8.67 6.79
N GLY A 146 48.58 8.74 6.80
CA GLY A 146 49.25 9.83 7.48
C GLY A 146 49.83 10.85 6.52
N GLY A 1 13.95 -1.93 25.26
CA GLY A 1 12.85 -2.73 25.76
C GLY A 1 11.53 -2.33 25.15
N SER A 2 11.44 -2.39 23.83
CA SER A 2 10.22 -2.04 23.12
C SER A 2 10.16 -2.72 21.76
N SER A 3 9.04 -2.53 21.06
CA SER A 3 8.85 -3.14 19.75
C SER A 3 7.99 -2.24 18.85
N GLY A 4 8.51 -1.93 17.66
CA GLY A 4 7.77 -1.10 16.74
C GLY A 4 8.67 -0.10 16.02
N SER A 5 8.45 0.06 14.73
CA SER A 5 9.25 0.99 13.93
C SER A 5 8.45 2.24 13.60
N SER A 6 9.16 3.38 13.54
CA SER A 6 8.52 4.65 13.24
C SER A 6 8.87 5.12 11.83
N GLY A 7 8.13 6.13 11.36
CA GLY A 7 8.37 6.64 10.02
C GLY A 7 8.44 8.16 9.99
N ASN A 8 9.56 8.72 10.47
CA ASN A 8 9.73 10.16 10.49
C ASN A 8 10.63 10.62 9.35
N ARG A 9 10.05 11.35 8.41
CA ARG A 9 10.79 11.85 7.25
C ARG A 9 11.49 10.70 6.52
N LEU A 10 10.76 9.61 6.32
CA LEU A 10 11.32 8.45 5.63
C LEU A 10 11.35 8.67 4.13
N LEU A 11 12.54 8.56 3.55
CA LEU A 11 12.71 8.75 2.11
C LEU A 11 11.90 7.72 1.32
N SER A 12 11.53 8.09 0.10
CA SER A 12 10.75 7.20 -0.76
C SER A 12 11.53 6.85 -2.02
N LYS A 13 12.06 5.63 -2.07
CA LYS A 13 12.83 5.16 -3.22
C LYS A 13 12.30 3.83 -3.73
N TYR A 14 12.98 3.25 -4.70
CA TYR A 14 12.58 1.97 -5.28
C TYR A 14 13.53 0.86 -4.83
N ASP A 15 12.98 -0.35 -4.71
CA ASP A 15 13.77 -1.50 -4.28
C ASP A 15 13.23 -2.78 -4.90
N PRO A 16 14.13 -3.63 -5.40
CA PRO A 16 13.76 -4.90 -6.02
C PRO A 16 13.24 -5.92 -5.00
N GLN A 17 13.74 -5.82 -3.77
CA GLN A 17 13.33 -6.73 -2.71
C GLN A 17 12.01 -6.28 -2.09
N LYS A 18 11.96 -5.01 -1.66
CA LYS A 18 10.75 -4.46 -1.05
C LYS A 18 9.52 -4.87 -1.84
N GLU A 19 9.57 -4.72 -3.16
CA GLU A 19 8.45 -5.07 -4.02
C GLU A 19 7.80 -6.38 -3.56
N ALA A 20 8.63 -7.37 -3.24
CA ALA A 20 8.15 -8.66 -2.79
C ALA A 20 7.54 -8.56 -1.39
N GLU A 21 8.15 -7.74 -0.54
CA GLU A 21 7.66 -7.55 0.82
C GLU A 21 6.25 -6.99 0.83
N LEU A 22 5.95 -6.14 -0.16
CA LEU A 22 4.63 -5.54 -0.26
C LEU A 22 3.59 -6.57 -0.66
N ARG A 23 3.72 -7.08 -1.90
CA ARG A 23 2.78 -8.08 -2.41
C ARG A 23 2.56 -9.19 -1.39
N THR A 24 3.62 -9.55 -0.66
CA THR A 24 3.54 -10.60 0.34
C THR A 24 2.68 -10.16 1.52
N TRP A 25 2.66 -8.86 1.78
CA TRP A 25 1.88 -8.31 2.88
C TRP A 25 0.45 -8.02 2.45
N ILE A 26 0.26 -7.74 1.16
CA ILE A 26 -1.06 -7.45 0.62
C ILE A 26 -1.80 -8.74 0.27
N GLU A 27 -1.18 -9.56 -0.57
CA GLU A 27 -1.78 -10.82 -0.99
C GLU A 27 -2.39 -11.55 0.21
N GLY A 28 -1.76 -11.40 1.37
CA GLY A 28 -2.25 -12.06 2.57
C GLY A 28 -3.40 -11.30 3.21
N LEU A 29 -3.36 -9.99 3.14
CA LEU A 29 -4.40 -9.14 3.71
C LEU A 29 -5.73 -9.37 2.99
N THR A 30 -5.79 -8.99 1.72
CA THR A 30 -7.00 -9.14 0.93
C THR A 30 -7.23 -10.61 0.55
N GLY A 31 -6.13 -11.37 0.46
CA GLY A 31 -6.23 -12.77 0.10
C GLY A 31 -6.39 -12.98 -1.39
N LEU A 32 -6.09 -11.95 -2.17
CA LEU A 32 -6.20 -12.03 -3.61
C LEU A 32 -4.83 -12.28 -4.25
N SER A 33 -4.80 -12.28 -5.58
CA SER A 33 -3.56 -12.51 -6.31
C SER A 33 -3.25 -11.35 -7.26
N ILE A 34 -2.02 -10.87 -7.23
CA ILE A 34 -1.61 -9.77 -8.09
C ILE A 34 -1.39 -10.23 -9.52
N GLY A 35 -0.82 -11.43 -9.67
CA GLY A 35 -0.57 -11.97 -11.00
C GLY A 35 0.91 -11.99 -11.34
N PRO A 36 1.21 -12.27 -12.63
CA PRO A 36 2.60 -12.31 -13.12
C PRO A 36 3.25 -10.94 -13.16
N ASP A 37 2.41 -9.90 -13.17
CA ASP A 37 2.91 -8.52 -13.21
C ASP A 37 2.33 -7.70 -12.06
N PHE A 38 3.17 -6.90 -11.43
CA PHE A 38 2.74 -6.06 -10.31
C PHE A 38 2.03 -4.80 -10.81
N GLN A 39 2.72 -4.03 -11.64
CA GLN A 39 2.15 -2.80 -12.20
C GLN A 39 0.77 -3.07 -12.77
N LYS A 40 0.64 -4.15 -13.52
CA LYS A 40 -0.64 -4.51 -14.14
C LYS A 40 -1.65 -4.93 -13.07
N GLY A 41 -1.40 -6.07 -12.44
CA GLY A 41 -2.30 -6.56 -11.41
C GLY A 41 -2.94 -5.43 -10.61
N LEU A 42 -2.17 -4.38 -10.37
CA LEU A 42 -2.66 -3.23 -9.61
C LEU A 42 -3.19 -2.15 -10.54
N LYS A 43 -2.56 -2.02 -11.71
CA LYS A 43 -2.97 -1.03 -12.70
C LYS A 43 -4.49 -0.83 -12.68
N ASP A 44 -5.21 -1.83 -13.18
CA ASP A 44 -6.67 -1.77 -13.22
C ASP A 44 -7.23 -1.20 -11.92
N GLY A 45 -6.56 -1.50 -10.81
CA GLY A 45 -7.00 -0.99 -9.52
C GLY A 45 -8.07 -1.87 -8.91
N THR A 46 -7.87 -3.17 -8.92
CA THR A 46 -8.83 -4.12 -8.37
C THR A 46 -8.44 -4.53 -6.95
N ILE A 47 -7.18 -4.88 -6.77
CA ILE A 47 -6.69 -5.29 -5.46
C ILE A 47 -6.39 -4.08 -4.57
N LEU A 48 -5.53 -3.19 -5.08
CA LEU A 48 -5.16 -1.99 -4.34
C LEU A 48 -6.32 -1.47 -3.51
N CYS A 49 -7.52 -1.58 -4.07
CA CYS A 49 -8.72 -1.13 -3.38
C CYS A 49 -9.01 -1.98 -2.15
N THR A 50 -9.18 -3.27 -2.37
CA THR A 50 -9.45 -4.21 -1.27
C THR A 50 -8.45 -4.04 -0.14
N LEU A 51 -7.17 -3.99 -0.50
CA LEU A 51 -6.10 -3.83 0.49
C LEU A 51 -6.50 -2.81 1.56
N MET A 52 -6.93 -1.63 1.11
CA MET A 52 -7.34 -0.57 2.02
C MET A 52 -8.53 -1.01 2.87
N ASN A 53 -9.60 -1.44 2.20
CA ASN A 53 -10.80 -1.88 2.90
C ASN A 53 -10.44 -2.73 4.12
N LYS A 54 -9.33 -3.44 4.02
CA LYS A 54 -8.87 -4.29 5.11
C LYS A 54 -8.19 -3.47 6.20
N LEU A 55 -7.42 -2.47 5.78
CA LEU A 55 -6.72 -1.60 6.73
C LEU A 55 -7.67 -0.59 7.35
N GLN A 56 -8.35 0.18 6.51
CA GLN A 56 -9.30 1.18 6.98
C GLN A 56 -10.73 0.68 6.86
N PRO A 57 -11.43 0.60 8.00
CA PRO A 57 -12.82 0.13 8.05
C PRO A 57 -13.79 1.12 7.41
N GLY A 58 -13.89 1.08 6.09
CA GLY A 58 -14.78 1.98 5.38
C GLY A 58 -14.05 2.90 4.44
N SER A 59 -13.02 2.38 3.78
CA SER A 59 -12.22 3.16 2.85
C SER A 59 -12.89 3.22 1.48
N VAL A 60 -12.88 2.09 0.78
CA VAL A 60 -13.49 2.01 -0.54
C VAL A 60 -14.85 1.33 -0.49
N PRO A 61 -15.89 2.03 -0.94
CA PRO A 61 -17.26 1.51 -0.95
C PRO A 61 -17.45 0.39 -1.97
N LYS A 62 -16.97 0.61 -3.20
CA LYS A 62 -17.09 -0.38 -4.25
C LYS A 62 -15.96 -0.22 -5.26
N ILE A 63 -15.57 -1.33 -5.88
CA ILE A 63 -14.50 -1.32 -6.87
C ILE A 63 -15.05 -1.50 -8.28
N ASN A 64 -14.46 -0.79 -9.24
CA ASN A 64 -14.90 -0.88 -10.63
C ASN A 64 -14.71 -2.30 -11.17
N ARG A 65 -13.47 -2.78 -11.14
CA ARG A 65 -13.16 -4.12 -11.63
C ARG A 65 -13.70 -4.32 -13.04
N SER A 66 -13.84 -3.21 -13.77
CA SER A 66 -14.35 -3.26 -15.14
C SER A 66 -13.21 -3.10 -16.14
N MET A 67 -13.56 -3.07 -17.42
CA MET A 67 -12.56 -2.92 -18.49
C MET A 67 -12.37 -1.45 -18.85
N GLN A 68 -13.44 -0.67 -18.72
CA GLN A 68 -13.39 0.76 -19.04
C GLN A 68 -12.14 1.40 -18.42
N ASN A 69 -11.50 2.27 -19.20
CA ASN A 69 -10.30 2.96 -18.74
C ASN A 69 -10.61 3.87 -17.55
N TRP A 70 -11.59 4.76 -17.75
CA TRP A 70 -11.98 5.69 -16.70
C TRP A 70 -12.27 4.96 -15.40
N HIS A 71 -12.96 3.83 -15.49
CA HIS A 71 -13.30 3.03 -14.32
C HIS A 71 -12.04 2.58 -13.59
N GLN A 72 -11.12 1.95 -14.31
CA GLN A 72 -9.87 1.48 -13.73
C GLN A 72 -9.19 2.59 -12.95
N LEU A 73 -9.23 3.81 -13.50
CA LEU A 73 -8.61 4.96 -12.86
C LEU A 73 -9.30 5.29 -11.54
N GLU A 74 -10.62 5.44 -11.59
CA GLU A 74 -11.40 5.76 -10.39
C GLU A 74 -10.93 4.93 -9.20
N ASN A 75 -10.61 3.66 -9.45
CA ASN A 75 -10.15 2.77 -8.39
C ASN A 75 -8.97 3.38 -7.64
N LEU A 76 -7.90 3.68 -8.37
CA LEU A 76 -6.70 4.27 -7.77
C LEU A 76 -7.04 5.59 -7.08
N SER A 77 -7.77 6.45 -7.78
CA SER A 77 -8.16 7.75 -7.23
C SER A 77 -8.83 7.58 -5.87
N ASN A 78 -9.66 6.55 -5.74
CA ASN A 78 -10.36 6.28 -4.50
C ASN A 78 -9.39 5.81 -3.42
N PHE A 79 -8.61 4.78 -3.73
CA PHE A 79 -7.65 4.24 -2.78
C PHE A 79 -6.73 5.33 -2.27
N ILE A 80 -6.19 6.13 -3.18
CA ILE A 80 -5.29 7.22 -2.81
C ILE A 80 -5.90 8.10 -1.73
N LYS A 81 -7.02 8.74 -2.06
CA LYS A 81 -7.71 9.61 -1.11
C LYS A 81 -7.92 8.91 0.22
N ALA A 82 -8.29 7.63 0.16
CA ALA A 82 -8.53 6.84 1.36
C ALA A 82 -7.28 6.81 2.25
N MET A 83 -6.12 6.63 1.62
CA MET A 83 -4.86 6.59 2.36
C MET A 83 -4.68 7.85 3.20
N VAL A 84 -4.85 9.01 2.57
CA VAL A 84 -4.70 10.28 3.27
C VAL A 84 -5.42 10.26 4.61
N SER A 85 -6.61 9.68 4.63
CA SER A 85 -7.40 9.61 5.85
C SER A 85 -6.71 8.72 6.89
N TYR A 86 -6.17 7.59 6.42
CA TYR A 86 -5.49 6.65 7.30
C TYR A 86 -4.53 7.38 8.23
N GLY A 87 -3.64 8.19 7.64
CA GLY A 87 -2.68 8.93 8.43
C GLY A 87 -1.33 9.02 7.74
N MET A 88 -1.35 9.10 6.42
CA MET A 88 -0.10 9.20 5.64
C MET A 88 0.25 10.65 5.37
N ASN A 89 1.37 10.86 4.70
CA ASN A 89 1.84 12.21 4.37
C ASN A 89 1.41 12.60 2.95
N PRO A 90 1.41 13.91 2.68
CA PRO A 90 1.03 14.45 1.37
C PRO A 90 2.05 14.12 0.29
N VAL A 91 3.16 13.50 0.69
CA VAL A 91 4.21 13.13 -0.24
C VAL A 91 4.38 11.62 -0.30
N ASP A 92 3.90 10.93 0.73
CA ASP A 92 4.01 9.48 0.79
C ASP A 92 2.89 8.82 0.01
N LEU A 93 2.30 9.57 -0.92
CA LEU A 93 1.22 9.05 -1.74
C LEU A 93 1.66 8.92 -3.20
N PHE A 94 0.74 8.45 -4.05
CA PHE A 94 1.03 8.28 -5.47
C PHE A 94 -0.19 8.62 -6.32
N GLU A 95 0.05 9.20 -7.49
CA GLU A 95 -1.03 9.57 -8.39
C GLU A 95 -1.74 8.33 -8.93
N ALA A 96 -2.75 8.56 -9.77
CA ALA A 96 -3.52 7.47 -10.36
C ALA A 96 -3.00 7.12 -11.75
N ASN A 97 -2.12 7.96 -12.28
CA ASN A 97 -1.55 7.75 -13.60
C ASN A 97 -0.23 6.98 -13.51
N ASP A 98 0.60 7.37 -12.54
CA ASP A 98 1.89 6.72 -12.34
C ASP A 98 1.78 5.21 -12.55
N LEU A 99 0.76 4.62 -11.95
CA LEU A 99 0.54 3.18 -12.06
C LEU A 99 -0.09 2.82 -13.41
N PHE A 100 -1.18 3.52 -13.75
CA PHE A 100 -1.86 3.28 -15.01
C PHE A 100 -0.88 3.28 -16.18
N GLU A 101 -0.31 4.45 -16.47
CA GLU A 101 0.64 4.59 -17.56
C GLU A 101 2.06 4.26 -17.09
N SER A 102 2.15 3.55 -15.96
CA SER A 102 3.44 3.17 -15.41
C SER A 102 4.39 4.37 -15.37
N GLY A 103 3.83 5.56 -15.21
CA GLY A 103 4.63 6.77 -15.16
C GLY A 103 5.70 6.71 -14.09
N ASN A 104 5.38 6.04 -12.99
CA ASN A 104 6.33 5.91 -11.87
C ASN A 104 5.94 4.76 -10.96
N MET A 105 6.68 3.66 -11.05
CA MET A 105 6.42 2.49 -10.22
C MET A 105 6.90 2.71 -8.79
N THR A 106 8.01 3.42 -8.65
CA THR A 106 8.57 3.70 -7.34
C THR A 106 7.64 4.59 -6.51
N GLN A 107 6.99 5.53 -7.17
CA GLN A 107 6.07 6.44 -6.50
C GLN A 107 4.94 5.67 -5.83
N VAL A 108 4.45 4.65 -6.51
CA VAL A 108 3.37 3.82 -5.97
C VAL A 108 3.90 2.79 -4.98
N GLN A 109 5.11 2.32 -5.24
CA GLN A 109 5.74 1.32 -4.36
C GLN A 109 5.97 1.88 -2.96
N VAL A 110 6.64 3.03 -2.90
CA VAL A 110 6.92 3.68 -1.62
C VAL A 110 5.66 3.86 -0.80
N SER A 111 4.59 4.28 -1.47
CA SER A 111 3.31 4.50 -0.79
C SER A 111 2.91 3.29 0.04
N LEU A 112 2.99 2.11 -0.57
CA LEU A 112 2.65 0.87 0.12
C LEU A 112 3.64 0.57 1.23
N LEU A 113 4.91 0.80 0.95
CA LEU A 113 5.96 0.55 1.95
C LEU A 113 5.80 1.47 3.16
N ALA A 114 5.15 2.62 2.94
CA ALA A 114 4.93 3.57 4.01
C ALA A 114 3.60 3.31 4.71
N LEU A 115 2.61 2.89 3.94
CA LEU A 115 1.28 2.61 4.48
C LEU A 115 1.28 1.29 5.27
N ALA A 116 2.11 0.35 4.83
CA ALA A 116 2.22 -0.94 5.49
C ALA A 116 2.86 -0.81 6.86
N GLY A 117 4.01 -0.13 6.90
CA GLY A 117 4.71 0.06 8.16
C GLY A 117 3.79 0.48 9.28
N LYS A 118 2.74 1.24 8.94
CA LYS A 118 1.79 1.71 9.93
C LYS A 118 0.74 0.65 10.23
N ALA A 119 0.24 0.00 9.18
CA ALA A 119 -0.76 -1.04 9.34
C ALA A 119 -0.20 -2.23 10.11
N LYS A 120 1.12 -2.43 10.01
CA LYS A 120 1.78 -3.53 10.71
C LYS A 120 1.37 -3.56 12.18
N THR A 121 1.22 -2.39 12.77
CA THR A 121 0.83 -2.29 14.18
C THR A 121 -0.25 -3.32 14.53
N LYS A 122 -1.08 -3.64 13.55
CA LYS A 122 -2.15 -4.61 13.75
C LYS A 122 -1.60 -6.03 13.78
N GLY A 123 -0.84 -6.39 12.75
CA GLY A 123 -0.27 -7.71 12.69
C GLY A 123 1.26 -7.70 12.62
N LEU A 124 1.88 -7.27 13.71
CA LEU A 124 3.34 -7.19 13.76
C LEU A 124 3.96 -8.60 13.77
N GLN A 125 5.28 -8.65 13.73
CA GLN A 125 5.99 -9.91 13.74
C GLN A 125 7.40 -9.76 14.30
N SER A 126 7.97 -10.86 14.79
CA SER A 126 9.31 -10.83 15.36
C SER A 126 10.35 -10.53 14.29
N GLY A 127 11.10 -9.45 14.49
CA GLY A 127 12.13 -9.07 13.53
C GLY A 127 13.05 -7.99 14.06
N VAL A 128 14.13 -7.73 13.34
CA VAL A 128 15.09 -6.71 13.75
C VAL A 128 14.39 -5.42 14.14
N ASP A 129 14.78 -4.86 15.29
CA ASP A 129 14.19 -3.62 15.77
C ASP A 129 15.09 -2.44 15.48
N ILE A 130 14.64 -1.57 14.57
CA ILE A 130 15.42 -0.39 14.19
C ILE A 130 14.58 0.87 14.32
N GLY A 131 14.32 1.29 15.55
CA GLY A 131 13.52 2.48 15.78
C GLY A 131 13.28 2.75 17.26
N VAL A 132 13.80 3.87 17.75
CA VAL A 132 13.63 4.23 19.15
C VAL A 132 12.44 5.18 19.34
N LYS A 133 11.36 4.65 19.91
CA LYS A 133 10.17 5.45 20.14
C LYS A 133 9.24 4.75 21.13
N TYR A 134 8.86 5.45 22.20
CA TYR A 134 7.97 4.91 23.20
C TYR A 134 6.57 4.69 22.64
N SER A 135 5.82 3.78 23.26
CA SER A 135 4.47 3.48 22.82
C SER A 135 3.78 2.52 23.78
N GLU A 136 2.46 2.56 23.83
CA GLU A 136 1.68 1.70 24.71
C GLU A 136 0.29 1.45 24.15
N LYS A 137 -0.05 0.18 23.94
CA LYS A 137 -1.35 -0.18 23.41
C LYS A 137 -1.54 -1.69 23.40
N GLN A 138 -2.79 -2.14 23.39
CA GLN A 138 -3.10 -3.57 23.39
C GLN A 138 -4.19 -3.89 22.38
N GLU A 139 -4.04 -5.01 21.67
CA GLU A 139 -5.02 -5.41 20.68
C GLU A 139 -4.84 -6.89 20.31
N ARG A 140 -5.88 -7.67 20.48
CA ARG A 140 -5.84 -9.10 20.17
C ARG A 140 -5.92 -9.33 18.66
N SER A 141 -5.68 -10.56 18.24
CA SER A 141 -5.72 -10.91 16.81
C SER A 141 -5.78 -12.42 16.63
N GLY A 142 -6.40 -12.85 15.53
CA GLY A 142 -6.53 -14.26 15.26
C GLY A 142 -6.71 -14.55 13.78
N PRO A 143 -7.98 -14.61 13.34
CA PRO A 143 -8.32 -14.88 11.94
C PRO A 143 -7.95 -13.72 11.01
N SER A 144 -7.48 -12.62 11.61
CA SER A 144 -7.10 -11.44 10.85
C SER A 144 -5.87 -11.73 9.99
N SER A 145 -4.81 -12.23 10.62
CA SER A 145 -3.58 -12.55 9.92
C SER A 145 -3.44 -14.06 9.72
N GLY A 146 -3.79 -14.82 10.75
CA GLY A 146 -3.70 -16.26 10.68
C GLY A 146 -4.84 -16.96 11.40
N GLY A 1 11.94 5.53 12.94
CA GLY A 1 13.35 5.34 12.62
C GLY A 1 14.26 5.73 13.77
N SER A 2 15.41 5.07 13.86
CA SER A 2 16.37 5.34 14.92
C SER A 2 17.46 6.29 14.43
N SER A 3 18.13 6.94 15.38
CA SER A 3 19.20 7.88 15.05
C SER A 3 20.43 7.14 14.53
N GLY A 4 20.68 7.27 13.23
CA GLY A 4 21.82 6.60 12.62
C GLY A 4 21.71 6.52 11.11
N SER A 5 21.43 7.67 10.48
CA SER A 5 21.29 7.72 9.03
C SER A 5 22.61 8.14 8.37
N SER A 6 22.63 8.11 7.04
CA SER A 6 23.82 8.49 6.29
C SER A 6 23.44 9.13 4.96
N GLY A 7 24.46 9.57 4.22
CA GLY A 7 24.21 10.20 2.93
C GLY A 7 23.70 9.23 1.89
N ASN A 8 22.74 9.66 1.09
CA ASN A 8 22.17 8.81 0.05
C ASN A 8 22.02 9.59 -1.25
N ARG A 9 22.77 9.18 -2.27
CA ARG A 9 22.72 9.83 -3.57
C ARG A 9 21.58 9.27 -4.42
N LEU A 10 20.42 9.12 -3.81
CA LEU A 10 19.25 8.60 -4.50
C LEU A 10 17.96 9.03 -3.82
N LEU A 11 16.98 9.42 -4.61
CA LEU A 11 15.69 9.86 -4.08
C LEU A 11 14.61 8.79 -4.29
N SER A 12 15.02 7.54 -4.17
CA SER A 12 14.10 6.42 -4.34
C SER A 12 14.57 5.20 -3.57
N LYS A 13 13.72 4.70 -2.66
CA LYS A 13 14.06 3.53 -1.86
C LYS A 13 13.77 2.25 -2.62
N TYR A 14 13.11 2.38 -3.76
CA TYR A 14 12.77 1.23 -4.59
C TYR A 14 13.84 0.13 -4.47
N ASP A 15 13.39 -1.11 -4.31
CA ASP A 15 14.30 -2.23 -4.18
C ASP A 15 13.69 -3.50 -4.78
N PRO A 16 14.52 -4.31 -5.45
CA PRO A 16 14.08 -5.55 -6.08
C PRO A 16 13.72 -6.62 -5.06
N GLN A 17 14.01 -6.34 -3.80
CA GLN A 17 13.71 -7.29 -2.72
C GLN A 17 12.48 -6.84 -1.94
N LYS A 18 12.34 -5.53 -1.77
CA LYS A 18 11.21 -4.96 -1.03
C LYS A 18 9.90 -5.19 -1.79
N GLU A 19 9.94 -4.98 -3.09
CA GLU A 19 8.75 -5.16 -3.93
C GLU A 19 8.02 -6.44 -3.57
N ALA A 20 8.79 -7.47 -3.22
CA ALA A 20 8.22 -8.76 -2.85
C ALA A 20 7.55 -8.69 -1.48
N GLU A 21 8.16 -7.95 -0.57
CA GLU A 21 7.61 -7.80 0.78
C GLU A 21 6.22 -7.19 0.74
N LEU A 22 6.00 -6.29 -0.22
CA LEU A 22 4.70 -5.63 -0.36
C LEU A 22 3.64 -6.61 -0.84
N ARG A 23 3.82 -7.12 -2.06
CA ARG A 23 2.88 -8.07 -2.63
C ARG A 23 2.59 -9.20 -1.65
N THR A 24 3.61 -9.63 -0.92
CA THR A 24 3.46 -10.70 0.05
C THR A 24 2.62 -10.26 1.24
N TRP A 25 2.68 -8.97 1.55
CA TRP A 25 1.92 -8.41 2.67
C TRP A 25 0.49 -8.09 2.25
N ILE A 26 0.30 -7.82 0.96
CA ILE A 26 -1.03 -7.49 0.44
C ILE A 26 -1.80 -8.75 0.08
N GLU A 27 -1.22 -9.57 -0.79
CA GLU A 27 -1.85 -10.82 -1.21
C GLU A 27 -2.47 -11.54 -0.02
N GLY A 28 -1.79 -11.49 1.12
CA GLY A 28 -2.29 -12.14 2.31
C GLY A 28 -3.42 -11.37 2.96
N LEU A 29 -3.34 -10.05 2.91
CA LEU A 29 -4.36 -9.19 3.51
C LEU A 29 -5.71 -9.40 2.82
N THR A 30 -5.75 -9.09 1.52
CA THR A 30 -6.98 -9.24 0.75
C THR A 30 -7.21 -10.68 0.35
N GLY A 31 -6.14 -11.46 0.32
CA GLY A 31 -6.24 -12.86 -0.03
C GLY A 31 -6.43 -13.07 -1.52
N LEU A 32 -6.16 -12.03 -2.30
CA LEU A 32 -6.30 -12.10 -3.75
C LEU A 32 -4.95 -12.30 -4.42
N SER A 33 -4.96 -12.47 -5.74
CA SER A 33 -3.73 -12.67 -6.50
C SER A 33 -3.41 -11.45 -7.36
N ILE A 34 -2.19 -10.94 -7.21
CA ILE A 34 -1.75 -9.77 -7.97
C ILE A 34 -1.39 -10.16 -9.40
N GLY A 35 -0.71 -11.29 -9.55
CA GLY A 35 -0.32 -11.74 -10.88
C GLY A 35 1.17 -11.63 -11.11
N PRO A 36 1.63 -12.06 -12.29
CA PRO A 36 3.05 -12.02 -12.66
C PRO A 36 3.55 -10.59 -12.87
N ASP A 37 2.61 -9.67 -13.11
CA ASP A 37 2.96 -8.27 -13.33
C ASP A 37 2.35 -7.38 -12.26
N PHE A 38 3.15 -7.04 -11.25
CA PHE A 38 2.68 -6.20 -10.16
C PHE A 38 1.98 -4.95 -10.70
N GLN A 39 2.70 -4.17 -11.49
CA GLN A 39 2.15 -2.94 -12.07
C GLN A 39 0.75 -3.19 -12.63
N LYS A 40 0.61 -4.27 -13.41
CA LYS A 40 -0.67 -4.61 -14.01
C LYS A 40 -1.68 -5.02 -12.94
N GLY A 41 -1.43 -6.15 -12.29
CA GLY A 41 -2.33 -6.62 -11.26
C GLY A 41 -2.96 -5.49 -10.47
N LEU A 42 -2.17 -4.45 -10.21
CA LEU A 42 -2.66 -3.29 -9.46
C LEU A 42 -3.18 -2.22 -10.40
N LYS A 43 -2.59 -2.14 -11.59
CA LYS A 43 -2.98 -1.14 -12.58
C LYS A 43 -4.49 -0.90 -12.52
N ASP A 44 -5.27 -1.87 -13.00
CA ASP A 44 -6.72 -1.76 -13.00
C ASP A 44 -7.23 -1.19 -11.69
N GLY A 45 -6.55 -1.55 -10.60
CA GLY A 45 -6.94 -1.07 -9.29
C GLY A 45 -8.02 -1.93 -8.65
N THR A 46 -8.00 -3.23 -8.96
CA THR A 46 -8.98 -4.15 -8.41
C THR A 46 -8.62 -4.57 -7.00
N ILE A 47 -7.35 -4.90 -6.80
CA ILE A 47 -6.86 -5.32 -5.48
C ILE A 47 -6.54 -4.12 -4.60
N LEU A 48 -5.70 -3.23 -5.12
CA LEU A 48 -5.30 -2.03 -4.38
C LEU A 48 -6.46 -1.52 -3.53
N CYS A 49 -7.67 -1.64 -4.04
CA CYS A 49 -8.86 -1.18 -3.34
C CYS A 49 -9.12 -2.05 -2.10
N THR A 50 -9.28 -3.35 -2.33
CA THR A 50 -9.54 -4.29 -1.25
C THR A 50 -8.51 -4.14 -0.13
N LEU A 51 -7.24 -4.06 -0.51
CA LEU A 51 -6.16 -3.91 0.45
C LEU A 51 -6.52 -2.89 1.53
N MET A 52 -6.96 -1.71 1.10
CA MET A 52 -7.35 -0.66 2.02
C MET A 52 -8.55 -1.08 2.85
N ASN A 53 -9.62 -1.50 2.18
CA ASN A 53 -10.83 -1.94 2.87
C ASN A 53 -10.49 -2.85 4.06
N LYS A 54 -9.33 -3.48 3.98
CA LYS A 54 -8.89 -4.37 5.04
C LYS A 54 -8.23 -3.60 6.18
N LEU A 55 -7.47 -2.57 5.83
CA LEU A 55 -6.78 -1.74 6.82
C LEU A 55 -7.75 -0.76 7.46
N GLN A 56 -8.45 0.00 6.63
CA GLN A 56 -9.40 0.99 7.13
C GLN A 56 -10.84 0.51 6.91
N PRO A 57 -11.58 0.33 8.01
CA PRO A 57 -12.98 -0.12 7.95
C PRO A 57 -13.91 0.93 7.38
N GLY A 58 -13.95 1.03 6.06
CA GLY A 58 -14.80 2.00 5.40
C GLY A 58 -14.03 2.94 4.50
N SER A 59 -12.97 2.42 3.88
CA SER A 59 -12.15 3.22 2.98
C SER A 59 -12.81 3.37 1.61
N VAL A 60 -12.82 2.28 0.85
CA VAL A 60 -13.41 2.28 -0.48
C VAL A 60 -14.85 1.76 -0.43
N PRO A 61 -15.78 2.52 -1.03
CA PRO A 61 -17.20 2.16 -1.07
C PRO A 61 -17.46 0.96 -1.98
N LYS A 62 -16.93 1.03 -3.20
CA LYS A 62 -17.10 -0.05 -4.17
C LYS A 62 -15.99 -0.03 -5.21
N ILE A 63 -15.72 -1.18 -5.80
CA ILE A 63 -14.68 -1.30 -6.81
C ILE A 63 -15.27 -1.53 -8.19
N ASN A 64 -14.76 -0.80 -9.18
CA ASN A 64 -15.25 -0.92 -10.54
C ASN A 64 -14.77 -2.21 -11.18
N ARG A 65 -13.48 -2.51 -11.01
CA ARG A 65 -12.89 -3.72 -11.57
C ARG A 65 -13.55 -4.08 -12.90
N SER A 66 -13.97 -3.05 -13.64
CA SER A 66 -14.60 -3.26 -14.94
C SER A 66 -13.58 -3.25 -16.06
N MET A 67 -14.06 -3.39 -17.30
CA MET A 67 -13.18 -3.39 -18.46
C MET A 67 -13.16 -2.03 -19.13
N GLN A 68 -13.15 -0.97 -18.32
CA GLN A 68 -13.12 0.39 -18.85
C GLN A 68 -11.98 1.19 -18.24
N ASN A 69 -11.33 2.00 -19.07
CA ASN A 69 -10.21 2.82 -18.61
C ASN A 69 -10.64 3.72 -17.45
N TRP A 70 -11.40 4.76 -17.76
CA TRP A 70 -11.87 5.69 -16.74
C TRP A 70 -12.18 4.97 -15.44
N HIS A 71 -12.84 3.82 -15.55
CA HIS A 71 -13.19 3.03 -14.37
C HIS A 71 -11.94 2.59 -13.62
N GLN A 72 -11.03 1.93 -14.32
CA GLN A 72 -9.79 1.45 -13.70
C GLN A 72 -9.11 2.58 -12.93
N LEU A 73 -9.21 3.79 -13.44
CA LEU A 73 -8.60 4.96 -12.81
C LEU A 73 -9.30 5.29 -11.49
N GLU A 74 -10.63 5.35 -11.53
CA GLU A 74 -11.41 5.66 -10.34
C GLU A 74 -10.94 4.81 -9.15
N ASN A 75 -10.61 3.56 -9.42
CA ASN A 75 -10.15 2.65 -8.37
C ASN A 75 -8.97 3.25 -7.61
N LEU A 76 -7.92 3.62 -8.35
CA LEU A 76 -6.73 4.21 -7.74
C LEU A 76 -7.07 5.53 -7.06
N SER A 77 -7.82 6.38 -7.75
CA SER A 77 -8.21 7.68 -7.21
C SER A 77 -8.84 7.51 -5.83
N ASN A 78 -9.71 6.51 -5.70
CA ASN A 78 -10.40 6.26 -4.43
C ASN A 78 -9.41 5.80 -3.36
N PHE A 79 -8.60 4.80 -3.71
CA PHE A 79 -7.61 4.26 -2.78
C PHE A 79 -6.69 5.38 -2.27
N ILE A 80 -6.13 6.15 -3.20
CA ILE A 80 -5.24 7.24 -2.85
C ILE A 80 -5.85 8.12 -1.78
N LYS A 81 -7.04 8.65 -2.06
CA LYS A 81 -7.73 9.52 -1.12
C LYS A 81 -7.93 8.82 0.22
N ALA A 82 -8.14 7.51 0.18
CA ALA A 82 -8.34 6.72 1.38
C ALA A 82 -7.10 6.73 2.26
N MET A 83 -5.93 6.71 1.63
CA MET A 83 -4.67 6.72 2.36
C MET A 83 -4.50 8.01 3.13
N VAL A 84 -4.89 9.13 2.52
CA VAL A 84 -4.78 10.43 3.17
C VAL A 84 -5.49 10.45 4.51
N SER A 85 -6.63 9.77 4.58
CA SER A 85 -7.41 9.70 5.82
C SER A 85 -6.69 8.86 6.86
N TYR A 86 -6.07 7.77 6.42
CA TYR A 86 -5.34 6.88 7.32
C TYR A 86 -4.38 7.67 8.20
N GLY A 87 -3.58 8.52 7.58
CA GLY A 87 -2.62 9.32 8.32
C GLY A 87 -1.27 9.38 7.65
N MET A 88 -1.27 9.32 6.32
CA MET A 88 -0.03 9.37 5.56
C MET A 88 0.36 10.81 5.23
N ASN A 89 1.52 10.98 4.62
CA ASN A 89 2.01 12.32 4.26
C ASN A 89 1.54 12.70 2.86
N PRO A 90 1.53 14.01 2.58
CA PRO A 90 1.11 14.54 1.28
C PRO A 90 2.12 14.21 0.17
N VAL A 91 3.24 13.62 0.56
CA VAL A 91 4.28 13.26 -0.40
C VAL A 91 4.44 11.74 -0.49
N ASP A 92 3.99 11.04 0.56
CA ASP A 92 4.08 9.60 0.60
C ASP A 92 2.94 8.96 -0.18
N LEU A 93 2.30 9.74 -1.04
CA LEU A 93 1.19 9.25 -1.85
C LEU A 93 1.60 9.10 -3.31
N PHE A 94 0.66 8.63 -4.14
CA PHE A 94 0.92 8.44 -5.56
C PHE A 94 -0.32 8.75 -6.38
N GLU A 95 -0.12 9.34 -7.56
CA GLU A 95 -1.22 9.68 -8.45
C GLU A 95 -1.93 8.43 -8.94
N ALA A 96 -2.91 8.62 -9.81
CA ALA A 96 -3.67 7.50 -10.36
C ALA A 96 -3.12 7.09 -11.74
N ASN A 97 -2.26 7.92 -12.29
CA ASN A 97 -1.66 7.65 -13.60
C ASN A 97 -0.34 6.90 -13.45
N ASP A 98 0.47 7.33 -12.50
CA ASP A 98 1.77 6.69 -12.25
C ASP A 98 1.69 5.19 -12.50
N LEU A 99 0.67 4.55 -11.92
CA LEU A 99 0.49 3.11 -12.09
C LEU A 99 -0.17 2.80 -13.43
N PHE A 100 -1.31 3.43 -13.69
CA PHE A 100 -2.03 3.22 -14.93
C PHE A 100 -1.09 3.19 -16.12
N GLU A 101 -0.42 4.31 -16.37
CA GLU A 101 0.52 4.42 -17.47
C GLU A 101 1.96 4.30 -16.99
N SER A 102 2.17 3.44 -15.99
CA SER A 102 3.49 3.24 -15.43
C SER A 102 4.26 4.56 -15.32
N GLY A 103 3.51 5.66 -15.23
CA GLY A 103 4.13 6.97 -15.14
C GLY A 103 5.03 7.10 -13.93
N ASN A 104 4.93 6.14 -13.02
CA ASN A 104 5.74 6.15 -11.80
C ASN A 104 5.53 4.88 -10.99
N MET A 105 6.57 4.05 -10.91
CA MET A 105 6.50 2.79 -10.18
C MET A 105 7.16 2.93 -8.81
N THR A 106 8.02 3.95 -8.67
CA THR A 106 8.72 4.19 -7.43
C THR A 106 7.83 4.90 -6.42
N GLN A 107 7.03 5.85 -6.91
CA GLN A 107 6.13 6.60 -6.04
C GLN A 107 5.00 5.71 -5.52
N VAL A 108 4.58 4.77 -6.35
CA VAL A 108 3.51 3.84 -5.97
C VAL A 108 4.02 2.76 -5.04
N GLN A 109 5.31 2.44 -5.16
CA GLN A 109 5.92 1.42 -4.32
C GLN A 109 6.16 1.93 -2.90
N VAL A 110 6.84 3.07 -2.80
CA VAL A 110 7.13 3.67 -1.50
C VAL A 110 5.85 3.91 -0.72
N SER A 111 4.77 4.20 -1.43
CA SER A 111 3.48 4.46 -0.79
C SER A 111 3.02 3.24 0.01
N LEU A 112 3.09 2.07 -0.60
CA LEU A 112 2.67 0.83 0.05
C LEU A 112 3.62 0.48 1.19
N LEU A 113 4.91 0.69 0.98
CA LEU A 113 5.93 0.40 1.99
C LEU A 113 5.77 1.34 3.18
N ALA A 114 5.13 2.49 2.96
CA ALA A 114 4.92 3.47 4.01
C ALA A 114 3.60 3.22 4.74
N LEU A 115 2.60 2.78 3.99
CA LEU A 115 1.29 2.49 4.57
C LEU A 115 1.30 1.20 5.38
N ALA A 116 2.09 0.24 4.91
CA ALA A 116 2.21 -1.04 5.59
C ALA A 116 2.95 -0.90 6.93
N GLY A 117 3.97 -0.05 6.93
CA GLY A 117 4.74 0.17 8.15
C GLY A 117 3.91 0.75 9.27
N LYS A 118 2.73 1.26 8.92
CA LYS A 118 1.84 1.86 9.91
C LYS A 118 0.64 0.94 10.18
N ALA A 119 0.22 0.20 9.16
CA ALA A 119 -0.90 -0.71 9.30
C ALA A 119 -0.52 -1.96 10.08
N LYS A 120 0.77 -2.30 10.04
CA LYS A 120 1.27 -3.47 10.75
C LYS A 120 0.93 -3.40 12.24
N THR A 121 0.67 -2.18 12.72
CA THR A 121 0.34 -1.97 14.13
C THR A 121 -0.76 -2.93 14.57
N LYS A 122 -1.73 -3.16 13.69
CA LYS A 122 -2.85 -4.05 14.00
C LYS A 122 -2.38 -5.22 14.87
N GLY A 123 -1.22 -5.78 14.52
CA GLY A 123 -0.69 -6.90 15.29
C GLY A 123 0.80 -6.78 15.51
N LEU A 124 1.32 -5.55 15.42
CA LEU A 124 2.74 -5.31 15.63
C LEU A 124 3.57 -6.51 15.18
N GLN A 125 3.36 -6.94 13.94
CA GLN A 125 4.09 -8.08 13.39
C GLN A 125 5.26 -7.61 12.53
N SER A 126 6.41 -7.43 13.16
CA SER A 126 7.61 -6.98 12.47
C SER A 126 8.23 -8.12 11.66
N GLY A 127 9.21 -7.79 10.82
CA GLY A 127 9.86 -8.79 10.01
C GLY A 127 11.09 -9.37 10.70
N VAL A 128 12.26 -8.86 10.34
CA VAL A 128 13.51 -9.34 10.92
C VAL A 128 14.06 -8.33 11.94
N ASP A 129 14.71 -8.85 12.98
CA ASP A 129 15.29 -8.01 14.01
C ASP A 129 16.33 -7.05 13.42
N ILE A 130 16.23 -5.78 13.77
CA ILE A 130 17.16 -4.78 13.27
C ILE A 130 17.80 -4.01 14.42
N GLY A 131 18.72 -4.66 15.14
CA GLY A 131 19.38 -4.03 16.25
C GLY A 131 18.49 -3.89 17.47
N VAL A 132 17.74 -4.95 17.77
CA VAL A 132 16.83 -4.93 18.91
C VAL A 132 17.17 -6.06 19.88
N LYS A 133 17.34 -5.72 21.15
CA LYS A 133 17.67 -6.71 22.17
C LYS A 133 16.73 -7.92 22.07
N TYR A 134 17.26 -9.08 22.42
CA TYR A 134 16.48 -10.32 22.36
C TYR A 134 15.46 -10.36 23.49
N SER A 135 14.31 -10.95 23.20
CA SER A 135 13.23 -11.05 24.18
C SER A 135 12.09 -11.91 23.66
N GLU A 136 11.19 -12.32 24.56
CA GLU A 136 10.05 -13.15 24.18
C GLU A 136 9.48 -12.71 22.84
N LYS A 137 8.96 -13.67 22.07
CA LYS A 137 8.38 -13.38 20.77
C LYS A 137 7.52 -14.54 20.29
N GLN A 138 6.64 -14.27 19.33
CA GLN A 138 5.76 -15.29 18.79
C GLN A 138 5.70 -15.20 17.27
N GLU A 139 6.03 -16.31 16.60
CA GLU A 139 6.02 -16.35 15.14
C GLU A 139 6.20 -17.78 14.64
N ARG A 140 5.61 -18.08 13.50
CA ARG A 140 5.71 -19.42 12.91
C ARG A 140 6.72 -19.43 11.76
N SER A 141 7.84 -18.74 11.96
CA SER A 141 8.88 -18.67 10.94
C SER A 141 10.21 -18.21 11.54
N GLY A 142 11.30 -18.74 11.02
CA GLY A 142 12.62 -18.36 11.53
C GLY A 142 13.25 -17.25 10.70
N PRO A 143 14.02 -16.39 11.38
CA PRO A 143 14.70 -15.26 10.73
C PRO A 143 15.84 -15.72 9.82
N SER A 144 15.66 -15.56 8.51
CA SER A 144 16.66 -15.95 7.54
C SER A 144 16.48 -15.21 6.23
N SER A 145 17.56 -15.08 5.46
CA SER A 145 17.52 -14.38 4.19
C SER A 145 17.15 -15.33 3.06
N GLY A 146 15.84 -15.51 2.86
CA GLY A 146 15.37 -16.39 1.80
C GLY A 146 14.36 -17.41 2.32
N GLY A 1 3.14 2.79 27.43
CA GLY A 1 3.60 1.42 27.29
C GLY A 1 3.30 0.83 25.92
N SER A 2 4.03 -0.21 25.55
CA SER A 2 3.84 -0.85 24.25
C SER A 2 4.19 0.10 23.12
N SER A 3 5.29 0.82 23.27
CA SER A 3 5.73 1.77 22.26
C SER A 3 6.86 1.19 21.42
N GLY A 4 6.65 1.16 20.10
CA GLY A 4 7.67 0.62 19.21
C GLY A 4 7.10 0.22 17.87
N SER A 5 6.67 1.20 17.09
CA SER A 5 6.09 0.95 15.78
C SER A 5 6.17 2.20 14.89
N SER A 6 7.04 2.15 13.89
CA SER A 6 7.21 3.28 12.99
C SER A 6 7.73 2.80 11.63
N GLY A 7 7.52 3.62 10.60
CA GLY A 7 7.97 3.27 9.27
C GLY A 7 9.32 3.86 8.95
N ASN A 8 10.37 3.31 9.55
CA ASN A 8 11.73 3.79 9.32
C ASN A 8 12.40 2.99 8.21
N ARG A 9 12.99 3.70 7.25
CA ARG A 9 13.67 3.05 6.13
C ARG A 9 14.71 3.99 5.52
N LEU A 10 15.69 3.42 4.84
CA LEU A 10 16.74 4.19 4.20
C LEU A 10 16.17 5.08 3.09
N LEU A 11 16.95 6.05 2.65
CA LEU A 11 16.53 6.96 1.59
C LEU A 11 16.50 6.25 0.24
N SER A 12 15.30 6.11 -0.33
CA SER A 12 15.14 5.45 -1.61
C SER A 12 13.71 5.61 -2.12
N LYS A 13 13.47 5.15 -3.35
CA LYS A 13 12.16 5.23 -3.95
C LYS A 13 11.79 3.92 -4.64
N TYR A 14 12.67 2.94 -4.55
CA TYR A 14 12.44 1.63 -5.15
C TYR A 14 13.32 0.57 -4.51
N ASP A 15 12.99 -0.69 -4.78
CA ASP A 15 13.76 -1.81 -4.22
C ASP A 15 13.25 -3.14 -4.77
N PRO A 16 14.16 -3.90 -5.38
CA PRO A 16 13.83 -5.22 -5.96
C PRO A 16 13.52 -6.26 -4.91
N GLN A 17 13.86 -5.95 -3.66
CA GLN A 17 13.62 -6.87 -2.55
C GLN A 17 12.30 -6.54 -1.86
N LYS A 18 11.93 -5.27 -1.86
CA LYS A 18 10.70 -4.81 -1.23
C LYS A 18 9.49 -5.20 -2.08
N GLU A 19 9.62 -5.05 -3.39
CA GLU A 19 8.54 -5.39 -4.31
C GLU A 19 7.91 -6.72 -3.95
N ALA A 20 8.67 -7.56 -3.26
CA ALA A 20 8.19 -8.87 -2.84
C ALA A 20 7.47 -8.80 -1.51
N GLU A 21 8.06 -8.08 -0.57
CA GLU A 21 7.46 -7.93 0.77
C GLU A 21 6.04 -7.38 0.66
N LEU A 22 5.85 -6.43 -0.23
CA LEU A 22 4.53 -5.81 -0.43
C LEU A 22 3.53 -6.85 -0.94
N ARG A 23 3.74 -7.31 -2.17
CA ARG A 23 2.86 -8.29 -2.78
C ARG A 23 2.55 -9.43 -1.79
N THR A 24 3.55 -9.82 -1.02
CA THR A 24 3.40 -10.89 -0.04
C THR A 24 2.61 -10.41 1.17
N TRP A 25 2.68 -9.12 1.44
CA TRP A 25 1.97 -8.54 2.59
C TRP A 25 0.54 -8.16 2.20
N ILE A 26 0.32 -7.94 0.90
CA ILE A 26 -1.00 -7.57 0.41
C ILE A 26 -1.80 -8.81 0.02
N GLU A 27 -1.16 -9.73 -0.69
CA GLU A 27 -1.81 -10.96 -1.13
C GLU A 27 -2.48 -11.66 0.04
N GLY A 28 -1.82 -11.64 1.20
CA GLY A 28 -2.36 -12.28 2.38
C GLY A 28 -3.46 -11.46 3.03
N LEU A 29 -3.32 -10.14 2.97
CA LEU A 29 -4.31 -9.24 3.56
C LEU A 29 -5.66 -9.38 2.87
N THR A 30 -5.70 -9.06 1.58
CA THR A 30 -6.92 -9.15 0.81
C THR A 30 -7.20 -10.59 0.40
N GLY A 31 -6.16 -11.41 0.33
CA GLY A 31 -6.31 -12.79 -0.04
C GLY A 31 -6.52 -12.97 -1.54
N LEU A 32 -6.04 -12.00 -2.31
CA LEU A 32 -6.18 -12.05 -3.76
C LEU A 32 -4.82 -12.28 -4.43
N SER A 33 -4.82 -12.28 -5.76
CA SER A 33 -3.59 -12.48 -6.52
C SER A 33 -3.33 -11.31 -7.46
N ILE A 34 -2.10 -10.80 -7.43
CA ILE A 34 -1.73 -9.67 -8.28
C ILE A 34 -1.34 -10.16 -9.67
N GLY A 35 -0.64 -11.28 -9.73
CA GLY A 35 -0.22 -11.83 -11.01
C GLY A 35 1.27 -11.71 -11.23
N PRO A 36 1.75 -12.13 -12.41
CA PRO A 36 3.17 -12.08 -12.77
C PRO A 36 3.66 -10.65 -12.98
N ASP A 37 2.72 -9.72 -13.10
CA ASP A 37 3.06 -8.32 -13.31
C ASP A 37 2.41 -7.44 -12.24
N PHE A 38 3.25 -6.73 -11.48
CA PHE A 38 2.76 -5.86 -10.42
C PHE A 38 2.02 -4.66 -10.99
N GLN A 39 2.75 -3.82 -11.72
CA GLN A 39 2.17 -2.62 -12.33
C GLN A 39 0.78 -2.93 -12.88
N LYS A 40 0.64 -4.09 -13.52
CA LYS A 40 -0.63 -4.50 -14.10
C LYS A 40 -1.59 -5.00 -13.02
N GLY A 41 -1.24 -6.11 -12.39
CA GLY A 41 -2.08 -6.67 -11.34
C GLY A 41 -2.71 -5.59 -10.48
N LEU A 42 -2.02 -4.47 -10.33
CA LEU A 42 -2.52 -3.38 -9.52
C LEU A 42 -3.15 -2.30 -10.40
N LYS A 43 -2.59 -2.09 -11.59
CA LYS A 43 -3.09 -1.10 -12.52
C LYS A 43 -4.62 -1.01 -12.45
N ASP A 44 -5.29 -2.03 -12.98
CA ASP A 44 -6.75 -2.06 -12.97
C ASP A 44 -7.30 -1.44 -11.69
N GLY A 45 -6.59 -1.64 -10.58
CA GLY A 45 -7.02 -1.10 -9.31
C GLY A 45 -8.03 -1.99 -8.61
N THR A 46 -7.81 -3.30 -8.71
CA THR A 46 -8.71 -4.26 -8.08
C THR A 46 -8.27 -4.56 -6.64
N ILE A 47 -7.02 -5.01 -6.49
CA ILE A 47 -6.49 -5.33 -5.17
C ILE A 47 -6.18 -4.06 -4.39
N LEU A 48 -5.37 -3.19 -4.97
CA LEU A 48 -4.99 -1.94 -4.32
C LEU A 48 -6.15 -1.39 -3.48
N CYS A 49 -7.36 -1.58 -3.98
CA CYS A 49 -8.55 -1.11 -3.28
C CYS A 49 -8.84 -1.96 -2.04
N THR A 50 -9.02 -3.26 -2.26
CA THR A 50 -9.31 -4.18 -1.17
C THR A 50 -8.28 -4.04 -0.05
N LEU A 51 -7.01 -3.93 -0.43
CA LEU A 51 -5.93 -3.79 0.54
C LEU A 51 -6.29 -2.76 1.60
N MET A 52 -6.67 -1.56 1.17
CA MET A 52 -7.05 -0.49 2.08
C MET A 52 -8.24 -0.91 2.94
N ASN A 53 -9.30 -1.35 2.29
CA ASN A 53 -10.51 -1.77 3.00
C ASN A 53 -10.16 -2.62 4.21
N LYS A 54 -9.12 -3.44 4.07
CA LYS A 54 -8.68 -4.31 5.15
C LYS A 54 -8.18 -3.48 6.34
N LEU A 55 -7.36 -2.49 6.06
CA LEU A 55 -6.82 -1.63 7.11
C LEU A 55 -7.90 -0.72 7.68
N GLN A 56 -8.66 -0.08 6.80
CA GLN A 56 -9.73 0.81 7.23
C GLN A 56 -11.09 0.27 6.80
N PRO A 57 -12.00 0.11 7.78
CA PRO A 57 -13.35 -0.39 7.52
C PRO A 57 -14.21 0.60 6.74
N GLY A 58 -13.61 1.75 6.40
CA GLY A 58 -14.34 2.75 5.65
C GLY A 58 -13.44 3.56 4.73
N SER A 59 -12.72 2.86 3.85
CA SER A 59 -11.81 3.51 2.92
C SER A 59 -12.41 3.56 1.51
N VAL A 60 -12.63 2.38 0.94
CA VAL A 60 -13.21 2.28 -0.40
C VAL A 60 -14.64 1.76 -0.35
N PRO A 61 -15.58 2.52 -0.94
CA PRO A 61 -16.99 2.15 -0.97
C PRO A 61 -17.26 0.95 -1.89
N LYS A 62 -16.75 1.02 -3.11
CA LYS A 62 -16.94 -0.06 -4.07
C LYS A 62 -15.78 -0.11 -5.06
N ILE A 63 -15.53 -1.29 -5.61
CA ILE A 63 -14.45 -1.47 -6.57
C ILE A 63 -14.99 -1.77 -7.96
N ASN A 64 -14.38 -1.17 -8.98
CA ASN A 64 -14.80 -1.37 -10.36
C ASN A 64 -14.02 -2.50 -11.01
N ARG A 65 -14.70 -3.60 -11.30
CA ARG A 65 -14.05 -4.76 -11.92
C ARG A 65 -14.31 -4.77 -13.43
N SER A 66 -14.20 -3.61 -14.06
CA SER A 66 -14.43 -3.48 -15.49
C SER A 66 -13.11 -3.32 -16.23
N MET A 67 -13.08 -3.74 -17.49
CA MET A 67 -11.88 -3.63 -18.32
C MET A 67 -11.83 -2.28 -19.02
N GLN A 68 -12.33 -1.25 -18.35
CA GLN A 68 -12.33 0.10 -18.92
C GLN A 68 -11.27 0.97 -18.27
N ASN A 69 -10.94 2.08 -18.92
CA ASN A 69 -9.93 3.00 -18.41
C ASN A 69 -10.49 3.82 -17.25
N TRP A 70 -11.46 4.67 -17.55
CA TRP A 70 -12.07 5.52 -16.53
C TRP A 70 -12.32 4.72 -15.24
N HIS A 71 -13.01 3.59 -15.37
CA HIS A 71 -13.31 2.75 -14.23
C HIS A 71 -12.04 2.38 -13.47
N GLN A 72 -11.13 1.69 -14.15
CA GLN A 72 -9.87 1.28 -13.55
C GLN A 72 -9.23 2.43 -12.79
N LEU A 73 -9.27 3.62 -13.37
CA LEU A 73 -8.70 4.81 -12.76
C LEU A 73 -9.39 5.12 -11.44
N GLU A 74 -10.71 5.19 -11.47
CA GLU A 74 -11.50 5.47 -10.27
C GLU A 74 -10.97 4.70 -9.07
N ASN A 75 -10.69 3.42 -9.28
CA ASN A 75 -10.17 2.56 -8.21
C ASN A 75 -9.01 3.24 -7.48
N LEU A 76 -7.94 3.50 -8.22
CA LEU A 76 -6.76 4.15 -7.64
C LEU A 76 -7.14 5.47 -6.98
N SER A 77 -7.89 6.29 -7.70
CA SER A 77 -8.32 7.59 -7.18
C SER A 77 -8.95 7.44 -5.79
N ASN A 78 -9.78 6.42 -5.63
CA ASN A 78 -10.44 6.17 -4.35
C ASN A 78 -9.43 5.75 -3.29
N PHE A 79 -8.59 4.77 -3.63
CA PHE A 79 -7.58 4.28 -2.70
C PHE A 79 -6.69 5.42 -2.22
N ILE A 80 -6.08 6.14 -3.15
CA ILE A 80 -5.20 7.25 -2.82
C ILE A 80 -5.84 8.15 -1.78
N LYS A 81 -6.97 8.75 -2.13
CA LYS A 81 -7.69 9.65 -1.22
C LYS A 81 -7.90 8.98 0.13
N ALA A 82 -8.11 7.66 0.12
CA ALA A 82 -8.32 6.91 1.35
C ALA A 82 -7.08 6.95 2.24
N MET A 83 -5.92 6.77 1.62
CA MET A 83 -4.66 6.79 2.37
C MET A 83 -4.51 8.07 3.16
N VAL A 84 -4.76 9.21 2.51
CA VAL A 84 -4.65 10.50 3.17
C VAL A 84 -5.43 10.52 4.48
N SER A 85 -6.63 9.96 4.46
CA SER A 85 -7.47 9.91 5.64
C SER A 85 -6.83 9.07 6.74
N TYR A 86 -6.25 7.95 6.34
CA TYR A 86 -5.59 7.05 7.28
C TYR A 86 -4.61 7.81 8.17
N GLY A 87 -3.85 8.71 7.56
CA GLY A 87 -2.88 9.49 8.31
C GLY A 87 -1.49 9.44 7.70
N MET A 88 -1.44 9.21 6.39
CA MET A 88 -0.17 9.14 5.68
C MET A 88 0.31 10.53 5.27
N ASN A 89 1.59 10.64 4.92
CA ASN A 89 2.17 11.91 4.51
C ASN A 89 1.78 12.24 3.07
N PRO A 90 1.64 13.54 2.78
CA PRO A 90 1.28 14.03 1.44
C PRO A 90 2.39 13.82 0.43
N VAL A 91 3.53 13.33 0.91
CA VAL A 91 4.69 13.08 0.04
C VAL A 91 4.92 11.59 -0.15
N ASP A 92 4.25 10.78 0.66
CA ASP A 92 4.39 9.33 0.59
C ASP A 92 3.24 8.73 -0.21
N LEU A 93 2.52 9.56 -0.94
CA LEU A 93 1.39 9.11 -1.74
C LEU A 93 1.78 8.97 -3.21
N PHE A 94 0.80 8.63 -4.04
CA PHE A 94 1.05 8.46 -5.48
C PHE A 94 -0.21 8.78 -6.28
N GLU A 95 -0.02 9.32 -7.48
CA GLU A 95 -1.13 9.66 -8.35
C GLU A 95 -1.86 8.40 -8.83
N ALA A 96 -2.84 8.59 -9.72
CA ALA A 96 -3.60 7.47 -10.25
C ALA A 96 -3.08 7.07 -11.64
N ASN A 97 -2.33 7.97 -12.27
CA ASN A 97 -1.78 7.72 -13.58
C ASN A 97 -0.43 7.00 -13.49
N ASP A 98 0.37 7.40 -12.50
CA ASP A 98 1.68 6.80 -12.30
C ASP A 98 1.64 5.29 -12.53
N LEU A 99 0.65 4.63 -11.93
CA LEU A 99 0.49 3.20 -12.08
C LEU A 99 -0.21 2.84 -13.39
N PHE A 100 -1.33 3.53 -13.65
CA PHE A 100 -2.10 3.30 -14.87
C PHE A 100 -1.20 3.35 -16.10
N GLU A 101 -0.61 4.51 -16.34
CA GLU A 101 0.27 4.70 -17.49
C GLU A 101 1.73 4.56 -17.08
N SER A 102 1.99 3.67 -16.13
CA SER A 102 3.35 3.44 -15.64
C SER A 102 4.11 4.76 -15.52
N GLY A 103 3.37 5.85 -15.34
CA GLY A 103 3.99 7.16 -15.21
C GLY A 103 4.94 7.23 -14.04
N ASN A 104 4.85 6.26 -13.14
CA ASN A 104 5.73 6.22 -11.98
C ASN A 104 5.49 4.94 -11.17
N MET A 105 6.50 4.07 -11.15
CA MET A 105 6.40 2.82 -10.41
C MET A 105 7.18 2.89 -9.10
N THR A 106 7.82 4.04 -8.86
CA THR A 106 8.60 4.23 -7.64
C THR A 106 7.76 4.91 -6.56
N GLN A 107 6.96 5.88 -6.96
CA GLN A 107 6.11 6.60 -6.02
C GLN A 107 5.00 5.70 -5.49
N VAL A 108 4.59 4.72 -6.30
CA VAL A 108 3.54 3.80 -5.91
C VAL A 108 4.09 2.68 -5.01
N GLN A 109 5.32 2.28 -5.27
CA GLN A 109 5.97 1.23 -4.49
C GLN A 109 6.21 1.69 -3.05
N VAL A 110 6.91 2.81 -2.90
CA VAL A 110 7.21 3.34 -1.58
C VAL A 110 5.92 3.57 -0.78
N SER A 111 4.92 4.14 -1.44
CA SER A 111 3.64 4.41 -0.79
C SER A 111 3.16 3.19 0.01
N LEU A 112 3.20 2.03 -0.63
CA LEU A 112 2.76 0.80 0.01
C LEU A 112 3.71 0.43 1.16
N LEU A 113 5.00 0.56 0.92
CA LEU A 113 6.00 0.25 1.93
C LEU A 113 5.86 1.16 3.15
N ALA A 114 5.24 2.32 2.95
CA ALA A 114 5.03 3.27 4.02
C ALA A 114 3.70 3.03 4.72
N LEU A 115 2.69 2.65 3.94
CA LEU A 115 1.36 2.38 4.49
C LEU A 115 1.37 1.13 5.36
N ALA A 116 2.21 0.17 4.99
CA ALA A 116 2.32 -1.07 5.75
C ALA A 116 2.87 -0.83 7.15
N GLY A 117 4.04 -0.18 7.22
CA GLY A 117 4.65 0.10 8.49
C GLY A 117 3.67 0.68 9.49
N LYS A 118 2.71 1.45 8.98
CA LYS A 118 1.70 2.07 9.84
C LYS A 118 0.55 1.12 10.10
N ALA A 119 0.15 0.38 9.07
CA ALA A 119 -0.95 -0.58 9.19
C ALA A 119 -0.58 -1.73 10.12
N LYS A 120 0.72 -1.99 10.25
CA LYS A 120 1.20 -3.06 11.12
C LYS A 120 0.61 -2.94 12.51
N THR A 121 0.45 -1.71 12.98
CA THR A 121 -0.11 -1.46 14.30
C THR A 121 -1.43 -2.21 14.48
N LYS A 122 -2.13 -2.45 13.39
CA LYS A 122 -3.40 -3.15 13.43
C LYS A 122 -3.20 -4.62 13.80
N GLY A 123 -2.12 -5.20 13.29
CA GLY A 123 -1.83 -6.60 13.58
C GLY A 123 -0.35 -6.91 13.51
N LEU A 124 0.42 -6.30 14.40
CA LEU A 124 1.86 -6.51 14.44
C LEU A 124 2.19 -7.99 14.65
N GLN A 125 3.13 -8.51 13.87
CA GLN A 125 3.54 -9.90 13.99
C GLN A 125 4.98 -10.02 14.48
N SER A 126 5.41 -11.24 14.77
CA SER A 126 6.75 -11.48 15.25
C SER A 126 7.75 -10.52 14.61
N GLY A 127 8.38 -9.69 15.43
CA GLY A 127 9.34 -8.72 14.93
C GLY A 127 9.16 -7.35 15.55
N VAL A 128 9.82 -7.14 16.69
CA VAL A 128 9.72 -5.86 17.38
C VAL A 128 10.69 -4.83 16.78
N ASP A 129 10.15 -3.68 16.42
CA ASP A 129 10.97 -2.62 15.82
C ASP A 129 12.17 -2.30 16.70
N ILE A 130 13.27 -1.89 16.06
CA ILE A 130 14.50 -1.57 16.78
C ILE A 130 14.18 -0.79 18.07
N GLY A 131 13.51 0.35 17.91
CA GLY A 131 13.17 1.16 19.07
C GLY A 131 13.06 2.63 18.73
N VAL A 132 11.85 3.17 18.81
CA VAL A 132 11.62 4.58 18.51
C VAL A 132 10.82 5.25 19.61
N LYS A 133 11.32 6.38 20.09
CA LYS A 133 10.66 7.13 21.16
C LYS A 133 10.99 8.61 21.07
N TYR A 134 9.97 9.45 21.17
CA TYR A 134 10.16 10.90 21.10
C TYR A 134 9.07 11.63 21.88
N SER A 135 9.39 12.82 22.37
CA SER A 135 8.42 13.62 23.12
C SER A 135 7.20 13.95 22.27
N GLU A 136 6.12 13.22 22.50
CA GLU A 136 4.88 13.42 21.75
C GLU A 136 3.73 12.64 22.37
N LYS A 137 2.54 13.23 22.36
CA LYS A 137 1.37 12.59 22.93
C LYS A 137 0.74 11.64 21.92
N GLN A 138 1.23 10.40 21.90
CA GLN A 138 0.72 9.39 20.98
C GLN A 138 1.06 7.99 21.48
N GLU A 139 0.02 7.16 21.63
CA GLU A 139 0.21 5.79 22.10
C GLU A 139 -1.04 4.96 21.86
N ARG A 140 -0.85 3.68 21.58
CA ARG A 140 -1.96 2.78 21.32
C ARG A 140 -2.28 1.93 22.55
N SER A 141 -3.33 1.12 22.45
CA SER A 141 -3.74 0.27 23.57
C SER A 141 -4.76 -0.76 23.10
N GLY A 142 -4.90 -1.84 23.88
CA GLY A 142 -5.85 -2.88 23.54
C GLY A 142 -5.30 -3.84 22.49
N PRO A 143 -4.57 -4.86 22.95
CA PRO A 143 -3.98 -5.86 22.06
C PRO A 143 -5.03 -6.78 21.43
N SER A 144 -5.02 -6.83 20.10
CA SER A 144 -5.99 -7.66 19.36
C SER A 144 -5.27 -8.74 18.58
N SER A 145 -5.64 -9.99 18.82
CA SER A 145 -5.04 -11.13 18.14
C SER A 145 -6.04 -11.79 17.18
N GLY A 146 -6.79 -10.96 16.46
CA GLY A 146 -7.78 -11.48 15.53
C GLY A 146 -9.17 -11.52 16.11
N GLY A 1 33.35 20.17 19.39
CA GLY A 1 32.05 20.09 18.75
C GLY A 1 31.67 18.66 18.39
N SER A 2 30.62 18.15 19.03
CA SER A 2 30.16 16.80 18.78
C SER A 2 28.64 16.76 18.66
N SER A 3 28.15 16.34 17.50
CA SER A 3 26.71 16.26 17.25
C SER A 3 26.42 15.42 16.02
N GLY A 4 25.32 14.67 16.07
CA GLY A 4 24.94 13.83 14.95
C GLY A 4 24.24 12.57 15.37
N SER A 5 23.92 11.71 14.41
CA SER A 5 23.24 10.45 14.70
C SER A 5 23.24 9.53 13.49
N SER A 6 22.78 8.30 13.68
CA SER A 6 22.73 7.32 12.60
C SER A 6 21.48 6.46 12.69
N GLY A 7 21.17 5.77 11.61
CA GLY A 7 19.99 4.91 11.59
C GLY A 7 19.33 4.85 10.23
N ASN A 8 19.55 3.74 9.53
CA ASN A 8 18.97 3.56 8.19
C ASN A 8 17.45 3.48 8.26
N ARG A 9 16.79 3.90 7.19
CA ARG A 9 15.33 3.86 7.14
C ARG A 9 14.84 4.12 5.71
N LEU A 10 13.67 3.56 5.39
CA LEU A 10 13.09 3.72 4.06
C LEU A 10 13.11 5.19 3.64
N LEU A 11 13.79 5.46 2.52
CA LEU A 11 13.87 6.83 2.01
C LEU A 11 12.89 7.03 0.85
N SER A 12 11.71 6.47 0.98
CA SER A 12 10.67 6.59 -0.04
C SER A 12 11.28 6.40 -1.43
N LYS A 13 11.99 5.30 -1.62
CA LYS A 13 12.62 5.01 -2.91
C LYS A 13 12.20 3.63 -3.42
N TYR A 14 12.79 3.22 -4.53
CA TYR A 14 12.47 1.92 -5.12
C TYR A 14 13.40 0.83 -4.59
N ASP A 15 13.01 -0.43 -4.77
CA ASP A 15 13.82 -1.55 -4.32
C ASP A 15 13.26 -2.86 -4.87
N PRO A 16 14.14 -3.65 -5.50
CA PRO A 16 13.77 -4.94 -6.09
C PRO A 16 13.46 -5.99 -5.03
N GLN A 17 13.81 -5.69 -3.79
CA GLN A 17 13.57 -6.61 -2.68
C GLN A 17 12.25 -6.29 -1.99
N LYS A 18 12.09 -5.03 -1.57
CA LYS A 18 10.88 -4.59 -0.89
C LYS A 18 9.64 -4.95 -1.70
N GLU A 19 9.69 -4.68 -3.00
CA GLU A 19 8.58 -4.98 -3.89
C GLU A 19 7.91 -6.29 -3.50
N ALA A 20 8.72 -7.31 -3.24
CA ALA A 20 8.21 -8.62 -2.85
C ALA A 20 7.53 -8.56 -1.49
N GLU A 21 8.14 -7.83 -0.56
CA GLU A 21 7.59 -7.70 0.79
C GLU A 21 6.17 -7.16 0.74
N LEU A 22 5.92 -6.24 -0.18
CA LEU A 22 4.59 -5.65 -0.32
C LEU A 22 3.57 -6.69 -0.78
N ARG A 23 3.74 -7.19 -1.99
CA ARG A 23 2.83 -8.20 -2.53
C ARG A 23 2.60 -9.32 -1.53
N THR A 24 3.65 -9.68 -0.79
CA THR A 24 3.57 -10.74 0.20
C THR A 24 2.73 -10.30 1.40
N TRP A 25 2.75 -9.00 1.68
CA TRP A 25 2.01 -8.45 2.81
C TRP A 25 0.55 -8.19 2.42
N ILE A 26 0.33 -7.86 1.15
CA ILE A 26 -1.01 -7.58 0.65
C ILE A 26 -1.72 -8.87 0.28
N GLU A 27 -1.08 -9.70 -0.52
CA GLU A 27 -1.66 -10.97 -0.95
C GLU A 27 -2.30 -11.69 0.23
N GLY A 28 -1.69 -11.56 1.40
CA GLY A 28 -2.21 -12.21 2.59
C GLY A 28 -3.32 -11.41 3.25
N LEU A 29 -3.21 -10.08 3.16
CA LEU A 29 -4.21 -9.19 3.76
C LEU A 29 -5.57 -9.37 3.09
N THR A 30 -5.62 -9.10 1.78
CA THR A 30 -6.85 -9.23 1.03
C THR A 30 -7.12 -10.68 0.65
N GLY A 31 -6.04 -11.45 0.46
CA GLY A 31 -6.18 -12.84 0.10
C GLY A 31 -6.39 -13.03 -1.38
N LEU A 32 -6.02 -12.02 -2.17
CA LEU A 32 -6.18 -12.09 -3.62
C LEU A 32 -4.84 -12.39 -4.29
N SER A 33 -4.85 -12.41 -5.62
CA SER A 33 -3.63 -12.69 -6.38
C SER A 33 -3.36 -11.58 -7.39
N ILE A 34 -2.18 -10.98 -7.29
CA ILE A 34 -1.79 -9.90 -8.20
C ILE A 34 -1.50 -10.43 -9.59
N GLY A 35 -0.87 -11.60 -9.66
CA GLY A 35 -0.55 -12.20 -10.94
C GLY A 35 0.91 -12.07 -11.29
N PRO A 36 1.30 -12.55 -12.49
CA PRO A 36 2.67 -12.49 -12.97
C PRO A 36 3.12 -11.07 -13.29
N ASP A 37 2.21 -10.11 -13.12
CA ASP A 37 2.51 -8.72 -13.39
C ASP A 37 2.08 -7.83 -12.22
N PHE A 38 3.06 -7.22 -11.56
CA PHE A 38 2.78 -6.35 -10.42
C PHE A 38 2.10 -5.07 -10.87
N GLN A 39 2.82 -4.25 -11.61
CA GLN A 39 2.28 -2.98 -12.11
C GLN A 39 0.86 -3.18 -12.66
N LYS A 40 0.69 -4.23 -13.45
CA LYS A 40 -0.61 -4.53 -14.04
C LYS A 40 -1.60 -5.00 -12.98
N GLY A 41 -1.30 -6.14 -12.36
CA GLY A 41 -2.18 -6.66 -11.33
C GLY A 41 -2.81 -5.58 -10.48
N LEU A 42 -2.07 -4.49 -10.27
CA LEU A 42 -2.57 -3.37 -9.48
C LEU A 42 -3.13 -2.28 -10.37
N LYS A 43 -2.52 -2.09 -11.53
CA LYS A 43 -2.96 -1.07 -12.48
C LYS A 43 -4.47 -0.91 -12.44
N ASP A 44 -5.18 -1.88 -13.01
CA ASP A 44 -6.64 -1.85 -13.04
C ASP A 44 -7.19 -1.28 -11.74
N GLY A 45 -6.52 -1.59 -10.63
CA GLY A 45 -6.95 -1.10 -9.33
C GLY A 45 -8.05 -1.97 -8.73
N THR A 46 -7.90 -3.28 -8.85
CA THR A 46 -8.88 -4.21 -8.31
C THR A 46 -8.47 -4.72 -6.94
N ILE A 47 -7.17 -4.67 -6.66
CA ILE A 47 -6.66 -5.13 -5.38
C ILE A 47 -6.33 -3.95 -4.46
N LEU A 48 -5.55 -3.01 -4.98
CA LEU A 48 -5.15 -1.83 -4.22
C LEU A 48 -6.33 -1.30 -3.40
N CYS A 49 -7.55 -1.57 -3.88
CA CYS A 49 -8.76 -1.13 -3.19
C CYS A 49 -9.05 -2.00 -1.98
N THR A 50 -9.08 -3.31 -2.20
CA THR A 50 -9.35 -4.25 -1.13
C THR A 50 -8.33 -4.13 0.00
N LEU A 51 -7.06 -4.01 -0.38
CA LEU A 51 -5.99 -3.88 0.60
C LEU A 51 -6.35 -2.85 1.66
N MET A 52 -6.79 -1.68 1.22
CA MET A 52 -7.17 -0.61 2.13
C MET A 52 -8.34 -1.03 3.01
N ASN A 53 -9.43 -1.44 2.38
CA ASN A 53 -10.63 -1.87 3.10
C ASN A 53 -10.25 -2.73 4.31
N LYS A 54 -9.24 -3.58 4.12
CA LYS A 54 -8.78 -4.45 5.20
C LYS A 54 -8.35 -3.64 6.42
N LEU A 55 -7.67 -2.53 6.17
CA LEU A 55 -7.20 -1.66 7.25
C LEU A 55 -8.33 -0.76 7.75
N GLN A 56 -9.00 -0.10 6.81
CA GLN A 56 -10.11 0.80 7.15
C GLN A 56 -11.37 0.42 6.40
N PRO A 57 -12.43 0.09 7.15
CA PRO A 57 -13.73 -0.30 6.59
C PRO A 57 -14.44 0.87 5.92
N GLY A 58 -13.78 2.02 5.90
CA GLY A 58 -14.37 3.21 5.28
C GLY A 58 -13.43 3.88 4.30
N SER A 59 -12.63 3.08 3.61
CA SER A 59 -11.68 3.61 2.64
C SER A 59 -12.29 3.64 1.24
N VAL A 60 -12.64 2.46 0.73
CA VAL A 60 -13.25 2.36 -0.60
C VAL A 60 -14.66 1.77 -0.52
N PRO A 61 -15.63 2.51 -1.07
CA PRO A 61 -17.03 2.08 -1.08
C PRO A 61 -17.28 0.88 -2.00
N LYS A 62 -16.81 1.01 -3.24
CA LYS A 62 -16.97 -0.05 -4.23
C LYS A 62 -15.77 -0.12 -5.16
N ILE A 63 -15.59 -1.27 -5.80
CA ILE A 63 -14.48 -1.46 -6.72
C ILE A 63 -14.98 -1.75 -8.13
N ASN A 64 -14.47 -0.97 -9.10
CA ASN A 64 -14.86 -1.14 -10.49
C ASN A 64 -14.14 -2.34 -11.12
N ARG A 65 -14.91 -3.38 -11.43
CA ARG A 65 -14.34 -4.59 -12.03
C ARG A 65 -14.67 -4.65 -13.52
N SER A 66 -14.59 -3.50 -14.19
CA SER A 66 -14.89 -3.43 -15.62
C SER A 66 -13.61 -3.25 -16.44
N MET A 67 -13.62 -3.74 -17.67
CA MET A 67 -12.46 -3.63 -18.55
C MET A 67 -12.44 -2.27 -19.25
N GLN A 68 -12.57 -1.20 -18.47
CA GLN A 68 -12.57 0.15 -19.01
C GLN A 68 -11.43 0.97 -18.41
N ASN A 69 -11.31 2.21 -18.88
CA ASN A 69 -10.26 3.09 -18.38
C ASN A 69 -10.75 3.94 -17.21
N TRP A 70 -11.73 4.80 -17.49
CA TRP A 70 -12.29 5.66 -16.45
C TRP A 70 -12.53 4.88 -15.16
N HIS A 71 -13.07 3.68 -15.31
CA HIS A 71 -13.36 2.82 -14.16
C HIS A 71 -12.08 2.44 -13.43
N GLN A 72 -11.13 1.86 -14.16
CA GLN A 72 -9.85 1.45 -13.59
C GLN A 72 -9.21 2.60 -12.82
N LEU A 73 -9.25 3.80 -13.42
CA LEU A 73 -8.66 4.97 -12.79
C LEU A 73 -9.33 5.28 -11.45
N GLU A 74 -10.66 5.43 -11.48
CA GLU A 74 -11.42 5.72 -10.27
C GLU A 74 -10.90 4.89 -9.09
N ASN A 75 -10.64 3.60 -9.35
CA ASN A 75 -10.15 2.71 -8.32
C ASN A 75 -8.98 3.34 -7.55
N LEU A 76 -7.94 3.71 -8.28
CA LEU A 76 -6.77 4.33 -7.68
C LEU A 76 -7.14 5.63 -6.98
N SER A 77 -7.79 6.53 -7.70
CA SER A 77 -8.20 7.81 -7.15
C SER A 77 -8.87 7.63 -5.79
N ASN A 78 -9.64 6.56 -5.66
CA ASN A 78 -10.34 6.26 -4.41
C ASN A 78 -9.36 5.81 -3.33
N PHE A 79 -8.53 4.82 -3.67
CA PHE A 79 -7.55 4.29 -2.73
C PHE A 79 -6.63 5.39 -2.24
N ILE A 80 -6.04 6.13 -3.17
CA ILE A 80 -5.13 7.22 -2.83
C ILE A 80 -5.72 8.09 -1.72
N LYS A 81 -6.83 8.76 -2.02
CA LYS A 81 -7.50 9.63 -1.06
C LYS A 81 -7.70 8.91 0.27
N ALA A 82 -8.01 7.62 0.19
CA ALA A 82 -8.23 6.81 1.39
C ALA A 82 -7.00 6.81 2.29
N MET A 83 -5.82 6.77 1.67
CA MET A 83 -4.57 6.77 2.42
C MET A 83 -4.41 8.06 3.21
N VAL A 84 -4.67 9.19 2.56
CA VAL A 84 -4.56 10.49 3.21
C VAL A 84 -5.29 10.51 4.54
N SER A 85 -6.46 9.86 4.57
CA SER A 85 -7.27 9.81 5.78
C SER A 85 -6.61 8.91 6.83
N TYR A 86 -6.09 7.78 6.39
CA TYR A 86 -5.43 6.83 7.29
C TYR A 86 -4.42 7.55 8.17
N GLY A 87 -3.63 8.44 7.57
CA GLY A 87 -2.63 9.17 8.31
C GLY A 87 -1.28 9.18 7.62
N MET A 88 -1.30 9.32 6.30
CA MET A 88 -0.06 9.34 5.52
C MET A 88 0.34 10.76 5.18
N ASN A 89 1.49 10.91 4.53
CA ASN A 89 2.00 12.23 4.15
C ASN A 89 1.66 12.53 2.69
N PRO A 90 1.66 13.83 2.35
CA PRO A 90 1.35 14.29 0.98
C PRO A 90 2.46 13.93 0.01
N VAL A 91 3.57 13.42 0.52
CA VAL A 91 4.70 13.04 -0.32
C VAL A 91 4.79 11.52 -0.46
N ASP A 92 4.07 10.81 0.39
CA ASP A 92 4.06 9.35 0.36
C ASP A 92 2.89 8.82 -0.45
N LEU A 93 2.34 9.68 -1.32
CA LEU A 93 1.21 9.30 -2.16
C LEU A 93 1.63 9.23 -3.63
N PHE A 94 0.70 8.83 -4.49
CA PHE A 94 0.97 8.70 -5.91
C PHE A 94 -0.29 9.01 -6.73
N GLU A 95 -0.08 9.44 -7.98
CA GLU A 95 -1.20 9.76 -8.85
C GLU A 95 -1.73 8.50 -9.54
N ALA A 96 -3.00 8.54 -9.95
CA ALA A 96 -3.62 7.41 -10.62
C ALA A 96 -2.87 7.04 -11.89
N ASN A 97 -2.31 8.05 -12.56
CA ASN A 97 -1.57 7.83 -13.79
C ASN A 97 -0.24 7.14 -13.51
N ASP A 98 0.40 7.52 -12.42
CA ASP A 98 1.68 6.93 -12.03
C ASP A 98 1.66 5.42 -12.23
N LEU A 99 0.54 4.79 -11.88
CA LEU A 99 0.40 3.35 -12.01
C LEU A 99 -0.25 2.99 -13.34
N PHE A 100 -1.29 3.73 -13.71
CA PHE A 100 -1.99 3.49 -14.96
C PHE A 100 -1.04 3.60 -16.15
N GLU A 101 -0.43 4.76 -16.32
CA GLU A 101 0.51 4.99 -17.41
C GLU A 101 1.94 4.77 -16.95
N SER A 102 2.14 3.82 -16.04
CA SER A 102 3.47 3.53 -15.52
C SER A 102 4.30 4.80 -15.39
N GLY A 103 3.62 5.92 -15.12
CA GLY A 103 4.32 7.18 -14.99
C GLY A 103 5.22 7.21 -13.77
N ASN A 104 4.96 6.33 -12.81
CA ASN A 104 5.75 6.27 -11.59
C ASN A 104 5.51 4.96 -10.85
N MET A 105 6.51 4.07 -10.90
CA MET A 105 6.39 2.77 -10.23
C MET A 105 6.88 2.86 -8.78
N THR A 106 8.00 3.55 -8.59
CA THR A 106 8.59 3.71 -7.26
C THR A 106 7.67 4.53 -6.36
N GLN A 107 7.10 5.59 -6.93
CA GLN A 107 6.20 6.46 -6.17
C GLN A 107 5.02 5.68 -5.60
N VAL A 108 4.56 4.70 -6.36
CA VAL A 108 3.44 3.87 -5.95
C VAL A 108 3.90 2.73 -5.04
N GLN A 109 5.14 2.30 -5.24
CA GLN A 109 5.70 1.22 -4.44
C GLN A 109 5.95 1.67 -3.00
N VAL A 110 6.65 2.79 -2.86
CA VAL A 110 6.96 3.34 -1.54
C VAL A 110 5.70 3.59 -0.75
N SER A 111 4.69 4.14 -1.41
CA SER A 111 3.42 4.45 -0.75
C SER A 111 2.94 3.26 0.08
N LEU A 112 2.98 2.07 -0.52
CA LEU A 112 2.55 0.85 0.16
C LEU A 112 3.53 0.48 1.27
N LEU A 113 4.82 0.68 1.01
CA LEU A 113 5.85 0.37 1.98
C LEU A 113 5.74 1.27 3.21
N ALA A 114 5.20 2.46 3.01
CA ALA A 114 5.02 3.41 4.10
C ALA A 114 3.70 3.20 4.83
N LEU A 115 2.69 2.76 4.07
CA LEU A 115 1.37 2.52 4.64
C LEU A 115 1.36 1.23 5.46
N ALA A 116 2.16 0.25 5.03
CA ALA A 116 2.25 -1.02 5.73
C ALA A 116 2.95 -0.87 7.07
N GLY A 117 3.92 0.04 7.12
CA GLY A 117 4.66 0.27 8.35
C GLY A 117 3.77 0.78 9.47
N LYS A 118 2.58 1.24 9.12
CA LYS A 118 1.64 1.75 10.11
C LYS A 118 0.51 0.75 10.35
N ALA A 119 0.10 0.07 9.29
CA ALA A 119 -0.97 -0.92 9.39
C ALA A 119 -0.47 -2.21 10.05
N LYS A 120 0.79 -2.53 9.83
CA LYS A 120 1.39 -3.73 10.39
C LYS A 120 1.20 -3.76 11.91
N THR A 121 0.92 -2.61 12.50
CA THR A 121 0.72 -2.51 13.93
C THR A 121 -0.76 -2.43 14.27
N LYS A 122 -1.55 -1.88 13.36
CA LYS A 122 -2.98 -1.75 13.56
C LYS A 122 -3.68 -3.10 13.44
N GLY A 123 -3.43 -3.79 12.32
CA GLY A 123 -4.03 -5.09 12.10
C GLY A 123 -3.02 -6.21 12.17
N LEU A 124 -2.25 -6.25 13.25
CA LEU A 124 -1.23 -7.29 13.43
C LEU A 124 -1.88 -8.63 13.79
N GLN A 125 -1.30 -9.71 13.32
CA GLN A 125 -1.81 -11.04 13.58
C GLN A 125 -0.72 -12.09 13.48
N SER A 126 -1.04 -13.32 13.85
CA SER A 126 -0.07 -14.42 13.80
C SER A 126 0.10 -14.92 12.36
N GLY A 127 1.35 -15.23 12.01
CA GLY A 127 1.63 -15.72 10.66
C GLY A 127 2.67 -16.81 10.65
N VAL A 128 3.16 -17.16 9.46
CA VAL A 128 4.16 -18.21 9.32
C VAL A 128 5.20 -17.83 8.27
N ASP A 129 6.36 -18.46 8.33
CA ASP A 129 7.44 -18.20 7.40
C ASP A 129 8.51 -19.28 7.46
N ILE A 130 9.18 -19.52 6.34
CA ILE A 130 10.22 -20.54 6.28
C ILE A 130 11.59 -19.90 6.05
N GLY A 131 11.76 -19.26 4.91
CA GLY A 131 13.01 -18.61 4.58
C GLY A 131 13.98 -19.54 3.89
N VAL A 132 14.04 -20.78 4.34
CA VAL A 132 14.93 -21.77 3.75
C VAL A 132 14.42 -22.23 2.39
N LYS A 133 15.14 -21.82 1.34
CA LYS A 133 14.76 -22.19 -0.02
C LYS A 133 15.41 -23.51 -0.44
N TYR A 134 15.13 -23.94 -1.66
CA TYR A 134 15.69 -25.18 -2.17
C TYR A 134 17.13 -24.98 -2.65
N SER A 135 18.02 -25.86 -2.20
CA SER A 135 19.43 -25.76 -2.58
C SER A 135 19.68 -26.47 -3.91
N GLU A 136 20.91 -26.38 -4.40
CA GLU A 136 21.28 -27.01 -5.66
C GLU A 136 22.55 -27.85 -5.50
N LYS A 137 22.74 -28.79 -6.42
CA LYS A 137 23.91 -29.67 -6.38
C LYS A 137 25.20 -28.87 -6.56
N GLN A 138 26.24 -29.28 -5.86
CA GLN A 138 27.54 -28.61 -5.94
C GLN A 138 28.29 -29.02 -7.20
N GLU A 139 28.30 -28.15 -8.20
CA GLU A 139 28.98 -28.44 -9.46
C GLU A 139 29.03 -27.20 -10.35
N ARG A 140 30.20 -26.60 -10.47
CA ARG A 140 30.37 -25.40 -11.28
C ARG A 140 29.93 -25.67 -12.72
N SER A 141 29.32 -24.66 -13.34
CA SER A 141 28.85 -24.79 -14.71
C SER A 141 29.72 -23.96 -15.67
N GLY A 142 30.03 -22.74 -15.25
CA GLY A 142 30.85 -21.87 -16.09
C GLY A 142 30.10 -20.66 -16.58
N PRO A 143 30.12 -19.57 -15.78
CA PRO A 143 29.44 -18.32 -16.13
C PRO A 143 30.10 -17.60 -17.30
N SER A 144 29.66 -17.93 -18.51
CA SER A 144 30.21 -17.32 -19.71
C SER A 144 31.74 -17.41 -19.72
N SER A 145 32.26 -18.57 -19.32
CA SER A 145 33.70 -18.78 -19.26
C SER A 145 34.22 -19.27 -20.61
N GLY A 146 33.66 -20.38 -21.08
CA GLY A 146 34.08 -20.94 -22.36
C GLY A 146 33.53 -22.33 -22.59
N GLY A 1 1.47 10.13 20.70
CA GLY A 1 1.93 10.79 19.49
C GLY A 1 2.38 9.81 18.44
N SER A 2 3.43 10.18 17.70
CA SER A 2 3.96 9.33 16.65
C SER A 2 4.99 8.36 17.20
N SER A 3 4.53 7.18 17.62
CA SER A 3 5.42 6.17 18.18
C SER A 3 6.39 5.65 17.12
N GLY A 4 7.67 5.86 17.36
CA GLY A 4 8.68 5.41 16.41
C GLY A 4 9.20 6.53 15.53
N SER A 5 9.94 6.16 14.49
CA SER A 5 10.49 7.14 13.56
C SER A 5 9.56 7.35 12.36
N SER A 6 9.04 8.57 12.23
CA SER A 6 8.14 8.90 11.13
C SER A 6 8.05 10.41 10.94
N GLY A 7 8.42 10.88 9.75
CA GLY A 7 8.37 12.29 9.46
C GLY A 7 9.65 12.79 8.82
N ASN A 8 9.89 12.37 7.58
CA ASN A 8 11.09 12.78 6.86
C ASN A 8 10.88 12.65 5.35
N ARG A 9 11.57 13.49 4.58
CA ARG A 9 11.46 13.47 3.13
C ARG A 9 12.58 12.63 2.52
N LEU A 10 12.23 11.42 2.08
CA LEU A 10 13.21 10.52 1.47
C LEU A 10 12.77 10.11 0.06
N LEU A 11 13.69 10.18 -0.89
CA LEU A 11 13.41 9.82 -2.27
C LEU A 11 12.74 8.45 -2.33
N SER A 12 12.01 8.20 -3.41
CA SER A 12 11.31 6.94 -3.61
C SER A 12 12.31 5.81 -3.89
N LYS A 13 12.75 5.14 -2.82
CA LYS A 13 13.69 4.04 -2.94
C LYS A 13 13.05 2.84 -3.63
N TYR A 14 13.59 2.46 -4.77
CA TYR A 14 13.07 1.32 -5.52
C TYR A 14 14.01 0.13 -5.43
N ASP A 15 13.56 -0.93 -4.78
CA ASP A 15 14.36 -2.14 -4.62
C ASP A 15 13.61 -3.36 -5.15
N PRO A 16 14.35 -4.27 -5.80
CA PRO A 16 13.77 -5.50 -6.37
C PRO A 16 13.34 -6.48 -5.28
N GLN A 17 13.93 -6.34 -4.10
CA GLN A 17 13.61 -7.23 -2.98
C GLN A 17 12.35 -6.75 -2.26
N LYS A 18 12.29 -5.45 -1.98
CA LYS A 18 11.14 -4.87 -1.30
C LYS A 18 9.84 -5.21 -2.02
N GLU A 19 9.84 -5.06 -3.33
CA GLU A 19 8.65 -5.37 -4.13
C GLU A 19 7.96 -6.63 -3.62
N ALA A 20 8.76 -7.66 -3.33
CA ALA A 20 8.22 -8.91 -2.84
C ALA A 20 7.62 -8.74 -1.44
N GLU A 21 8.26 -7.93 -0.61
CA GLU A 21 7.80 -7.68 0.74
C GLU A 21 6.36 -7.14 0.73
N LEU A 22 6.06 -6.30 -0.25
CA LEU A 22 4.74 -5.72 -0.38
C LEU A 22 3.71 -6.77 -0.79
N ARG A 23 3.83 -7.26 -2.02
CA ARG A 23 2.91 -8.27 -2.53
C ARG A 23 2.72 -9.39 -1.52
N THR A 24 3.78 -9.71 -0.78
CA THR A 24 3.73 -10.76 0.23
C THR A 24 2.91 -10.33 1.44
N TRP A 25 2.89 -9.03 1.70
CA TRP A 25 2.13 -8.49 2.83
C TRP A 25 0.69 -8.21 2.44
N ILE A 26 0.49 -7.84 1.18
CA ILE A 26 -0.85 -7.54 0.67
C ILE A 26 -1.61 -8.82 0.34
N GLU A 27 -1.01 -9.66 -0.50
CA GLU A 27 -1.62 -10.91 -0.89
C GLU A 27 -2.29 -11.60 0.30
N GLY A 28 -1.60 -11.59 1.43
CA GLY A 28 -2.14 -12.21 2.63
C GLY A 28 -3.23 -11.38 3.28
N LEU A 29 -3.10 -10.06 3.19
CA LEU A 29 -4.08 -9.15 3.76
C LEU A 29 -5.43 -9.30 3.07
N THR A 30 -5.45 -9.08 1.76
CA THR A 30 -6.67 -9.18 0.98
C THR A 30 -6.96 -10.63 0.61
N GLY A 31 -5.91 -11.42 0.48
CA GLY A 31 -6.06 -12.82 0.12
C GLY A 31 -6.24 -13.02 -1.36
N LEU A 32 -5.85 -12.02 -2.15
CA LEU A 32 -5.98 -12.11 -3.60
C LEU A 32 -4.62 -12.38 -4.25
N SER A 33 -4.63 -12.55 -5.57
CA SER A 33 -3.40 -12.82 -6.31
C SER A 33 -3.13 -11.72 -7.33
N ILE A 34 -2.09 -10.93 -7.08
CA ILE A 34 -1.72 -9.84 -7.97
C ILE A 34 -1.57 -10.33 -9.40
N GLY A 35 -0.66 -11.27 -9.61
CA GLY A 35 -0.44 -11.82 -10.94
C GLY A 35 1.01 -11.76 -11.36
N PRO A 36 1.28 -12.13 -12.62
CA PRO A 36 2.64 -12.12 -13.18
C PRO A 36 3.17 -10.70 -13.38
N ASP A 37 2.27 -9.78 -13.70
CA ASP A 37 2.66 -8.39 -13.91
C ASP A 37 2.21 -7.51 -12.74
N PHE A 38 3.10 -7.30 -11.80
CA PHE A 38 2.79 -6.48 -10.63
C PHE A 38 2.08 -5.20 -11.04
N GLN A 39 2.78 -4.35 -11.80
CA GLN A 39 2.22 -3.08 -12.25
C GLN A 39 0.81 -3.27 -12.78
N LYS A 40 0.59 -4.37 -13.52
CA LYS A 40 -0.72 -4.67 -14.07
C LYS A 40 -1.71 -5.00 -12.97
N GLY A 41 -1.53 -6.15 -12.33
CA GLY A 41 -2.42 -6.56 -11.27
C GLY A 41 -2.96 -5.38 -10.48
N LEU A 42 -2.11 -4.39 -10.24
CA LEU A 42 -2.51 -3.20 -9.49
C LEU A 42 -3.03 -2.11 -10.43
N LYS A 43 -2.44 -2.04 -11.62
CA LYS A 43 -2.85 -1.05 -12.61
C LYS A 43 -4.34 -0.77 -12.52
N ASP A 44 -5.15 -1.77 -12.88
CA ASP A 44 -6.60 -1.63 -12.84
C ASP A 44 -7.06 -1.09 -11.49
N GLY A 45 -6.41 -1.54 -10.42
CA GLY A 45 -6.77 -1.09 -9.09
C GLY A 45 -7.83 -1.95 -8.45
N THR A 46 -7.83 -3.24 -8.78
CA THR A 46 -8.81 -4.16 -8.24
C THR A 46 -8.41 -4.63 -6.85
N ILE A 47 -7.11 -4.78 -6.63
CA ILE A 47 -6.59 -5.21 -5.34
C ILE A 47 -6.28 -4.03 -4.44
N LEU A 48 -5.42 -3.14 -4.93
CA LEU A 48 -5.03 -1.95 -4.18
C LEU A 48 -6.17 -1.46 -3.32
N CYS A 49 -7.39 -1.54 -3.85
CA CYS A 49 -8.58 -1.10 -3.13
C CYS A 49 -8.82 -1.96 -1.90
N THR A 50 -9.04 -3.26 -2.13
CA THR A 50 -9.29 -4.20 -1.04
C THR A 50 -8.27 -4.03 0.07
N LEU A 51 -6.98 -4.01 -0.31
CA LEU A 51 -5.91 -3.87 0.66
C LEU A 51 -6.26 -2.81 1.70
N MET A 52 -6.72 -1.65 1.24
CA MET A 52 -7.08 -0.56 2.14
C MET A 52 -8.25 -0.97 3.04
N ASN A 53 -9.35 -1.39 2.41
CA ASN A 53 -10.53 -1.81 3.15
C ASN A 53 -10.15 -2.69 4.34
N LYS A 54 -9.16 -3.56 4.14
CA LYS A 54 -8.69 -4.46 5.18
C LYS A 54 -8.17 -3.67 6.39
N LEU A 55 -7.41 -2.62 6.11
CA LEU A 55 -6.85 -1.78 7.16
C LEU A 55 -7.91 -0.86 7.76
N GLN A 56 -8.63 -0.17 6.87
CA GLN A 56 -9.69 0.74 7.31
C GLN A 56 -11.06 0.23 6.89
N PRO A 57 -11.98 0.13 7.86
CA PRO A 57 -13.34 -0.34 7.62
C PRO A 57 -14.17 0.66 6.81
N GLY A 58 -13.54 1.78 6.45
CA GLY A 58 -14.23 2.80 5.68
C GLY A 58 -13.28 3.63 4.85
N SER A 59 -12.57 2.98 3.94
CA SER A 59 -11.61 3.68 3.07
C SER A 59 -12.18 3.85 1.66
N VAL A 60 -12.55 2.74 1.04
CA VAL A 60 -13.12 2.77 -0.31
C VAL A 60 -14.57 2.31 -0.31
N PRO A 61 -15.44 3.07 -0.99
CA PRO A 61 -16.86 2.76 -1.10
C PRO A 61 -17.13 1.53 -1.95
N LYS A 62 -16.57 1.52 -3.15
CA LYS A 62 -16.74 0.41 -4.08
C LYS A 62 -15.53 0.26 -4.99
N ILE A 63 -15.49 -0.84 -5.74
CA ILE A 63 -14.39 -1.10 -6.66
C ILE A 63 -14.90 -1.44 -8.06
N ASN A 64 -14.35 -0.78 -9.07
CA ASN A 64 -14.75 -1.00 -10.44
C ASN A 64 -14.14 -2.30 -10.98
N ARG A 65 -14.98 -3.26 -11.32
CA ARG A 65 -14.52 -4.53 -11.84
C ARG A 65 -14.75 -4.62 -13.34
N SER A 66 -14.45 -3.54 -14.04
CA SER A 66 -14.64 -3.49 -15.49
C SER A 66 -13.29 -3.39 -16.21
N MET A 67 -13.31 -3.52 -17.52
CA MET A 67 -12.09 -3.45 -18.33
C MET A 67 -12.01 -2.11 -19.05
N GLN A 68 -12.36 -1.04 -18.36
CA GLN A 68 -12.32 0.31 -18.94
C GLN A 68 -11.20 1.14 -18.33
N ASN A 69 -10.86 2.23 -18.99
CA ASN A 69 -9.80 3.11 -18.51
C ASN A 69 -10.30 4.00 -17.38
N TRP A 70 -11.30 4.82 -17.68
CA TRP A 70 -11.87 5.72 -16.68
C TRP A 70 -12.19 4.97 -15.39
N HIS A 71 -12.84 3.82 -15.53
CA HIS A 71 -13.21 3.01 -14.37
C HIS A 71 -11.97 2.53 -13.62
N GLN A 72 -11.00 2.00 -14.36
CA GLN A 72 -9.76 1.51 -13.77
C GLN A 72 -9.06 2.60 -12.98
N LEU A 73 -9.06 3.82 -13.53
CA LEU A 73 -8.42 4.96 -12.88
C LEU A 73 -9.05 5.21 -11.51
N GLU A 74 -10.37 5.36 -11.49
CA GLU A 74 -11.08 5.62 -10.25
C GLU A 74 -10.56 4.72 -9.12
N ASN A 75 -10.44 3.43 -9.40
CA ASN A 75 -9.96 2.48 -8.41
C ASN A 75 -8.77 3.06 -7.64
N LEU A 76 -7.87 3.71 -8.36
CA LEU A 76 -6.69 4.32 -7.74
C LEU A 76 -7.03 5.65 -7.10
N SER A 77 -7.78 6.48 -7.83
CA SER A 77 -8.17 7.79 -7.33
C SER A 77 -8.81 7.68 -5.95
N ASN A 78 -9.68 6.69 -5.78
CA ASN A 78 -10.36 6.48 -4.52
C ASN A 78 -9.41 5.88 -3.48
N PHE A 79 -8.53 4.99 -3.94
CA PHE A 79 -7.57 4.35 -3.06
C PHE A 79 -6.56 5.36 -2.52
N ILE A 80 -6.22 6.34 -3.35
CA ILE A 80 -5.27 7.37 -2.95
C ILE A 80 -5.83 8.25 -1.85
N LYS A 81 -7.02 8.79 -2.08
CA LYS A 81 -7.68 9.64 -1.09
C LYS A 81 -7.79 8.95 0.25
N ALA A 82 -7.96 7.63 0.22
CA ALA A 82 -8.07 6.84 1.44
C ALA A 82 -6.85 7.02 2.32
N MET A 83 -5.68 6.82 1.74
CA MET A 83 -4.42 6.96 2.47
C MET A 83 -4.39 8.27 3.26
N VAL A 84 -4.66 9.37 2.57
CA VAL A 84 -4.67 10.69 3.20
C VAL A 84 -5.49 10.67 4.48
N SER A 85 -6.64 10.01 4.44
CA SER A 85 -7.53 9.93 5.60
C SER A 85 -6.93 9.02 6.67
N TYR A 86 -6.36 7.90 6.24
CA TYR A 86 -5.76 6.95 7.17
C TYR A 86 -4.75 7.64 8.08
N GLY A 87 -3.99 8.58 7.50
CA GLY A 87 -2.99 9.30 8.27
C GLY A 87 -1.62 9.23 7.64
N MET A 88 -1.57 9.21 6.31
CA MET A 88 -0.31 9.14 5.59
C MET A 88 0.19 10.54 5.25
N ASN A 89 1.46 10.63 4.84
CA ASN A 89 2.06 11.91 4.49
C ASN A 89 1.75 12.27 3.04
N PRO A 90 1.84 13.57 2.72
CA PRO A 90 1.57 14.07 1.37
C PRO A 90 2.66 13.66 0.38
N VAL A 91 3.71 13.03 0.88
CA VAL A 91 4.81 12.59 0.04
C VAL A 91 4.81 11.07 -0.10
N ASP A 92 4.11 10.40 0.81
CA ASP A 92 4.03 8.93 0.78
C ASP A 92 2.83 8.48 -0.04
N LEU A 93 2.35 9.35 -0.92
CA LEU A 93 1.21 9.03 -1.77
C LEU A 93 1.62 8.92 -3.23
N PHE A 94 0.67 8.56 -4.08
CA PHE A 94 0.94 8.41 -5.51
C PHE A 94 -0.31 8.74 -6.33
N GLU A 95 -0.09 9.26 -7.53
CA GLU A 95 -1.20 9.63 -8.42
C GLU A 95 -1.92 8.39 -8.92
N ALA A 96 -2.87 8.58 -9.82
CA ALA A 96 -3.64 7.48 -10.37
C ALA A 96 -3.11 7.09 -11.76
N ASN A 97 -2.46 8.02 -12.42
CA ASN A 97 -1.91 7.77 -13.75
C ASN A 97 -0.53 7.11 -13.64
N ASP A 98 0.22 7.47 -12.61
CA ASP A 98 1.55 6.92 -12.40
C ASP A 98 1.54 5.41 -12.60
N LEU A 99 0.56 4.74 -12.00
CA LEU A 99 0.43 3.28 -12.13
C LEU A 99 -0.24 2.90 -13.43
N PHE A 100 -1.39 3.50 -13.71
CA PHE A 100 -2.14 3.22 -14.93
C PHE A 100 -1.21 3.25 -16.15
N GLU A 101 -0.67 4.42 -16.45
CA GLU A 101 0.23 4.58 -17.59
C GLU A 101 1.68 4.47 -17.15
N SER A 102 1.93 3.63 -16.14
CA SER A 102 3.28 3.43 -15.63
C SER A 102 4.03 4.76 -15.55
N GLY A 103 3.28 5.84 -15.37
CA GLY A 103 3.90 7.15 -15.28
C GLY A 103 4.85 7.27 -14.12
N ASN A 104 4.75 6.35 -13.17
CA ASN A 104 5.62 6.35 -12.00
C ASN A 104 5.37 5.12 -11.13
N MET A 105 6.37 4.24 -11.06
CA MET A 105 6.27 3.02 -10.27
C MET A 105 6.99 3.17 -8.94
N THR A 106 7.83 4.20 -8.84
CA THR A 106 8.59 4.45 -7.62
C THR A 106 7.72 5.07 -6.54
N GLN A 107 6.88 6.02 -6.95
CA GLN A 107 5.98 6.69 -6.01
C GLN A 107 4.91 5.74 -5.51
N VAL A 108 4.47 4.84 -6.38
CA VAL A 108 3.43 3.87 -6.03
C VAL A 108 3.99 2.77 -5.13
N GLN A 109 5.29 2.53 -5.24
CA GLN A 109 5.95 1.51 -4.44
C GLN A 109 6.04 1.94 -2.98
N VAL A 110 6.59 3.13 -2.75
CA VAL A 110 6.74 3.66 -1.41
C VAL A 110 5.39 3.77 -0.71
N SER A 111 4.38 4.24 -1.43
CA SER A 111 3.04 4.39 -0.89
C SER A 111 2.63 3.14 -0.11
N LEU A 112 2.86 1.97 -0.71
CA LEU A 112 2.51 0.71 -0.08
C LEU A 112 3.48 0.37 1.04
N LEU A 113 4.77 0.64 0.80
CA LEU A 113 5.80 0.36 1.80
C LEU A 113 5.55 1.17 3.07
N ALA A 114 4.98 2.35 2.91
CA ALA A 114 4.69 3.22 4.05
C ALA A 114 3.36 2.86 4.69
N LEU A 115 2.33 2.70 3.86
CA LEU A 115 1.01 2.34 4.35
C LEU A 115 1.05 1.05 5.17
N ALA A 116 1.92 0.13 4.76
CA ALA A 116 2.05 -1.14 5.46
C ALA A 116 2.57 -0.94 6.87
N GLY A 117 3.74 -0.28 6.98
CA GLY A 117 4.32 -0.04 8.29
C GLY A 117 3.31 0.50 9.28
N LYS A 118 2.41 1.35 8.81
CA LYS A 118 1.39 1.94 9.67
C LYS A 118 0.31 0.93 10.01
N ALA A 119 -0.09 0.14 9.03
CA ALA A 119 -1.11 -0.89 9.23
C ALA A 119 -0.66 -1.91 10.26
N LYS A 120 0.64 -2.15 10.33
CA LYS A 120 1.19 -3.11 11.27
C LYS A 120 0.55 -2.96 12.65
N THR A 121 0.23 -1.72 13.01
CA THR A 121 -0.38 -1.43 14.29
C THR A 121 -1.41 -2.50 14.66
N LYS A 122 -2.01 -3.11 13.64
CA LYS A 122 -3.00 -4.14 13.86
C LYS A 122 -2.50 -5.18 14.85
N GLY A 123 -1.27 -5.62 14.67
CA GLY A 123 -0.68 -6.61 15.56
C GLY A 123 0.74 -6.27 15.96
N LEU A 124 0.92 -5.13 16.62
CA LEU A 124 2.23 -4.70 17.05
C LEU A 124 3.11 -5.89 17.43
N GLN A 125 4.33 -5.91 16.89
CA GLN A 125 5.26 -7.00 17.17
C GLN A 125 6.61 -6.45 17.61
N SER A 126 7.02 -6.83 18.81
CA SER A 126 8.30 -6.38 19.37
C SER A 126 9.18 -7.55 19.75
N GLY A 127 10.44 -7.27 20.05
CA GLY A 127 11.37 -8.33 20.43
C GLY A 127 12.80 -7.83 20.54
N VAL A 128 13.39 -7.49 19.40
CA VAL A 128 14.76 -7.00 19.37
C VAL A 128 14.83 -5.58 18.82
N ASP A 129 15.74 -4.78 19.35
CA ASP A 129 15.91 -3.41 18.90
C ASP A 129 17.12 -2.75 19.58
N ILE A 130 17.65 -1.70 18.95
CA ILE A 130 18.80 -1.00 19.50
C ILE A 130 18.36 0.13 20.43
N GLY A 131 17.55 1.04 19.90
CA GLY A 131 17.06 2.15 20.69
C GLY A 131 16.70 3.35 19.85
N VAL A 132 15.47 3.37 19.35
CA VAL A 132 15.00 4.48 18.53
C VAL A 132 14.01 5.35 19.28
N LYS A 133 14.42 6.58 19.59
CA LYS A 133 13.57 7.52 20.31
C LYS A 133 14.24 8.89 20.42
N TYR A 134 13.45 9.94 20.23
CA TYR A 134 13.98 11.30 20.31
C TYR A 134 13.63 11.94 21.66
N SER A 135 14.59 12.66 22.23
CA SER A 135 14.39 13.31 23.51
C SER A 135 14.64 14.82 23.41
N GLU A 136 13.96 15.58 24.24
CA GLU A 136 14.11 17.04 24.22
C GLU A 136 15.15 17.48 25.25
N LYS A 137 15.61 18.72 25.11
CA LYS A 137 16.62 19.26 26.02
C LYS A 137 16.40 20.77 26.22
N GLN A 138 16.58 21.23 27.45
CA GLN A 138 16.41 22.64 27.77
C GLN A 138 17.60 23.16 28.58
N GLU A 139 18.73 22.47 28.47
CA GLU A 139 19.94 22.86 29.19
C GLU A 139 19.97 24.38 29.39
N ARG A 140 19.94 25.12 28.29
CA ARG A 140 19.98 26.57 28.35
C ARG A 140 18.85 27.11 29.23
N SER A 141 19.22 27.91 30.22
CA SER A 141 18.24 28.49 31.13
C SER A 141 17.43 29.59 30.45
N GLY A 142 18.13 30.47 29.74
CA GLY A 142 17.46 31.55 29.04
C GLY A 142 18.01 32.91 29.42
N PRO A 143 18.28 33.75 28.42
CA PRO A 143 18.81 35.11 28.64
C PRO A 143 17.79 36.04 29.28
N SER A 144 16.61 35.49 29.56
CA SER A 144 15.53 36.28 30.16
C SER A 144 15.55 36.15 31.68
N SER A 145 16.21 37.09 32.35
CA SER A 145 16.30 37.07 33.81
C SER A 145 15.24 37.97 34.43
N GLY A 146 14.03 37.92 33.88
CA GLY A 146 12.94 38.73 34.39
C GLY A 146 12.93 38.79 35.90
#